data_6XKZ
#
_entry.id   6XKZ
#
_cell.length_a   1.00
_cell.length_b   1.00
_cell.length_c   1.00
_cell.angle_alpha   90.00
_cell.angle_beta   90.00
_cell.angle_gamma   90.00
#
_symmetry.space_group_name_H-M   'P 1'
#
loop_
_entity.id
_entity.type
_entity.pdbx_description
1 polymer 'Ubiquinol-cytochrome c reductase iron-sulfur subunit'
2 polymer 'Cytochrome b'
3 polymer 'Cytochrome c1'
4 polymer 'Cytochrome c oxidase, Cbb3-type, subunit I'
5 polymer 'Cytochrome c oxidase, Cbb3-type, subunit II'
6 polymer 'Cbb3-type cytochrome c oxidase subunit CcoP,Cytochrome c-type cyt cy'
7 non-polymer 'FE2/S2 (INORGANIC) CLUSTER'
8 non-polymer 'HEME C'
9 non-polymer 'COPPER (II) ION'
#
loop_
_entity_poly.entity_id
_entity_poly.type
_entity_poly.pdbx_seq_one_letter_code
_entity_poly.pdbx_strand_id
1 'polypeptide(L)'
;MSHAEDNAGTRRDFLYHATAATGVVVTGAAVWPLINQMNASADVKAMASIFVDVSAVEVGTQLTVKWRGKPVFIRRRDEK
DIELARSVPLGALRDTSAENANKPGAEATDENRTLPAFDGTNTGEWLVMLGVCTHLGCVPMGDKSGDFGGWFCPCHGSHY
DSAGRIRKGPAPRNLDIPVAAFVDETTIKLG
;
E,R
2 'polypeptide(L)'
;MSGIPHDHYEPKTGIEKWLHDRLPIVGLVYDTIMIPTPKNLNWWWIWGIVLAFTLVLQIVTGIVLAMHYTPHVDLAFASV
EHIMRDVNGGWAMRYIHANGASLFFLAVYIHIFRGLYYGSYKAPREITWIVGMVIYLLMMGTAFMGYVLPWGQMSFWGAT
VITGLFGAIPGIGPSIQAWLLGGPAVDNATLNRFFSLHYLLPFVIAALVAIHIWAFHTTGNNNPTGVEVRRTSKADAEKD
TLPFWPYFVIKDLFALALVLLGFFAVVAYMPNYLGHPDNYVQANPLSTPAHIVPEWYFLPFYAILRAFAADVWVVILVDG
LTFGIVDAKFFGVIAMFGAIAVMALAPWLDTSKVRSGAYRPKFRMWFWFLVLDFVVLTWVGAMPTEYPYDWISLIASTYW
FAYFLVILPLLGATEKPEPIPASIEEDFNSHYGNPAE
;
C,P
3 'polypeptide(L)'
;MKKLLISAVSALVLGSGAAFANSNVPDHAFSFEGIFGKYDQAQLRRGFQVYNEVCSACHGMKFVPIRTLADDGGPQLDPT
FVREYAAGLDTIIDKDSGEERDRKETDMFPTRVGDGMGPDLSVMAKARAGFSGPAGSGMNQLFKGMGGPEYIYNYVIGFE
ENPECAPEGIDGYYYNKTFQIGGVPDTCKDAAGVKITHGSWARMPPPLVDDQVTYEDGTPATVDQMAQDVSAFLMWAAEP
KLVARKQMGLVAMVMLGLLSVMLYLTNKRLWAPYKGHKA
;
D,Q
4 'polypeptide(L)'
;MWDYVKLVALGVVVAIAAYAASQARDLPYMVNMVEVALAAVIAFIWVLRTMGDAKPSKDEYFDGVIRAGVIATTFWGIVG
FLVAVIIAFQLAFPALNLEFGNGMLNFGRLRPLHTSAVIFAFGGNALIASAFYVVQRTSAARLFGGTALGWFVFWGWQLI
IVTAATSYLLGGSQGKEYAELNWHLDILVAIVWVAYLIAFLGTIFKRKEPHIYVANWFYLSFIVTIAMLHIVNNLAVPVS
IFGTKSVQLMAGVQDAMTQWWYGHNAVGFFLTAGFLGMMYYFVPKQAERPVYSYKLSIVHFWALIFLYIWAGPHHLHYTA
LPDWASTLGMVMSVILWMPSWGGMINGLMTLSGAWDKLRTDPVIRMMVVSIGFYGMSTFEGPMMSIKAVNSLSHYTDWTI
GHVHSGALGWNGMITFGMLYFLTPRLWGRSGLYSLKLVSWHFWLATIGIVLYASSMWVSGIMEGLMWREVDAQGFLVNGF
ADTVGAKFPMNVVRGVGGVLYLTGGLIMAYNLWATVAKQPKTANLAVAVPAE
;
n
5 'polypeptide(L)'
;MSIMDKHHVLEKNATLLLIFAFLVVTIGGIVEIAPLFYLENTIEKVEGMRPYTPLELTGRDIYIREGCYVCHSQMIRPMR
DEVERYGHYSLAAESMYDHPFQWGSKRTGPDLARVGGRYSDAWHVEHLSNPQSVVPESVMPSYSYLANVPLDSTWIEDRV
STDALVGVPYSAEMIAAAKADFVAQADPNADSATLVANYGEKVNIRNFDGKPGLTEMDALVAYLQVLGTMVDFSTFQPVA
SR
;
o
6 'polypeptide(L)'
;MSKKPTTKKEVQTTGHSWDGIEELNTPLPRWWLWTFYATIVWGVAYSIAMPAWPIFASGATPGILGSSTRADVEKDIAKF
AEMNKAVEDKLVATDLTAIAADPELVTYTRNAGAAVFRTWCAQCHGAGAGGNTGFPSLLDGDWLHGGSIETIYTNIKHGI
RDPLDPDTLPVANMPAHLTDELLEPAQIDDVVQYVLKISGQPADEARATAGQQVFADNCVSCHGEDAKGMVEMGAPNLTD
GIWLYGGDANTITTTIQLGRGGVMPSWSWAADGAKPRLSEAQIRAVASYVHSLGGGQLFATRPATAVAVGADGKALLPSV
DEAAMPAKAPAAAAPAAETAEAAAPAEPAAPPPPAYVEVDPATITGDAKAGEEKFNKTCKACHKIDGKNAVGPHLNGVIG
RATATVEGFKYSTAMKNHVGNWTPERLDIYLVSPKAEVPGTKMSFVGLPEAADRANVIAYLNTLPRDYKDDDDK
;
p
#
loop_
_chem_comp.id
_chem_comp.type
_chem_comp.name
_chem_comp.formula
CU non-polymer 'COPPER (II) ION' 'Cu 2'
FES non-polymer 'FE2/S2 (INORGANIC) CLUSTER' 'Fe2 S2'
HEC non-polymer 'HEME C' 'C34 H34 Fe N4 O4'
#
# COMPACT_ATOMS: atom_id res chain seq x y z
N ARG A 11 17.35 -32.22 -60.63
CA ARG A 11 16.11 -32.91 -60.28
C ARG A 11 15.19 -32.18 -59.29
N ARG A 12 13.89 -32.40 -59.45
CA ARG A 12 12.86 -31.74 -58.63
C ARG A 12 13.24 -31.77 -57.16
N ASP A 13 13.30 -32.98 -56.59
CA ASP A 13 13.56 -33.28 -55.19
C ASP A 13 14.89 -32.66 -54.74
N PHE A 14 15.96 -32.99 -55.46
CA PHE A 14 17.29 -32.53 -55.06
C PHE A 14 17.34 -31.02 -55.02
N LEU A 15 16.94 -30.36 -56.11
CA LEU A 15 17.05 -28.91 -56.18
C LEU A 15 16.21 -28.23 -55.11
N TYR A 16 14.94 -28.63 -54.98
CA TYR A 16 14.07 -28.01 -54.00
C TYR A 16 14.63 -28.18 -52.59
N HIS A 17 14.98 -29.42 -52.22
CA HIS A 17 15.47 -29.68 -50.88
C HIS A 17 16.78 -28.96 -50.62
N ALA A 18 17.63 -28.82 -51.63
CA ALA A 18 18.90 -28.13 -51.45
C ALA A 18 18.70 -26.64 -51.23
N THR A 19 17.79 -26.04 -51.98
CA THR A 19 17.46 -24.64 -51.74
C THR A 19 16.98 -24.44 -50.31
N ALA A 20 16.09 -25.33 -49.86
CA ALA A 20 15.61 -25.21 -48.48
C ALA A 20 16.75 -25.34 -47.48
N ALA A 21 17.66 -26.29 -47.72
CA ALA A 21 18.78 -26.49 -46.81
C ALA A 21 19.67 -25.26 -46.75
N THR A 22 19.96 -24.66 -47.91
CA THR A 22 20.80 -23.48 -47.92
C THR A 22 20.13 -22.32 -47.19
N GLY A 23 18.84 -22.12 -47.42
CA GLY A 23 18.12 -21.10 -46.68
C GLY A 23 18.22 -21.32 -45.18
N VAL A 24 18.06 -22.57 -44.74
CA VAL A 24 18.13 -22.87 -43.32
C VAL A 24 19.51 -22.55 -42.76
N VAL A 25 20.55 -22.95 -43.50
CA VAL A 25 21.92 -22.73 -43.05
C VAL A 25 22.18 -21.23 -42.89
N VAL A 26 21.78 -20.45 -43.90
CA VAL A 26 22.01 -19.01 -43.82
C VAL A 26 21.23 -18.41 -42.66
N THR A 27 19.98 -18.85 -42.46
CA THR A 27 19.19 -18.36 -41.35
C THR A 27 19.89 -18.62 -40.03
N GLY A 28 20.43 -19.83 -39.84
CA GLY A 28 21.11 -20.14 -38.59
C GLY A 28 22.37 -19.34 -38.40
N ALA A 29 23.14 -19.15 -39.48
CA ALA A 29 24.35 -18.35 -39.39
C ALA A 29 24.02 -16.90 -39.05
N ALA A 30 22.83 -16.45 -39.42
CA ALA A 30 22.41 -15.09 -39.06
C ALA A 30 21.87 -15.04 -37.63
N VAL A 31 21.29 -16.12 -37.16
CA VAL A 31 20.65 -16.11 -35.84
C VAL A 31 21.70 -16.22 -34.73
N TRP A 32 22.68 -17.12 -34.89
CA TRP A 32 23.67 -17.35 -33.84
C TRP A 32 24.21 -16.09 -33.19
N PRO A 33 24.62 -15.05 -33.91
CA PRO A 33 25.17 -13.87 -33.22
C PRO A 33 24.15 -13.14 -32.37
N LEU A 34 22.89 -13.13 -32.78
CA LEU A 34 21.84 -12.59 -31.93
C LEU A 34 21.75 -13.30 -30.59
N ILE A 35 22.28 -14.51 -30.51
CA ILE A 35 22.32 -15.25 -29.26
C ILE A 35 23.73 -15.22 -28.64
N ASN A 36 24.72 -14.75 -29.40
CA ASN A 36 26.11 -14.68 -28.94
C ASN A 36 26.42 -13.35 -28.25
N GLN A 37 25.80 -12.27 -28.73
CA GLN A 37 26.03 -10.94 -28.18
C GLN A 37 25.65 -10.86 -26.71
N MET A 38 24.64 -11.65 -26.30
CA MET A 38 24.22 -11.63 -24.90
C MET A 38 25.22 -12.33 -24.00
N ASN A 39 26.24 -12.97 -24.54
CA ASN A 39 27.27 -13.61 -23.71
C ASN A 39 28.22 -12.56 -23.12
N ALA A 40 29.07 -13.00 -22.19
CA ALA A 40 29.98 -12.07 -21.53
C ALA A 40 30.86 -11.39 -22.59
N SER A 41 30.93 -10.07 -22.55
CA SER A 41 31.69 -9.30 -23.54
C SER A 41 33.14 -9.25 -23.08
N ALA A 42 34.03 -8.75 -23.92
CA ALA A 42 35.44 -8.74 -23.57
C ALA A 42 35.71 -7.94 -22.31
N ASP A 43 34.92 -6.90 -22.06
CA ASP A 43 35.13 -6.08 -20.87
C ASP A 43 34.77 -6.81 -19.59
N VAL A 44 34.04 -7.90 -19.74
CA VAL A 44 33.70 -8.78 -18.65
C VAL A 44 34.67 -9.98 -18.65
N LYS A 45 35.38 -10.19 -19.76
CA LYS A 45 36.32 -11.28 -19.90
C LYS A 45 37.48 -11.15 -18.91
N ALA A 46 37.93 -9.92 -18.66
CA ALA A 46 39.05 -9.60 -17.75
C ALA A 46 39.09 -10.49 -16.50
N MET A 47 38.16 -10.31 -15.52
CA MET A 47 38.00 -11.23 -14.39
C MET A 47 39.33 -11.60 -13.75
N ALA A 48 40.08 -10.56 -13.36
CA ALA A 48 41.39 -10.69 -12.68
C ALA A 48 41.40 -10.59 -11.12
N SER A 49 42.60 -10.59 -10.54
CA SER A 49 42.89 -10.56 -9.07
C SER A 49 42.87 -9.22 -8.25
N ILE A 50 42.87 -9.35 -6.92
CA ILE A 50 42.84 -8.22 -5.95
C ILE A 50 43.71 -8.44 -4.67
N PHE A 51 44.53 -7.44 -4.28
CA PHE A 51 45.40 -7.48 -3.12
C PHE A 51 44.70 -6.74 -1.99
N VAL A 52 44.20 -7.51 -1.02
CA VAL A 52 43.53 -6.95 0.14
C VAL A 52 44.54 -7.02 1.29
N ASP A 53 44.70 -5.92 2.00
CA ASP A 53 45.66 -5.89 3.10
C ASP A 53 44.94 -6.12 4.42
N VAL A 54 45.28 -7.22 5.09
CA VAL A 54 44.66 -7.56 6.37
C VAL A 54 44.81 -6.37 7.30
N SER A 55 46.04 -5.85 7.34
CA SER A 55 46.44 -4.70 8.13
C SER A 55 45.73 -4.46 9.45
N ALA A 56 45.93 -5.34 10.42
CA ALA A 56 45.33 -5.24 11.78
C ALA A 56 43.90 -4.69 11.86
N VAL A 57 42.93 -5.52 11.49
CA VAL A 57 41.52 -5.15 11.48
C VAL A 57 40.80 -5.69 12.71
N GLU A 58 41.58 -5.99 13.74
CA GLU A 58 41.14 -6.55 15.02
C GLU A 58 40.61 -7.96 14.77
N VAL A 59 41.57 -8.88 14.70
CA VAL A 59 41.36 -10.30 14.42
C VAL A 59 40.18 -10.84 15.22
N GLY A 60 39.26 -11.48 14.52
CA GLY A 60 38.16 -12.16 15.17
C GLY A 60 36.76 -11.73 14.77
N THR A 61 36.61 -10.58 14.09
CA THR A 61 35.25 -10.18 13.75
C THR A 61 34.88 -10.47 12.31
N GLN A 62 35.52 -9.80 11.34
CA GLN A 62 35.31 -10.10 9.93
C GLN A 62 36.06 -9.14 9.02
N LEU A 63 36.10 -9.45 7.73
CA LEU A 63 36.61 -8.52 6.71
C LEU A 63 36.03 -8.93 5.36
N THR A 64 35.38 -7.99 4.69
CA THR A 64 34.73 -8.24 3.41
C THR A 64 35.28 -7.28 2.36
N VAL A 65 35.49 -7.78 1.14
CA VAL A 65 35.97 -6.95 0.05
C VAL A 65 35.29 -7.39 -1.25
N LYS A 66 35.02 -6.40 -2.10
CA LYS A 66 34.38 -6.65 -3.39
C LYS A 66 35.40 -7.14 -4.40
N TRP A 67 34.96 -8.08 -5.23
CA TRP A 67 35.82 -8.62 -6.29
C TRP A 67 34.99 -9.50 -7.21
N ARG A 68 35.19 -9.34 -8.52
CA ARG A 68 34.48 -10.15 -9.51
C ARG A 68 32.97 -9.95 -9.42
N GLY A 69 32.56 -8.89 -8.72
CA GLY A 69 31.17 -8.63 -8.49
C GLY A 69 30.57 -9.35 -7.30
N LYS A 70 31.36 -10.14 -6.57
CA LYS A 70 30.91 -10.85 -5.40
C LYS A 70 31.84 -10.55 -4.23
N PRO A 71 31.36 -10.70 -2.99
CA PRO A 71 32.21 -10.41 -1.83
C PRO A 71 33.13 -11.58 -1.51
N VAL A 72 34.31 -11.25 -1.00
CA VAL A 72 35.31 -12.23 -0.57
C VAL A 72 35.52 -12.05 0.93
N PHE A 73 35.05 -13.03 1.71
CA PHE A 73 35.06 -12.93 3.16
C PHE A 73 36.44 -13.32 3.69
N ILE A 74 37.07 -12.42 4.42
CA ILE A 74 38.33 -12.69 5.12
C ILE A 74 38.06 -12.46 6.60
N ARG A 75 37.93 -13.53 7.36
CA ARG A 75 37.61 -13.45 8.78
C ARG A 75 38.66 -14.19 9.60
N ARG A 76 39.17 -13.54 10.63
CA ARG A 76 40.04 -14.19 11.59
C ARG A 76 39.24 -15.20 12.40
N ARG A 77 39.92 -15.94 13.27
CA ARG A 77 39.31 -17.04 14.02
C ARG A 77 39.23 -16.69 15.50
N ASP A 78 38.11 -17.06 16.10
CA ASP A 78 37.87 -16.96 17.54
C ASP A 78 37.90 -18.36 18.14
N GLU A 79 38.72 -18.53 19.19
CA GLU A 79 39.00 -19.87 19.72
C GLU A 79 37.74 -20.73 19.81
N LYS A 80 36.69 -20.21 20.44
CA LYS A 80 35.44 -20.97 20.53
C LYS A 80 34.97 -21.39 19.15
N ASP A 81 35.04 -20.49 18.18
CA ASP A 81 34.72 -20.85 16.80
C ASP A 81 35.65 -21.95 16.30
N ILE A 82 36.94 -21.86 16.65
CA ILE A 82 37.91 -22.85 16.18
C ILE A 82 37.58 -24.23 16.74
N GLU A 83 37.50 -24.34 18.07
CA GLU A 83 37.26 -25.64 18.69
C GLU A 83 35.98 -26.27 18.17
N LEU A 84 34.93 -25.47 17.99
CA LEU A 84 33.72 -25.99 17.35
C LEU A 84 34.01 -26.55 15.97
N ALA A 85 34.89 -25.88 15.22
CA ALA A 85 35.30 -26.36 13.90
C ALA A 85 36.06 -27.68 14.01
N ARG A 86 37.21 -27.65 14.67
CA ARG A 86 38.07 -28.83 14.74
C ARG A 86 37.39 -30.03 15.36
N SER A 87 36.25 -29.84 16.04
CA SER A 87 35.51 -30.93 16.68
C SER A 87 34.35 -31.40 15.82
N VAL A 88 34.48 -31.33 14.50
CA VAL A 88 33.44 -31.78 13.58
C VAL A 88 33.94 -32.98 12.78
N PRO A 89 33.52 -34.19 13.12
CA PRO A 89 33.90 -35.35 12.31
C PRO A 89 33.23 -35.30 10.94
N LEU A 90 33.93 -35.86 9.95
CA LEU A 90 33.41 -35.84 8.59
C LEU A 90 31.98 -36.38 8.52
N GLY A 91 31.65 -37.32 9.41
CA GLY A 91 30.29 -37.82 9.46
C GLY A 91 29.31 -36.71 9.79
N ALA A 92 28.11 -36.79 9.21
CA ALA A 92 27.06 -35.80 9.42
C ALA A 92 27.42 -34.45 8.80
N LEU A 93 28.32 -34.45 7.82
CA LEU A 93 28.76 -33.25 7.13
C LEU A 93 28.25 -33.35 5.70
N ARG A 94 27.31 -32.48 5.33
CA ARG A 94 26.68 -32.54 4.02
C ARG A 94 27.72 -32.61 2.89
N ASP A 95 28.57 -31.59 2.79
CA ASP A 95 29.59 -31.53 1.76
C ASP A 95 30.97 -31.69 2.41
N THR A 96 31.60 -32.84 2.18
CA THR A 96 32.91 -33.15 2.71
C THR A 96 34.01 -33.05 1.66
N SER A 97 33.91 -32.07 0.75
CA SER A 97 34.83 -31.95 -0.36
C SER A 97 35.84 -30.83 -0.20
N ALA A 98 35.66 -29.93 0.77
CA ALA A 98 36.58 -28.81 0.98
C ALA A 98 36.76 -28.03 -0.33
N GLU A 99 35.62 -27.45 -0.77
CA GLU A 99 35.43 -26.67 -2.03
C GLU A 99 36.65 -25.80 -2.39
N ASN A 100 37.50 -25.47 -1.40
CA ASN A 100 38.71 -24.64 -1.62
C ASN A 100 39.48 -25.14 -2.85
N ALA A 101 39.68 -24.27 -3.85
CA ALA A 101 40.34 -24.62 -5.11
C ALA A 101 41.85 -24.44 -5.07
N ASN A 102 42.40 -23.99 -3.93
CA ASN A 102 43.85 -23.89 -3.78
C ASN A 102 44.51 -25.24 -3.53
N LYS A 103 43.74 -26.31 -3.48
CA LYS A 103 44.24 -27.64 -3.20
C LYS A 103 43.33 -28.68 -3.85
N PRO A 104 43.68 -29.97 -3.78
CA PRO A 104 42.83 -30.99 -4.42
C PRO A 104 41.54 -31.22 -3.64
N GLY A 105 40.80 -32.24 -4.04
CA GLY A 105 39.52 -32.56 -3.43
C GLY A 105 39.65 -33.19 -2.05
N ALA A 106 40.76 -32.93 -1.38
CA ALA A 106 40.99 -33.47 -0.04
C ALA A 106 39.78 -33.25 0.85
N GLU A 107 39.60 -34.13 1.83
CA GLU A 107 38.45 -34.07 2.72
C GLU A 107 38.26 -32.66 3.27
N ALA A 108 37.00 -32.30 3.52
CA ALA A 108 36.65 -30.99 4.05
C ALA A 108 37.00 -30.95 5.54
N THR A 109 38.31 -30.88 5.79
CA THR A 109 38.83 -30.85 7.15
C THR A 109 39.36 -29.46 7.45
N ASP A 110 39.26 -29.08 8.72
CA ASP A 110 39.69 -27.75 9.13
C ASP A 110 41.18 -27.55 8.91
N GLU A 111 41.96 -28.60 9.05
CA GLU A 111 43.40 -28.48 8.81
C GLU A 111 43.67 -28.04 7.36
N ASN A 112 42.96 -28.64 6.40
CA ASN A 112 43.09 -28.21 5.01
C ASN A 112 42.18 -27.03 4.70
N ARG A 113 41.05 -26.93 5.40
CA ARG A 113 39.98 -25.95 5.07
C ARG A 113 40.17 -24.54 5.64
N THR A 114 41.10 -24.31 6.57
CA THR A 114 41.21 -22.96 7.12
C THR A 114 41.90 -22.01 6.16
N LEU A 115 43.22 -22.14 5.97
CA LEU A 115 43.94 -21.41 4.94
C LEU A 115 45.43 -21.69 4.99
N PRO A 116 46.20 -21.24 3.99
CA PRO A 116 47.67 -21.24 4.11
C PRO A 116 48.14 -20.54 5.39
N ALA A 117 49.43 -20.65 5.69
CA ALA A 117 49.93 -20.32 7.03
C ALA A 117 50.81 -19.08 7.09
N PHE A 118 50.41 -18.00 6.42
CA PHE A 118 51.09 -16.71 6.50
C PHE A 118 52.49 -16.73 5.88
N ASP A 119 52.84 -17.78 5.15
CA ASP A 119 54.21 -18.11 4.78
C ASP A 119 54.90 -18.79 5.95
N GLY A 120 54.21 -18.99 7.06
CA GLY A 120 54.71 -19.71 8.22
C GLY A 120 54.08 -21.08 8.34
N THR A 121 53.79 -21.49 9.58
CA THR A 121 53.21 -22.81 9.86
C THR A 121 52.11 -22.65 10.91
N ASN A 122 50.90 -22.40 10.44
CA ASN A 122 49.71 -22.39 11.28
C ASN A 122 48.48 -22.19 10.39
N THR A 123 47.37 -22.78 10.79
CA THR A 123 46.15 -22.74 10.00
C THR A 123 44.90 -22.32 10.76
N GLY A 124 44.85 -22.50 12.07
CA GLY A 124 43.64 -22.22 12.83
C GLY A 124 43.49 -20.78 13.26
N GLU A 125 43.74 -19.83 12.34
CA GLU A 125 43.68 -18.41 12.63
C GLU A 125 43.07 -17.53 11.53
N TRP A 126 43.02 -17.99 10.28
CA TRP A 126 42.42 -17.20 9.20
C TRP A 126 41.69 -18.12 8.23
N LEU A 127 40.63 -17.59 7.62
CA LEU A 127 39.80 -18.37 6.69
C LEU A 127 39.11 -17.40 5.74
N VAL A 128 39.54 -17.39 4.49
CA VAL A 128 38.93 -16.54 3.46
C VAL A 128 38.24 -17.38 2.39
N MET A 129 36.91 -17.23 2.36
CA MET A 129 36.04 -17.96 1.46
C MET A 129 35.19 -17.01 0.62
N LEU A 130 34.51 -17.55 -0.40
CA LEU A 130 33.65 -16.76 -1.27
C LEU A 130 32.26 -16.63 -0.58
N GLY A 131 31.84 -15.40 -0.11
CA GLY A 131 30.64 -15.06 0.61
C GLY A 131 29.42 -15.14 -0.28
N VAL A 132 29.20 -16.32 -0.88
CA VAL A 132 28.16 -16.53 -1.87
C VAL A 132 27.52 -17.89 -1.56
N CYS A 133 26.26 -17.87 -1.14
CA CYS A 133 25.55 -19.09 -0.80
C CYS A 133 25.41 -19.98 -2.03
N THR A 134 25.78 -21.26 -1.89
CA THR A 134 25.75 -22.19 -3.01
C THR A 134 24.34 -22.56 -3.44
N HIS A 135 23.31 -22.22 -2.66
CA HIS A 135 21.94 -22.50 -3.06
C HIS A 135 21.59 -21.73 -4.32
N LEU A 136 21.56 -20.39 -4.22
CA LEU A 136 21.24 -19.54 -5.36
C LEU A 136 22.03 -18.24 -5.36
N GLY A 137 23.04 -18.10 -4.51
CA GLY A 137 23.97 -16.99 -4.59
C GLY A 137 23.70 -15.80 -3.69
N CYS A 138 22.97 -15.98 -2.60
CA CYS A 138 22.75 -14.89 -1.65
C CYS A 138 23.97 -14.72 -0.75
N VAL A 139 23.97 -13.63 0.02
CA VAL A 139 25.07 -13.28 0.91
C VAL A 139 24.65 -13.65 2.33
N PRO A 140 25.22 -14.68 2.95
CA PRO A 140 24.86 -14.99 4.34
C PRO A 140 25.31 -13.91 5.31
N MET A 141 24.57 -13.78 6.41
CA MET A 141 24.91 -12.83 7.45
C MET A 141 25.94 -13.47 8.38
N GLY A 142 27.01 -12.72 8.67
CA GLY A 142 28.09 -13.18 9.51
C GLY A 142 27.99 -12.65 10.94
N ASP A 143 29.12 -12.64 11.61
CA ASP A 143 29.18 -12.18 12.99
C ASP A 143 28.53 -13.12 13.98
N LYS A 144 28.78 -14.42 13.84
CA LYS A 144 28.21 -15.44 14.72
C LYS A 144 26.69 -15.39 14.62
N SER A 145 26.12 -16.18 13.73
CA SER A 145 24.68 -16.23 13.51
C SER A 145 24.29 -17.66 13.17
N GLY A 146 22.99 -17.93 13.25
CA GLY A 146 22.46 -19.25 12.95
C GLY A 146 22.46 -20.16 14.17
N ASP A 147 22.21 -21.44 13.89
CA ASP A 147 22.13 -22.47 14.91
C ASP A 147 23.42 -23.28 15.03
N PHE A 148 24.53 -22.78 14.47
CA PHE A 148 25.81 -23.47 14.54
C PHE A 148 26.98 -22.51 14.81
N GLY A 149 26.72 -21.28 15.20
CA GLY A 149 27.78 -20.33 15.48
C GLY A 149 28.63 -20.00 14.27
N GLY A 150 27.97 -19.68 13.16
CA GLY A 150 28.66 -19.35 11.93
C GLY A 150 27.94 -18.32 11.09
N TRP A 151 27.42 -18.73 9.94
CA TRP A 151 26.73 -17.86 9.00
C TRP A 151 25.32 -18.37 8.75
N PHE A 152 24.42 -17.43 8.45
CA PHE A 152 23.01 -17.73 8.21
C PHE A 152 22.57 -17.02 6.93
N CYS A 153 21.97 -17.78 6.02
CA CYS A 153 21.48 -17.23 4.76
C CYS A 153 20.02 -16.82 4.93
N PRO A 154 19.66 -15.54 4.76
CA PRO A 154 18.26 -15.15 4.98
C PRO A 154 17.34 -15.41 3.79
N CYS A 155 17.88 -15.84 2.65
CA CYS A 155 17.03 -16.01 1.47
C CYS A 155 16.13 -17.24 1.60
N HIS A 156 16.66 -18.33 2.16
CA HIS A 156 15.88 -19.54 2.36
C HIS A 156 16.17 -20.27 3.66
N GLY A 157 17.14 -19.81 4.46
CA GLY A 157 17.43 -20.42 5.75
C GLY A 157 18.46 -21.53 5.67
N SER A 158 19.72 -21.27 5.33
CA SER A 158 20.74 -22.29 5.23
C SER A 158 21.74 -21.99 6.32
N HIS A 159 22.00 -22.95 7.19
CA HIS A 159 22.92 -22.71 8.28
C HIS A 159 24.31 -23.21 7.96
N TYR A 160 25.27 -22.30 8.01
CA TYR A 160 26.67 -22.62 7.75
C TYR A 160 27.35 -22.81 9.08
N ASP A 161 28.50 -23.48 9.07
CA ASP A 161 29.21 -23.73 10.31
C ASP A 161 30.39 -22.76 10.44
N SER A 162 31.27 -23.03 11.41
CA SER A 162 32.40 -22.14 11.65
C SER A 162 33.34 -22.09 10.46
N ALA A 163 33.70 -23.26 9.93
CA ALA A 163 34.61 -23.33 8.79
C ALA A 163 33.92 -23.06 7.47
N GLY A 164 32.60 -22.84 7.46
CA GLY A 164 31.88 -22.54 6.25
C GLY A 164 31.19 -23.71 5.59
N ARG A 165 31.28 -24.91 6.16
CA ARG A 165 30.63 -26.06 5.55
C ARG A 165 29.12 -25.98 5.76
N ILE A 166 28.36 -26.31 4.71
CA ILE A 166 26.92 -26.12 4.75
C ILE A 166 26.29 -27.06 5.77
N ARG A 167 25.22 -26.58 6.40
CA ARG A 167 24.47 -27.36 7.37
C ARG A 167 23.06 -26.78 7.48
N LYS A 168 22.11 -27.68 7.72
CA LYS A 168 20.74 -27.29 8.07
C LYS A 168 20.14 -26.35 7.04
N GLY A 169 19.95 -26.88 5.83
CA GLY A 169 19.29 -26.12 4.79
C GLY A 169 19.40 -26.76 3.42
N PRO A 170 18.83 -26.08 2.42
CA PRO A 170 18.87 -26.64 1.06
C PRO A 170 20.22 -26.51 0.38
N ALA A 171 21.01 -25.51 0.75
CA ALA A 171 22.33 -25.29 0.18
C ALA A 171 23.11 -26.61 0.14
N PRO A 172 23.49 -27.08 -1.05
CA PRO A 172 24.10 -28.41 -1.15
C PRO A 172 25.52 -28.50 -0.65
N ARG A 173 26.34 -27.48 -0.93
CA ARG A 173 27.76 -27.54 -0.63
C ARG A 173 28.15 -26.35 0.24
N ASN A 174 29.37 -26.43 0.79
CA ASN A 174 29.88 -25.40 1.68
C ASN A 174 30.31 -24.16 0.91
N LEU A 175 30.92 -23.20 1.62
CA LEU A 175 31.41 -21.99 0.98
C LEU A 175 32.77 -22.25 0.36
N ASP A 176 32.84 -22.10 -0.97
CA ASP A 176 34.08 -22.34 -1.70
C ASP A 176 35.19 -21.43 -1.18
N ILE A 177 36.42 -21.79 -1.54
CA ILE A 177 37.60 -21.02 -1.16
C ILE A 177 38.43 -20.73 -2.41
N PRO A 178 38.51 -19.48 -2.85
CA PRO A 178 39.28 -19.18 -4.07
C PRO A 178 40.76 -19.45 -3.87
N VAL A 179 41.51 -19.33 -4.95
CA VAL A 179 42.95 -19.50 -4.93
C VAL A 179 43.58 -18.24 -4.34
N ALA A 180 44.27 -18.39 -3.22
CA ALA A 180 44.86 -17.25 -2.53
C ALA A 180 46.11 -17.68 -1.79
N ALA A 181 47.14 -16.83 -1.83
CA ALA A 181 48.38 -17.02 -1.09
C ALA A 181 48.74 -15.73 -0.40
N PHE A 182 49.67 -15.81 0.55
CA PHE A 182 49.98 -14.65 1.37
C PHE A 182 51.16 -13.87 0.80
N VAL A 183 51.30 -12.63 1.28
CA VAL A 183 52.26 -11.66 0.77
C VAL A 183 53.27 -11.34 1.88
N ASP A 184 53.64 -12.34 2.67
CA ASP A 184 54.56 -12.16 3.79
C ASP A 184 53.96 -11.35 4.93
N GLU A 185 52.90 -11.88 5.53
CA GLU A 185 52.37 -11.58 6.86
C GLU A 185 51.53 -10.30 6.94
N THR A 186 51.49 -9.46 5.91
CA THR A 186 50.41 -8.45 5.89
C THR A 186 50.02 -8.21 4.44
N THR A 187 49.15 -9.09 3.92
CA THR A 187 48.48 -8.90 2.65
C THR A 187 47.71 -10.16 2.32
N ILE A 188 46.78 -10.11 1.37
CA ILE A 188 46.17 -11.30 0.79
C ILE A 188 46.05 -11.10 -0.71
N LYS A 189 46.33 -12.16 -1.46
CA LYS A 189 46.28 -12.13 -2.93
C LYS A 189 45.09 -12.96 -3.38
N LEU A 190 44.11 -12.32 -4.00
CA LEU A 190 42.87 -12.97 -4.45
C LEU A 190 42.91 -13.07 -5.96
N GLY A 191 43.35 -14.21 -6.47
CA GLY A 191 43.46 -14.42 -7.90
C GLY A 191 44.81 -14.98 -8.32
N SER B 2 -28.86 -18.48 -36.17
CA SER B 2 -27.61 -18.99 -35.61
C SER B 2 -26.35 -18.19 -35.93
N GLY B 3 -25.55 -17.94 -34.91
CA GLY B 3 -24.35 -17.14 -35.04
C GLY B 3 -24.52 -15.94 -35.95
N ILE B 4 -25.67 -15.27 -35.84
CA ILE B 4 -26.00 -14.14 -36.72
C ILE B 4 -24.85 -13.14 -36.73
N PRO B 5 -24.11 -13.03 -37.83
CA PRO B 5 -23.06 -12.01 -37.91
C PRO B 5 -23.61 -10.64 -38.28
N HIS B 6 -24.63 -10.62 -39.15
CA HIS B 6 -25.29 -9.38 -39.56
C HIS B 6 -24.24 -8.35 -40.04
N ASP B 7 -23.59 -8.71 -41.15
CA ASP B 7 -22.49 -7.91 -41.66
C ASP B 7 -22.85 -6.46 -41.94
N HIS B 8 -24.13 -6.10 -41.88
CA HIS B 8 -24.68 -4.78 -42.18
C HIS B 8 -24.79 -4.54 -43.68
N TYR B 9 -24.29 -5.44 -44.53
CA TYR B 9 -24.44 -5.39 -45.98
C TYR B 9 -23.91 -4.10 -46.59
N GLU B 10 -23.22 -3.26 -45.81
CA GLU B 10 -22.71 -1.99 -46.30
C GLU B 10 -23.81 -1.23 -47.02
N PRO B 11 -25.03 -1.20 -46.49
CA PRO B 11 -26.12 -0.46 -47.13
C PRO B 11 -26.36 0.94 -46.58
N LYS B 12 -25.53 1.41 -45.66
CA LYS B 12 -25.77 2.69 -45.01
C LYS B 12 -25.85 3.83 -46.03
N THR B 13 -24.75 4.07 -46.74
CA THR B 13 -24.67 5.19 -47.67
C THR B 13 -23.41 5.03 -48.52
N GLY B 14 -23.07 6.08 -49.27
CA GLY B 14 -21.89 6.03 -50.11
C GLY B 14 -20.61 5.87 -49.33
N ILE B 15 -20.56 6.42 -48.12
CA ILE B 15 -19.38 6.25 -47.28
C ILE B 15 -19.19 4.79 -46.93
N GLU B 16 -20.26 4.13 -46.47
CA GLU B 16 -20.21 2.72 -46.14
C GLU B 16 -20.14 1.82 -47.37
N LYS B 17 -20.18 2.39 -48.57
CA LYS B 17 -20.04 1.63 -49.80
C LYS B 17 -18.65 1.75 -50.42
N TRP B 18 -18.03 2.92 -50.32
CA TRP B 18 -16.64 3.07 -50.74
C TRP B 18 -15.68 2.42 -49.76
N LEU B 19 -16.13 2.13 -48.55
CA LEU B 19 -15.34 1.38 -47.59
C LEU B 19 -15.20 -0.08 -47.99
N HIS B 20 -15.68 -0.46 -49.15
CA HIS B 20 -15.42 -1.78 -49.74
C HIS B 20 -13.98 -1.94 -50.20
N ASP B 21 -13.14 -0.93 -50.01
CA ASP B 21 -11.71 -1.05 -50.25
C ASP B 21 -11.00 -1.67 -49.06
N ARG B 22 -11.20 -1.11 -47.87
CA ARG B 22 -10.73 -1.70 -46.62
C ARG B 22 -11.96 -2.03 -45.76
N LEU B 23 -12.20 -3.31 -45.55
CA LEU B 23 -13.35 -3.84 -44.85
C LEU B 23 -13.50 -3.30 -43.44
N PRO B 24 -12.44 -2.72 -42.84
CA PRO B 24 -12.34 -2.64 -41.37
C PRO B 24 -13.64 -2.52 -40.59
N ILE B 25 -14.51 -1.58 -40.95
CA ILE B 25 -15.72 -1.40 -40.14
C ILE B 25 -16.58 -2.66 -40.19
N VAL B 26 -16.53 -3.39 -41.29
CA VAL B 26 -17.25 -4.66 -41.38
C VAL B 26 -16.82 -5.57 -40.25
N GLY B 27 -15.51 -5.72 -40.06
CA GLY B 27 -14.99 -6.55 -38.99
C GLY B 27 -15.55 -6.13 -37.65
N LEU B 28 -15.26 -4.88 -37.26
CA LEU B 28 -15.73 -4.36 -35.98
C LEU B 28 -17.21 -4.68 -35.77
N VAL B 29 -18.07 -4.16 -36.64
CA VAL B 29 -19.51 -4.29 -36.44
C VAL B 29 -19.89 -5.77 -36.39
N TYR B 30 -19.66 -6.49 -37.49
CA TYR B 30 -20.17 -7.85 -37.62
C TYR B 30 -19.69 -8.74 -36.50
N ASP B 31 -18.47 -8.54 -35.99
CA ASP B 31 -17.85 -9.54 -35.14
C ASP B 31 -17.58 -9.05 -33.73
N THR B 32 -16.86 -7.93 -33.56
CA THR B 32 -16.27 -7.59 -32.28
C THR B 32 -17.14 -6.66 -31.45
N ILE B 33 -18.35 -6.37 -31.91
CA ILE B 33 -19.25 -5.49 -31.17
C ILE B 33 -20.58 -6.19 -31.00
N MET B 34 -21.16 -6.66 -32.10
CA MET B 34 -22.42 -7.39 -32.05
C MET B 34 -22.17 -8.90 -32.06
N ILE B 35 -21.41 -9.33 -31.05
CA ILE B 35 -21.13 -10.76 -30.84
C ILE B 35 -22.18 -11.30 -29.87
N PRO B 36 -23.11 -12.14 -30.32
CA PRO B 36 -24.12 -12.67 -29.41
C PRO B 36 -23.55 -13.33 -28.16
N THR B 37 -23.84 -12.76 -27.00
CA THR B 37 -23.45 -13.33 -25.73
C THR B 37 -24.67 -13.70 -24.91
N PRO B 38 -24.65 -14.80 -24.18
CA PRO B 38 -25.82 -15.23 -23.42
C PRO B 38 -26.28 -14.17 -22.43
N LYS B 39 -27.47 -14.40 -21.89
CA LYS B 39 -28.04 -13.54 -20.86
C LYS B 39 -27.60 -13.93 -19.46
N ASN B 40 -27.12 -15.15 -19.28
CA ASN B 40 -26.90 -15.74 -17.96
C ASN B 40 -25.57 -15.33 -17.35
N LEU B 41 -24.99 -14.20 -17.75
CA LEU B 41 -23.67 -13.83 -17.30
C LEU B 41 -23.71 -13.12 -15.96
N ASN B 42 -22.96 -13.64 -15.00
CA ASN B 42 -22.78 -13.01 -13.70
C ASN B 42 -21.69 -11.95 -13.79
N TRP B 43 -21.23 -11.49 -12.64
CA TRP B 43 -20.24 -10.43 -12.53
C TRP B 43 -18.82 -10.95 -12.64
N TRP B 44 -18.63 -12.22 -12.95
CA TRP B 44 -17.29 -12.79 -13.09
C TRP B 44 -16.77 -12.71 -14.52
N TRP B 45 -17.60 -12.30 -15.48
CA TRP B 45 -17.20 -12.19 -16.88
C TRP B 45 -16.82 -10.78 -17.26
N ILE B 46 -16.30 -10.00 -16.32
CA ILE B 46 -15.91 -8.62 -16.58
C ILE B 46 -14.40 -8.50 -16.61
N TRP B 47 -13.71 -9.37 -15.87
CA TRP B 47 -12.30 -9.18 -15.59
C TRP B 47 -11.44 -9.16 -16.85
N GLY B 48 -11.95 -9.64 -17.98
CA GLY B 48 -11.19 -9.53 -19.22
C GLY B 48 -11.08 -8.09 -19.68
N ILE B 49 -12.17 -7.34 -19.57
CA ILE B 49 -12.12 -5.91 -19.87
C ILE B 49 -11.16 -5.22 -18.92
N VAL B 50 -11.20 -5.61 -17.65
CA VAL B 50 -10.27 -5.07 -16.67
C VAL B 50 -8.83 -5.32 -17.10
N LEU B 51 -8.54 -6.54 -17.56
CA LEU B 51 -7.18 -6.87 -17.94
C LEU B 51 -6.74 -6.07 -19.16
N ALA B 52 -7.61 -5.94 -20.15
CA ALA B 52 -7.27 -5.16 -21.33
C ALA B 52 -6.97 -3.72 -20.97
N PHE B 53 -7.84 -3.11 -20.16
CA PHE B 53 -7.62 -1.73 -19.77
C PHE B 53 -6.34 -1.58 -18.96
N THR B 54 -6.10 -2.51 -18.03
CA THR B 54 -4.89 -2.45 -17.22
C THR B 54 -3.64 -2.56 -18.08
N LEU B 55 -3.69 -3.43 -19.10
CA LEU B 55 -2.56 -3.57 -20.00
C LEU B 55 -2.30 -2.27 -20.75
N VAL B 56 -3.35 -1.67 -21.29
CA VAL B 56 -3.19 -0.37 -21.95
C VAL B 56 -2.59 0.65 -21.00
N LEU B 57 -3.09 0.68 -19.77
CA LEU B 57 -2.61 1.63 -18.77
C LEU B 57 -1.12 1.44 -18.52
N GLN B 58 -0.71 0.19 -18.32
CA GLN B 58 0.69 -0.09 -18.03
C GLN B 58 1.56 0.31 -19.20
N ILE B 59 1.15 -0.04 -20.42
CA ILE B 59 1.94 0.30 -21.60
C ILE B 59 2.12 1.80 -21.70
N VAL B 60 1.04 2.55 -21.49
CA VAL B 60 1.10 4.00 -21.62
C VAL B 60 2.03 4.59 -20.57
N THR B 61 1.77 4.27 -19.30
CA THR B 61 2.59 4.81 -18.22
C THR B 61 4.06 4.45 -18.41
N GLY B 62 4.33 3.25 -18.92
CA GLY B 62 5.72 2.86 -19.14
C GLY B 62 6.36 3.67 -20.26
N ILE B 63 5.65 3.84 -21.37
CA ILE B 63 6.18 4.67 -22.44
C ILE B 63 6.48 6.06 -21.93
N VAL B 64 5.73 6.52 -20.93
CA VAL B 64 6.00 7.84 -20.37
C VAL B 64 7.24 7.80 -19.48
N LEU B 65 7.32 6.81 -18.60
CA LEU B 65 8.46 6.73 -17.69
C LEU B 65 9.77 6.62 -18.45
N ALA B 66 9.80 5.79 -19.49
CA ALA B 66 11.02 5.59 -20.25
C ALA B 66 11.58 6.89 -20.80
N MET B 67 10.81 7.97 -20.82
CA MET B 67 11.32 9.27 -21.20
C MET B 67 12.15 9.91 -20.11
N HIS B 68 12.22 9.31 -18.92
CA HIS B 68 13.00 9.85 -17.83
C HIS B 68 13.84 8.82 -17.12
N TYR B 69 13.60 7.53 -17.34
CA TYR B 69 14.42 6.49 -16.73
C TYR B 69 15.68 6.27 -17.56
N THR B 70 16.81 6.15 -16.87
CA THR B 70 18.11 5.96 -17.50
C THR B 70 18.67 4.61 -17.09
N PRO B 71 18.70 3.62 -17.96
CA PRO B 71 19.20 2.31 -17.55
C PRO B 71 20.71 2.29 -17.33
N HIS B 72 21.11 2.35 -16.07
CA HIS B 72 22.49 2.28 -15.66
C HIS B 72 22.53 2.23 -14.14
N VAL B 73 23.53 1.52 -13.62
CA VAL B 73 23.61 1.33 -12.18
C VAL B 73 23.79 2.64 -11.45
N ASP B 74 24.44 3.61 -12.10
CA ASP B 74 24.78 4.87 -11.46
C ASP B 74 23.72 5.95 -11.63
N LEU B 75 22.69 5.71 -12.45
CA LEU B 75 21.73 6.76 -12.76
C LEU B 75 20.28 6.27 -12.80
N ALA B 76 19.99 5.08 -12.30
CA ALA B 76 18.62 4.58 -12.29
C ALA B 76 17.84 5.15 -11.12
N PHE B 77 18.32 4.90 -9.90
CA PHE B 77 17.72 5.48 -8.70
C PHE B 77 17.53 6.98 -8.84
N ALA B 78 18.57 7.67 -9.28
CA ALA B 78 18.50 9.12 -9.44
C ALA B 78 17.42 9.51 -10.43
N SER B 79 17.27 8.74 -11.51
CA SER B 79 16.24 9.06 -12.49
C SER B 79 14.85 8.82 -11.93
N VAL B 80 14.69 7.77 -11.14
CA VAL B 80 13.41 7.50 -10.50
C VAL B 80 13.02 8.64 -9.57
N GLU B 81 14.00 9.19 -8.86
CA GLU B 81 13.70 10.33 -7.99
C GLU B 81 13.44 11.59 -8.79
N HIS B 82 14.20 11.80 -9.87
CA HIS B 82 13.88 12.87 -10.81
C HIS B 82 12.43 12.79 -11.23
N ILE B 83 11.94 11.58 -11.48
CA ILE B 83 10.54 11.38 -11.83
C ILE B 83 9.64 11.81 -10.68
N MET B 84 9.81 11.16 -9.52
CA MET B 84 8.89 11.39 -8.42
C MET B 84 8.93 12.80 -7.86
N ARG B 85 9.92 13.62 -8.24
CA ARG B 85 10.03 14.97 -7.71
C ARG B 85 9.82 16.04 -8.76
N ASP B 86 10.60 16.04 -9.83
CA ASP B 86 10.60 17.17 -10.77
C ASP B 86 9.47 17.06 -11.78
N VAL B 87 9.34 15.91 -12.43
CA VAL B 87 8.39 15.71 -13.52
C VAL B 87 6.99 16.07 -13.08
N ASN B 88 6.18 16.54 -14.02
CA ASN B 88 4.79 16.92 -13.77
C ASN B 88 3.91 15.70 -13.94
N GLY B 89 3.71 14.97 -12.85
CA GLY B 89 2.83 13.82 -12.81
C GLY B 89 3.50 12.63 -12.19
N GLY B 90 4.75 12.36 -12.59
CA GLY B 90 5.69 11.68 -11.72
C GLY B 90 5.13 10.55 -10.90
N TRP B 91 5.06 10.82 -9.61
CA TRP B 91 4.51 9.92 -8.61
C TRP B 91 3.28 9.20 -9.15
N ALA B 92 2.42 9.94 -9.84
CA ALA B 92 1.22 9.34 -10.41
C ALA B 92 1.58 8.20 -11.34
N MET B 93 2.41 8.48 -12.34
CA MET B 93 2.78 7.46 -13.32
C MET B 93 3.43 6.27 -12.62
N ARG B 94 4.37 6.53 -11.73
CA ARG B 94 5.11 5.44 -11.10
C ARG B 94 4.20 4.55 -10.24
N TYR B 95 3.39 5.18 -9.38
CA TYR B 95 2.45 4.48 -8.48
C TYR B 95 1.42 3.75 -9.35
N ILE B 96 0.90 4.42 -10.37
CA ILE B 96 -0.06 3.74 -11.29
C ILE B 96 0.68 2.60 -11.99
N HIS B 97 1.94 2.81 -12.39
CA HIS B 97 2.58 1.65 -13.07
C HIS B 97 2.79 0.47 -12.11
N ALA B 98 3.45 0.74 -10.98
CA ALA B 98 3.80 -0.28 -9.95
C ALA B 98 2.58 -1.04 -9.42
N ASN B 99 1.53 -0.33 -8.97
CA ASN B 99 0.32 -0.93 -8.34
C ASN B 99 -0.53 -1.66 -9.39
N GLY B 100 -0.74 -1.06 -10.59
CA GLY B 100 -1.47 -1.62 -11.71
C GLY B 100 -0.95 -2.99 -12.09
N ALA B 101 0.35 -3.22 -11.93
CA ALA B 101 0.84 -4.59 -12.04
C ALA B 101 0.16 -5.48 -11.02
N SER B 102 0.02 -4.99 -9.79
CA SER B 102 -0.66 -5.77 -8.77
C SER B 102 -2.10 -6.10 -9.19
N LEU B 103 -2.84 -5.08 -9.62
CA LEU B 103 -4.21 -5.29 -10.08
C LEU B 103 -4.27 -6.25 -11.25
N PHE B 104 -3.35 -6.09 -12.20
CA PHE B 104 -3.23 -6.98 -13.34
C PHE B 104 -3.20 -8.42 -12.90
N PHE B 105 -2.32 -8.74 -11.95
CA PHE B 105 -2.17 -10.13 -11.54
C PHE B 105 -3.35 -10.62 -10.72
N LEU B 106 -3.89 -9.73 -9.87
CA LEU B 106 -5.10 -10.00 -9.04
C LEU B 106 -6.24 -10.39 -9.98
N ALA B 107 -6.44 -9.58 -11.03
CA ALA B 107 -7.50 -9.72 -12.05
C ALA B 107 -7.30 -11.00 -12.87
N VAL B 108 -6.06 -11.35 -13.22
CA VAL B 108 -5.81 -12.61 -13.99
C VAL B 108 -6.15 -13.80 -13.07
N TYR B 109 -5.89 -13.70 -11.76
CA TYR B 109 -6.15 -14.77 -10.77
C TYR B 109 -7.66 -15.09 -10.76
N ILE B 110 -8.51 -14.06 -10.67
CA ILE B 110 -9.96 -14.17 -10.71
C ILE B 110 -10.43 -14.59 -12.10
N HIS B 111 -9.77 -14.08 -13.14
CA HIS B 111 -10.03 -14.54 -14.51
C HIS B 111 -9.77 -16.03 -14.66
N ILE B 112 -8.71 -16.54 -14.02
CA ILE B 112 -8.33 -17.94 -14.18
C ILE B 112 -9.23 -18.83 -13.33
N PHE B 113 -9.38 -18.50 -12.04
CA PHE B 113 -10.22 -19.29 -11.17
C PHE B 113 -11.68 -19.26 -11.59
N ARG B 114 -12.14 -18.20 -12.24
CA ARG B 114 -13.54 -18.19 -12.76
C ARG B 114 -13.62 -19.37 -13.74
N GLY B 115 -12.60 -19.45 -14.60
CA GLY B 115 -12.45 -20.46 -15.67
C GLY B 115 -12.46 -21.89 -15.15
N LEU B 116 -11.67 -22.20 -14.12
CA LEU B 116 -11.59 -23.53 -13.54
C LEU B 116 -12.94 -23.99 -13.02
N TYR B 117 -13.75 -23.06 -12.51
CA TYR B 117 -15.06 -23.44 -12.02
C TYR B 117 -16.00 -23.79 -13.18
N TYR B 118 -16.25 -22.83 -14.06
CA TYR B 118 -17.22 -23.01 -15.13
C TYR B 118 -16.62 -23.66 -16.37
N GLY B 119 -15.84 -24.71 -16.17
CA GLY B 119 -15.36 -25.54 -17.26
C GLY B 119 -14.94 -24.82 -18.52
N SER B 120 -14.32 -23.65 -18.38
CA SER B 120 -13.89 -22.90 -19.56
C SER B 120 -12.67 -23.51 -20.22
N TYR B 121 -11.94 -24.38 -19.51
CA TYR B 121 -10.87 -25.14 -20.12
C TYR B 121 -11.37 -26.37 -20.84
N LYS B 122 -12.52 -26.89 -20.45
CA LYS B 122 -13.09 -28.04 -21.13
C LYS B 122 -13.27 -27.75 -22.61
N ALA B 123 -13.30 -28.81 -23.41
CA ALA B 123 -13.53 -28.65 -24.82
C ALA B 123 -14.84 -27.90 -25.05
N PRO B 124 -14.96 -27.16 -26.16
CA PRO B 124 -13.98 -26.94 -27.23
C PRO B 124 -13.18 -25.65 -27.06
N ARG B 125 -12.63 -25.43 -25.87
CA ARG B 125 -11.96 -24.17 -25.53
C ARG B 125 -10.56 -24.45 -25.01
N GLU B 126 -9.80 -25.25 -25.74
CA GLU B 126 -8.44 -25.57 -25.33
C GLU B 126 -7.46 -24.47 -25.75
N ILE B 127 -7.62 -23.95 -26.96
CA ILE B 127 -6.67 -22.98 -27.49
C ILE B 127 -6.62 -21.73 -26.60
N THR B 128 -7.79 -21.26 -26.17
CA THR B 128 -7.83 -20.13 -25.26
C THR B 128 -7.00 -20.39 -24.02
N TRP B 129 -7.14 -21.59 -23.45
CA TRP B 129 -6.40 -21.93 -22.25
C TRP B 129 -4.89 -21.93 -22.50
N ILE B 130 -4.47 -22.56 -23.59
CA ILE B 130 -3.05 -22.59 -23.93
C ILE B 130 -2.51 -21.18 -24.06
N VAL B 131 -3.20 -20.35 -24.85
CA VAL B 131 -2.75 -18.98 -25.06
C VAL B 131 -2.70 -18.23 -23.74
N GLY B 132 -3.65 -18.49 -22.85
CA GLY B 132 -3.66 -17.79 -21.58
C GLY B 132 -2.49 -18.15 -20.70
N MET B 133 -2.12 -19.43 -20.68
CA MET B 133 -0.95 -19.83 -19.91
C MET B 133 0.32 -19.23 -20.50
N VAL B 134 0.43 -19.22 -21.84
CA VAL B 134 1.57 -18.57 -22.48
C VAL B 134 1.66 -17.12 -22.03
N ILE B 135 0.52 -16.42 -22.06
CA ILE B 135 0.51 -15.02 -21.63
C ILE B 135 0.99 -14.91 -20.19
N TYR B 136 0.30 -15.60 -19.27
CA TYR B 136 0.71 -15.63 -17.87
C TYR B 136 2.22 -15.72 -17.73
N LEU B 137 2.84 -16.64 -18.46
CA LEU B 137 4.30 -16.76 -18.41
C LEU B 137 4.97 -15.47 -18.84
N LEU B 138 4.55 -14.93 -19.99
CA LEU B 138 5.18 -13.71 -20.50
C LEU B 138 5.08 -12.57 -19.50
N MET B 139 3.91 -12.40 -18.90
CA MET B 139 3.69 -11.27 -18.00
C MET B 139 4.41 -11.47 -16.66
N MET B 140 4.54 -12.70 -16.19
CA MET B 140 5.39 -12.95 -15.04
C MET B 140 6.82 -12.53 -15.33
N GLY B 141 7.37 -13.01 -16.44
CA GLY B 141 8.73 -12.62 -16.81
C GLY B 141 8.87 -11.12 -16.95
N THR B 142 7.85 -10.48 -17.50
CA THR B 142 7.87 -9.03 -17.65
C THR B 142 7.97 -8.34 -16.30
N ALA B 143 7.00 -8.61 -15.42
CA ALA B 143 7.02 -8.00 -14.09
C ALA B 143 8.35 -8.24 -13.38
N PHE B 144 8.93 -9.42 -13.57
CA PHE B 144 10.22 -9.70 -12.95
C PHE B 144 11.29 -8.77 -13.52
N MET B 145 11.43 -8.73 -14.84
CA MET B 145 12.38 -7.82 -15.46
C MET B 145 12.18 -6.38 -15.00
N GLY B 146 10.95 -6.03 -14.65
CA GLY B 146 10.63 -4.66 -14.32
C GLY B 146 10.95 -4.29 -12.89
N TYR B 147 10.67 -5.19 -11.96
CA TYR B 147 11.01 -4.94 -10.56
C TYR B 147 12.50 -4.66 -10.39
N VAL B 148 13.31 -4.99 -11.39
CA VAL B 148 14.75 -4.82 -11.27
C VAL B 148 15.18 -3.40 -11.61
N LEU B 149 14.44 -2.72 -12.47
CA LEU B 149 14.94 -1.48 -13.06
C LEU B 149 15.27 -0.41 -12.03
N PRO B 150 14.52 -0.23 -10.93
CA PRO B 150 14.86 0.83 -9.98
C PRO B 150 16.22 0.65 -9.33
N TRP B 151 16.87 -0.49 -9.50
CA TRP B 151 18.16 -0.77 -8.90
C TRP B 151 18.15 -0.45 -7.41
N GLY B 152 17.09 -0.84 -6.73
CA GLY B 152 17.05 -0.73 -5.30
C GLY B 152 17.87 -1.84 -4.68
N GLN B 153 17.43 -2.34 -3.53
CA GLN B 153 18.09 -3.45 -2.87
C GLN B 153 17.41 -4.77 -3.13
N MET B 154 16.08 -4.79 -3.17
CA MET B 154 15.37 -6.03 -3.43
C MET B 154 15.53 -6.47 -4.87
N SER B 155 15.55 -5.49 -5.79
CA SER B 155 15.85 -5.77 -7.19
C SER B 155 17.04 -6.72 -7.33
N PHE B 156 18.20 -6.28 -6.83
CA PHE B 156 19.43 -7.03 -6.99
C PHE B 156 19.26 -8.49 -6.56
N TRP B 157 18.76 -8.71 -5.36
CA TRP B 157 18.77 -10.05 -4.79
C TRP B 157 17.68 -10.94 -5.37
N GLY B 158 16.51 -10.37 -5.65
CA GLY B 158 15.51 -11.12 -6.40
C GLY B 158 16.05 -11.61 -7.71
N ALA B 159 16.72 -10.72 -8.46
CA ALA B 159 17.34 -11.13 -9.71
C ALA B 159 18.37 -12.23 -9.45
N THR B 160 19.21 -12.04 -8.44
CA THR B 160 20.24 -13.02 -8.12
C THR B 160 19.66 -14.41 -7.98
N VAL B 161 18.62 -14.56 -7.16
CA VAL B 161 18.10 -15.90 -6.86
C VAL B 161 17.32 -16.45 -8.06
N ILE B 162 16.48 -15.61 -8.68
CA ILE B 162 15.61 -16.10 -9.73
C ILE B 162 16.41 -16.27 -11.02
N THR B 163 17.71 -15.97 -10.96
CA THR B 163 18.63 -16.38 -12.00
C THR B 163 19.51 -17.55 -11.60
N GLY B 164 19.81 -17.68 -10.31
CA GLY B 164 20.48 -18.88 -9.83
C GLY B 164 19.64 -20.12 -10.08
N LEU B 165 18.32 -19.96 -10.13
CA LEU B 165 17.47 -21.08 -10.52
C LEU B 165 17.97 -21.73 -11.80
N PHE B 166 18.04 -20.95 -12.89
CA PHE B 166 18.50 -21.48 -14.17
C PHE B 166 19.86 -22.15 -14.05
N GLY B 167 20.66 -21.74 -13.08
CA GLY B 167 21.97 -22.34 -12.88
C GLY B 167 21.96 -23.60 -12.05
N ALA B 168 20.86 -23.85 -11.34
CA ALA B 168 20.76 -25.07 -10.55
C ALA B 168 20.94 -26.30 -11.41
N ILE B 169 20.22 -26.37 -12.54
CA ILE B 169 20.22 -27.54 -13.40
C ILE B 169 21.64 -27.89 -13.80
N PRO B 170 21.93 -29.14 -14.14
CA PRO B 170 23.31 -29.54 -14.41
C PRO B 170 23.68 -29.43 -15.88
N GLY B 171 24.97 -29.29 -16.14
CA GLY B 171 25.47 -29.28 -17.52
C GLY B 171 25.30 -27.98 -18.27
N ILE B 172 24.09 -27.42 -18.24
CA ILE B 172 23.79 -26.22 -19.02
C ILE B 172 23.20 -25.15 -18.13
N GLY B 173 23.54 -25.18 -16.84
CA GLY B 173 23.03 -24.22 -15.90
C GLY B 173 23.86 -22.95 -15.87
N PRO B 174 25.15 -23.10 -15.57
CA PRO B 174 26.02 -21.91 -15.52
C PRO B 174 26.10 -21.18 -16.84
N SER B 175 26.11 -21.92 -17.95
CA SER B 175 26.17 -21.28 -19.26
C SER B 175 24.96 -20.39 -19.47
N ILE B 176 23.77 -20.93 -19.21
CA ILE B 176 22.55 -20.14 -19.36
C ILE B 176 22.55 -18.96 -18.40
N GLN B 177 22.97 -19.19 -17.16
CA GLN B 177 23.05 -18.11 -16.18
C GLN B 177 23.90 -16.96 -16.70
N ALA B 178 25.09 -17.27 -17.19
CA ALA B 178 25.99 -16.23 -17.68
C ALA B 178 25.43 -15.57 -18.94
N TRP B 179 24.81 -16.35 -19.82
CA TRP B 179 24.25 -15.80 -21.04
C TRP B 179 23.04 -14.92 -20.77
N LEU B 180 22.40 -15.09 -19.62
CA LEU B 180 21.23 -14.29 -19.26
C LEU B 180 21.61 -13.05 -18.48
N LEU B 181 22.57 -13.17 -17.56
CA LEU B 181 23.03 -12.03 -16.78
C LEU B 181 24.00 -11.15 -17.53
N GLY B 182 24.46 -11.57 -18.70
CA GLY B 182 25.52 -10.86 -19.38
C GLY B 182 26.88 -11.03 -18.75
N GLY B 183 26.99 -11.88 -17.74
CA GLY B 183 28.24 -12.09 -17.05
C GLY B 183 28.08 -13.05 -15.89
N PRO B 184 29.14 -13.20 -15.10
CA PRO B 184 29.05 -14.10 -13.94
C PRO B 184 27.99 -13.68 -12.95
N ALA B 185 27.91 -12.38 -12.64
CA ALA B 185 26.92 -11.88 -11.70
C ALA B 185 26.17 -10.69 -12.28
N VAL B 186 25.37 -10.04 -11.45
CA VAL B 186 24.47 -9.00 -11.91
C VAL B 186 25.22 -7.68 -11.99
N ASP B 187 24.94 -6.91 -13.04
CA ASP B 187 25.57 -5.61 -13.27
C ASP B 187 24.77 -4.90 -14.37
N ASN B 188 25.32 -3.81 -14.90
CA ASN B 188 24.57 -2.96 -15.81
C ASN B 188 24.07 -3.73 -17.03
N ALA B 189 24.84 -4.72 -17.49
CA ALA B 189 24.44 -5.48 -18.67
C ALA B 189 23.08 -6.13 -18.46
N THR B 190 22.91 -6.79 -17.32
CA THR B 190 21.61 -7.33 -16.95
C THR B 190 20.54 -6.26 -16.99
N LEU B 191 20.88 -5.06 -16.52
CA LEU B 191 19.91 -3.97 -16.47
C LEU B 191 19.46 -3.59 -17.87
N ASN B 192 20.39 -3.47 -18.81
CA ASN B 192 20.05 -3.12 -20.18
C ASN B 192 19.17 -4.19 -20.80
N ARG B 193 19.58 -5.45 -20.69
CA ARG B 193 18.77 -6.55 -21.19
C ARG B 193 17.34 -6.44 -20.66
N PHE B 194 17.21 -6.28 -19.35
CA PHE B 194 15.91 -6.30 -18.73
C PHE B 194 15.07 -5.12 -19.18
N PHE B 195 15.67 -3.94 -19.30
CA PHE B 195 14.93 -2.78 -19.76
C PHE B 195 14.39 -3.01 -21.17
N SER B 196 15.25 -3.46 -22.07
CA SER B 196 14.83 -3.68 -23.45
C SER B 196 13.68 -4.69 -23.51
N LEU B 197 14.00 -5.80 -22.84
CA LEU B 197 13.06 -6.91 -22.88
C LEU B 197 11.72 -6.44 -22.28
N HIS B 198 11.84 -5.77 -21.12
CA HIS B 198 10.67 -5.24 -20.40
C HIS B 198 9.91 -4.24 -21.21
N TYR B 199 10.61 -3.55 -22.12
CA TYR B 199 9.94 -2.55 -22.99
C TYR B 199 9.42 -3.19 -24.30
N LEU B 200 9.66 -4.48 -24.51
CA LEU B 200 9.24 -5.19 -25.75
C LEU B 200 8.12 -6.22 -25.51
N LEU B 201 8.14 -7.04 -24.44
CA LEU B 201 7.16 -8.12 -24.36
C LEU B 201 5.70 -7.66 -24.37
N PRO B 202 5.32 -6.57 -23.73
CA PRO B 202 3.91 -6.14 -23.76
C PRO B 202 3.25 -6.18 -25.13
N PHE B 203 4.01 -5.88 -26.18
CA PHE B 203 3.44 -5.93 -27.52
C PHE B 203 3.15 -7.36 -27.96
N VAL B 204 4.07 -8.27 -27.66
CA VAL B 204 3.81 -9.69 -27.86
C VAL B 204 2.55 -10.11 -27.11
N ILE B 205 2.40 -9.60 -25.89
CA ILE B 205 1.21 -9.91 -25.10
C ILE B 205 -0.04 -9.41 -25.81
N ALA B 206 0.02 -8.20 -26.36
CA ALA B 206 -1.13 -7.65 -27.06
C ALA B 206 -1.51 -8.52 -28.24
N ALA B 207 -0.52 -8.94 -29.03
CA ALA B 207 -0.80 -9.83 -30.16
C ALA B 207 -1.47 -11.11 -29.68
N LEU B 208 -0.90 -11.71 -28.63
CA LEU B 208 -1.38 -12.98 -28.03
C LEU B 208 -2.81 -12.76 -27.50
N VAL B 209 -3.10 -11.54 -27.04
CA VAL B 209 -4.43 -11.09 -26.58
C VAL B 209 -5.31 -11.02 -27.84
N ALA B 210 -4.71 -10.67 -28.97
CA ALA B 210 -5.36 -10.61 -30.31
C ALA B 210 -5.92 -12.00 -30.61
N ILE B 211 -5.06 -13.02 -30.52
CA ILE B 211 -5.42 -14.42 -30.73
C ILE B 211 -6.34 -14.90 -29.61
N HIS B 212 -6.11 -14.43 -28.39
CA HIS B 212 -7.00 -14.73 -27.28
C HIS B 212 -8.42 -14.28 -27.57
N ILE B 213 -8.56 -13.08 -28.16
CA ILE B 213 -9.90 -12.55 -28.44
C ILE B 213 -10.47 -13.19 -29.70
N TRP B 214 -9.61 -13.54 -30.66
CA TRP B 214 -10.05 -14.17 -31.93
C TRP B 214 -10.68 -15.54 -31.61
N ALA B 215 -10.01 -16.33 -30.77
CA ALA B 215 -10.43 -17.68 -30.33
C ALA B 215 -11.84 -17.69 -29.71
N PHE B 216 -12.07 -16.97 -28.60
CA PHE B 216 -13.36 -17.01 -27.91
C PHE B 216 -14.42 -16.18 -28.61
N HIS B 217 -14.12 -15.58 -29.76
CA HIS B 217 -15.17 -15.08 -30.63
C HIS B 217 -15.61 -16.13 -31.61
N THR B 218 -14.68 -17.00 -31.99
CA THR B 218 -14.97 -18.11 -32.90
C THR B 218 -15.62 -19.21 -32.06
N THR B 219 -15.20 -19.29 -30.80
CA THR B 219 -15.74 -20.26 -29.86
C THR B 219 -16.55 -19.45 -28.86
N GLY B 220 -17.80 -19.85 -28.67
CA GLY B 220 -18.70 -19.14 -27.77
C GLY B 220 -18.31 -19.01 -26.31
N ASN B 221 -18.51 -17.81 -25.77
CA ASN B 221 -18.26 -17.50 -24.36
C ASN B 221 -18.94 -18.48 -23.42
N ASN B 222 -18.23 -18.91 -22.35
CA ASN B 222 -18.59 -20.16 -21.66
C ASN B 222 -20.07 -20.28 -21.29
N ASN B 223 -20.63 -19.23 -20.62
CA ASN B 223 -21.98 -19.08 -19.99
C ASN B 223 -22.01 -19.79 -18.62
N PRO B 224 -22.65 -19.26 -17.54
CA PRO B 224 -22.76 -19.98 -16.26
C PRO B 224 -23.06 -21.50 -16.26
N THR B 225 -23.77 -21.97 -17.28
CA THR B 225 -24.10 -23.39 -17.40
C THR B 225 -23.28 -24.17 -18.44
N GLY B 226 -23.53 -25.47 -18.44
CA GLY B 226 -22.94 -26.49 -19.28
C GLY B 226 -23.65 -26.57 -20.61
N VAL B 227 -24.05 -25.40 -21.15
CA VAL B 227 -24.90 -25.32 -22.32
C VAL B 227 -24.34 -24.28 -23.28
N GLU B 228 -24.71 -24.43 -24.55
CA GLU B 228 -24.30 -23.54 -25.61
C GLU B 228 -25.49 -22.70 -26.07
N VAL B 229 -25.25 -21.84 -27.05
CA VAL B 229 -26.21 -20.81 -27.42
C VAL B 229 -27.29 -21.39 -28.34
N ARG B 230 -27.26 -22.71 -28.55
CA ARG B 230 -28.33 -23.38 -29.29
C ARG B 230 -28.50 -22.79 -30.68
N ARG B 231 -27.45 -22.92 -31.49
CA ARG B 231 -27.43 -22.34 -32.83
C ARG B 231 -28.24 -23.23 -33.77
N THR B 232 -29.38 -22.74 -34.23
CA THR B 232 -30.22 -23.48 -35.16
C THR B 232 -31.55 -22.74 -35.39
N ALA B 237 -34.91 -17.69 -33.97
CA ALA B 237 -33.52 -18.12 -34.09
C ALA B 237 -32.69 -17.55 -32.94
N GLU B 238 -32.51 -18.37 -31.89
CA GLU B 238 -31.70 -17.98 -30.74
C GLU B 238 -32.24 -16.70 -30.09
N LYS B 239 -33.46 -16.82 -29.56
CA LYS B 239 -34.02 -15.72 -28.78
C LYS B 239 -33.09 -15.34 -27.63
N ASP B 240 -32.38 -16.31 -27.08
CA ASP B 240 -31.33 -16.03 -26.12
C ASP B 240 -30.18 -15.32 -26.83
N THR B 241 -29.09 -15.09 -26.08
CA THR B 241 -27.88 -14.51 -26.65
C THR B 241 -28.12 -13.10 -27.19
N LEU B 242 -28.42 -12.19 -26.26
CA LEU B 242 -28.34 -10.78 -26.57
C LEU B 242 -26.94 -10.43 -27.08
N PRO B 243 -26.79 -9.29 -27.72
CA PRO B 243 -25.48 -8.88 -28.23
C PRO B 243 -24.62 -8.29 -27.14
N PHE B 244 -23.37 -8.00 -27.53
CA PHE B 244 -22.41 -7.40 -26.59
C PHE B 244 -22.72 -5.93 -26.37
N TRP B 245 -22.69 -5.15 -27.44
CA TRP B 245 -23.00 -3.74 -27.37
C TRP B 245 -24.52 -3.55 -27.43
N PRO B 246 -25.11 -2.69 -26.60
CA PRO B 246 -24.49 -1.89 -25.54
C PRO B 246 -24.53 -2.53 -24.16
N TYR B 247 -25.27 -3.63 -24.03
CA TYR B 247 -25.61 -4.18 -22.72
C TYR B 247 -24.37 -4.56 -21.91
N PHE B 248 -23.62 -5.54 -22.40
CA PHE B 248 -22.50 -6.05 -21.63
C PHE B 248 -21.35 -5.05 -21.63
N VAL B 249 -21.21 -4.26 -22.69
CA VAL B 249 -20.24 -3.18 -22.68
C VAL B 249 -20.48 -2.28 -21.48
N ILE B 250 -21.74 -1.87 -21.28
CA ILE B 250 -22.04 -0.95 -20.19
C ILE B 250 -21.86 -1.61 -18.84
N LYS B 251 -22.27 -2.87 -18.72
CA LYS B 251 -22.07 -3.59 -17.47
C LYS B 251 -20.59 -3.64 -17.10
N ASP B 252 -19.76 -4.06 -18.05
CA ASP B 252 -18.33 -4.15 -17.81
C ASP B 252 -17.74 -2.79 -17.48
N LEU B 253 -18.17 -1.74 -18.18
CA LEU B 253 -17.65 -0.41 -17.91
C LEU B 253 -18.03 0.07 -16.51
N PHE B 254 -19.23 -0.28 -16.04
CA PHE B 254 -19.61 0.06 -14.68
C PHE B 254 -18.70 -0.61 -13.67
N ALA B 255 -18.50 -1.92 -13.82
CA ALA B 255 -17.60 -2.62 -12.91
C ALA B 255 -16.19 -2.04 -12.99
N LEU B 256 -15.76 -1.67 -14.20
CA LEU B 256 -14.42 -1.13 -14.39
C LEU B 256 -14.28 0.22 -13.71
N ALA B 257 -15.33 1.05 -13.76
CA ALA B 257 -15.30 2.32 -13.06
C ALA B 257 -15.14 2.10 -11.57
N LEU B 258 -15.89 1.14 -11.01
CA LEU B 258 -15.73 0.84 -9.59
C LEU B 258 -14.29 0.43 -9.28
N VAL B 259 -13.75 -0.45 -10.12
CA VAL B 259 -12.41 -0.99 -9.86
C VAL B 259 -11.38 0.13 -9.92
N LEU B 260 -11.46 0.99 -10.93
CA LEU B 260 -10.54 2.11 -11.02
C LEU B 260 -10.72 3.06 -9.85
N LEU B 261 -11.93 3.24 -9.36
CA LEU B 261 -12.15 4.06 -8.18
C LEU B 261 -11.34 3.53 -7.01
N GLY B 262 -11.51 2.24 -6.71
CA GLY B 262 -10.73 1.64 -5.63
C GLY B 262 -9.24 1.74 -5.88
N PHE B 263 -8.83 1.52 -7.13
CA PHE B 263 -7.41 1.53 -7.47
C PHE B 263 -6.80 2.90 -7.24
N PHE B 264 -7.50 3.97 -7.62
CA PHE B 264 -6.97 5.31 -7.41
C PHE B 264 -7.02 5.71 -5.95
N ALA B 265 -8.03 5.28 -5.21
CA ALA B 265 -8.02 5.48 -3.77
C ALA B 265 -6.77 4.87 -3.16
N VAL B 266 -6.42 3.65 -3.58
CA VAL B 266 -5.18 3.04 -3.13
C VAL B 266 -3.99 3.92 -3.51
N VAL B 267 -3.85 4.18 -4.81
CA VAL B 267 -2.72 4.97 -5.31
C VAL B 267 -2.52 6.24 -4.52
N ALA B 268 -3.60 6.84 -4.04
CA ALA B 268 -3.53 8.14 -3.39
C ALA B 268 -3.45 8.06 -1.87
N TYR B 269 -3.77 6.92 -1.26
CA TYR B 269 -3.74 6.81 0.18
C TYR B 269 -2.88 5.66 0.68
N MET B 270 -2.84 4.57 -0.09
CA MET B 270 -2.11 3.36 0.32
C MET B 270 -1.20 2.87 -0.81
N PRO B 271 -0.34 3.73 -1.34
CA PRO B 271 0.46 3.35 -2.50
C PRO B 271 1.68 2.50 -2.19
N ASN B 272 2.34 2.78 -1.07
CA ASN B 272 3.52 2.04 -0.66
C ASN B 272 3.19 0.81 0.16
N TYR B 273 1.93 0.39 0.15
CA TYR B 273 1.50 -0.72 1.00
C TYR B 273 1.94 -2.07 0.44
N LEU B 274 1.72 -2.28 -0.85
CA LEU B 274 2.07 -3.54 -1.50
C LEU B 274 3.56 -3.66 -1.79
N GLY B 275 4.34 -2.63 -1.50
CA GLY B 275 5.74 -2.61 -1.84
C GLY B 275 6.63 -3.07 -0.69
N HIS B 276 7.92 -3.13 -0.99
CA HIS B 276 8.93 -3.49 -0.01
C HIS B 276 9.78 -2.26 0.28
N PRO B 277 9.78 -1.75 1.51
CA PRO B 277 10.56 -0.55 1.80
C PRO B 277 12.01 -0.67 1.41
N ASP B 278 12.60 -1.85 1.54
CA ASP B 278 14.02 -2.01 1.25
C ASP B 278 14.36 -1.66 -0.19
N ASN B 279 13.37 -1.55 -1.07
CA ASN B 279 13.61 -1.13 -2.43
C ASN B 279 13.77 0.38 -2.57
N TYR B 280 13.82 1.09 -1.45
CA TYR B 280 14.06 2.53 -1.44
C TYR B 280 15.47 2.86 -0.96
N VAL B 281 16.30 1.85 -0.71
CA VAL B 281 17.70 2.04 -0.38
C VAL B 281 18.53 1.49 -1.53
N GLN B 282 19.58 2.22 -1.91
CA GLN B 282 20.39 1.80 -3.03
C GLN B 282 20.98 0.43 -2.76
N ALA B 283 21.54 -0.16 -3.82
CA ALA B 283 21.99 -1.54 -3.77
C ALA B 283 23.39 -1.64 -3.17
N ASN B 284 23.61 -2.71 -2.42
CA ASN B 284 24.93 -3.08 -1.93
C ASN B 284 25.15 -4.55 -2.23
N PRO B 285 25.97 -4.88 -3.23
CA PRO B 285 26.26 -6.29 -3.50
C PRO B 285 26.97 -6.99 -2.34
N LEU B 286 27.34 -6.24 -1.31
CA LEU B 286 28.09 -6.76 -0.19
C LEU B 286 27.23 -7.02 1.04
N SER B 287 25.97 -6.62 1.03
CA SER B 287 25.11 -6.78 2.20
C SER B 287 23.71 -7.18 1.73
N THR B 288 23.19 -8.24 2.34
CA THR B 288 21.86 -8.71 2.01
C THR B 288 20.90 -8.39 3.15
N PRO B 289 19.72 -7.88 2.86
CA PRO B 289 18.75 -7.60 3.91
C PRO B 289 18.03 -8.87 4.34
N ALA B 290 17.25 -8.74 5.41
CA ALA B 290 16.47 -9.84 5.92
C ALA B 290 15.12 -9.91 5.23
N HIS B 291 14.66 -11.14 4.95
CA HIS B 291 13.35 -11.37 4.35
C HIS B 291 13.22 -10.66 3.01
N ILE B 292 14.00 -11.15 2.04
CA ILE B 292 13.93 -10.59 0.69
C ILE B 292 12.49 -10.59 0.20
N VAL B 293 11.79 -11.71 0.31
CA VAL B 293 10.36 -11.75 0.03
C VAL B 293 10.12 -11.17 -1.37
N PRO B 294 10.42 -11.91 -2.44
CA PRO B 294 10.48 -11.29 -3.77
C PRO B 294 9.33 -10.36 -4.09
N GLU B 295 8.12 -10.88 -4.05
CA GLU B 295 6.90 -10.11 -4.33
C GLU B 295 5.72 -10.94 -3.84
N TRP B 296 4.50 -10.54 -4.21
CA TRP B 296 3.31 -11.24 -3.77
C TRP B 296 2.63 -12.06 -4.85
N TYR B 297 2.99 -11.88 -6.11
CA TYR B 297 2.43 -12.69 -7.18
C TYR B 297 3.36 -13.83 -7.60
N PHE B 298 4.44 -14.05 -6.85
CA PHE B 298 5.32 -15.18 -7.08
C PHE B 298 5.53 -16.03 -5.83
N LEU B 299 4.93 -15.65 -4.71
CA LEU B 299 5.11 -16.43 -3.48
C LEU B 299 4.66 -17.87 -3.62
N PRO B 300 3.54 -18.18 -4.28
CA PRO B 300 3.16 -19.58 -4.43
C PRO B 300 4.28 -20.45 -4.97
N PHE B 301 4.87 -20.05 -6.08
CA PHE B 301 5.90 -20.85 -6.71
C PHE B 301 7.21 -20.79 -5.94
N TYR B 302 7.52 -19.64 -5.33
CA TYR B 302 8.66 -19.56 -4.43
C TYR B 302 8.55 -20.60 -3.33
N ALA B 303 7.35 -20.78 -2.79
CA ALA B 303 7.16 -21.74 -1.70
C ALA B 303 7.23 -23.16 -2.22
N ILE B 304 6.56 -23.44 -3.34
CA ILE B 304 6.67 -24.75 -3.96
C ILE B 304 8.12 -25.10 -4.22
N LEU B 305 8.95 -24.08 -4.46
CA LEU B 305 10.37 -24.30 -4.72
C LEU B 305 11.10 -24.61 -3.42
N ARG B 306 11.02 -23.71 -2.45
CA ARG B 306 11.77 -23.85 -1.21
C ARG B 306 11.10 -24.77 -0.21
N ALA B 307 10.14 -25.57 -0.63
CA ALA B 307 9.52 -26.56 0.26
C ALA B 307 10.30 -27.88 0.26
N PHE B 308 10.49 -28.46 -0.92
CA PHE B 308 11.22 -29.72 -1.02
C PHE B 308 12.68 -29.53 -0.63
N ALA B 309 13.05 -30.03 0.55
CA ALA B 309 14.42 -29.87 1.04
C ALA B 309 14.95 -31.08 1.77
N ALA B 310 14.26 -32.23 1.71
CA ALA B 310 14.67 -33.44 2.44
C ALA B 310 14.53 -33.24 3.95
N ASP B 311 13.38 -32.72 4.36
CA ASP B 311 13.13 -32.40 5.77
C ASP B 311 11.72 -32.81 6.17
N VAL B 312 11.29 -33.99 5.72
CA VAL B 312 9.99 -34.53 6.11
C VAL B 312 9.94 -36.00 5.74
N TRP B 313 9.13 -36.79 6.46
CA TRP B 313 8.95 -38.19 6.12
C TRP B 313 8.29 -38.38 4.76
N VAL B 314 7.68 -37.33 4.21
CA VAL B 314 7.12 -37.37 2.87
C VAL B 314 8.12 -36.74 1.90
N VAL B 315 9.39 -36.66 2.31
CA VAL B 315 10.43 -36.05 1.49
C VAL B 315 10.74 -37.01 0.34
N ILE B 316 10.28 -36.67 -0.86
CA ILE B 316 10.58 -37.47 -2.05
C ILE B 316 11.95 -37.17 -2.62
N LEU B 317 12.71 -36.26 -2.01
CA LEU B 317 14.05 -35.98 -2.49
C LEU B 317 15.00 -37.14 -2.18
N VAL B 318 14.85 -37.76 -1.01
CA VAL B 318 15.69 -38.90 -0.68
C VAL B 318 15.45 -40.05 -1.64
N ASP B 319 14.26 -40.13 -2.22
CA ASP B 319 13.94 -41.15 -3.20
C ASP B 319 14.38 -40.76 -4.60
N GLY B 320 14.21 -39.49 -4.97
CA GLY B 320 14.70 -39.01 -6.25
C GLY B 320 16.20 -39.01 -6.35
N LEU B 321 16.90 -39.07 -5.22
CA LEU B 321 18.35 -39.20 -5.22
C LEU B 321 18.82 -40.53 -5.79
N THR B 322 17.90 -41.45 -6.12
CA THR B 322 18.28 -42.66 -6.85
C THR B 322 19.18 -42.31 -8.02
N PHE B 323 18.73 -41.40 -8.87
CA PHE B 323 19.59 -40.82 -9.90
C PHE B 323 20.42 -39.72 -9.28
N GLY B 324 21.74 -39.83 -9.41
CA GLY B 324 22.64 -38.88 -8.77
C GLY B 324 22.58 -37.48 -9.34
N ILE B 325 21.78 -37.24 -10.38
CA ILE B 325 21.74 -35.94 -11.04
C ILE B 325 20.58 -35.11 -10.51
N VAL B 326 19.48 -35.77 -10.14
CA VAL B 326 18.27 -35.05 -9.69
C VAL B 326 18.45 -34.79 -8.21
N ASP B 327 19.10 -33.67 -7.92
CA ASP B 327 19.27 -33.22 -6.54
C ASP B 327 18.03 -32.45 -6.11
N ALA B 328 18.12 -31.74 -4.98
CA ALA B 328 16.96 -31.03 -4.45
C ALA B 328 16.60 -29.85 -5.33
N LYS B 329 17.54 -28.91 -5.50
CA LYS B 329 17.28 -27.70 -6.27
C LYS B 329 16.57 -28.01 -7.58
N PHE B 330 17.18 -28.86 -8.40
CA PHE B 330 16.56 -29.26 -9.65
C PHE B 330 15.16 -29.80 -9.43
N PHE B 331 14.97 -30.53 -8.33
CA PHE B 331 13.65 -31.09 -8.04
C PHE B 331 12.64 -29.99 -7.81
N GLY B 332 13.00 -28.98 -7.03
CA GLY B 332 12.07 -27.88 -6.80
C GLY B 332 11.76 -27.11 -8.07
N VAL B 333 12.78 -26.89 -8.90
CA VAL B 333 12.57 -26.18 -10.16
C VAL B 333 11.60 -26.95 -11.04
N ILE B 334 11.81 -28.26 -11.15
CA ILE B 334 10.88 -29.10 -11.92
C ILE B 334 9.50 -29.04 -11.30
N ALA B 335 9.43 -28.98 -9.97
CA ALA B 335 8.13 -28.96 -9.30
C ALA B 335 7.37 -27.69 -9.65
N MET B 336 8.07 -26.56 -9.74
CA MET B 336 7.42 -25.30 -10.10
C MET B 336 6.97 -25.32 -11.56
N PHE B 337 7.90 -25.63 -12.47
CA PHE B 337 7.54 -25.74 -13.87
C PHE B 337 6.36 -26.69 -14.07
N GLY B 338 6.28 -27.74 -13.27
CA GLY B 338 5.18 -28.68 -13.36
C GLY B 338 3.90 -28.13 -12.76
N ALA B 339 4.03 -27.37 -11.67
CA ALA B 339 2.87 -26.70 -11.11
C ALA B 339 2.16 -25.88 -12.16
N ILE B 340 2.91 -25.32 -13.09
CA ILE B 340 2.27 -24.57 -14.17
C ILE B 340 1.88 -25.47 -15.35
N ALA B 341 2.75 -26.41 -15.73
CA ALA B 341 2.47 -27.26 -16.88
C ALA B 341 1.21 -28.08 -16.66
N VAL B 342 0.95 -28.50 -15.42
CA VAL B 342 -0.22 -29.32 -15.14
C VAL B 342 -1.49 -28.48 -15.24
N MET B 343 -1.43 -27.24 -14.76
CA MET B 343 -2.55 -26.33 -14.97
C MET B 343 -2.83 -26.14 -16.45
N ALA B 344 -1.78 -26.15 -17.26
CA ALA B 344 -1.98 -26.04 -18.70
C ALA B 344 -2.55 -27.33 -19.28
N LEU B 345 -2.16 -28.48 -18.73
CA LEU B 345 -2.61 -29.77 -19.24
C LEU B 345 -4.02 -30.13 -18.81
N ALA B 346 -4.56 -29.44 -17.81
CA ALA B 346 -5.89 -29.72 -17.27
C ALA B 346 -6.90 -30.22 -18.29
N PRO B 347 -7.15 -29.48 -19.38
CA PRO B 347 -8.27 -29.84 -20.27
C PRO B 347 -8.19 -31.26 -20.81
N TRP B 348 -7.04 -31.90 -20.72
CA TRP B 348 -6.87 -33.29 -21.12
C TRP B 348 -6.73 -34.23 -19.94
N LEU B 349 -6.95 -33.73 -18.72
CA LEU B 349 -6.97 -34.55 -17.52
C LEU B 349 -8.38 -34.74 -16.97
N ASP B 350 -9.22 -33.72 -17.03
CA ASP B 350 -10.59 -33.82 -16.56
C ASP B 350 -11.37 -34.72 -17.52
N THR B 351 -11.61 -35.96 -17.11
CA THR B 351 -12.29 -36.94 -17.95
C THR B 351 -13.79 -36.96 -17.64
N SER B 352 -14.40 -35.80 -17.82
CA SER B 352 -15.82 -35.62 -17.55
C SER B 352 -16.51 -35.11 -18.80
N LYS B 353 -17.61 -35.76 -19.18
CA LYS B 353 -18.48 -35.26 -20.24
C LYS B 353 -19.54 -34.33 -19.65
N VAL B 354 -19.07 -33.40 -18.83
CA VAL B 354 -19.92 -32.49 -18.08
C VAL B 354 -19.23 -31.13 -18.09
N ARG B 355 -19.81 -30.17 -17.38
CA ARG B 355 -19.38 -28.78 -17.43
C ARG B 355 -19.57 -28.15 -16.07
N SER B 356 -19.76 -26.83 -16.01
CA SER B 356 -19.61 -26.03 -14.82
C SER B 356 -19.95 -26.75 -13.52
N GLY B 357 -19.04 -26.65 -12.56
CA GLY B 357 -19.19 -27.26 -11.25
C GLY B 357 -20.38 -26.79 -10.46
N ALA B 358 -21.19 -25.87 -10.99
CA ALA B 358 -22.46 -25.56 -10.36
C ALA B 358 -23.38 -26.77 -10.32
N TYR B 359 -23.00 -27.86 -10.98
CA TYR B 359 -23.74 -29.12 -10.95
C TYR B 359 -22.82 -30.29 -10.63
N ARG B 360 -21.77 -30.03 -9.85
CA ARG B 360 -20.82 -31.07 -9.44
C ARG B 360 -20.33 -30.74 -8.05
N PRO B 361 -21.01 -31.24 -7.02
CA PRO B 361 -20.71 -30.80 -5.63
C PRO B 361 -19.30 -31.10 -5.16
N LYS B 362 -18.92 -32.38 -5.24
CA LYS B 362 -17.57 -32.76 -4.84
C LYS B 362 -16.53 -31.85 -5.47
N PHE B 363 -16.74 -31.51 -6.73
CA PHE B 363 -15.85 -30.56 -7.40
C PHE B 363 -15.88 -29.22 -6.71
N ARG B 364 -17.05 -28.77 -6.25
CA ARG B 364 -17.11 -27.51 -5.53
C ARG B 364 -16.22 -27.54 -4.30
N MET B 365 -16.34 -28.60 -3.50
CA MET B 365 -15.55 -28.69 -2.29
C MET B 365 -14.07 -28.68 -2.61
N TRP B 366 -13.64 -29.55 -3.53
CA TRP B 366 -12.23 -29.61 -3.89
C TRP B 366 -11.74 -28.26 -4.41
N PHE B 367 -12.59 -27.55 -5.15
CA PHE B 367 -12.16 -26.29 -5.75
C PHE B 367 -11.98 -25.21 -4.70
N TRP B 368 -12.88 -25.14 -3.73
CA TRP B 368 -12.72 -24.18 -2.65
C TRP B 368 -11.48 -24.51 -1.82
N PHE B 369 -11.21 -25.81 -1.63
CA PHE B 369 -9.95 -26.19 -1.00
C PHE B 369 -8.77 -25.71 -1.81
N LEU B 370 -8.89 -25.72 -3.14
CA LEU B 370 -7.80 -25.26 -4.00
C LEU B 370 -7.57 -23.77 -3.84
N VAL B 371 -8.65 -22.99 -3.79
CA VAL B 371 -8.53 -21.55 -3.57
C VAL B 371 -7.85 -21.28 -2.24
N LEU B 372 -8.27 -21.99 -1.20
CA LEU B 372 -7.63 -21.86 0.10
C LEU B 372 -6.15 -22.21 0.02
N ASP B 373 -5.81 -23.25 -0.74
CA ASP B 373 -4.40 -23.62 -0.90
C ASP B 373 -3.62 -22.51 -1.56
N PHE B 374 -4.19 -21.87 -2.57
CA PHE B 374 -3.53 -20.75 -3.21
C PHE B 374 -3.24 -19.64 -2.20
N VAL B 375 -4.26 -19.26 -1.43
CA VAL B 375 -4.07 -18.21 -0.44
C VAL B 375 -2.99 -18.61 0.57
N VAL B 376 -3.01 -19.86 1.01
CA VAL B 376 -2.04 -20.32 1.99
C VAL B 376 -0.63 -20.23 1.43
N LEU B 377 -0.43 -20.75 0.22
CA LEU B 377 0.88 -20.64 -0.41
C LEU B 377 1.32 -19.19 -0.50
N THR B 378 0.40 -18.29 -0.85
CA THR B 378 0.73 -16.88 -0.87
C THR B 378 1.25 -16.42 0.48
N TRP B 379 0.60 -16.85 1.56
CA TRP B 379 0.97 -16.42 2.89
C TRP B 379 2.24 -17.10 3.41
N VAL B 380 2.63 -18.22 2.82
CA VAL B 380 3.73 -19.01 3.35
C VAL B 380 5.07 -18.62 2.74
N GLY B 381 5.08 -18.22 1.47
CA GLY B 381 6.33 -17.82 0.83
C GLY B 381 7.04 -16.70 1.54
N ALA B 382 6.32 -15.97 2.40
CA ALA B 382 6.90 -14.85 3.13
C ALA B 382 7.49 -15.27 4.47
N MET B 383 7.05 -16.39 5.02
CA MET B 383 7.46 -16.82 6.34
C MET B 383 8.64 -17.78 6.24
N PRO B 384 9.52 -17.80 7.24
CA PRO B 384 10.74 -18.62 7.14
C PRO B 384 10.44 -20.09 6.92
N THR B 385 11.51 -20.84 6.64
CA THR B 385 11.43 -22.27 6.40
C THR B 385 11.53 -23.07 7.70
N GLU B 386 11.33 -22.43 8.85
CA GLU B 386 11.39 -23.12 10.12
C GLU B 386 10.04 -23.78 10.41
N TYR B 387 10.10 -24.85 11.18
CA TYR B 387 8.88 -25.51 11.63
C TYR B 387 7.90 -24.47 12.17
N PRO B 388 6.59 -24.62 11.94
CA PRO B 388 5.90 -25.70 11.23
C PRO B 388 5.66 -25.41 9.75
N TYR B 389 6.07 -24.22 9.30
CA TYR B 389 5.71 -23.77 7.96
C TYR B 389 6.13 -24.75 6.88
N ASP B 390 7.18 -25.54 7.13
CA ASP B 390 7.63 -26.49 6.12
C ASP B 390 6.56 -27.54 5.83
N TRP B 391 5.98 -28.12 6.88
CA TRP B 391 4.93 -29.10 6.70
C TRP B 391 3.76 -28.48 5.95
N ILE B 392 3.41 -27.24 6.28
CA ILE B 392 2.30 -26.55 5.63
C ILE B 392 2.56 -26.43 4.13
N SER B 393 3.75 -25.92 3.78
CA SER B 393 4.06 -25.73 2.37
C SER B 393 4.05 -27.06 1.63
N LEU B 394 4.59 -28.11 2.24
CA LEU B 394 4.60 -29.41 1.59
C LEU B 394 3.18 -29.90 1.36
N ILE B 395 2.33 -29.78 2.37
CA ILE B 395 0.93 -30.22 2.24
C ILE B 395 0.26 -29.46 1.09
N ALA B 396 0.46 -28.14 1.04
CA ALA B 396 -0.23 -27.34 0.06
C ALA B 396 0.21 -27.68 -1.36
N SER B 397 1.52 -27.79 -1.57
CA SER B 397 2.00 -28.17 -2.90
C SER B 397 1.49 -29.54 -3.28
N THR B 398 1.51 -30.49 -2.34
CA THR B 398 1.02 -31.82 -2.62
C THR B 398 -0.44 -31.78 -3.02
N TYR B 399 -1.24 -30.95 -2.37
CA TYR B 399 -2.66 -30.88 -2.73
C TYR B 399 -2.85 -30.26 -4.10
N TRP B 400 -2.09 -29.21 -4.40
CA TRP B 400 -2.16 -28.63 -5.74
C TRP B 400 -1.95 -29.70 -6.81
N PHE B 401 -0.84 -30.42 -6.70
CA PHE B 401 -0.54 -31.45 -7.68
C PHE B 401 -1.59 -32.55 -7.67
N ALA B 402 -2.07 -32.93 -6.49
CA ALA B 402 -3.06 -33.99 -6.38
C ALA B 402 -4.34 -33.60 -7.10
N TYR B 403 -4.88 -32.43 -6.77
CA TYR B 403 -6.04 -31.92 -7.47
C TYR B 403 -5.81 -32.12 -8.95
N PHE B 404 -4.83 -31.40 -9.49
CA PHE B 404 -4.74 -31.29 -10.94
C PHE B 404 -4.40 -32.60 -11.63
N LEU B 405 -3.84 -33.58 -10.92
CA LEU B 405 -3.48 -34.85 -11.55
C LEU B 405 -4.54 -35.93 -11.35
N VAL B 406 -4.91 -36.23 -10.11
CA VAL B 406 -5.77 -37.35 -9.81
C VAL B 406 -7.22 -36.92 -9.61
N ILE B 407 -7.47 -35.77 -8.97
CA ILE B 407 -8.82 -35.52 -8.47
C ILE B 407 -9.81 -35.42 -9.62
N LEU B 408 -9.40 -34.80 -10.72
CA LEU B 408 -10.34 -34.51 -11.79
C LEU B 408 -10.77 -35.79 -12.51
N PRO B 409 -9.85 -36.71 -12.80
CA PRO B 409 -10.27 -38.00 -13.36
C PRO B 409 -11.30 -38.74 -12.51
N LEU B 410 -11.04 -38.89 -11.21
CA LEU B 410 -11.98 -39.59 -10.34
C LEU B 410 -13.36 -38.95 -10.39
N LEU B 411 -13.40 -37.62 -10.37
CA LEU B 411 -14.68 -36.93 -10.49
C LEU B 411 -15.34 -37.26 -11.83
N GLY B 412 -14.62 -37.03 -12.92
CA GLY B 412 -15.17 -37.32 -14.23
C GLY B 412 -15.72 -38.72 -14.32
N ALA B 413 -15.20 -39.61 -13.47
CA ALA B 413 -15.74 -40.96 -13.40
C ALA B 413 -17.05 -41.01 -12.64
N THR B 414 -17.07 -40.51 -11.40
CA THR B 414 -18.18 -40.73 -10.48
C THR B 414 -18.73 -39.42 -9.91
N GLU B 415 -19.03 -38.46 -10.77
CA GLU B 415 -19.44 -37.12 -10.34
C GLU B 415 -20.62 -36.59 -11.17
N LYS B 416 -21.72 -37.35 -11.25
CA LYS B 416 -22.93 -36.87 -11.93
C LYS B 416 -24.20 -37.12 -11.12
N PRO B 417 -24.24 -36.70 -9.85
CA PRO B 417 -25.51 -36.61 -9.12
C PRO B 417 -26.18 -35.23 -9.18
N GLU B 418 -26.39 -34.71 -10.39
CA GLU B 418 -27.04 -33.40 -10.53
C GLU B 418 -27.85 -33.29 -11.81
N PRO B 419 -29.01 -32.63 -11.75
CA PRO B 419 -29.81 -32.39 -12.97
C PRO B 419 -29.30 -31.17 -13.72
N ILE B 420 -28.72 -31.40 -14.90
CA ILE B 420 -28.14 -30.33 -15.70
C ILE B 420 -29.26 -29.43 -16.22
N PRO B 421 -29.02 -28.14 -16.39
CA PRO B 421 -30.07 -27.24 -16.89
C PRO B 421 -30.03 -27.11 -18.41
N ALA B 422 -31.22 -27.17 -19.00
CA ALA B 422 -31.40 -26.92 -20.42
C ALA B 422 -31.84 -25.48 -20.62
N SER B 423 -32.02 -25.08 -21.88
CA SER B 423 -32.67 -23.83 -22.21
C SER B 423 -31.91 -22.65 -21.58
N ILE B 424 -30.72 -22.39 -22.12
CA ILE B 424 -29.83 -21.34 -21.63
C ILE B 424 -30.62 -20.05 -21.38
N GLU B 425 -31.81 -19.95 -21.97
CA GLU B 425 -32.76 -18.93 -21.55
C GLU B 425 -33.33 -19.33 -20.19
N GLU B 426 -32.66 -18.93 -19.12
CA GLU B 426 -33.06 -19.28 -17.75
C GLU B 426 -33.87 -18.13 -17.18
N ASP B 427 -35.14 -18.09 -17.57
CA ASP B 427 -36.09 -17.10 -17.05
C ASP B 427 -36.69 -17.66 -15.77
N PHE B 428 -35.96 -17.47 -14.67
CA PHE B 428 -36.38 -17.97 -13.38
C PHE B 428 -37.02 -16.86 -12.55
N PRO C 26 -1.63 10.27 22.95
CA PRO C 26 -1.22 8.89 22.64
C PRO C 26 -0.11 8.51 21.65
N ASP C 27 -0.48 8.08 20.44
CA ASP C 27 0.50 7.75 19.42
C ASP C 27 1.15 8.98 18.81
N HIS C 28 0.71 10.17 19.18
CA HIS C 28 1.30 11.42 18.67
C HIS C 28 1.26 11.43 17.15
N ALA C 29 0.07 11.22 16.60
CA ALA C 29 -0.12 11.26 15.17
C ALA C 29 0.30 12.61 14.61
N PHE C 30 0.83 12.61 13.40
CA PHE C 30 1.24 13.84 12.73
C PHE C 30 0.02 14.50 12.09
N SER C 31 0.27 15.55 11.30
CA SER C 31 -0.81 16.21 10.60
C SER C 31 -1.19 15.45 9.33
N PHE C 32 -0.20 15.00 8.57
CA PHE C 32 -0.43 14.34 7.30
C PHE C 32 -0.96 12.92 7.45
N GLU C 33 -1.05 12.39 8.66
CA GLU C 33 -1.47 11.01 8.88
C GLU C 33 -2.99 10.94 8.69
N GLY C 34 -3.40 10.84 7.43
CA GLY C 34 -4.81 10.69 7.13
C GLY C 34 -5.11 11.11 5.71
N ILE C 35 -6.41 11.25 5.44
CA ILE C 35 -6.90 11.68 4.13
C ILE C 35 -6.67 13.16 3.89
N PHE C 36 -6.15 13.88 4.87
CA PHE C 36 -5.88 15.31 4.75
C PHE C 36 -4.54 15.57 5.44
N GLY C 37 -4.26 16.83 5.75
CA GLY C 37 -3.07 17.15 6.50
C GLY C 37 -1.88 17.58 5.65
N LYS C 38 -2.07 18.64 4.88
CA LYS C 38 -1.03 19.08 3.95
C LYS C 38 0.15 19.74 4.65
N TYR C 39 0.89 18.98 5.45
CA TYR C 39 2.25 19.32 5.86
C TYR C 39 2.32 20.72 6.45
N ASP C 40 1.78 20.86 7.65
CA ASP C 40 1.89 22.10 8.41
C ASP C 40 3.33 22.62 8.34
N GLN C 41 3.48 23.83 7.79
CA GLN C 41 4.80 24.26 7.32
C GLN C 41 5.69 24.77 8.43
N ALA C 42 5.13 25.39 9.47
CA ALA C 42 5.96 25.83 10.58
C ALA C 42 6.73 24.66 11.18
N GLN C 43 6.07 23.52 11.31
CA GLN C 43 6.72 22.30 11.77
C GLN C 43 7.93 21.99 10.89
N LEU C 44 7.80 22.19 9.58
CA LEU C 44 8.88 21.85 8.68
C LEU C 44 10.02 22.86 8.76
N ARG C 45 9.70 24.13 8.96
CA ARG C 45 10.75 25.11 9.18
C ARG C 45 11.53 24.82 10.46
N ARG C 46 10.83 24.37 11.49
CA ARG C 46 11.52 23.97 12.71
C ARG C 46 12.41 22.76 12.46
N GLY C 47 11.89 21.76 11.75
CA GLY C 47 12.70 20.62 11.40
C GLY C 47 13.92 21.00 10.58
N PHE C 48 13.79 22.04 9.76
CA PHE C 48 14.93 22.49 8.97
C PHE C 48 15.97 23.17 9.85
N GLN C 49 15.53 24.01 10.77
CA GLN C 49 16.46 24.55 11.76
C GLN C 49 17.22 23.43 12.46
N VAL C 50 16.51 22.36 12.77
CA VAL C 50 17.13 21.21 13.44
C VAL C 50 18.08 20.40 12.56
N TYR C 51 17.65 20.07 11.35
CA TYR C 51 18.45 19.25 10.44
C TYR C 51 19.78 19.87 9.98
N ASN C 52 19.79 21.16 9.69
CA ASN C 52 20.99 21.83 9.20
C ASN C 52 22.01 22.13 10.32
N GLU C 53 21.54 22.14 11.55
CA GLU C 53 22.36 22.45 12.71
C GLU C 53 22.75 21.24 13.54
N VAL C 54 22.13 20.07 13.30
CA VAL C 54 22.37 18.87 14.09
C VAL C 54 22.66 17.70 13.15
N CYS C 55 21.65 17.25 12.41
CA CYS C 55 21.77 16.02 11.65
C CYS C 55 22.75 16.18 10.48
N SER C 56 22.88 17.39 9.93
CA SER C 56 23.73 17.59 8.76
C SER C 56 25.19 17.31 9.06
N ALA C 57 25.61 17.34 10.32
CA ALA C 57 27.00 17.09 10.68
C ALA C 57 27.47 15.72 10.23
N CYS C 58 26.58 14.74 10.21
CA CYS C 58 26.88 13.36 9.81
C CYS C 58 26.09 12.92 8.58
N HIS C 59 24.84 13.31 8.47
CA HIS C 59 23.93 12.81 7.43
C HIS C 59 23.88 13.77 6.25
N GLY C 60 23.34 13.28 5.13
CA GLY C 60 23.14 14.05 3.94
C GLY C 60 21.82 13.69 3.28
N MET C 61 21.49 14.45 2.23
CA MET C 61 20.25 14.27 1.48
C MET C 61 20.55 14.64 0.03
N LYS C 62 21.33 13.81 -0.66
CA LYS C 62 21.69 14.07 -2.04
C LYS C 62 20.46 14.08 -2.96
N PHE C 63 19.53 13.16 -2.71
CA PHE C 63 18.32 13.07 -3.51
C PHE C 63 17.40 14.27 -3.31
N VAL C 64 17.91 15.31 -2.66
CA VAL C 64 17.09 16.52 -2.43
C VAL C 64 17.66 17.85 -2.94
N PRO C 65 17.03 18.41 -4.00
CA PRO C 65 17.52 19.72 -4.44
C PRO C 65 17.19 20.81 -3.41
N ILE C 66 18.01 21.87 -3.34
CA ILE C 66 17.81 22.93 -2.37
C ILE C 66 16.67 23.83 -2.80
N ARG C 67 16.49 24.03 -4.10
CA ARG C 67 15.40 24.86 -4.59
C ARG C 67 14.03 24.40 -4.10
N THR C 68 13.93 23.15 -3.64
CA THR C 68 12.65 22.64 -3.16
C THR C 68 12.17 23.36 -1.91
N LEU C 69 13.04 24.13 -1.27
CA LEU C 69 12.67 24.91 -0.10
C LEU C 69 11.89 26.15 -0.45
N ALA C 70 11.55 26.30 -1.73
CA ALA C 70 10.64 27.33 -2.19
C ALA C 70 9.39 26.76 -2.84
N ASP C 71 9.47 25.56 -3.41
CA ASP C 71 8.31 24.92 -3.99
C ASP C 71 7.19 24.81 -2.96
N ASP C 72 5.95 24.93 -3.43
CA ASP C 72 4.81 24.86 -2.54
C ASP C 72 4.71 23.49 -1.88
N GLY C 73 3.82 23.40 -0.90
CA GLY C 73 3.56 22.14 -0.22
C GLY C 73 4.28 22.03 1.10
N GLY C 74 5.54 22.47 1.14
CA GLY C 74 6.34 22.36 2.32
C GLY C 74 6.81 23.71 2.82
N PRO C 75 8.09 23.83 3.18
CA PRO C 75 8.59 25.14 3.59
C PRO C 75 8.70 26.08 2.41
N GLN C 76 7.79 27.05 2.33
CA GLN C 76 7.80 28.02 1.26
C GLN C 76 8.71 29.20 1.60
N LEU C 77 9.96 28.89 1.90
CA LEU C 77 10.93 29.89 2.33
C LEU C 77 11.13 30.94 1.23
N ASP C 78 11.85 31.99 1.60
CA ASP C 78 12.16 33.06 0.66
C ASP C 78 13.36 32.67 -0.20
N PRO C 79 13.23 32.66 -1.53
CA PRO C 79 14.34 32.23 -2.40
C PRO C 79 15.70 32.80 -2.04
N THR C 80 15.75 34.10 -1.73
CA THR C 80 17.04 34.73 -1.43
C THR C 80 17.73 34.03 -0.26
N PHE C 81 16.98 33.74 0.80
CA PHE C 81 17.55 32.98 1.90
C PHE C 81 18.05 31.62 1.44
N VAL C 82 17.37 31.03 0.44
CA VAL C 82 17.79 29.74 -0.07
C VAL C 82 19.15 29.86 -0.75
N ARG C 83 19.32 30.88 -1.58
CA ARG C 83 20.61 31.08 -2.24
C ARG C 83 21.70 31.34 -1.22
N GLU C 84 21.41 32.14 -0.20
CA GLU C 84 22.39 32.40 0.86
C GLU C 84 22.79 31.10 1.55
N TYR C 85 21.80 30.35 2.03
CA TYR C 85 22.08 29.10 2.74
C TYR C 85 22.83 28.12 1.86
N ALA C 86 22.57 28.14 0.55
CA ALA C 86 23.28 27.27 -0.36
C ALA C 86 24.75 27.67 -0.45
N ALA C 87 25.01 28.94 -0.77
CA ALA C 87 26.39 29.41 -0.84
C ALA C 87 27.13 29.20 0.47
N GLY C 88 26.41 29.11 1.59
CA GLY C 88 27.05 28.88 2.87
C GLY C 88 27.35 27.43 3.20
N LEU C 89 27.11 26.51 2.27
CA LEU C 89 27.33 25.10 2.50
C LEU C 89 28.69 24.68 1.93
N ASP C 90 28.94 23.37 1.90
CA ASP C 90 30.18 22.83 1.38
C ASP C 90 30.32 23.15 -0.10
N THR C 91 31.44 22.77 -0.70
CA THR C 91 31.76 23.09 -2.09
C THR C 91 31.57 21.85 -2.94
N ILE C 92 30.60 21.90 -3.84
CA ILE C 92 30.39 20.85 -4.83
C ILE C 92 31.06 21.33 -6.11
N ILE C 93 32.07 20.59 -6.57
CA ILE C 93 33.07 21.18 -7.46
C ILE C 93 32.49 21.53 -8.83
N ASP C 94 32.10 20.53 -9.61
CA ASP C 94 31.65 20.76 -10.98
C ASP C 94 31.34 19.44 -11.65
N LYS C 95 30.82 19.49 -12.88
CA LYS C 95 30.72 18.30 -13.72
C LYS C 95 31.51 18.40 -15.02
N ASP C 96 31.86 19.60 -15.46
CA ASP C 96 32.60 19.80 -16.71
C ASP C 96 34.04 20.20 -16.47
N SER C 97 34.29 21.21 -15.65
CA SER C 97 35.64 21.72 -15.39
C SER C 97 35.90 21.61 -13.89
N GLY C 98 36.83 20.76 -13.50
CA GLY C 98 37.13 20.57 -12.10
C GLY C 98 37.57 21.85 -11.44
N GLU C 99 36.68 22.44 -10.64
CA GLU C 99 36.97 23.67 -9.94
C GLU C 99 35.90 23.93 -8.87
N GLU C 100 36.33 24.14 -7.63
CA GLU C 100 35.40 24.34 -6.53
C GLU C 100 34.54 25.58 -6.74
N ARG C 101 33.27 25.33 -7.05
CA ARG C 101 32.34 26.39 -7.31
C ARG C 101 31.72 26.94 -6.04
N ASP C 102 30.75 27.81 -6.24
CA ASP C 102 30.02 28.49 -5.17
C ASP C 102 28.78 27.72 -4.72
N ARG C 103 28.57 26.52 -5.24
CA ARG C 103 27.42 25.67 -4.87
C ARG C 103 26.00 26.26 -5.01
N LYS C 104 25.62 26.57 -6.25
CA LYS C 104 24.30 27.14 -6.55
C LYS C 104 23.16 26.19 -6.16
N GLU C 105 22.02 26.79 -5.80
CA GLU C 105 20.82 26.06 -5.32
C GLU C 105 20.49 24.90 -6.25
N THR C 106 20.71 25.03 -7.57
CA THR C 106 20.33 23.99 -8.52
C THR C 106 20.99 22.66 -8.17
N ASP C 107 22.12 22.70 -7.49
CA ASP C 107 22.77 21.48 -7.03
C ASP C 107 21.95 20.85 -5.91
N MET C 108 22.43 19.73 -5.40
CA MET C 108 21.76 18.99 -4.36
C MET C 108 22.45 19.19 -3.02
N PHE C 109 21.75 18.82 -1.96
CA PHE C 109 22.32 18.88 -0.62
C PHE C 109 23.60 18.06 -0.62
N PRO C 110 24.53 18.32 0.28
CA PRO C 110 25.79 17.59 0.29
C PRO C 110 25.59 16.15 0.73
N THR C 111 26.71 15.42 0.80
CA THR C 111 26.70 14.01 1.18
C THR C 111 27.83 13.75 2.17
N ARG C 112 27.47 13.27 3.35
CA ARG C 112 28.43 12.78 4.32
C ARG C 112 28.46 11.26 4.19
N VAL C 113 29.65 10.72 3.94
CA VAL C 113 29.80 9.37 3.41
C VAL C 113 30.41 8.41 4.43
N GLY C 114 31.55 8.76 5.01
CA GLY C 114 32.26 7.82 5.86
C GLY C 114 33.07 8.43 6.97
N ASP C 115 33.84 7.59 7.67
CA ASP C 115 34.69 8.00 8.77
C ASP C 115 33.84 8.61 9.90
N GLY C 116 32.97 7.77 10.45
CA GLY C 116 32.11 8.21 11.53
C GLY C 116 30.82 8.85 11.09
N MET C 117 30.38 8.59 9.86
CA MET C 117 29.20 9.20 9.29
C MET C 117 28.16 8.14 8.98
N GLY C 118 26.97 8.60 8.60
CA GLY C 118 25.84 7.71 8.43
C GLY C 118 25.25 7.75 7.04
N PRO C 119 24.11 7.08 6.87
CA PRO C 119 23.47 6.96 5.56
C PRO C 119 22.82 8.27 5.13
N ASP C 120 22.11 8.20 4.00
CA ASP C 120 21.41 9.35 3.45
C ASP C 120 19.96 9.31 3.90
N LEU C 121 19.45 10.46 4.34
CA LEU C 121 18.10 10.56 4.87
C LEU C 121 17.09 11.04 3.84
N SER C 122 17.44 10.95 2.55
CA SER C 122 16.55 11.43 1.51
C SER C 122 15.20 10.71 1.58
N VAL C 123 15.24 9.38 1.68
CA VAL C 123 14.03 8.58 1.62
C VAL C 123 13.96 7.61 2.79
N MET C 124 14.65 7.94 3.88
CA MET C 124 14.62 7.07 5.05
C MET C 124 13.23 6.99 5.65
N ALA C 125 12.35 7.93 5.34
CA ALA C 125 10.98 7.92 5.82
C ALA C 125 10.11 6.92 5.07
N LYS C 126 10.65 6.27 4.04
CA LYS C 126 9.94 5.23 3.31
C LYS C 126 10.61 3.87 3.37
N ALA C 127 11.90 3.82 3.70
CA ALA C 127 12.64 2.58 3.83
C ALA C 127 12.43 1.90 5.19
N ARG C 128 11.40 2.30 5.92
CA ARG C 128 11.11 1.70 7.21
C ARG C 128 9.64 1.35 7.34
N GLY C 147 5.56 2.87 10.87
CA GLY C 147 4.91 3.51 9.74
C GLY C 147 5.76 4.57 9.09
N GLY C 148 7.07 4.49 9.32
CA GLY C 148 8.01 5.43 8.75
C GLY C 148 8.43 6.50 9.74
N PRO C 149 7.88 7.70 9.61
CA PRO C 149 8.26 8.78 10.54
C PRO C 149 8.13 8.40 11.99
N GLU C 150 7.16 7.57 12.35
CA GLU C 150 7.06 7.11 13.73
C GLU C 150 8.31 6.35 14.14
N TYR C 151 8.94 5.64 13.20
CA TYR C 151 10.21 4.99 13.49
C TYR C 151 11.26 6.01 13.89
N ILE C 152 11.37 7.10 13.13
CA ILE C 152 12.37 8.12 13.43
C ILE C 152 12.07 8.77 14.77
N TYR C 153 10.80 9.07 15.03
CA TYR C 153 10.43 9.69 16.30
C TYR C 153 10.79 8.78 17.46
N ASN C 154 10.29 7.55 17.45
CA ASN C 154 10.53 6.60 18.52
C ASN C 154 11.96 6.06 18.53
N TYR C 155 12.78 6.45 17.56
CA TYR C 155 14.19 6.09 17.53
C TYR C 155 15.05 7.19 18.14
N VAL C 156 14.98 8.39 17.58
CA VAL C 156 15.57 9.57 18.20
C VAL C 156 15.14 9.60 19.66
N ILE C 157 13.84 9.39 19.88
CA ILE C 157 13.34 9.19 21.24
C ILE C 157 13.77 7.79 21.68
N GLY C 158 14.63 7.73 22.68
CA GLY C 158 15.13 6.48 23.21
C GLY C 158 16.60 6.29 22.95
N PHE C 159 17.39 6.66 23.96
CA PHE C 159 18.81 6.34 24.01
C PHE C 159 19.23 6.06 25.44
N GLU C 160 18.30 5.59 26.26
CA GLU C 160 18.49 5.54 27.70
C GLU C 160 19.71 4.71 28.05
N GLU C 161 20.12 4.80 29.31
CA GLU C 161 21.33 4.13 29.75
C GLU C 161 21.20 2.62 29.53
N ASN C 162 22.34 1.95 29.65
CA ASN C 162 22.36 0.51 29.43
C ASN C 162 21.54 -0.18 30.52
N PRO C 163 20.79 -1.22 30.19
CA PRO C 163 19.89 -1.84 31.17
C PRO C 163 20.63 -2.63 32.23
N GLU C 164 19.90 -3.30 33.12
CA GLU C 164 20.52 -4.09 34.18
C GLU C 164 20.73 -5.54 33.73
N CYS C 165 21.35 -5.69 32.56
CA CYS C 165 21.82 -6.98 32.08
C CYS C 165 23.26 -6.83 31.59
N ALA C 166 23.61 -5.64 31.14
CA ALA C 166 24.94 -5.34 30.63
C ALA C 166 25.26 -3.88 30.87
N PRO C 167 25.26 -3.42 32.12
CA PRO C 167 25.47 -1.99 32.38
C PRO C 167 26.78 -1.46 31.83
N GLU C 168 27.82 -2.28 31.78
CA GLU C 168 29.07 -1.84 31.17
C GLU C 168 28.86 -1.42 29.72
N GLY C 169 28.04 -2.16 28.99
CA GLY C 169 27.72 -1.82 27.62
C GLY C 169 28.82 -2.18 26.63
N ILE C 170 29.15 -1.24 25.75
CA ILE C 170 30.17 -1.46 24.74
C ILE C 170 30.92 -0.14 24.52
N ASP C 171 32.18 -0.28 24.09
CA ASP C 171 33.03 0.87 23.81
C ASP C 171 32.83 1.32 22.37
N GLY C 172 32.37 2.56 22.20
CA GLY C 172 32.15 3.12 20.89
C GLY C 172 30.75 2.92 20.34
N TYR C 173 29.95 2.05 20.96
CA TYR C 173 28.57 1.83 20.57
C TYR C 173 27.66 2.28 21.70
N TYR C 174 26.51 2.84 21.32
CA TYR C 174 25.54 3.34 22.28
C TYR C 174 24.20 2.65 22.04
N TYR C 175 23.36 2.69 23.08
CA TYR C 175 22.18 1.85 23.17
C TYR C 175 20.93 2.60 22.73
N ASN C 176 20.04 1.90 22.05
CA ASN C 176 18.74 2.43 21.66
C ASN C 176 17.67 1.38 21.93
N LYS C 177 16.51 1.84 22.37
CA LYS C 177 15.40 0.96 22.70
C LYS C 177 14.53 0.57 21.51
N THR C 178 14.76 1.17 20.35
CA THR C 178 13.93 0.82 19.18
C THR C 178 14.60 0.35 17.92
N PHE C 179 15.88 0.65 17.75
CA PHE C 179 16.57 0.19 16.57
C PHE C 179 16.56 -1.32 16.70
N GLN C 180 16.23 -2.04 15.65
CA GLN C 180 16.24 -3.50 15.78
C GLN C 180 17.34 -4.20 15.00
N ILE C 181 18.17 -3.45 14.26
CA ILE C 181 19.16 -4.10 13.41
C ILE C 181 20.58 -3.95 13.95
N GLY C 182 20.74 -3.84 15.27
CA GLY C 182 22.04 -3.69 15.89
C GLY C 182 22.47 -4.93 16.65
N GLY C 183 23.74 -4.94 17.02
CA GLY C 183 24.29 -6.05 17.79
C GLY C 183 23.73 -6.04 19.21
N VAL C 184 23.89 -7.18 19.88
CA VAL C 184 23.45 -7.35 21.26
C VAL C 184 24.52 -8.18 21.98
N PRO C 185 24.93 -7.84 23.22
CA PRO C 185 25.90 -8.70 23.91
C PRO C 185 25.32 -10.08 24.19
N ASP C 186 26.21 -11.05 24.34
CA ASP C 186 25.79 -12.41 24.65
C ASP C 186 25.07 -12.47 26.00
N THR C 187 25.39 -11.55 26.90
CA THR C 187 24.72 -11.51 28.20
C THR C 187 23.23 -11.23 28.09
N CYS C 188 22.79 -10.57 27.01
CA CYS C 188 21.39 -10.21 26.83
C CYS C 188 20.64 -11.14 25.89
N LYS C 189 21.33 -12.05 25.19
CA LYS C 189 20.65 -12.99 24.30
C LYS C 189 20.09 -14.16 25.09
N ASP C 190 19.06 -14.79 24.52
CA ASP C 190 18.43 -15.94 25.15
C ASP C 190 19.20 -17.21 24.79
N ALA C 191 18.59 -18.38 24.98
CA ALA C 191 19.30 -19.63 24.76
C ALA C 191 19.54 -19.92 23.28
N ALA C 192 18.80 -19.27 22.38
CA ALA C 192 18.88 -19.54 20.94
C ALA C 192 19.10 -18.25 20.15
N GLY C 193 19.96 -17.36 20.68
CA GLY C 193 20.43 -16.23 19.92
C GLY C 193 19.53 -15.01 19.88
N VAL C 194 18.27 -15.14 20.28
CA VAL C 194 17.34 -14.02 20.24
C VAL C 194 17.64 -13.07 21.40
N LYS C 195 17.47 -11.77 21.16
CA LYS C 195 17.76 -10.76 22.16
C LYS C 195 16.59 -10.59 23.12
N ILE C 196 16.90 -10.36 24.40
CA ILE C 196 15.92 -10.07 25.42
C ILE C 196 15.65 -8.58 25.59
N THR C 197 16.35 -7.72 24.86
CA THR C 197 16.15 -6.28 24.92
C THR C 197 15.10 -5.85 23.89
N HIS C 198 14.45 -4.72 24.17
CA HIS C 198 13.46 -4.19 23.24
C HIS C 198 14.12 -3.79 21.92
N GLY C 199 15.20 -3.01 22.00
CA GLY C 199 15.93 -2.57 20.82
C GLY C 199 17.30 -3.21 20.72
N SER C 200 18.30 -2.43 20.36
CA SER C 200 19.66 -2.95 20.20
C SER C 200 20.62 -1.76 20.24
N TRP C 201 21.89 -2.03 19.94
CA TRP C 201 22.95 -1.04 20.04
C TRP C 201 23.19 -0.42 18.68
N ALA C 202 23.02 0.91 18.60
CA ALA C 202 23.17 1.67 17.37
C ALA C 202 24.46 2.47 17.44
N ARG C 203 25.09 2.68 16.28
CA ARG C 203 26.33 3.43 16.18
C ARG C 203 26.14 4.93 16.22
N MET C 204 24.90 5.43 16.31
CA MET C 204 24.66 6.87 16.35
C MET C 204 24.64 7.34 17.80
N PRO C 205 25.34 8.46 18.05
CA PRO C 205 25.11 8.95 19.41
C PRO C 205 23.83 9.74 19.63
N PRO C 206 23.54 10.07 20.90
CA PRO C 206 22.33 10.82 21.20
C PRO C 206 22.48 12.12 20.45
N PRO C 207 21.46 12.48 19.68
CA PRO C 207 21.63 13.69 18.90
C PRO C 207 21.29 14.93 19.69
N LEU C 208 20.32 14.87 20.59
CA LEU C 208 19.97 16.10 21.32
C LEU C 208 19.83 16.01 22.84
N VAL C 209 20.06 17.15 23.49
CA VAL C 209 19.94 17.29 24.93
C VAL C 209 18.60 17.96 25.26
N ASP C 210 18.48 18.54 26.45
CA ASP C 210 17.25 19.19 26.90
C ASP C 210 16.80 20.43 26.10
N ASP C 211 17.74 21.31 25.75
CA ASP C 211 17.44 22.53 25.00
C ASP C 211 18.59 22.85 24.07
N GLN C 212 18.73 22.05 23.03
CA GLN C 212 19.82 22.18 22.07
C GLN C 212 19.79 23.45 21.20
N VAL C 213 18.60 23.84 20.75
CA VAL C 213 18.48 25.02 19.89
C VAL C 213 17.26 25.87 20.20
N THR C 214 17.28 27.13 19.71
CA THR C 214 16.17 28.03 19.92
C THR C 214 15.30 28.11 18.67
N TYR C 215 14.00 28.26 18.89
CA TYR C 215 13.04 28.47 17.81
C TYR C 215 12.72 29.97 17.71
N GLU C 216 12.81 30.50 16.50
CA GLU C 216 12.56 31.93 16.32
C GLU C 216 11.09 32.26 16.53
N ASP C 217 10.19 31.35 16.17
CA ASP C 217 8.76 31.63 16.30
C ASP C 217 8.36 31.74 17.76
N GLY C 218 9.06 31.06 18.65
CA GLY C 218 8.71 31.04 20.05
C GLY C 218 7.99 29.76 20.41
N THR C 219 8.71 28.81 21.01
CA THR C 219 8.15 27.50 21.29
C THR C 219 9.12 26.72 22.19
N PRO C 220 8.61 25.93 23.14
CA PRO C 220 9.52 25.13 23.96
C PRO C 220 10.26 24.09 23.14
N ALA C 221 11.56 24.27 22.99
CA ALA C 221 12.36 23.41 22.12
C ALA C 221 12.88 22.18 22.85
N THR C 222 11.99 21.45 23.51
CA THR C 222 12.41 20.21 24.14
C THR C 222 12.73 19.16 23.08
N VAL C 223 13.18 18.00 23.55
CA VAL C 223 13.65 16.97 22.63
C VAL C 223 12.50 16.40 21.81
N ASP C 224 11.33 16.24 22.43
CA ASP C 224 10.21 15.59 21.75
C ASP C 224 9.72 16.43 20.57
N GLN C 225 9.56 17.73 20.78
CA GLN C 225 9.10 18.60 19.70
C GLN C 225 10.09 18.60 18.54
N MET C 226 11.38 18.67 18.86
CA MET C 226 12.40 18.63 17.81
C MET C 226 12.33 17.32 17.04
N ALA C 227 12.13 16.20 17.75
CA ALA C 227 12.04 14.91 17.07
C ALA C 227 10.87 14.88 16.11
N GLN C 228 9.69 15.30 16.58
CA GLN C 228 8.52 15.35 15.71
C GLN C 228 8.80 16.22 14.49
N ASP C 229 9.37 17.40 14.72
CA ASP C 229 9.59 18.35 13.63
C ASP C 229 10.54 17.77 12.59
N VAL C 230 11.65 17.18 13.04
CA VAL C 230 12.62 16.65 12.08
C VAL C 230 12.05 15.45 11.36
N SER C 231 11.22 14.64 12.04
CA SER C 231 10.56 13.54 11.36
C SER C 231 9.69 14.06 10.23
N ALA C 232 8.92 15.12 10.49
CA ALA C 232 8.10 15.69 9.44
C ALA C 232 8.96 16.24 8.31
N PHE C 233 10.08 16.87 8.63
CA PHE C 233 10.97 17.39 7.60
C PHE C 233 11.48 16.27 6.70
N LEU C 234 11.87 15.14 7.30
CA LEU C 234 12.36 14.03 6.50
C LEU C 234 11.24 13.46 5.64
N MET C 235 10.04 13.35 6.20
CA MET C 235 8.92 12.89 5.39
C MET C 235 8.68 13.80 4.20
N TRP C 236 8.85 15.11 4.40
CA TRP C 236 8.81 16.03 3.27
C TRP C 236 9.87 15.67 2.25
N ALA C 237 11.12 15.60 2.71
CA ALA C 237 12.23 15.30 1.83
C ALA C 237 11.98 14.03 1.02
N ALA C 238 11.18 13.11 1.55
CA ALA C 238 10.89 11.87 0.86
C ALA C 238 9.63 11.97 -0.01
N GLU C 239 8.53 12.49 0.55
CA GLU C 239 7.28 12.64 -0.17
C GLU C 239 6.90 14.12 -0.20
N PRO C 240 7.45 14.89 -1.14
CA PRO C 240 7.09 16.31 -1.24
C PRO C 240 5.74 16.54 -1.89
N LYS C 241 5.32 15.60 -2.74
CA LYS C 241 4.10 15.72 -3.53
C LYS C 241 2.94 15.00 -2.89
N LEU C 242 2.87 15.04 -1.56
CA LEU C 242 1.82 14.36 -0.81
C LEU C 242 0.47 15.04 -1.01
N VAL C 243 0.42 16.36 -0.78
CA VAL C 243 -0.85 17.07 -0.83
C VAL C 243 -1.47 16.96 -2.22
N ALA C 244 -0.64 17.08 -3.26
CA ALA C 244 -1.15 16.89 -4.62
C ALA C 244 -1.71 15.49 -4.78
N ARG C 245 -1.05 14.50 -4.19
CA ARG C 245 -1.57 13.14 -4.18
C ARG C 245 -2.99 13.11 -3.63
N LYS C 246 -3.17 13.70 -2.44
CA LYS C 246 -4.48 13.63 -1.79
C LYS C 246 -5.55 14.36 -2.61
N GLN C 247 -5.21 15.52 -3.15
CA GLN C 247 -6.19 16.28 -3.93
C GLN C 247 -6.57 15.53 -5.20
N MET C 248 -5.59 14.94 -5.89
CA MET C 248 -5.90 14.10 -7.04
C MET C 248 -6.80 12.94 -6.65
N GLY C 249 -6.50 12.30 -5.53
CA GLY C 249 -7.34 11.20 -5.08
C GLY C 249 -8.77 11.61 -4.86
N LEU C 250 -8.96 12.76 -4.21
CA LEU C 250 -10.32 13.27 -4.00
C LEU C 250 -11.02 13.50 -5.33
N VAL C 251 -10.39 14.28 -6.21
CA VAL C 251 -11.00 14.61 -7.50
C VAL C 251 -11.39 13.34 -8.24
N ALA C 252 -10.49 12.36 -8.26
CA ALA C 252 -10.72 11.15 -9.04
C ALA C 252 -11.82 10.30 -8.42
N MET C 253 -11.78 10.11 -7.10
CA MET C 253 -12.86 9.40 -6.44
C MET C 253 -14.20 10.02 -6.81
N VAL C 254 -14.28 11.34 -6.79
CA VAL C 254 -15.55 12.01 -7.07
C VAL C 254 -15.99 11.75 -8.51
N MET C 255 -15.12 12.06 -9.47
CA MET C 255 -15.49 11.93 -10.87
C MET C 255 -15.86 10.49 -11.21
N LEU C 256 -15.13 9.52 -10.66
CA LEU C 256 -15.40 8.14 -10.97
C LEU C 256 -16.66 7.63 -10.29
N GLY C 257 -16.95 8.09 -9.07
CA GLY C 257 -18.23 7.78 -8.48
C GLY C 257 -19.38 8.30 -9.32
N LEU C 258 -19.23 9.51 -9.85
CA LEU C 258 -20.26 10.06 -10.72
C LEU C 258 -20.44 9.21 -11.97
N LEU C 259 -19.34 8.94 -12.67
CA LEU C 259 -19.40 8.10 -13.87
C LEU C 259 -20.04 6.75 -13.57
N SER C 260 -19.66 6.14 -12.45
CA SER C 260 -20.17 4.81 -12.11
C SER C 260 -21.65 4.86 -11.80
N VAL C 261 -22.12 5.92 -11.13
CA VAL C 261 -23.55 6.04 -10.86
C VAL C 261 -24.31 6.16 -12.17
N MET C 262 -23.83 7.01 -13.07
CA MET C 262 -24.51 7.19 -14.35
C MET C 262 -24.55 5.88 -15.14
N LEU C 263 -23.45 5.13 -15.12
CA LEU C 263 -23.44 3.85 -15.82
C LEU C 263 -24.39 2.85 -15.15
N TYR C 264 -24.51 2.90 -13.83
CA TYR C 264 -25.46 2.02 -13.16
C TYR C 264 -26.88 2.33 -13.59
N LEU C 265 -27.22 3.61 -13.68
CA LEU C 265 -28.55 3.99 -14.15
C LEU C 265 -28.77 3.49 -15.58
N THR C 266 -27.79 3.69 -16.45
CA THR C 266 -27.92 3.24 -17.83
C THR C 266 -28.12 1.73 -17.90
N ASN C 267 -27.39 0.98 -17.08
CA ASN C 267 -27.53 -0.47 -17.05
C ASN C 267 -28.92 -0.88 -16.57
N LYS C 268 -29.33 -0.35 -15.42
CA LYS C 268 -30.66 -0.64 -14.90
C LYS C 268 -31.73 -0.37 -15.95
N ARG C 269 -31.53 0.69 -16.75
CA ARG C 269 -32.50 1.00 -17.79
C ARG C 269 -32.48 -0.05 -18.89
N LEU C 270 -31.34 -0.21 -19.55
CA LEU C 270 -31.24 -1.13 -20.68
C LEU C 270 -31.75 -2.51 -20.32
N TRP C 271 -31.38 -3.00 -19.14
CA TRP C 271 -31.76 -4.34 -18.72
C TRP C 271 -33.13 -4.40 -18.07
N ALA C 272 -33.96 -3.38 -18.27
CA ALA C 272 -35.27 -3.37 -17.62
C ALA C 272 -36.25 -4.34 -18.29
N PRO C 273 -36.48 -4.30 -19.60
CA PRO C 273 -37.50 -5.16 -20.20
C PRO C 273 -37.19 -6.65 -20.11
N TYR C 274 -36.04 -7.00 -19.54
CA TYR C 274 -35.65 -8.40 -19.36
C TYR C 274 -35.60 -8.83 -17.91
N LYS C 275 -35.92 -7.95 -16.97
CA LYS C 275 -35.90 -8.26 -15.55
C LYS C 275 -37.11 -7.64 -14.86
N GLY C 276 -38.28 -7.76 -15.47
CA GLY C 276 -39.48 -7.14 -14.95
C GLY C 276 -40.56 -8.10 -14.53
N HIS C 277 -40.66 -9.24 -15.23
CA HIS C 277 -41.68 -10.23 -14.91
C HIS C 277 -41.29 -11.11 -13.73
N LYS C 278 -39.99 -11.28 -13.48
CA LYS C 278 -39.50 -12.09 -12.38
C LYS C 278 -39.12 -11.24 -11.17
N SER D 2 -13.40 -16.85 -60.26
CA SER D 2 -13.11 -15.51 -59.78
C SER D 2 -12.69 -15.39 -58.31
N GLY D 3 -11.63 -14.62 -58.08
CA GLY D 3 -11.08 -14.46 -56.74
C GLY D 3 -11.06 -15.75 -55.95
N ILE D 4 -10.72 -16.86 -56.60
CA ILE D 4 -10.74 -18.19 -55.97
C ILE D 4 -9.98 -18.15 -54.66
N PRO D 5 -10.66 -18.22 -53.51
CA PRO D 5 -9.93 -18.28 -52.23
C PRO D 5 -9.45 -19.69 -51.91
N HIS D 6 -10.24 -20.69 -52.27
CA HIS D 6 -9.90 -22.10 -52.06
C HIS D 6 -9.49 -22.34 -50.60
N ASP D 7 -10.47 -22.16 -49.72
CA ASP D 7 -10.22 -22.22 -48.28
C ASP D 7 -9.59 -23.53 -47.82
N HIS D 8 -9.50 -24.54 -48.69
CA HIS D 8 -8.98 -25.88 -48.42
C HIS D 8 -10.01 -26.74 -47.69
N TYR D 9 -11.15 -26.18 -47.27
CA TYR D 9 -12.26 -26.92 -46.69
C TYR D 9 -11.87 -27.70 -45.45
N GLU D 10 -10.65 -27.51 -44.93
CA GLU D 10 -10.17 -28.24 -43.77
C GLU D 10 -10.41 -29.73 -43.95
N PRO D 11 -10.15 -30.28 -45.14
CA PRO D 11 -10.33 -31.72 -45.37
C PRO D 11 -9.07 -32.56 -45.23
N LYS D 12 -7.95 -31.97 -44.82
CA LYS D 12 -6.69 -32.70 -44.77
C LYS D 12 -6.80 -33.92 -43.88
N THR D 13 -7.04 -33.71 -42.59
CA THR D 13 -7.05 -34.79 -41.61
C THR D 13 -7.63 -34.27 -40.30
N GLY D 14 -7.51 -35.07 -39.24
CA GLY D 14 -8.04 -34.66 -37.96
C GLY D 14 -7.35 -33.43 -37.41
N ILE D 15 -6.07 -33.25 -37.71
CA ILE D 15 -5.36 -32.05 -37.25
C ILE D 15 -5.98 -30.82 -37.90
N GLU D 16 -6.17 -30.86 -39.22
CA GLU D 16 -6.79 -29.74 -39.93
C GLU D 16 -8.27 -29.62 -39.67
N LYS D 17 -8.86 -30.53 -38.88
CA LYS D 17 -10.27 -30.46 -38.52
C LYS D 17 -10.48 -29.94 -37.11
N TRP D 18 -9.58 -30.29 -36.17
CA TRP D 18 -9.63 -29.72 -34.84
C TRP D 18 -9.14 -28.27 -34.83
N LEU D 19 -8.44 -27.85 -35.88
CA LEU D 19 -8.07 -26.46 -36.04
C LEU D 19 -9.25 -25.56 -36.35
N HIS D 20 -10.47 -26.11 -36.34
CA HIS D 20 -11.69 -25.32 -36.42
C HIS D 20 -11.95 -24.51 -35.15
N ASP D 21 -11.06 -24.58 -34.16
CA ASP D 21 -11.13 -23.72 -32.98
C ASP D 21 -10.50 -22.36 -33.26
N ARG D 22 -9.26 -22.36 -33.76
CA ARG D 22 -8.58 -21.15 -34.24
C ARG D 22 -8.30 -21.34 -35.72
N LEU D 23 -8.97 -20.54 -36.54
CA LEU D 23 -8.91 -20.61 -38.00
C LEU D 23 -7.49 -20.47 -38.55
N PRO D 24 -6.53 -19.94 -37.77
CA PRO D 24 -5.33 -19.31 -38.36
C PRO D 24 -4.83 -19.86 -39.68
N ILE D 25 -4.65 -21.18 -39.80
CA ILE D 25 -4.08 -21.71 -41.04
C ILE D 25 -5.01 -21.43 -42.21
N VAL D 26 -6.32 -21.38 -41.96
CA VAL D 26 -7.28 -21.02 -43.00
C VAL D 26 -6.90 -19.66 -43.59
N GLY D 27 -6.66 -18.68 -42.73
CA GLY D 27 -6.28 -17.37 -43.18
C GLY D 27 -5.06 -17.42 -44.08
N LEU D 28 -3.96 -17.91 -43.52
CA LEU D 28 -2.71 -18.00 -44.27
C LEU D 28 -2.94 -18.62 -45.64
N VAL D 29 -3.40 -19.86 -45.67
CA VAL D 29 -3.54 -20.57 -46.94
C VAL D 29 -4.47 -19.81 -47.87
N TYR D 30 -5.73 -19.66 -47.47
CA TYR D 30 -6.73 -19.13 -48.39
C TYR D 30 -6.36 -17.75 -48.92
N ASP D 31 -5.67 -16.94 -48.14
CA ASP D 31 -5.54 -15.53 -48.48
C ASP D 31 -4.12 -15.09 -48.74
N THR D 32 -3.20 -15.32 -47.79
CA THR D 32 -1.92 -14.64 -47.79
C THR D 32 -0.83 -15.44 -48.48
N ILE D 33 -1.16 -16.58 -49.07
CA ILE D 33 -0.17 -17.41 -49.75
C ILE D 33 -0.66 -17.69 -51.15
N MET D 34 -1.87 -18.19 -51.28
CA MET D 34 -2.46 -18.48 -52.58
C MET D 34 -3.36 -17.32 -53.01
N ILE D 35 -2.75 -16.14 -53.09
CA ILE D 35 -3.44 -14.94 -53.57
C ILE D 35 -3.16 -14.82 -55.07
N PRO D 36 -4.16 -15.03 -55.93
CA PRO D 36 -3.92 -14.92 -57.37
C PRO D 36 -3.29 -13.61 -57.79
N THR D 37 -2.07 -13.68 -58.33
CA THR D 37 -1.40 -12.51 -58.86
C THR D 37 -1.16 -12.69 -60.35
N PRO D 38 -1.27 -11.62 -61.15
CA PRO D 38 -1.11 -11.75 -62.59
C PRO D 38 0.25 -12.32 -62.98
N LYS D 39 0.36 -12.68 -64.25
CA LYS D 39 1.61 -13.17 -64.81
C LYS D 39 2.51 -12.04 -65.31
N ASN D 40 1.96 -10.86 -65.53
CA ASN D 40 2.64 -9.78 -66.23
C ASN D 40 3.55 -8.96 -65.33
N LEU D 41 4.01 -9.53 -64.22
CA LEU D 41 4.78 -8.77 -63.24
C LEU D 41 6.25 -8.70 -63.63
N ASN D 42 6.77 -7.49 -63.72
CA ASN D 42 8.19 -7.24 -63.92
C ASN D 42 8.92 -7.31 -62.59
N TRP D 43 10.17 -6.85 -62.60
CA TRP D 43 11.03 -6.89 -61.43
C TRP D 43 10.84 -5.71 -60.50
N TRP D 44 9.83 -4.88 -60.74
CA TRP D 44 9.55 -3.74 -59.88
C TRP D 44 8.57 -4.06 -58.77
N TRP D 45 7.96 -5.25 -58.78
CA TRP D 45 7.00 -5.66 -57.76
C TRP D 45 7.65 -6.53 -56.68
N ILE D 46 8.93 -6.33 -56.40
CA ILE D 46 9.63 -7.12 -55.40
C ILE D 46 9.89 -6.27 -54.17
N TRP D 47 10.03 -4.96 -54.36
CA TRP D 47 10.55 -4.10 -53.32
C TRP D 47 9.70 -4.10 -52.05
N GLY D 48 8.46 -4.58 -52.10
CA GLY D 48 7.69 -4.70 -50.88
C GLY D 48 8.23 -5.79 -49.97
N ILE D 49 8.62 -6.91 -50.55
CA ILE D 49 9.29 -7.96 -49.77
C ILE D 49 10.58 -7.42 -49.19
N VAL D 50 11.32 -6.64 -49.99
CA VAL D 50 12.55 -6.02 -49.51
C VAL D 50 12.25 -5.14 -48.30
N LEU D 51 11.18 -4.35 -48.37
CA LEU D 51 10.87 -3.45 -47.27
C LEU D 51 10.48 -4.22 -46.02
N ALA D 52 9.67 -5.27 -46.17
CA ALA D 52 9.29 -6.06 -45.01
C ALA D 52 10.51 -6.68 -44.34
N PHE D 53 11.39 -7.28 -45.15
CA PHE D 53 12.58 -7.89 -44.58
C PHE D 53 13.47 -6.86 -43.92
N THR D 54 13.65 -5.71 -44.56
CA THR D 54 14.48 -4.65 -43.98
C THR D 54 13.91 -4.18 -42.67
N LEU D 55 12.58 -4.06 -42.57
CA LEU D 55 11.96 -3.65 -41.33
C LEU D 55 12.21 -4.66 -40.23
N VAL D 56 12.03 -5.94 -40.53
CA VAL D 56 12.33 -6.97 -39.55
C VAL D 56 13.79 -6.87 -39.11
N LEU D 57 14.69 -6.69 -40.07
CA LEU D 57 16.12 -6.60 -39.77
C LEU D 57 16.40 -5.45 -38.82
N GLN D 58 15.84 -4.28 -39.12
CA GLN D 58 16.08 -3.12 -38.28
C GLN D 58 15.54 -3.34 -36.88
N ILE D 59 14.32 -3.87 -36.78
CA ILE D 59 13.73 -4.10 -35.47
C ILE D 59 14.61 -5.03 -34.65
N VAL D 60 15.08 -6.11 -35.26
CA VAL D 60 15.90 -7.08 -34.55
C VAL D 60 17.20 -6.44 -34.08
N THR D 61 17.95 -5.87 -35.02
CA THR D 61 19.22 -5.26 -34.67
C THR D 61 19.05 -4.20 -33.60
N GLY D 62 17.96 -3.44 -33.65
CA GLY D 62 17.74 -2.43 -32.63
C GLY D 62 17.46 -3.02 -31.28
N ILE D 63 16.62 -4.05 -31.22
CA ILE D 63 16.37 -4.72 -29.95
C ILE D 63 17.67 -5.25 -29.38
N VAL D 64 18.63 -5.60 -30.23
CA VAL D 64 19.91 -6.07 -29.74
C VAL D 64 20.74 -4.90 -29.21
N LEU D 65 20.82 -3.83 -29.99
CA LEU D 65 21.64 -2.68 -29.58
C LEU D 65 21.15 -2.12 -28.25
N ALA D 66 19.85 -1.98 -28.08
CA ALA D 66 19.30 -1.42 -26.86
C ALA D 66 19.76 -2.16 -25.61
N MET D 67 20.30 -3.36 -25.76
CA MET D 67 20.89 -4.07 -24.64
C MET D 67 22.24 -3.53 -24.23
N HIS D 68 22.80 -2.58 -24.99
CA HIS D 68 24.09 -2.00 -24.69
C HIS D 68 24.11 -0.49 -24.81
N TYR D 69 23.11 0.12 -25.43
CA TYR D 69 23.05 1.57 -25.52
C TYR D 69 22.46 2.15 -24.25
N THR D 70 23.06 3.21 -23.76
CA THR D 70 22.64 3.88 -22.53
C THR D 70 22.19 5.30 -22.86
N PRO D 71 20.90 5.61 -22.84
CA PRO D 71 20.49 6.96 -23.19
C PRO D 71 20.85 7.99 -22.14
N HIS D 72 21.91 8.74 -22.42
CA HIS D 72 22.38 9.81 -21.55
C HIS D 72 23.52 10.50 -22.27
N VAL D 73 23.63 11.82 -22.05
CA VAL D 73 24.63 12.60 -22.75
C VAL D 73 26.03 12.14 -22.39
N ASP D 74 26.22 11.64 -21.18
CA ASP D 74 27.54 11.27 -20.69
C ASP D 74 27.92 9.83 -20.98
N LEU D 75 27.01 9.00 -21.49
CA LEU D 75 27.29 7.59 -21.65
C LEU D 75 26.76 7.01 -22.95
N ALA D 76 26.36 7.82 -23.91
CA ALA D 76 25.88 7.30 -25.18
C ALA D 76 27.03 6.93 -26.10
N PHE D 77 27.88 7.92 -26.41
CA PHE D 77 29.08 7.67 -27.20
C PHE D 77 29.87 6.50 -26.66
N ALA D 78 30.11 6.50 -25.35
CA ALA D 78 30.88 5.42 -24.72
C ALA D 78 30.20 4.08 -24.92
N SER D 79 28.87 4.04 -24.86
CA SER D 79 28.17 2.78 -25.05
C SER D 79 28.26 2.32 -26.49
N VAL D 80 28.21 3.24 -27.43
CA VAL D 80 28.35 2.90 -28.83
C VAL D 80 29.72 2.29 -29.09
N GLU D 81 30.75 2.84 -28.45
CA GLU D 81 32.09 2.26 -28.62
C GLU D 81 32.21 0.92 -27.91
N HIS D 82 31.61 0.81 -26.72
CA HIS D 82 31.49 -0.49 -26.07
C HIS D 82 30.93 -1.52 -27.03
N ILE D 83 29.91 -1.13 -27.79
CA ILE D 83 29.33 -2.02 -28.79
C ILE D 83 30.36 -2.36 -29.85
N MET D 84 30.88 -1.34 -30.53
CA MET D 84 31.75 -1.61 -31.69
C MET D 84 33.06 -2.27 -31.32
N ARG D 85 33.41 -2.37 -30.04
CA ARG D 85 34.67 -2.97 -29.64
C ARG D 85 34.50 -4.25 -28.85
N ASP D 86 33.76 -4.23 -27.73
CA ASP D 86 33.75 -5.36 -26.83
C ASP D 86 32.74 -6.42 -27.26
N VAL D 87 31.51 -6.01 -27.53
CA VAL D 87 30.41 -6.92 -27.83
C VAL D 87 30.78 -7.83 -28.98
N ASN D 88 30.23 -9.05 -28.96
CA ASN D 88 30.49 -10.05 -29.99
C ASN D 88 29.46 -9.87 -31.10
N GLY D 89 29.82 -9.05 -32.07
CA GLY D 89 29.02 -8.82 -33.26
C GLY D 89 28.85 -7.34 -33.54
N GLY D 90 28.57 -6.56 -32.50
CA GLY D 90 28.93 -5.16 -32.47
C GLY D 90 28.78 -4.41 -33.77
N TRP D 91 29.95 -4.08 -34.32
CA TRP D 91 30.08 -3.41 -35.60
C TRP D 91 29.06 -3.93 -36.59
N ALA D 92 28.85 -5.24 -36.61
CA ALA D 92 27.88 -5.82 -37.54
C ALA D 92 26.50 -5.23 -37.29
N MET D 93 26.02 -5.33 -36.05
CA MET D 93 24.69 -4.84 -35.73
C MET D 93 24.57 -3.35 -36.06
N ARG D 94 25.56 -2.56 -35.66
CA ARG D 94 25.46 -1.12 -35.84
C ARG D 94 25.45 -0.74 -37.32
N TYR D 95 26.40 -1.29 -38.09
CA TYR D 95 26.53 -1.03 -39.55
C TYR D 95 25.27 -1.54 -40.24
N ILE D 96 24.82 -2.75 -39.87
CA ILE D 96 23.56 -3.28 -40.47
C ILE D 96 22.41 -2.36 -40.04
N HIS D 97 22.40 -1.89 -38.79
CA HIS D 97 21.26 -1.01 -38.46
C HIS D 97 21.30 0.31 -39.25
N ALA D 98 22.43 1.02 -39.16
CA ALA D 98 22.63 2.34 -39.80
C ALA D 98 22.41 2.30 -41.32
N ASN D 99 23.05 1.39 -42.04
CA ASN D 99 23.00 1.30 -43.54
C ASN D 99 21.61 0.80 -44.01
N GLY D 100 21.02 -0.22 -43.34
CA GLY D 100 19.72 -0.77 -43.60
C GLY D 100 18.65 0.29 -43.60
N ALA D 101 18.81 1.32 -42.77
CA ALA D 101 17.94 2.49 -42.91
C ALA D 101 18.08 3.08 -44.30
N SER D 102 19.32 3.18 -44.77
CA SER D 102 19.54 3.72 -46.12
C SER D 102 18.82 2.87 -47.17
N LEU D 103 19.00 1.55 -47.10
CA LEU D 103 18.33 0.65 -48.03
C LEU D 103 16.83 0.76 -47.93
N PHE D 104 16.31 0.83 -46.70
CA PHE D 104 14.90 1.00 -46.44
C PHE D 104 14.35 2.17 -47.24
N PHE D 105 15.01 3.32 -47.14
CA PHE D 105 14.47 4.51 -47.80
C PHE D 105 14.64 4.44 -49.31
N LEU D 106 15.78 3.89 -49.76
CA LEU D 106 16.09 3.67 -51.19
C LEU D 106 14.97 2.82 -51.80
N ALA D 107 14.63 1.72 -51.12
CA ALA D 107 13.60 0.72 -51.52
C ALA D 107 12.22 1.36 -51.51
N VAL D 108 11.89 2.21 -50.52
CA VAL D 108 10.55 2.87 -50.50
C VAL D 108 10.47 3.83 -51.69
N TYR D 109 11.58 4.49 -52.07
CA TYR D 109 11.65 5.45 -53.21
C TYR D 109 11.26 4.74 -54.51
N ILE D 110 11.85 3.57 -54.77
CA ILE D 110 11.54 2.73 -55.92
C ILE D 110 10.14 2.13 -55.80
N HIS D 111 9.74 1.76 -54.58
CA HIS D 111 8.37 1.32 -54.32
C HIS D 111 7.37 2.41 -54.68
N ILE D 112 7.70 3.68 -54.37
CA ILE D 112 6.76 4.76 -54.59
C ILE D 112 6.74 5.17 -56.07
N PHE D 113 7.92 5.39 -56.66
CA PHE D 113 7.98 5.77 -58.06
C PHE D 113 7.47 4.67 -58.98
N ARG D 114 7.57 3.40 -58.57
CA ARG D 114 6.98 2.30 -59.40
C ARG D 114 5.48 2.62 -59.49
N GLY D 115 4.90 2.95 -58.33
CA GLY D 115 3.48 3.27 -58.14
C GLY D 115 2.98 4.43 -58.99
N LEU D 116 3.71 5.55 -58.99
CA LEU D 116 3.33 6.73 -59.77
C LEU D 116 3.27 6.41 -61.26
N TYR D 117 4.13 5.52 -61.73
CA TYR D 117 4.09 5.14 -63.15
C TYR D 117 2.86 4.32 -63.45
N TYR D 118 2.73 3.16 -62.83
CA TYR D 118 1.66 2.21 -63.16
C TYR D 118 0.38 2.50 -62.36
N GLY D 119 -0.01 3.76 -62.31
CA GLY D 119 -1.30 4.16 -61.77
C GLY D 119 -1.77 3.40 -60.53
N SER D 120 -0.85 3.06 -59.64
CA SER D 120 -1.24 2.35 -58.44
C SER D 120 -1.97 3.23 -57.43
N TYR D 121 -1.85 4.54 -57.57
CA TYR D 121 -2.64 5.47 -56.77
C TYR D 121 -4.03 5.66 -57.33
N LYS D 122 -4.22 5.46 -58.63
CA LYS D 122 -5.53 5.58 -59.23
C LYS D 122 -6.51 4.66 -58.54
N ALA D 123 -7.79 5.00 -58.63
CA ALA D 123 -8.82 4.16 -58.07
C ALA D 123 -8.71 2.76 -58.66
N PRO D 124 -9.13 1.73 -57.92
CA PRO D 124 -9.68 1.73 -56.56
C PRO D 124 -8.64 1.45 -55.48
N ARG D 125 -7.51 2.14 -55.52
CA ARG D 125 -6.38 1.86 -54.64
C ARG D 125 -5.95 3.13 -53.92
N GLU D 126 -6.90 3.84 -53.32
CA GLU D 126 -6.60 5.05 -52.58
C GLU D 126 -6.11 4.76 -51.17
N ILE D 127 -6.75 3.81 -50.50
CA ILE D 127 -6.42 3.53 -49.11
C ILE D 127 -4.96 3.10 -48.98
N THR D 128 -4.49 2.26 -49.90
CA THR D 128 -3.09 1.85 -49.87
C THR D 128 -2.19 3.07 -49.93
N TRP D 129 -2.51 4.01 -50.81
CA TRP D 129 -1.69 5.21 -50.95
C TRP D 129 -1.67 6.03 -49.66
N ILE D 130 -2.85 6.25 -49.09
CA ILE D 130 -2.94 7.01 -47.83
C ILE D 130 -2.09 6.35 -46.76
N VAL D 131 -2.27 5.05 -46.58
CA VAL D 131 -1.53 4.32 -45.56
C VAL D 131 -0.03 4.41 -45.82
N GLY D 132 0.36 4.37 -47.09
CA GLY D 132 1.78 4.43 -47.41
C GLY D 132 2.38 5.77 -47.08
N MET D 133 1.66 6.85 -47.33
CA MET D 133 2.17 8.18 -46.96
C MET D 133 2.26 8.31 -45.44
N VAL D 134 1.26 7.81 -44.73
CA VAL D 134 1.31 7.81 -43.27
C VAL D 134 2.57 7.09 -42.81
N ILE D 135 2.83 5.91 -43.36
CA ILE D 135 4.02 5.16 -43.00
C ILE D 135 5.26 6.00 -43.27
N TYR D 136 5.45 6.41 -44.52
CA TYR D 136 6.58 7.26 -44.87
C TYR D 136 6.85 8.32 -43.81
N LEU D 137 5.78 9.01 -43.38
CA LEU D 137 5.96 10.02 -42.33
C LEU D 137 6.52 9.39 -41.06
N LEU D 138 5.91 8.29 -40.61
CA LEU D 138 6.35 7.66 -39.37
C LEU D 138 7.81 7.27 -39.44
N MET D 139 8.22 6.67 -40.55
CA MET D 139 9.58 6.18 -40.69
C MET D 139 10.60 7.30 -40.84
N MET D 140 10.22 8.41 -41.49
CA MET D 140 11.08 9.58 -41.49
C MET D 140 11.31 10.08 -40.06
N GLY D 141 10.22 10.26 -39.31
CA GLY D 141 10.37 10.68 -37.93
C GLY D 141 11.21 9.73 -37.11
N THR D 142 11.04 8.43 -37.37
CA THR D 142 11.83 7.42 -36.67
C THR D 142 13.31 7.59 -36.95
N ALA D 143 13.69 7.54 -38.22
CA ALA D 143 15.09 7.71 -38.59
C ALA D 143 15.68 8.98 -38.01
N PHE D 144 14.88 10.05 -37.95
CA PHE D 144 15.36 11.29 -37.37
C PHE D 144 15.64 11.12 -35.89
N MET D 145 14.67 10.61 -35.13
CA MET D 145 14.89 10.33 -33.72
C MET D 145 16.10 9.45 -33.50
N GLY D 146 16.43 8.60 -34.46
CA GLY D 146 17.48 7.64 -34.28
C GLY D 146 18.87 8.18 -34.56
N TYR D 147 19.00 9.00 -35.59
CA TYR D 147 20.27 9.63 -35.89
C TYR D 147 20.77 10.44 -34.71
N VAL D 148 19.91 10.75 -33.74
CA VAL D 148 20.31 11.57 -32.61
C VAL D 148 20.99 10.76 -31.52
N LEU D 149 20.64 9.48 -31.40
CA LEU D 149 21.03 8.73 -30.21
C LEU D 149 22.53 8.65 -30.00
N PRO D 150 23.38 8.53 -31.02
CA PRO D 150 24.82 8.45 -30.76
C PRO D 150 25.40 9.68 -30.10
N TRP D 151 24.65 10.76 -29.99
CA TRP D 151 25.12 12.00 -29.40
C TRP D 151 26.47 12.41 -29.98
N GLY D 152 26.60 12.29 -31.29
CA GLY D 152 27.77 12.80 -31.95
C GLY D 152 27.68 14.31 -32.08
N GLN D 153 28.20 14.84 -33.17
CA GLN D 153 28.11 16.27 -33.43
C GLN D 153 27.00 16.62 -34.40
N MET D 154 26.77 15.80 -35.42
CA MET D 154 25.71 16.06 -36.37
C MET D 154 24.34 15.84 -35.74
N SER D 155 24.23 14.83 -34.88
CA SER D 155 23.03 14.62 -34.10
C SER D 155 22.49 15.91 -33.51
N PHE D 156 23.32 16.55 -32.67
CA PHE D 156 22.89 17.75 -31.96
C PHE D 156 22.30 18.78 -32.91
N TRP D 157 23.02 19.13 -33.96
CA TRP D 157 22.63 20.26 -34.78
C TRP D 157 21.48 19.93 -35.71
N GLY D 158 21.46 18.71 -36.26
CA GLY D 158 20.28 18.27 -36.99
C GLY D 158 19.03 18.38 -36.14
N ALA D 159 19.10 17.88 -34.91
CA ALA D 159 17.96 18.03 -34.00
C ALA D 159 17.62 19.50 -33.80
N THR D 160 18.63 20.31 -33.55
CA THR D 160 18.42 21.74 -33.31
C THR D 160 17.58 22.36 -34.42
N VAL D 161 17.98 22.16 -35.68
CA VAL D 161 17.31 22.84 -36.77
C VAL D 161 15.95 22.23 -37.04
N ILE D 162 15.87 20.90 -37.04
CA ILE D 162 14.63 20.23 -37.41
C ILE D 162 13.64 20.29 -36.26
N THR D 163 14.05 20.93 -35.16
CA THR D 163 13.12 21.33 -34.12
C THR D 163 12.83 22.82 -34.13
N GLY D 164 13.78 23.64 -34.57
CA GLY D 164 13.49 25.05 -34.78
C GLY D 164 12.42 25.25 -35.83
N LEU D 165 12.29 24.31 -36.76
CA LEU D 165 11.18 24.35 -37.70
C LEU D 165 9.86 24.56 -36.97
N PHE D 166 9.52 23.62 -36.09
CA PHE D 166 8.26 23.72 -35.35
C PHE D 166 8.13 25.05 -34.62
N GLY D 167 9.24 25.69 -34.29
CA GLY D 167 9.21 26.98 -33.63
C GLY D 167 9.07 28.15 -34.56
N ALA D 168 9.31 27.94 -35.86
CA ALA D 168 9.15 29.02 -36.82
C ALA D 168 7.74 29.58 -36.79
N ILE D 169 6.74 28.71 -36.84
CA ILE D 169 5.34 29.12 -36.93
C ILE D 169 5.02 30.07 -35.79
N PRO D 170 4.01 30.93 -35.92
CA PRO D 170 3.75 31.94 -34.90
C PRO D 170 2.73 31.48 -33.87
N GLY D 171 2.78 32.07 -32.69
CA GLY D 171 1.80 31.79 -31.64
C GLY D 171 2.01 30.51 -30.88
N ILE D 172 2.21 29.40 -31.58
CA ILE D 172 2.30 28.09 -30.94
C ILE D 172 3.58 27.39 -31.37
N GLY D 173 4.60 28.16 -31.72
CA GLY D 173 5.86 27.61 -32.17
C GLY D 173 6.78 27.30 -31.01
N PRO D 174 7.09 28.32 -30.21
CA PRO D 174 7.99 28.09 -29.07
C PRO D 174 7.43 27.10 -28.07
N SER D 175 6.12 27.14 -27.84
CA SER D 175 5.51 26.20 -26.91
C SER D 175 5.73 24.76 -27.37
N ILE D 176 5.44 24.49 -28.65
CA ILE D 176 5.64 23.15 -29.19
C ILE D 176 7.11 22.77 -29.14
N GLN D 177 7.99 23.71 -29.50
CA GLN D 177 9.42 23.46 -29.45
C GLN D 177 9.85 23.00 -28.07
N ALA D 178 9.43 23.74 -27.04
CA ALA D 178 9.83 23.39 -25.67
C ALA D 178 9.19 22.08 -25.24
N TRP D 179 7.94 21.84 -25.63
CA TRP D 179 7.26 20.62 -25.26
C TRP D 179 7.86 19.40 -25.93
N LEU D 180 8.54 19.60 -27.05
CA LEU D 180 9.15 18.51 -27.79
C LEU D 180 10.59 18.25 -27.34
N LEU D 181 11.35 19.31 -27.09
CA LEU D 181 12.72 19.15 -26.63
C LEU D 181 12.83 18.88 -25.15
N GLY D 182 11.72 18.94 -24.42
CA GLY D 182 11.78 18.83 -22.97
C GLY D 182 12.35 20.04 -22.29
N GLY D 183 12.62 21.11 -23.04
CA GLY D 183 13.20 22.31 -22.49
C GLY D 183 13.47 23.33 -23.56
N PRO D 184 14.14 24.43 -23.19
CA PRO D 184 14.46 25.46 -24.19
C PRO D 184 15.35 24.94 -25.30
N ALA D 185 16.38 24.16 -24.97
CA ALA D 185 17.27 23.61 -25.96
C ALA D 185 17.46 22.12 -25.77
N VAL D 186 18.39 21.54 -26.51
CA VAL D 186 18.57 20.09 -26.55
C VAL D 186 19.42 19.64 -25.37
N ASP D 187 19.05 18.52 -24.77
CA ASP D 187 19.75 17.95 -23.62
C ASP D 187 19.24 16.53 -23.43
N ASN D 188 19.59 15.92 -22.29
CA ASN D 188 19.30 14.50 -22.08
C ASN D 188 17.82 14.20 -22.21
N ALA D 189 16.95 15.14 -21.81
CA ALA D 189 15.52 14.90 -21.88
C ALA D 189 15.09 14.56 -23.31
N THR D 190 15.54 15.39 -24.26
CA THR D 190 15.31 15.09 -25.67
C THR D 190 15.80 13.70 -26.02
N LEU D 191 16.95 13.31 -25.49
CA LEU D 191 17.52 12.01 -25.79
C LEU D 191 16.61 10.89 -25.32
N ASN D 192 16.10 10.99 -24.11
CA ASN D 192 15.21 9.97 -23.58
C ASN D 192 13.93 9.88 -24.41
N ARG D 193 13.30 11.02 -24.67
CA ARG D 193 12.12 11.03 -25.53
C ARG D 193 12.40 10.30 -26.83
N PHE D 194 13.50 10.67 -27.49
CA PHE D 194 13.79 10.13 -28.80
C PHE D 194 14.05 8.64 -28.74
N PHE D 195 14.78 8.18 -27.72
CA PHE D 195 15.03 6.75 -27.58
C PHE D 195 13.73 5.98 -27.43
N SER D 196 12.87 6.43 -26.52
CA SER D 196 11.61 5.74 -26.30
C SER D 196 10.79 5.68 -27.58
N LEU D 197 10.66 6.88 -28.12
CA LEU D 197 9.82 7.02 -29.29
C LEU D 197 10.39 6.13 -30.41
N HIS D 198 11.71 6.25 -30.60
CA HIS D 198 12.44 5.49 -31.61
C HIS D 198 12.32 4.00 -31.40
N TYR D 199 12.13 3.60 -30.14
CA TYR D 199 11.99 2.15 -29.82
C TYR D 199 10.52 1.70 -29.87
N LEU D 200 9.58 2.62 -30.12
CA LEU D 200 8.13 2.32 -30.16
C LEU D 200 7.52 2.40 -31.57
N LEU D 201 7.84 3.40 -32.41
CA LEU D 201 7.11 3.54 -33.66
C LEU D 201 7.17 2.34 -34.58
N PRO D 202 8.30 1.65 -34.73
CA PRO D 202 8.35 0.48 -35.63
C PRO D 202 7.17 -0.49 -35.50
N PHE D 203 6.64 -0.64 -34.29
CA PHE D 203 5.51 -1.54 -34.12
C PHE D 203 4.25 -0.95 -34.73
N VAL D 204 4.03 0.35 -34.55
CA VAL D 204 2.96 1.04 -35.24
C VAL D 204 3.11 0.86 -36.75
N ILE D 205 4.34 0.95 -37.24
CA ILE D 205 4.60 0.75 -38.67
C ILE D 205 4.20 -0.65 -39.08
N ALA D 206 4.53 -1.66 -38.26
CA ALA D 206 4.16 -3.03 -38.59
C ALA D 206 2.66 -3.19 -38.69
N ALA D 207 1.93 -2.62 -37.74
CA ALA D 207 0.47 -2.68 -37.78
C ALA D 207 -0.06 -2.05 -39.06
N LEU D 208 0.47 -0.85 -39.38
CA LEU D 208 0.09 -0.05 -40.57
C LEU D 208 0.43 -0.86 -41.81
N VAL D 209 1.50 -1.65 -41.76
CA VAL D 209 1.94 -2.58 -42.82
C VAL D 209 0.90 -3.70 -42.87
N ALA D 210 0.32 -4.04 -41.72
CA ALA D 210 -0.76 -5.04 -41.57
C ALA D 210 -1.94 -4.59 -42.44
N ILE D 211 -2.38 -3.35 -42.24
CA ILE D 211 -3.46 -2.73 -43.01
C ILE D 211 -3.02 -2.53 -44.46
N HIS D 212 -1.74 -2.16 -44.66
CA HIS D 212 -1.19 -2.05 -46.00
C HIS D 212 -1.34 -3.36 -46.77
N ILE D 213 -1.07 -4.48 -46.10
CA ILE D 213 -1.14 -5.77 -46.77
C ILE D 213 -2.59 -6.23 -46.89
N TRP D 214 -3.44 -5.88 -45.92
CA TRP D 214 -4.87 -6.27 -45.93
C TRP D 214 -5.55 -5.62 -47.14
N ALA D 215 -5.30 -4.32 -47.36
CA ALA D 215 -5.85 -3.50 -48.45
C ALA D 215 -5.58 -4.12 -49.84
N PHE D 216 -4.31 -4.26 -50.24
CA PHE D 216 -3.96 -4.75 -51.58
C PHE D 216 -4.14 -6.25 -51.72
N HIS D 217 -4.62 -6.95 -50.69
CA HIS D 217 -5.12 -8.30 -50.88
C HIS D 217 -6.60 -8.29 -51.19
N THR D 218 -7.30 -7.29 -50.66
CA THR D 218 -8.73 -7.12 -50.92
C THR D 218 -8.86 -6.44 -52.27
N THR D 219 -7.88 -5.60 -52.59
CA THR D 219 -7.82 -4.89 -53.87
C THR D 219 -6.66 -5.50 -54.63
N GLY D 220 -6.92 -5.93 -55.85
CA GLY D 220 -5.92 -6.58 -56.67
C GLY D 220 -4.65 -5.81 -57.00
N ASN D 221 -3.52 -6.51 -56.92
CA ASN D 221 -2.21 -5.97 -57.25
C ASN D 221 -2.18 -5.34 -58.65
N ASN D 222 -1.53 -4.19 -58.74
CA ASN D 222 -1.71 -3.30 -59.88
C ASN D 222 -1.50 -3.77 -61.30
N ASN D 223 -0.40 -4.50 -61.58
CA ASN D 223 -0.05 -5.12 -62.90
C ASN D 223 0.56 -4.05 -63.88
N PRO D 224 1.45 -4.45 -64.80
CA PRO D 224 1.96 -3.44 -65.73
C PRO D 224 0.87 -2.79 -66.59
N THR D 225 -0.27 -3.45 -66.76
CA THR D 225 -1.36 -2.91 -67.56
C THR D 225 -2.57 -2.34 -66.80
N GLY D 226 -3.29 -1.47 -67.50
CA GLY D 226 -4.49 -0.78 -67.08
C GLY D 226 -5.66 -1.72 -67.04
N VAL D 227 -5.41 -2.95 -66.59
CA VAL D 227 -6.39 -4.02 -66.64
C VAL D 227 -6.41 -4.77 -65.32
N GLU D 228 -7.52 -5.44 -65.07
CA GLU D 228 -7.75 -6.23 -63.87
C GLU D 228 -7.73 -7.70 -64.23
N VAL D 229 -7.94 -8.54 -63.21
CA VAL D 229 -7.72 -9.98 -63.35
C VAL D 229 -8.93 -10.65 -63.99
N ARG D 230 -9.91 -9.85 -64.42
CA ARG D 230 -11.05 -10.37 -65.18
C ARG D 230 -11.78 -11.46 -64.40
N ARG D 231 -12.34 -11.06 -63.26
CA ARG D 231 -13.01 -11.99 -62.37
C ARG D 231 -14.40 -12.30 -62.91
N THR D 232 -14.61 -13.52 -63.38
CA THR D 232 -15.90 -13.96 -63.89
C THR D 232 -15.80 -15.36 -64.50
N ALA D 237 -12.05 -20.20 -65.65
CA ALA D 237 -12.21 -19.10 -64.70
C ALA D 237 -10.86 -18.47 -64.38
N GLU D 238 -10.53 -17.38 -65.07
CA GLU D 238 -9.28 -16.65 -64.83
C GLU D 238 -8.06 -17.55 -65.02
N LYS D 239 -7.89 -18.02 -66.26
CA LYS D 239 -6.68 -18.75 -66.61
C LYS D 239 -5.44 -17.96 -66.28
N ASP D 240 -5.52 -16.64 -66.39
CA ASP D 240 -4.45 -15.77 -65.91
C ASP D 240 -4.40 -15.81 -64.39
N THR D 241 -3.53 -15.00 -63.80
CA THR D 241 -3.45 -14.86 -62.36
C THR D 241 -3.02 -16.17 -61.69
N LEU D 242 -1.78 -16.56 -61.98
CA LEU D 242 -1.14 -17.58 -61.18
C LEU D 242 -1.11 -17.16 -59.72
N PRO D 243 -0.90 -18.10 -58.81
CA PRO D 243 -0.86 -17.78 -57.39
C PRO D 243 0.47 -17.17 -56.98
N PHE D 244 0.53 -16.76 -55.71
CA PHE D 244 1.75 -16.17 -55.16
C PHE D 244 2.79 -17.24 -54.88
N TRP D 245 2.44 -18.19 -54.02
CA TRP D 245 3.34 -19.28 -53.72
C TRP D 245 3.20 -20.38 -54.77
N PRO D 246 4.29 -20.95 -55.27
CA PRO D 246 5.69 -20.67 -54.96
C PRO D 246 6.36 -19.68 -55.91
N TYR D 247 5.68 -19.35 -57.00
CA TYR D 247 6.30 -18.65 -58.12
C TYR D 247 6.86 -17.30 -57.71
N PHE D 248 5.97 -16.38 -57.30
CA PHE D 248 6.42 -15.03 -57.02
C PHE D 248 7.19 -14.97 -55.71
N VAL D 249 6.88 -15.87 -54.77
CA VAL D 249 7.69 -15.98 -53.57
C VAL D 249 9.14 -16.21 -53.94
N ILE D 250 9.38 -17.17 -54.84
CA ILE D 250 10.74 -17.52 -55.20
C ILE D 250 11.40 -16.40 -55.98
N LYS D 251 10.65 -15.77 -56.89
CA LYS D 251 11.22 -14.64 -57.63
C LYS D 251 11.67 -13.53 -56.69
N ASP D 252 10.79 -13.15 -55.77
CA ASP D 252 11.12 -12.09 -54.81
C ASP D 252 12.30 -12.49 -53.93
N LEU D 253 12.35 -13.75 -53.50
CA LEU D 253 13.45 -14.19 -52.66
C LEU D 253 14.77 -14.16 -53.42
N PHE D 254 14.75 -14.47 -54.72
CA PHE D 254 15.96 -14.37 -55.52
C PHE D 254 16.45 -12.93 -55.57
N ALA D 255 15.56 -12.01 -55.90
CA ALA D 255 15.95 -10.60 -55.93
C ALA D 255 16.43 -10.15 -54.56
N LEU D 256 15.79 -10.63 -53.50
CA LEU D 256 16.17 -10.24 -52.14
C LEU D 256 17.54 -10.77 -51.79
N ALA D 257 17.87 -11.99 -52.23
CA ALA D 257 19.21 -12.52 -52.00
C ALA D 257 20.25 -11.64 -52.68
N LEU D 258 19.99 -11.24 -53.92
CA LEU D 258 20.92 -10.34 -54.59
C LEU D 258 21.10 -9.05 -53.81
N VAL D 259 19.99 -8.47 -53.36
CA VAL D 259 20.04 -7.18 -52.68
C VAL D 259 20.82 -7.31 -51.37
N LEU D 260 20.55 -8.36 -50.61
CA LEU D 260 21.31 -8.57 -49.38
C LEU D 260 22.78 -8.81 -49.66
N LEU D 261 23.10 -9.48 -50.77
CA LEU D 261 24.49 -9.66 -51.15
C LEU D 261 25.18 -8.32 -51.31
N GLY D 262 24.59 -7.44 -52.12
CA GLY D 262 25.16 -6.11 -52.28
C GLY D 262 25.23 -5.34 -50.96
N PHE D 263 24.20 -5.48 -50.15
CA PHE D 263 24.13 -4.76 -48.88
C PHE D 263 25.25 -5.18 -47.94
N PHE D 264 25.52 -6.48 -47.86
CA PHE D 264 26.57 -6.95 -46.98
C PHE D 264 27.95 -6.63 -47.55
N ALA D 265 28.11 -6.67 -48.87
CA ALA D 265 29.35 -6.19 -49.45
C ALA D 265 29.62 -4.75 -49.03
N VAL D 266 28.59 -3.91 -49.08
CA VAL D 266 28.72 -2.54 -48.59
C VAL D 266 29.13 -2.54 -47.11
N VAL D 267 28.31 -3.18 -46.28
CA VAL D 267 28.57 -3.22 -44.83
C VAL D 267 30.00 -3.60 -44.53
N ALA D 268 30.59 -4.47 -45.34
CA ALA D 268 31.91 -5.01 -45.04
C ALA D 268 33.04 -4.27 -45.73
N TYR D 269 32.76 -3.45 -46.75
CA TYR D 269 33.83 -2.75 -47.45
C TYR D 269 33.61 -1.25 -47.51
N MET D 270 32.34 -0.81 -47.58
CA MET D 270 32.01 0.61 -47.72
C MET D 270 30.96 1.02 -46.68
N PRO D 271 31.20 0.75 -45.41
CA PRO D 271 30.18 1.00 -44.39
C PRO D 271 30.06 2.45 -43.96
N ASN D 272 31.19 3.15 -43.86
CA ASN D 272 31.22 4.55 -43.45
C ASN D 272 31.04 5.50 -44.62
N TYR D 273 30.60 5.00 -45.77
CA TYR D 273 30.51 5.82 -46.97
C TYR D 273 29.30 6.74 -46.92
N LEU D 274 28.14 6.21 -46.57
CA LEU D 274 26.91 6.98 -46.52
C LEU D 274 26.81 7.87 -45.28
N GLY D 275 27.78 7.80 -44.38
CA GLY D 275 27.72 8.51 -43.13
C GLY D 275 28.45 9.84 -43.18
N HIS D 276 28.35 10.56 -42.07
CA HIS D 276 29.04 11.83 -41.90
C HIS D 276 30.14 11.67 -40.86
N PRO D 277 31.41 11.84 -41.24
CA PRO D 277 32.48 11.64 -40.26
C PRO D 277 32.31 12.48 -39.00
N ASP D 278 31.76 13.67 -39.11
CA ASP D 278 31.61 14.54 -37.94
C ASP D 278 30.77 13.91 -36.85
N ASN D 279 30.03 12.85 -37.16
CA ASN D 279 29.26 12.15 -36.14
C ASN D 279 30.11 11.19 -35.32
N TYR D 280 31.44 11.22 -35.51
CA TYR D 280 32.36 10.42 -34.72
C TYR D 280 33.13 11.27 -33.72
N VAL D 281 32.80 12.56 -33.62
CA VAL D 281 33.38 13.44 -32.62
C VAL D 281 32.26 13.83 -31.65
N GLN D 282 32.57 13.84 -30.36
CA GLN D 282 31.56 14.15 -29.37
C GLN D 282 30.99 15.54 -29.63
N ALA D 283 29.89 15.83 -28.94
CA ALA D 283 29.14 17.04 -29.19
C ALA D 283 29.72 18.22 -28.45
N ASN D 284 29.67 19.39 -29.08
CA ASN D 284 30.02 20.65 -28.45
C ASN D 284 28.89 21.64 -28.74
N PRO D 285 28.03 21.94 -27.78
CA PRO D 285 26.99 22.95 -28.02
C PRO D 285 27.54 24.34 -28.31
N LEU D 286 28.86 24.49 -28.20
CA LEU D 286 29.50 25.79 -28.37
C LEU D 286 30.18 25.95 -29.73
N SER D 287 30.24 24.90 -30.53
CA SER D 287 30.93 24.95 -31.81
C SER D 287 30.13 24.16 -32.85
N THR D 288 29.87 24.80 -33.98
CA THR D 288 29.15 24.15 -35.06
C THR D 288 30.09 23.83 -36.20
N PRO D 289 30.02 22.63 -36.77
CA PRO D 289 30.87 22.29 -37.90
C PRO D 289 30.31 22.87 -39.19
N ALA D 290 31.12 22.74 -40.24
CA ALA D 290 30.71 23.21 -41.56
C ALA D 290 29.95 22.13 -42.30
N HIS D 291 28.92 22.55 -43.03
CA HIS D 291 28.13 21.63 -43.87
C HIS D 291 27.52 20.51 -43.02
N ILE D 292 26.57 20.91 -42.18
CA ILE D 292 25.87 19.94 -41.35
C ILE D 292 25.29 18.83 -42.23
N VAL D 293 24.59 19.19 -43.30
CA VAL D 293 24.14 18.21 -44.28
C VAL D 293 23.39 17.09 -43.57
N PRO D 294 22.15 17.31 -43.13
CA PRO D 294 21.51 16.38 -42.19
C PRO D 294 21.68 14.91 -42.55
N GLU D 295 21.22 14.53 -43.72
CA GLU D 295 21.30 13.15 -44.20
C GLU D 295 21.02 13.17 -45.69
N TRP D 296 20.81 12.00 -46.29
CA TRP D 296 20.56 11.91 -47.72
C TRP D 296 19.12 11.58 -48.08
N TYR D 297 18.30 11.14 -47.13
CA TYR D 297 16.89 10.89 -47.39
C TYR D 297 16.00 12.04 -46.95
N PHE D 298 16.59 13.17 -46.56
CA PHE D 298 15.83 14.37 -46.25
C PHE D 298 16.30 15.59 -47.03
N LEU D 299 17.32 15.44 -47.88
CA LEU D 299 17.81 16.58 -48.64
C LEU D 299 16.75 17.20 -49.53
N PRO D 300 15.90 16.43 -50.21
CA PRO D 300 14.85 17.07 -51.03
C PRO D 300 14.05 18.10 -50.28
N PHE D 301 13.53 17.73 -49.12
CA PHE D 301 12.68 18.65 -48.36
C PHE D 301 13.50 19.74 -47.69
N TYR D 302 14.71 19.42 -47.25
CA TYR D 302 15.61 20.46 -46.76
C TYR D 302 15.82 21.55 -47.81
N ALA D 303 15.96 21.15 -49.08
CA ALA D 303 16.18 22.11 -50.14
C ALA D 303 14.90 22.89 -50.43
N ILE D 304 13.78 22.19 -50.54
CA ILE D 304 12.50 22.87 -50.72
C ILE D 304 12.29 23.88 -49.61
N LEU D 305 12.83 23.63 -48.43
CA LEU D 305 12.71 24.54 -47.30
C LEU D 305 13.61 25.75 -47.48
N ARG D 306 14.91 25.51 -47.62
CA ARG D 306 15.89 26.58 -47.68
C ARG D 306 16.00 27.20 -49.07
N ALA D 307 15.04 26.95 -49.96
CA ALA D 307 15.03 27.61 -51.26
C ALA D 307 14.33 28.96 -51.21
N PHE D 308 13.07 28.98 -50.76
CA PHE D 308 12.31 30.21 -50.67
C PHE D 308 12.94 31.16 -49.66
N ALA D 309 13.60 32.21 -50.13
CA ALA D 309 14.26 33.15 -49.24
C ALA D 309 14.15 34.60 -49.69
N ALA D 310 13.30 34.91 -50.68
CA ALA D 310 13.17 36.27 -51.21
C ALA D 310 14.44 36.69 -51.96
N ASP D 311 14.92 35.81 -52.82
CA ASP D 311 16.17 36.02 -53.54
C ASP D 311 16.03 35.61 -55.00
N VAL D 312 14.89 35.92 -55.62
CA VAL D 312 14.68 35.64 -57.04
C VAL D 312 13.47 36.44 -57.52
N TRP D 313 13.44 36.75 -58.82
CA TRP D 313 12.28 37.44 -59.37
C TRP D 313 11.03 36.58 -59.33
N VAL D 314 11.17 35.27 -59.09
CA VAL D 314 10.02 34.38 -58.91
C VAL D 314 9.80 34.18 -57.41
N VAL D 315 10.33 35.09 -56.60
CA VAL D 315 10.23 34.98 -55.15
C VAL D 315 8.80 35.33 -54.76
N ILE D 316 8.01 34.31 -54.39
CA ILE D 316 6.64 34.53 -53.94
C ILE D 316 6.57 34.93 -52.48
N LEU D 317 7.72 35.06 -51.80
CA LEU D 317 7.70 35.51 -50.41
C LEU D 317 7.34 36.98 -50.32
N VAL D 318 7.85 37.80 -51.25
CA VAL D 318 7.52 39.22 -51.24
C VAL D 318 6.03 39.42 -51.45
N ASP D 319 5.36 38.49 -52.13
CA ASP D 319 3.93 38.57 -52.34
C ASP D 319 3.15 37.99 -51.17
N GLY D 320 3.63 36.88 -50.60
CA GLY D 320 3.00 36.32 -49.41
C GLY D 320 3.13 37.22 -48.20
N LEU D 321 4.08 38.17 -48.22
CA LEU D 321 4.19 39.15 -47.16
C LEU D 321 2.99 40.07 -47.08
N THR D 322 2.03 39.98 -48.01
CA THR D 322 0.78 40.71 -47.90
C THR D 322 0.20 40.55 -46.49
N PHE D 323 0.04 39.30 -46.06
CA PHE D 323 -0.27 39.01 -44.66
C PHE D 323 1.02 39.06 -43.84
N GLY D 324 1.03 39.90 -42.81
CA GLY D 324 2.23 40.09 -42.02
C GLY D 324 2.65 38.88 -41.20
N ILE D 325 1.89 37.79 -41.23
CA ILE D 325 2.17 36.63 -40.40
C ILE D 325 2.93 35.58 -41.20
N VAL D 326 2.67 35.50 -42.49
CA VAL D 326 3.29 34.46 -43.35
C VAL D 326 4.61 35.01 -43.80
N ASP D 327 5.63 34.80 -42.96
CA ASP D 327 7.00 35.19 -43.30
C ASP D 327 7.64 34.09 -44.14
N ALA D 328 8.96 34.16 -44.32
CA ALA D 328 9.65 33.19 -45.16
C ALA D 328 9.66 31.81 -44.52
N LYS D 329 10.23 31.71 -43.32
CA LYS D 329 10.35 30.42 -42.64
C LYS D 329 9.05 29.64 -42.71
N PHE D 330 7.97 30.23 -42.20
CA PHE D 330 6.67 29.58 -42.25
C PHE D 330 6.31 29.17 -43.68
N PHE D 331 6.68 30.01 -44.65
CA PHE D 331 6.38 29.68 -46.04
C PHE D 331 7.10 28.41 -46.47
N GLY D 332 8.38 28.30 -46.14
CA GLY D 332 9.11 27.09 -46.50
C GLY D 332 8.57 25.85 -45.81
N VAL D 333 8.19 25.99 -44.54
CA VAL D 333 7.64 24.85 -43.80
C VAL D 333 6.34 24.39 -44.46
N ILE D 334 5.47 25.34 -44.80
CA ILE D 334 4.24 25.01 -45.50
C ILE D 334 4.56 24.37 -46.84
N ALA D 335 5.61 24.85 -47.51
CA ALA D 335 5.97 24.31 -48.81
C ALA D 335 6.38 22.85 -48.70
N MET D 336 7.10 22.50 -47.64
CA MET D 336 7.51 21.11 -47.45
C MET D 336 6.31 20.23 -47.11
N PHE D 337 5.55 20.63 -46.09
CA PHE D 337 4.34 19.89 -45.75
C PHE D 337 3.44 19.69 -46.97
N GLY D 338 3.40 20.68 -47.85
CA GLY D 338 2.60 20.58 -49.06
C GLY D 338 3.22 19.69 -50.09
N ALA D 339 4.55 19.72 -50.20
CA ALA D 339 5.23 18.80 -51.08
C ALA D 339 4.84 17.37 -50.78
N ILE D 340 4.57 17.07 -49.52
CA ILE D 340 4.11 15.72 -49.19
C ILE D 340 2.60 15.58 -49.31
N ALA D 341 1.84 16.58 -48.85
CA ALA D 341 0.38 16.49 -48.88
C ALA D 341 -0.13 16.35 -50.30
N VAL D 342 0.53 16.98 -51.27
CA VAL D 342 0.08 16.91 -52.65
C VAL D 342 0.35 15.54 -53.23
N MET D 343 1.50 14.95 -52.89
CA MET D 343 1.75 13.57 -53.28
C MET D 343 0.68 12.65 -52.71
N ALA D 344 0.20 12.96 -51.52
CA ALA D 344 -0.88 12.17 -50.94
C ALA D 344 -2.21 12.42 -51.64
N LEU D 345 -2.44 13.65 -52.10
CA LEU D 345 -3.70 14.02 -52.75
C LEU D 345 -3.79 13.56 -54.19
N ALA D 346 -2.65 13.19 -54.79
CA ALA D 346 -2.60 12.79 -56.19
C ALA D 346 -3.83 12.06 -56.70
N PRO D 347 -4.25 10.95 -56.07
CA PRO D 347 -5.31 10.14 -56.66
C PRO D 347 -6.61 10.89 -56.95
N TRP D 348 -6.76 12.07 -56.36
CA TRP D 348 -7.91 12.91 -56.63
C TRP D 348 -7.57 14.12 -57.47
N LEU D 349 -6.35 14.17 -58.01
CA LEU D 349 -5.94 15.20 -58.94
C LEU D 349 -5.82 14.70 -60.37
N ASP D 350 -5.35 13.47 -60.56
CA ASP D 350 -5.24 12.89 -61.89
C ASP D 350 -6.64 12.60 -62.41
N THR D 351 -7.12 13.45 -63.32
CA THR D 351 -8.48 13.33 -63.86
C THR D 351 -8.45 12.54 -65.16
N SER D 352 -7.96 11.31 -65.08
CA SER D 352 -7.83 10.43 -66.22
C SER D 352 -8.59 9.14 -65.94
N LYS D 353 -9.42 8.72 -66.90
CA LYS D 353 -10.05 7.41 -66.85
C LYS D 353 -9.17 6.39 -67.56
N VAL D 354 -7.90 6.40 -67.20
CA VAL D 354 -6.87 5.60 -67.82
C VAL D 354 -5.94 5.11 -66.72
N ARG D 355 -4.87 4.41 -67.10
CA ARG D 355 -4.00 3.74 -66.16
C ARG D 355 -2.57 3.78 -66.69
N SER D 356 -1.75 2.81 -66.30
CA SER D 356 -0.30 2.88 -66.42
C SER D 356 0.21 3.69 -67.60
N GLY D 357 1.14 4.59 -67.32
CA GLY D 357 1.75 5.45 -68.30
C GLY D 357 2.49 4.74 -69.41
N ALA D 358 2.54 3.41 -69.38
CA ALA D 358 3.04 2.68 -70.53
C ALA D 358 2.20 2.92 -71.77
N TYR D 359 1.06 3.62 -71.63
CA TYR D 359 0.20 3.99 -72.75
C TYR D 359 -0.14 5.47 -72.67
N ARG D 360 0.76 6.28 -72.13
CA ARG D 360 0.56 7.73 -72.03
C ARG D 360 1.91 8.40 -72.17
N PRO D 361 2.32 8.75 -73.39
CA PRO D 361 3.69 9.22 -73.63
C PRO D 361 4.06 10.50 -72.90
N LYS D 362 3.26 11.55 -73.09
CA LYS D 362 3.52 12.81 -72.41
C LYS D 362 3.75 12.58 -70.92
N PHE D 363 2.95 11.69 -70.34
CA PHE D 363 3.15 11.33 -68.93
C PHE D 363 4.51 10.71 -68.71
N ARG D 364 4.98 9.88 -69.66
CA ARG D 364 6.31 9.31 -69.52
C ARG D 364 7.36 10.40 -69.43
N MET D 365 7.30 11.37 -70.34
CA MET D 365 8.29 12.43 -70.35
C MET D 365 8.25 13.22 -69.04
N TRP D 366 7.06 13.66 -68.64
CA TRP D 366 6.95 14.42 -67.40
C TRP D 366 7.44 13.62 -66.21
N PHE D 367 7.20 12.31 -66.21
CA PHE D 367 7.57 11.48 -65.07
C PHE D 367 9.08 11.31 -64.98
N TRP D 368 9.74 11.12 -66.11
CA TRP D 368 11.20 11.05 -66.08
C TRP D 368 11.80 12.38 -65.66
N PHE D 369 11.18 13.48 -66.09
CA PHE D 369 11.61 14.77 -65.58
C PHE D 369 11.43 14.85 -64.07
N LEU D 370 10.39 14.22 -63.55
CA LEU D 370 10.16 14.23 -62.10
C LEU D 370 11.25 13.45 -61.37
N VAL D 371 11.61 12.29 -61.90
CA VAL D 371 12.69 11.50 -61.30
C VAL D 371 13.98 12.31 -61.29
N LEU D 372 14.28 12.95 -62.42
CA LEU D 372 15.46 13.81 -62.48
C LEU D 372 15.38 14.92 -61.44
N ASP D 373 14.20 15.50 -61.26
CA ASP D 373 14.04 16.55 -60.26
C ASP D 373 14.33 16.03 -58.87
N PHE D 374 13.87 14.82 -58.56
CA PHE D 374 14.15 14.22 -57.26
C PHE D 374 15.66 14.08 -57.06
N VAL D 375 16.35 13.54 -58.05
CA VAL D 375 17.79 13.37 -57.93
C VAL D 375 18.47 14.72 -57.75
N VAL D 376 18.04 15.73 -58.50
CA VAL D 376 18.65 17.05 -58.41
C VAL D 376 18.45 17.62 -57.01
N LEU D 377 17.23 17.58 -56.50
CA LEU D 377 17.00 18.05 -55.15
C LEU D 377 17.89 17.33 -54.15
N THR D 378 18.05 16.02 -54.32
CA THR D 378 18.95 15.27 -53.46
C THR D 378 20.35 15.86 -53.51
N TRP D 379 20.82 16.20 -54.70
CA TRP D 379 22.18 16.71 -54.86
C TRP D 379 22.32 18.15 -54.42
N VAL D 380 21.22 18.89 -54.30
CA VAL D 380 21.31 20.33 -54.04
C VAL D 380 21.26 20.63 -52.54
N GLY D 381 20.52 19.84 -51.77
CA GLY D 381 20.44 20.08 -50.34
C GLY D 381 21.79 20.06 -49.65
N ALA D 382 22.81 19.50 -50.30
CA ALA D 382 24.14 19.45 -49.73
C ALA D 382 25.00 20.64 -50.10
N MET D 383 24.68 21.34 -51.17
CA MET D 383 25.48 22.44 -51.65
C MET D 383 24.96 23.76 -51.09
N PRO D 384 25.84 24.75 -50.90
CA PRO D 384 25.44 25.99 -50.26
C PRO D 384 24.31 26.69 -51.00
N THR D 385 23.78 27.73 -50.36
CA THR D 385 22.71 28.53 -50.90
C THR D 385 23.22 29.67 -51.78
N GLU D 386 24.47 29.61 -52.20
CA GLU D 386 25.03 30.63 -53.06
C GLU D 386 24.67 30.36 -54.51
N TYR D 387 24.61 31.44 -55.30
CA TYR D 387 24.39 31.30 -56.73
C TYR D 387 25.31 30.23 -57.30
N PRO D 388 24.86 29.43 -58.27
CA PRO D 388 23.54 29.42 -58.91
C PRO D 388 22.55 28.45 -58.28
N TYR D 389 23.00 27.72 -57.24
CA TYR D 389 22.19 26.63 -56.70
C TYR D 389 20.80 27.10 -56.26
N ASP D 390 20.65 28.37 -55.91
CA ASP D 390 19.35 28.87 -55.48
C ASP D 390 18.33 28.77 -56.61
N TRP D 391 18.70 29.25 -57.80
CA TRP D 391 17.81 29.16 -58.94
C TRP D 391 17.45 27.70 -59.23
N ILE D 392 18.43 26.82 -59.13
CA ILE D 392 18.19 25.40 -59.40
C ILE D 392 17.16 24.84 -58.43
N SER D 393 17.36 25.08 -57.13
CA SER D 393 16.42 24.57 -56.14
C SER D 393 15.03 25.12 -56.36
N LEU D 394 14.93 26.41 -56.67
CA LEU D 394 13.62 27.01 -56.91
C LEU D 394 12.94 26.36 -58.10
N ILE D 395 13.68 26.18 -59.20
CA ILE D 395 13.11 25.55 -60.39
C ILE D 395 12.60 24.15 -60.05
N ALA D 396 13.41 23.38 -59.31
CA ALA D 396 13.05 22.00 -59.05
C ALA D 396 11.81 21.91 -58.18
N SER D 397 11.76 22.69 -57.10
CA SER D 397 10.57 22.69 -56.26
C SER D 397 9.33 23.12 -57.05
N THR D 398 9.49 24.16 -57.88
CA THR D 398 8.38 24.62 -58.70
C THR D 398 7.88 23.52 -59.61
N TYR D 399 8.80 22.75 -60.20
CA TYR D 399 8.37 21.67 -61.09
C TYR D 399 7.67 20.57 -60.32
N TRP D 400 8.19 20.21 -59.15
CA TRP D 400 7.50 19.22 -58.32
C TRP D 400 6.05 19.60 -58.11
N PHE D 401 5.84 20.82 -57.60
CA PHE D 401 4.48 21.28 -57.34
C PHE D 401 3.66 21.35 -58.62
N ALA D 402 4.29 21.81 -59.71
CA ALA D 402 3.57 21.95 -60.97
C ALA D 402 3.08 20.60 -61.45
N TYR D 403 3.98 19.63 -61.54
CA TYR D 403 3.61 18.28 -61.89
C TYR D 403 2.36 17.92 -61.09
N PHE D 404 2.53 17.83 -59.77
CA PHE D 404 1.49 17.20 -58.97
C PHE D 404 0.19 18.00 -58.94
N LEU D 405 0.21 19.29 -59.25
CA LEU D 405 -1.02 20.08 -59.21
C LEU D 405 -1.67 20.23 -60.57
N VAL D 406 -0.95 20.72 -61.57
CA VAL D 406 -1.54 21.05 -62.85
C VAL D 406 -1.32 19.95 -63.88
N ILE D 407 -0.15 19.31 -63.90
CA ILE D 407 0.20 18.52 -65.07
C ILE D 407 -0.75 17.35 -65.25
N LEU D 408 -1.16 16.73 -64.16
CA LEU D 408 -1.93 15.51 -64.25
C LEU D 408 -3.34 15.79 -64.78
N PRO D 409 -4.01 16.85 -64.32
CA PRO D 409 -5.31 17.21 -64.93
C PRO D 409 -5.24 17.42 -66.43
N LEU D 410 -4.30 18.23 -66.91
CA LEU D 410 -4.19 18.48 -68.35
C LEU D 410 -4.02 17.18 -69.12
N LEU D 411 -3.20 16.28 -68.60
CA LEU D 411 -3.04 14.97 -69.24
C LEU D 411 -4.36 14.22 -69.26
N GLY D 412 -4.96 14.05 -68.09
CA GLY D 412 -6.23 13.35 -68.00
C GLY D 412 -7.24 13.91 -68.98
N ALA D 413 -7.06 15.17 -69.36
CA ALA D 413 -7.92 15.77 -70.37
C ALA D 413 -7.54 15.31 -71.77
N THR D 414 -6.28 15.49 -72.15
CA THR D 414 -5.85 15.35 -73.55
C THR D 414 -4.68 14.37 -73.70
N GLU D 415 -4.79 13.18 -73.10
CA GLU D 415 -3.69 12.22 -73.07
C GLU D 415 -4.16 10.79 -73.38
N LYS D 416 -4.85 10.58 -74.50
CA LYS D 416 -5.24 9.23 -74.92
C LYS D 416 -4.94 8.95 -76.38
N PRO D 417 -3.71 9.18 -76.85
CA PRO D 417 -3.26 8.64 -78.13
C PRO D 417 -2.54 7.29 -78.04
N GLU D 418 -3.19 6.30 -77.41
CA GLU D 418 -2.58 4.97 -77.29
C GLU D 418 -3.61 3.86 -77.27
N PRO D 419 -3.32 2.72 -77.91
CA PRO D 419 -4.21 1.56 -77.86
C PRO D 419 -3.97 0.74 -76.59
N ILE D 420 -4.94 0.76 -75.69
CA ILE D 420 -4.82 0.07 -74.41
C ILE D 420 -4.82 -1.43 -74.65
N PRO D 421 -4.11 -2.21 -73.83
CA PRO D 421 -4.09 -3.67 -74.02
C PRO D 421 -5.18 -4.37 -73.22
N ALA D 422 -5.84 -5.32 -73.88
CA ALA D 422 -6.80 -6.19 -73.24
C ALA D 422 -6.12 -7.50 -72.89
N SER D 423 -6.88 -8.41 -72.26
CA SER D 423 -6.45 -9.78 -72.08
C SER D 423 -5.12 -9.83 -71.30
N ILE D 424 -5.22 -9.49 -70.02
CA ILE D 424 -4.06 -9.43 -69.13
C ILE D 424 -3.19 -10.66 -69.31
N GLU D 425 -3.74 -11.72 -69.91
CA GLU D 425 -2.91 -12.80 -70.42
C GLU D 425 -2.19 -12.32 -71.67
N GLU D 426 -1.02 -11.71 -71.49
CA GLU D 426 -0.24 -11.15 -72.59
C GLU D 426 0.80 -12.18 -73.01
N ASP D 427 0.36 -13.16 -73.79
CA ASP D 427 1.23 -14.19 -74.35
C ASP D 427 1.80 -13.65 -75.66
N PHE D 428 2.85 -12.86 -75.53
CA PHE D 428 3.50 -12.24 -76.68
C PHE D 428 4.73 -13.03 -77.10
N PRO E 26 53.81 6.00 -55.20
CA PRO E 26 52.78 7.05 -55.31
C PRO E 26 51.92 7.54 -54.13
N ASP E 27 50.67 7.09 -54.04
CA ASP E 27 49.81 7.48 -52.93
C ASP E 27 50.21 6.81 -51.62
N HIS E 28 51.18 5.90 -51.64
CA HIS E 28 51.64 5.21 -50.44
C HIS E 28 50.47 4.53 -49.73
N ALA E 29 49.76 3.71 -50.48
CA ALA E 29 48.65 2.95 -49.93
C ALA E 29 49.13 2.07 -48.78
N PHE E 30 48.26 1.88 -47.80
CA PHE E 30 48.58 1.04 -46.65
C PHE E 30 48.33 -0.42 -47.01
N SER E 31 48.41 -1.30 -46.01
CA SER E 31 48.12 -2.71 -46.25
C SER E 31 46.64 -2.99 -46.25
N PHE E 32 45.90 -2.39 -45.32
CA PHE E 32 44.47 -2.64 -45.17
C PHE E 32 43.63 -1.97 -46.23
N GLU E 33 44.22 -1.16 -47.10
CA GLU E 33 43.47 -0.41 -48.10
C GLU E 33 43.08 -1.37 -49.21
N GLY E 34 41.99 -2.10 -48.99
CA GLY E 34 41.47 -2.99 -50.00
C GLY E 34 40.60 -4.07 -49.38
N ILE E 35 40.30 -5.07 -50.20
CA ILE E 35 39.49 -6.21 -49.78
C ILE E 35 40.26 -7.16 -48.87
N PHE E 36 41.54 -6.90 -48.64
CA PHE E 36 42.38 -7.73 -47.78
C PHE E 36 43.25 -6.79 -46.96
N GLY E 37 44.32 -7.31 -46.38
CA GLY E 37 45.25 -6.47 -45.66
C GLY E 37 45.04 -6.39 -44.17
N LYS E 38 45.08 -7.54 -43.50
CA LYS E 38 44.78 -7.59 -42.07
C LYS E 38 45.89 -7.00 -41.21
N TYR E 39 46.12 -5.70 -41.34
CA TYR E 39 46.84 -4.92 -40.33
C TYR E 39 48.19 -5.55 -39.97
N ASP E 40 49.12 -5.46 -40.91
CA ASP E 40 50.50 -5.88 -40.66
C ASP E 40 50.96 -5.38 -39.31
N GLN E 41 51.31 -6.31 -38.42
CA GLN E 41 51.39 -6.00 -37.01
C GLN E 41 52.69 -5.31 -36.62
N ALA E 42 53.80 -5.62 -37.29
CA ALA E 42 55.05 -4.93 -36.99
C ALA E 42 54.88 -3.43 -37.17
N GLN E 43 54.18 -3.02 -38.22
CA GLN E 43 53.86 -1.61 -38.42
C GLN E 43 53.16 -1.03 -37.21
N LEU E 44 52.26 -1.81 -36.61
CA LEU E 44 51.50 -1.31 -35.47
C LEU E 44 52.35 -1.24 -34.21
N ARG E 45 53.25 -2.19 -34.03
CA ARG E 45 54.18 -2.11 -32.90
C ARG E 45 55.08 -0.89 -33.02
N ARG E 46 55.50 -0.58 -34.25
CA ARG E 46 56.28 0.63 -34.47
C ARG E 46 55.47 1.87 -34.15
N GLY E 47 54.23 1.91 -34.63
CA GLY E 47 53.35 3.02 -34.31
C GLY E 47 53.11 3.16 -32.82
N PHE E 48 53.12 2.05 -32.09
CA PHE E 48 52.95 2.11 -30.65
C PHE E 48 54.19 2.67 -29.97
N GLN E 49 55.37 2.29 -30.45
CA GLN E 49 56.60 2.81 -29.89
C GLN E 49 56.61 4.33 -30.02
N VAL E 50 56.05 4.84 -31.11
CA VAL E 50 56.03 6.28 -31.36
C VAL E 50 54.93 6.99 -30.57
N TYR E 51 53.73 6.43 -30.57
CA TYR E 51 52.60 7.03 -29.88
C TYR E 51 52.81 7.25 -28.38
N ASN E 52 53.39 6.27 -27.71
CA ASN E 52 53.60 6.36 -26.26
C ASN E 52 54.78 7.26 -25.87
N GLU E 53 55.68 7.50 -26.83
CA GLU E 53 56.88 8.28 -26.61
C GLU E 53 56.80 9.69 -27.20
N VAL E 54 55.81 9.98 -28.04
CA VAL E 54 55.71 11.26 -28.72
C VAL E 54 54.31 11.82 -28.54
N CYS E 55 53.32 11.18 -29.16
CA CYS E 55 51.97 11.75 -29.21
C CYS E 55 51.31 11.74 -27.84
N SER E 56 51.66 10.78 -26.98
CA SER E 56 51.01 10.66 -25.67
C SER E 56 51.25 11.88 -24.79
N ALA E 57 52.30 12.65 -25.06
CA ALA E 57 52.61 13.82 -24.23
C ALA E 57 51.48 14.83 -24.23
N CYS E 58 50.74 14.93 -25.33
CA CYS E 58 49.61 15.85 -25.45
C CYS E 58 48.28 15.15 -25.68
N HIS E 59 48.26 14.07 -26.45
CA HIS E 59 47.03 13.39 -26.85
C HIS E 59 46.71 12.22 -25.94
N GLY E 60 45.46 11.75 -26.05
CA GLY E 60 44.99 10.60 -25.31
C GLY E 60 44.09 9.74 -26.18
N MET E 61 43.70 8.60 -25.63
CA MET E 61 42.84 7.64 -26.30
C MET E 61 41.98 6.96 -25.24
N LYS E 62 41.04 7.71 -24.67
CA LYS E 62 40.16 7.18 -23.64
C LYS E 62 39.31 6.02 -24.15
N PHE E 63 38.82 6.15 -25.39
CA PHE E 63 37.99 5.12 -25.99
C PHE E 63 38.78 3.84 -26.30
N VAL E 64 39.98 3.73 -25.75
CA VAL E 64 40.80 2.53 -25.98
C VAL E 64 41.31 1.78 -24.76
N PRO E 65 40.77 0.56 -24.51
CA PRO E 65 41.30 -0.17 -23.35
C PRO E 65 42.76 -0.62 -23.55
N ILE E 66 43.47 -0.83 -22.45
CA ILE E 66 44.86 -1.26 -22.49
C ILE E 66 45.01 -2.76 -22.78
N ARG E 67 43.92 -3.52 -22.61
CA ARG E 67 43.87 -4.97 -22.80
C ARG E 67 43.68 -5.33 -24.29
N THR E 68 43.53 -4.33 -25.17
CA THR E 68 43.40 -4.58 -26.60
C THR E 68 44.75 -4.81 -27.26
N LEU E 69 45.84 -4.51 -26.58
CA LEU E 69 47.17 -4.76 -27.09
C LEU E 69 47.57 -6.21 -27.03
N ALA E 70 46.63 -7.06 -26.62
CA ALA E 70 46.80 -8.50 -26.69
C ALA E 70 45.77 -9.17 -27.57
N ASP E 71 44.59 -8.58 -27.74
CA ASP E 71 43.59 -9.12 -28.64
C ASP E 71 44.17 -9.29 -30.03
N ASP E 72 43.71 -10.33 -30.73
CA ASP E 72 44.20 -10.61 -32.07
C ASP E 72 43.83 -9.48 -33.03
N GLY E 73 44.40 -9.55 -34.22
CA GLY E 73 44.10 -8.58 -35.26
C GLY E 73 45.15 -7.49 -35.38
N GLY E 74 45.63 -7.01 -34.24
CA GLY E 74 46.58 -5.92 -34.22
C GLY E 74 47.87 -6.33 -33.53
N PRO E 75 48.39 -5.46 -32.66
CA PRO E 75 49.60 -5.84 -31.92
C PRO E 75 49.30 -6.90 -30.89
N GLN E 76 49.71 -8.13 -31.16
CA GLN E 76 49.49 -9.24 -30.23
C GLN E 76 50.61 -9.32 -29.20
N LEU E 77 50.83 -8.21 -28.50
CA LEU E 77 51.90 -8.10 -27.54
C LEU E 77 51.75 -9.13 -26.42
N ASP E 78 52.79 -9.23 -25.60
CA ASP E 78 52.77 -10.15 -24.47
C ASP E 78 52.03 -9.52 -23.30
N PRO E 79 50.98 -10.16 -22.77
CA PRO E 79 50.20 -9.56 -21.68
C PRO E 79 51.02 -8.95 -20.55
N THR E 80 52.08 -9.65 -20.12
CA THR E 80 52.87 -9.14 -19.01
C THR E 80 53.43 -7.76 -19.31
N PHE E 81 53.96 -7.58 -20.51
CA PHE E 81 54.42 -6.25 -20.91
C PHE E 81 53.28 -5.25 -20.87
N VAL E 82 52.06 -5.70 -21.17
CA VAL E 82 50.92 -4.79 -21.13
C VAL E 82 50.65 -4.33 -19.70
N ARG E 83 50.68 -5.25 -18.75
CA ARG E 83 50.47 -4.87 -17.36
C ARG E 83 51.56 -3.95 -16.88
N GLU E 84 52.81 -4.22 -17.27
CA GLU E 84 53.91 -3.34 -16.90
C GLU E 84 53.69 -1.94 -17.45
N TYR E 85 53.47 -1.84 -18.76
CA TYR E 85 53.27 -0.55 -19.39
C TYR E 85 52.08 0.20 -18.81
N ALA E 86 51.05 -0.54 -18.39
CA ALA E 86 49.90 0.09 -17.75
C ALA E 86 50.28 0.69 -16.40
N ALA E 87 50.87 -0.13 -15.53
CA ALA E 87 51.29 0.38 -14.23
C ALA E 87 52.28 1.53 -14.36
N GLY E 88 52.98 1.63 -15.48
CA GLY E 88 53.91 2.72 -15.70
C GLY E 88 53.30 4.00 -16.22
N LEU E 89 51.98 4.07 -16.34
CA LEU E 89 51.30 5.25 -16.86
C LEU E 89 50.79 6.11 -15.71
N ASP E 90 49.99 7.12 -16.05
CA ASP E 90 49.42 8.01 -15.06
C ASP E 90 48.50 7.26 -14.12
N THR E 91 47.96 7.95 -13.11
CA THR E 91 47.13 7.33 -12.08
C THR E 91 45.67 7.68 -12.34
N ILE E 92 44.88 6.67 -12.65
CA ILE E 92 43.43 6.80 -12.77
C ILE E 92 42.84 6.35 -11.44
N ILE E 93 42.16 7.26 -10.75
CA ILE E 93 41.98 7.11 -9.31
C ILE E 93 41.07 5.93 -8.97
N ASP E 94 39.79 6.02 -9.30
CA ASP E 94 38.82 5.00 -8.92
C ASP E 94 37.43 5.41 -9.38
N LYS E 95 36.44 4.53 -9.19
CA LYS E 95 35.04 4.89 -9.36
C LYS E 95 34.22 4.76 -8.08
N ASP E 96 34.68 3.99 -7.11
CA ASP E 96 33.94 3.78 -5.86
C ASP E 96 34.56 4.51 -4.68
N SER E 97 35.87 4.33 -4.45
CA SER E 97 36.56 4.94 -3.33
C SER E 97 37.69 5.81 -3.88
N GLY E 98 37.58 7.12 -3.70
CA GLY E 98 38.59 8.03 -4.20
C GLY E 98 39.96 7.72 -3.64
N GLU E 99 40.82 7.14 -4.48
CA GLU E 99 42.17 6.79 -4.07
C GLU E 99 43.00 6.42 -5.30
N GLU E 100 44.14 7.09 -5.47
CA GLU E 100 44.99 6.85 -6.63
C GLU E 100 45.47 5.41 -6.68
N ARG E 101 44.94 4.64 -7.63
CA ARG E 101 45.28 3.23 -7.75
C ARG E 101 46.56 2.94 -8.52
N ASP E 102 46.59 1.77 -9.14
CA ASP E 102 47.74 1.31 -9.91
C ASP E 102 47.49 1.34 -11.41
N ARG E 103 46.41 1.96 -11.83
CA ARG E 103 46.05 2.05 -13.25
C ARG E 103 46.07 0.70 -13.95
N LYS E 104 45.21 -0.21 -13.50
CA LYS E 104 45.10 -1.55 -14.06
C LYS E 104 44.67 -1.52 -15.52
N GLU E 105 45.17 -2.48 -16.28
CA GLU E 105 44.94 -2.55 -17.72
C GLU E 105 43.47 -2.46 -18.07
N THR E 106 42.61 -3.08 -17.27
CA THR E 106 41.17 -3.03 -17.54
C THR E 106 40.69 -1.61 -17.74
N ASP E 107 41.41 -0.63 -17.17
CA ASP E 107 41.08 0.76 -17.38
C ASP E 107 41.45 1.15 -18.81
N MET E 108 41.21 2.41 -19.14
CA MET E 108 41.45 2.92 -20.47
C MET E 108 42.70 3.80 -20.49
N PHE E 109 43.19 4.06 -21.68
CA PHE E 109 44.33 4.94 -21.86
C PHE E 109 44.00 6.28 -21.20
N PRO E 110 44.99 7.06 -20.80
CA PRO E 110 44.71 8.33 -20.13
C PRO E 110 44.11 9.34 -21.09
N THR E 111 43.87 10.55 -20.56
CA THR E 111 43.29 11.63 -21.32
C THR E 111 44.04 12.93 -21.03
N ARG E 112 44.60 13.52 -22.06
CA ARG E 112 45.17 14.87 -21.99
C ARG E 112 44.13 15.84 -22.53
N VAL E 113 43.76 16.81 -21.70
CA VAL E 113 42.53 17.57 -21.90
C VAL E 113 42.80 19.01 -22.31
N GLY E 114 43.63 19.73 -21.55
CA GLY E 114 43.78 21.15 -21.80
C GLY E 114 45.13 21.73 -21.44
N ASP E 115 45.24 23.06 -21.52
CA ASP E 115 46.47 23.78 -21.22
C ASP E 115 47.60 23.34 -22.15
N GLY E 116 47.39 23.58 -23.44
CA GLY E 116 48.37 23.23 -24.44
C GLY E 116 48.26 21.82 -24.97
N MET E 117 47.09 21.20 -24.84
CA MET E 117 46.87 19.82 -25.23
C MET E 117 45.82 19.75 -26.33
N GLY E 118 45.65 18.56 -26.88
CA GLY E 118 44.81 18.38 -28.04
C GLY E 118 43.68 17.40 -27.83
N PRO E 119 42.98 17.07 -28.91
CA PRO E 119 41.81 16.20 -28.82
C PRO E 119 42.21 14.74 -28.60
N ASP E 120 41.21 13.88 -28.63
CA ASP E 120 41.40 12.44 -28.44
C ASP E 120 41.51 11.77 -29.80
N LEU E 121 42.50 10.88 -29.93
CA LEU E 121 42.79 10.21 -31.18
C LEU E 121 42.15 8.84 -31.28
N SER E 122 41.16 8.55 -30.43
CA SER E 122 40.54 7.25 -30.44
C SER E 122 39.95 6.93 -31.82
N VAL E 123 39.21 7.87 -32.39
CA VAL E 123 38.49 7.64 -33.63
C VAL E 123 38.79 8.73 -34.63
N MET E 124 39.93 9.40 -34.48
CA MET E 124 40.28 10.45 -35.42
C MET E 124 40.50 9.91 -36.83
N ALA E 125 40.73 8.62 -36.95
CA ALA E 125 40.89 7.99 -38.26
C ALA E 125 39.58 7.80 -38.99
N LYS E 126 38.45 8.12 -38.36
CA LYS E 126 37.14 8.06 -38.99
C LYS E 126 36.44 9.40 -39.06
N ALA E 127 36.84 10.37 -38.24
CA ALA E 127 36.27 11.71 -38.24
C ALA E 127 36.86 12.59 -39.32
N ARG E 128 37.53 12.02 -40.31
CA ARG E 128 38.12 12.79 -41.39
C ARG E 128 37.79 12.17 -42.75
N GLY E 147 40.89 10.17 -46.96
CA GLY E 147 40.33 8.86 -46.66
C GLY E 147 40.60 8.40 -45.24
N GLY E 148 40.92 9.35 -44.38
CA GLY E 148 41.18 9.06 -42.99
C GLY E 148 42.67 9.04 -42.68
N PRO E 149 43.26 7.85 -42.56
CA PRO E 149 44.68 7.77 -42.26
C PRO E 149 45.56 8.56 -43.20
N GLU E 150 45.18 8.67 -44.47
CA GLU E 150 45.94 9.50 -45.39
C GLU E 150 45.95 10.95 -44.92
N TYR E 151 44.88 11.40 -44.29
CA TYR E 151 44.88 12.74 -43.71
C TYR E 151 45.96 12.88 -42.66
N ILE E 152 46.06 11.90 -41.76
CA ILE E 152 47.07 11.96 -40.72
C ILE E 152 48.46 11.93 -41.31
N TYR E 153 48.69 11.05 -42.29
CA TYR E 153 50.00 10.96 -42.92
C TYR E 153 50.37 12.28 -43.58
N ASN E 154 49.52 12.78 -44.47
CA ASN E 154 49.79 14.02 -45.18
C ASN E 154 49.65 15.26 -44.30
N TYR E 155 49.26 15.08 -43.05
CA TYR E 155 49.21 16.18 -42.08
C TYR E 155 50.48 16.25 -41.25
N VAL E 156 50.79 15.17 -40.54
CA VAL E 156 52.09 15.02 -39.88
C VAL E 156 53.16 15.35 -40.89
N ILE E 157 53.03 14.79 -42.10
CA ILE E 157 53.87 15.19 -43.21
C ILE E 157 53.40 16.56 -43.67
N GLY E 158 54.26 17.57 -43.50
CA GLY E 158 53.95 18.92 -43.88
C GLY E 158 53.84 19.86 -42.70
N PHE E 159 54.95 20.52 -42.40
CA PHE E 159 54.98 21.63 -41.47
C PHE E 159 55.97 22.69 -41.93
N GLU E 160 56.19 22.77 -43.24
CA GLU E 160 57.28 23.54 -43.80
C GLU E 160 57.19 24.99 -43.35
N GLU E 161 58.28 25.72 -43.60
CA GLU E 161 58.37 27.10 -43.15
C GLU E 161 57.24 27.92 -43.76
N ASN E 162 57.07 29.12 -43.22
CA ASN E 162 56.02 30.00 -43.70
C ASN E 162 56.30 30.41 -45.14
N PRO E 163 55.29 30.50 -45.99
CA PRO E 163 55.53 30.77 -47.41
C PRO E 163 55.96 32.21 -47.66
N GLU E 164 56.13 32.58 -48.93
CA GLU E 164 56.54 33.94 -49.29
C GLU E 164 55.32 34.83 -49.50
N CYS E 165 54.40 34.81 -48.54
CA CYS E 165 53.30 35.76 -48.48
C CYS E 165 53.22 36.34 -47.07
N ALA E 166 53.66 35.56 -46.08
CA ALA E 166 53.63 35.97 -44.68
C ALA E 166 54.77 35.30 -43.94
N PRO E 167 56.03 35.53 -44.35
CA PRO E 167 57.14 34.81 -43.71
C PRO E 167 57.23 35.03 -42.22
N GLU E 168 56.81 36.20 -41.72
CA GLU E 168 56.80 36.42 -40.28
C GLU E 168 55.93 35.39 -39.59
N GLY E 169 54.78 35.07 -40.19
CA GLY E 169 53.89 34.06 -39.64
C GLY E 169 53.06 34.55 -38.48
N ILE E 170 53.01 33.76 -37.40
CA ILE E 170 52.24 34.09 -36.22
C ILE E 170 52.99 33.59 -34.98
N ASP E 171 52.75 34.26 -33.86
CA ASP E 171 53.38 33.91 -32.59
C ASP E 171 52.51 32.87 -31.89
N GLY E 172 53.10 31.70 -31.65
CA GLY E 172 52.40 30.63 -30.95
C GLY E 172 51.67 29.66 -31.87
N TYR E 173 51.49 30.02 -33.14
CA TYR E 173 50.86 29.15 -34.12
C TYR E 173 51.88 28.77 -35.17
N TYR E 174 51.79 27.53 -35.66
CA TYR E 174 52.69 27.02 -36.66
C TYR E 174 51.90 26.55 -37.88
N TYR E 175 52.62 26.45 -39.00
CA TYR E 175 52.01 26.31 -40.31
C TYR E 175 51.97 24.86 -40.76
N ASN E 176 50.87 24.42 -41.39
CA ASN E 176 50.77 23.04 -41.85
C ASN E 176 50.21 23.03 -43.29
N LYS E 177 50.80 22.21 -44.16
CA LYS E 177 50.37 22.16 -45.55
C LYS E 177 48.92 21.66 -45.76
N THR E 178 48.51 20.66 -44.97
CA THR E 178 47.19 20.06 -45.18
C THR E 178 46.04 20.36 -44.20
N PHE E 179 46.29 20.97 -43.03
CA PHE E 179 45.19 21.20 -42.13
C PHE E 179 44.34 22.23 -42.81
N GLN E 180 43.04 22.07 -42.87
CA GLN E 180 42.24 23.09 -43.53
C GLN E 180 41.35 23.91 -42.58
N ILE E 181 41.36 23.59 -41.29
CA ILE E 181 40.44 24.27 -40.39
C ILE E 181 41.14 25.27 -39.48
N GLY E 182 42.26 25.87 -39.92
CA GLY E 182 43.01 26.82 -39.15
C GLY E 182 42.87 28.24 -39.69
N GLY E 183 43.33 29.19 -38.88
CA GLY E 183 43.31 30.59 -39.26
C GLY E 183 44.33 30.85 -40.37
N VAL E 184 44.16 31.98 -41.05
CA VAL E 184 45.06 32.42 -42.10
C VAL E 184 45.25 33.93 -41.95
N PRO E 185 46.46 34.49 -42.08
CA PRO E 185 46.59 35.94 -42.01
C PRO E 185 45.88 36.62 -43.16
N ASP E 186 45.50 37.89 -42.94
CA ASP E 186 44.84 38.67 -43.97
C ASP E 186 45.74 38.85 -45.19
N THR E 187 47.06 38.81 -45.00
CA THR E 187 47.99 38.94 -46.11
C THR E 187 47.87 37.79 -47.11
N CYS E 188 47.39 36.62 -46.66
CA CYS E 188 47.28 35.44 -47.52
C CYS E 188 45.87 35.20 -48.05
N LYS E 189 44.86 35.92 -47.56
CA LYS E 189 43.50 35.76 -48.04
C LYS E 189 43.29 36.53 -49.34
N ASP E 190 42.33 36.07 -50.13
CA ASP E 190 42.01 36.72 -51.40
C ASP E 190 41.05 37.88 -51.15
N ALA E 191 40.39 38.36 -52.20
CA ALA E 191 39.52 39.54 -52.07
C ALA E 191 38.24 39.24 -51.30
N ALA E 192 37.85 37.97 -51.17
CA ALA E 192 36.59 37.58 -50.54
C ALA E 192 36.81 36.52 -49.47
N GLY E 193 37.88 36.68 -48.68
CA GLY E 193 38.09 35.90 -47.47
C GLY E 193 38.69 34.53 -47.67
N VAL E 194 38.74 34.00 -48.89
CA VAL E 194 39.28 32.66 -49.13
C VAL E 194 40.80 32.71 -49.05
N LYS E 195 41.40 31.65 -48.53
CA LYS E 195 42.85 31.59 -48.37
C LYS E 195 43.53 31.17 -49.66
N ILE E 196 44.70 31.75 -49.92
CA ILE E 196 45.53 31.39 -51.06
C ILE E 196 46.55 30.31 -50.73
N THR E 197 46.62 29.85 -49.48
CA THR E 197 47.54 28.80 -49.08
C THR E 197 46.86 27.43 -49.22
N HIS E 198 47.69 26.40 -49.40
CA HIS E 198 47.17 25.04 -49.50
C HIS E 198 46.49 24.62 -48.20
N GLY E 199 47.18 24.79 -47.07
CA GLY E 199 46.66 24.45 -45.77
C GLY E 199 46.36 25.66 -44.93
N SER E 200 46.70 25.61 -43.65
CA SER E 200 46.46 26.72 -42.74
C SER E 200 47.35 26.54 -41.52
N TRP E 201 47.13 27.37 -40.50
CA TRP E 201 47.98 27.39 -39.31
C TRP E 201 47.35 26.55 -38.22
N ALA E 202 48.09 25.53 -37.77
CA ALA E 202 47.63 24.58 -36.75
C ALA E 202 48.37 24.87 -35.46
N ARG E 203 47.68 24.62 -34.34
CA ARG E 203 48.25 24.85 -33.01
C ARG E 203 49.20 23.75 -32.55
N MET E 204 49.40 22.70 -33.35
CA MET E 204 50.30 21.61 -32.97
C MET E 204 51.70 21.90 -33.48
N PRO E 205 52.70 21.70 -32.59
CA PRO E 205 54.02 21.80 -33.20
C PRO E 205 54.49 20.59 -33.98
N PRO E 206 55.64 20.74 -34.67
CA PRO E 206 56.17 19.63 -35.44
C PRO E 206 56.42 18.54 -34.43
N PRO E 207 55.91 17.35 -34.72
CA PRO E 207 56.09 16.31 -33.71
C PRO E 207 57.42 15.62 -33.84
N LEU E 208 57.94 15.45 -35.05
CA LEU E 208 59.23 14.72 -35.16
C LEU E 208 60.32 15.34 -36.03
N VAL E 209 61.56 15.01 -35.68
CA VAL E 209 62.74 15.46 -36.40
C VAL E 209 63.23 14.33 -37.32
N ASP E 210 64.49 14.39 -37.74
CA ASP E 210 65.07 13.38 -38.64
C ASP E 210 65.17 11.94 -38.09
N ASP E 211 65.57 11.80 -36.83
CA ASP E 211 65.71 10.48 -36.22
C ASP E 211 65.36 10.57 -34.74
N GLN E 212 64.07 10.74 -34.48
CA GLN E 212 63.56 10.91 -33.11
C GLN E 212 63.68 9.68 -32.21
N VAL E 213 63.42 8.50 -32.75
CA VAL E 213 63.47 7.28 -31.95
C VAL E 213 64.08 6.09 -32.70
N THR E 214 64.48 5.07 -31.94
CA THR E 214 65.06 3.87 -32.52
C THR E 214 64.01 2.76 -32.58
N TYR E 215 64.10 1.95 -33.62
CA TYR E 215 63.27 0.76 -33.78
C TYR E 215 64.08 -0.47 -33.37
N GLU E 216 63.46 -1.28 -32.54
CA GLU E 216 64.18 -2.45 -32.06
C GLU E 216 64.34 -3.49 -33.17
N ASP E 217 63.37 -3.60 -34.07
CA ASP E 217 63.45 -4.60 -35.12
C ASP E 217 64.58 -4.31 -36.10
N GLY E 218 64.94 -3.03 -36.24
CA GLY E 218 65.97 -2.64 -37.20
C GLY E 218 65.34 -2.08 -38.46
N THR E 219 65.31 -0.75 -38.57
CA THR E 219 64.62 -0.11 -39.68
C THR E 219 64.97 1.37 -39.68
N PRO E 220 65.14 2.00 -40.85
CA PRO E 220 65.39 3.45 -40.87
C PRO E 220 64.21 4.24 -40.34
N ALA E 221 64.39 4.86 -39.17
CA ALA E 221 63.29 5.54 -38.50
C ALA E 221 63.16 6.99 -38.95
N THR E 222 63.08 7.21 -40.26
CA THR E 222 62.86 8.56 -40.75
C THR E 222 61.43 8.99 -40.43
N VAL E 223 61.13 10.24 -40.78
CA VAL E 223 59.84 10.82 -40.41
C VAL E 223 58.70 10.13 -41.15
N ASP E 224 58.92 9.79 -42.42
CA ASP E 224 57.84 9.24 -43.24
C ASP E 224 57.38 7.89 -42.71
N GLN E 225 58.33 7.00 -42.39
CA GLN E 225 57.98 5.69 -41.88
C GLN E 225 57.23 5.81 -40.56
N MET E 226 57.69 6.68 -39.68
CA MET E 226 57.00 6.89 -38.41
C MET E 226 55.59 7.40 -38.64
N ALA E 227 55.40 8.30 -39.59
CA ALA E 227 54.07 8.82 -39.88
C ALA E 227 53.14 7.71 -40.35
N GLN E 228 53.61 6.91 -41.31
CA GLN E 228 52.81 5.78 -41.78
C GLN E 228 52.46 4.85 -40.63
N ASP E 229 53.44 4.52 -39.80
CA ASP E 229 53.22 3.57 -38.72
C ASP E 229 52.19 4.09 -37.73
N VAL E 230 52.32 5.35 -37.32
CA VAL E 230 51.40 5.89 -36.34
C VAL E 230 50.01 6.03 -36.94
N SER E 231 49.91 6.35 -38.23
CA SER E 231 48.62 6.37 -38.88
C SER E 231 47.95 5.02 -38.81
N ALA E 232 48.70 3.95 -39.09
CA ALA E 232 48.14 2.62 -38.99
C ALA E 232 47.72 2.30 -37.57
N PHE E 233 48.52 2.73 -36.58
CA PHE E 233 48.17 2.46 -35.19
C PHE E 233 46.86 3.14 -34.83
N LEU E 234 46.67 4.38 -35.27
CA LEU E 234 45.43 5.08 -34.98
C LEU E 234 44.25 4.41 -35.68
N MET E 235 44.45 3.97 -36.92
CA MET E 235 43.39 3.25 -37.61
C MET E 235 43.01 1.98 -36.84
N TRP E 236 44.00 1.31 -36.26
CA TRP E 236 43.69 0.19 -35.37
C TRP E 236 42.83 0.65 -34.21
N ALA E 237 43.32 1.66 -33.49
CA ALA E 237 42.60 2.17 -32.34
C ALA E 237 41.15 2.51 -32.67
N ALA E 238 40.88 2.84 -33.93
CA ALA E 238 39.54 3.20 -34.34
C ALA E 238 38.76 1.99 -34.87
N GLU E 239 39.35 1.20 -35.76
CA GLU E 239 38.73 0.02 -36.33
C GLU E 239 39.57 -1.20 -36.00
N PRO E 240 39.41 -1.77 -34.82
CA PRO E 240 40.17 -2.98 -34.46
C PRO E 240 39.62 -4.25 -35.10
N LYS E 241 38.33 -4.23 -35.42
CA LYS E 241 37.62 -5.41 -35.93
C LYS E 241 37.51 -5.37 -37.45
N LEU E 242 38.55 -4.87 -38.10
CA LEU E 242 38.55 -4.75 -39.55
C LEU E 242 38.64 -6.11 -40.23
N VAL E 243 39.63 -6.92 -39.83
CA VAL E 243 39.86 -8.19 -40.50
C VAL E 243 38.65 -9.10 -40.36
N ALA E 244 38.03 -9.11 -39.18
CA ALA E 244 36.80 -9.87 -39.01
C ALA E 244 35.72 -9.36 -39.95
N ARG E 245 35.66 -8.05 -40.12
CA ARG E 245 34.74 -7.46 -41.09
C ARG E 245 34.95 -8.07 -42.47
N LYS E 246 36.21 -8.08 -42.94
CA LYS E 246 36.48 -8.56 -44.29
C LYS E 246 36.16 -10.04 -44.43
N GLN E 247 36.52 -10.84 -43.42
CA GLN E 247 36.25 -12.28 -43.51
C GLN E 247 34.76 -12.56 -43.51
N MET E 248 33.99 -11.85 -42.67
CA MET E 248 32.55 -11.98 -42.70
C MET E 248 32.00 -11.61 -44.07
N GLY E 249 32.51 -10.51 -44.65
CA GLY E 249 32.04 -10.11 -45.95
C GLY E 249 32.28 -11.16 -47.00
N LEU E 250 33.46 -11.78 -46.99
CA LEU E 250 33.76 -12.85 -47.93
C LEU E 250 32.79 -14.00 -47.75
N VAL E 251 32.68 -14.51 -46.51
CA VAL E 251 31.81 -15.65 -46.24
C VAL E 251 30.39 -15.37 -46.71
N ALA E 252 29.88 -14.17 -46.41
CA ALA E 252 28.50 -13.85 -46.72
C ALA E 252 28.29 -13.69 -48.22
N MET E 253 29.20 -12.98 -48.90
CA MET E 253 29.11 -12.89 -50.34
C MET E 253 29.03 -14.28 -50.95
N VAL E 254 29.87 -15.20 -50.47
CA VAL E 254 29.89 -16.55 -51.05
C VAL E 254 28.56 -17.25 -50.82
N MET E 255 28.15 -17.33 -49.55
CA MET E 255 26.93 -18.08 -49.24
C MET E 255 25.72 -17.49 -49.96
N LEU E 256 25.64 -16.17 -50.06
CA LEU E 256 24.49 -15.55 -50.69
C LEU E 256 24.54 -15.70 -52.21
N GLY E 257 25.72 -15.66 -52.82
CA GLY E 257 25.80 -15.99 -54.22
C GLY E 257 25.32 -17.40 -54.49
N LEU E 258 25.69 -18.34 -53.63
CA LEU E 258 25.23 -19.72 -53.78
C LEU E 258 23.70 -19.79 -53.69
N LEU E 259 23.14 -19.23 -52.61
CA LEU E 259 21.70 -19.23 -52.44
C LEU E 259 21.00 -18.60 -53.63
N SER E 260 21.53 -17.48 -54.12
CA SER E 260 20.90 -16.77 -55.22
C SER E 260 20.95 -17.58 -56.51
N VAL E 261 22.06 -18.28 -56.75
CA VAL E 261 22.15 -19.12 -57.93
C VAL E 261 21.11 -20.23 -57.86
N MET E 262 21.02 -20.89 -56.70
CA MET E 262 20.05 -21.97 -56.56
C MET E 262 18.63 -21.46 -56.76
N LEU E 263 18.32 -20.29 -56.22
CA LEU E 263 16.99 -19.72 -56.41
C LEU E 263 16.75 -19.36 -57.87
N TYR E 264 17.78 -18.90 -58.59
CA TYR E 264 17.62 -18.61 -60.00
C TYR E 264 17.28 -19.88 -60.77
N LEU E 265 17.97 -20.98 -60.46
CA LEU E 265 17.65 -22.25 -61.11
C LEU E 265 16.22 -22.66 -60.82
N THR E 266 15.81 -22.56 -59.54
CA THR E 266 14.45 -22.93 -59.19
C THR E 266 13.42 -22.09 -59.94
N ASN E 267 13.69 -20.80 -60.08
CA ASN E 267 12.78 -19.91 -60.79
C ASN E 267 12.71 -20.28 -62.26
N LYS E 268 13.87 -20.40 -62.91
CA LYS E 268 13.90 -20.80 -64.31
C LYS E 268 13.12 -22.08 -64.53
N ARG E 269 13.18 -23.00 -63.57
CA ARG E 269 12.44 -24.25 -63.70
C ARG E 269 10.95 -24.03 -63.59
N LEU E 270 10.51 -23.48 -62.45
CA LEU E 270 9.08 -23.31 -62.23
C LEU E 270 8.42 -22.55 -63.37
N TRP E 271 9.06 -21.49 -63.84
CA TRP E 271 8.50 -20.65 -64.89
C TRP E 271 8.78 -21.18 -66.29
N ALA E 272 9.14 -22.46 -66.41
CA ALA E 272 9.46 -22.99 -67.74
C ALA E 272 8.23 -23.23 -68.58
N PRO E 273 7.21 -23.96 -68.12
CA PRO E 273 6.06 -24.27 -68.98
C PRO E 273 5.25 -23.06 -69.40
N TYR E 274 5.63 -21.87 -68.93
CA TYR E 274 4.94 -20.64 -69.29
C TYR E 274 5.80 -19.70 -70.13
N LYS E 275 7.04 -20.08 -70.44
CA LYS E 275 7.94 -19.25 -71.24
C LYS E 275 8.69 -20.12 -72.25
N GLY E 276 7.97 -21.01 -72.91
CA GLY E 276 8.61 -21.94 -73.84
C GLY E 276 8.17 -21.78 -75.28
N HIS E 277 6.92 -21.39 -75.49
CA HIS E 277 6.40 -21.23 -76.85
C HIS E 277 6.81 -19.90 -77.46
N LYS E 278 7.07 -18.88 -76.64
CA LYS E 278 7.49 -17.57 -77.11
C LYS E 278 9.00 -17.38 -77.06
N ARG F 11 -34.47 10.75 -18.58
CA ARG F 11 -34.80 10.60 -19.99
C ARG F 11 -33.72 9.96 -20.87
N ARG F 12 -34.16 9.22 -21.89
CA ARG F 12 -33.26 8.50 -22.79
C ARG F 12 -32.08 9.38 -23.22
N ASP F 13 -32.39 10.44 -23.95
CA ASP F 13 -31.45 11.39 -24.55
C ASP F 13 -30.55 12.00 -23.48
N PHE F 14 -31.15 12.58 -22.44
CA PHE F 14 -30.37 13.26 -21.42
C PHE F 14 -29.38 12.31 -20.76
N LEU F 15 -29.87 11.17 -20.28
CA LEU F 15 -29.02 10.25 -19.54
C LEU F 15 -27.89 9.72 -20.42
N TYR F 16 -28.22 9.25 -21.62
CA TYR F 16 -27.20 8.71 -22.51
C TYR F 16 -26.14 9.77 -22.82
N HIS F 17 -26.57 10.96 -23.25
CA HIS F 17 -25.63 12.00 -23.61
C HIS F 17 -24.79 12.45 -22.43
N ALA F 18 -25.37 12.44 -21.22
CA ALA F 18 -24.62 12.87 -20.05
C ALA F 18 -23.56 11.84 -19.67
N THR F 19 -23.89 10.56 -19.77
CA THR F 19 -22.89 9.53 -19.54
C THR F 19 -21.73 9.69 -20.52
N ALA F 20 -22.05 9.93 -21.79
CA ALA F 20 -20.99 10.14 -22.78
C ALA F 20 -20.14 11.34 -22.42
N ALA F 21 -20.78 12.44 -22.01
CA ALA F 21 -20.05 13.65 -21.67
C ALA F 21 -19.10 13.40 -20.50
N THR F 22 -19.59 12.70 -19.47
CA THR F 22 -18.75 12.43 -18.31
C THR F 22 -17.56 11.55 -18.69
N GLY F 23 -17.80 10.53 -19.49
CA GLY F 23 -16.69 9.71 -19.98
C GLY F 23 -15.66 10.54 -20.71
N VAL F 24 -16.13 11.46 -21.56
CA VAL F 24 -15.20 12.30 -22.32
C VAL F 24 -14.38 13.18 -21.38
N VAL F 25 -15.04 13.78 -20.39
CA VAL F 25 -14.36 14.67 -19.47
C VAL F 25 -13.28 13.91 -18.70
N VAL F 26 -13.63 12.73 -18.20
CA VAL F 26 -12.64 11.94 -17.46
C VAL F 26 -11.49 11.54 -18.36
N THR F 27 -11.78 11.15 -19.60
CA THR F 27 -10.73 10.79 -20.55
C THR F 27 -9.77 11.96 -20.75
N GLY F 28 -10.31 13.17 -20.93
CA GLY F 28 -9.44 14.32 -21.13
C GLY F 28 -8.61 14.65 -19.91
N ALA F 29 -9.23 14.56 -18.73
CA ALA F 29 -8.49 14.81 -17.49
C ALA F 29 -7.37 13.79 -17.31
N ALA F 30 -7.55 12.59 -17.85
CA ALA F 30 -6.49 11.59 -17.78
C ALA F 30 -5.43 11.81 -18.85
N VAL F 31 -5.81 12.38 -19.99
CA VAL F 31 -4.87 12.52 -21.10
C VAL F 31 -3.94 13.71 -20.87
N TRP F 32 -4.48 14.84 -20.42
CA TRP F 32 -3.68 16.06 -20.25
C TRP F 32 -2.31 15.83 -19.62
N PRO F 33 -2.17 15.08 -18.51
CA PRO F 33 -0.83 14.93 -17.92
C PRO F 33 0.14 14.18 -18.81
N LEU F 34 -0.35 13.21 -19.59
CA LEU F 34 0.49 12.56 -20.57
C LEU F 34 1.07 13.52 -21.58
N ILE F 35 0.47 14.69 -21.72
CA ILE F 35 0.97 15.75 -22.60
C ILE F 35 1.66 16.86 -21.79
N ASN F 36 1.50 16.83 -20.46
CA ASN F 36 2.11 17.85 -19.60
C ASN F 36 3.50 17.44 -19.12
N GLN F 37 3.73 16.15 -18.91
CA GLN F 37 5.00 15.64 -18.44
C GLN F 37 6.13 15.96 -19.41
N MET F 38 5.82 16.04 -20.70
CA MET F 38 6.84 16.35 -21.67
C MET F 38 7.26 17.82 -21.63
N ASN F 39 6.57 18.65 -20.85
CA ASN F 39 6.97 20.06 -20.73
C ASN F 39 8.21 20.20 -19.83
N ALA F 40 8.78 21.41 -19.80
CA ALA F 40 9.99 21.62 -19.03
C ALA F 40 9.71 21.29 -17.57
N SER F 41 10.57 20.46 -16.97
CA SER F 41 10.40 20.03 -15.59
C SER F 41 10.98 21.08 -14.67
N ALA F 42 10.78 20.94 -13.36
CA ALA F 42 11.24 21.97 -12.44
C ALA F 42 12.75 22.13 -12.50
N ASP F 43 13.49 21.05 -12.78
CA ASP F 43 14.94 21.14 -12.85
C ASP F 43 15.42 21.93 -14.05
N VAL F 44 14.53 22.14 -15.00
CA VAL F 44 14.78 22.98 -16.15
C VAL F 44 14.17 24.37 -15.91
N LYS F 45 13.28 24.48 -14.92
CA LYS F 45 12.64 25.73 -14.59
C LYS F 45 13.63 26.78 -14.11
N ALA F 46 14.66 26.34 -13.36
CA ALA F 46 15.71 27.21 -12.80
C ALA F 46 16.13 28.35 -13.74
N MET F 47 16.88 28.07 -14.85
CA MET F 47 17.14 29.04 -15.91
C MET F 47 17.60 30.39 -15.34
N ALA F 48 18.65 30.32 -14.51
CA ALA F 48 19.29 31.50 -13.88
C ALA F 48 20.55 32.11 -14.58
N SER F 49 21.17 33.10 -13.92
CA SER F 49 22.37 33.86 -14.39
C SER F 49 23.81 33.31 -14.24
N ILE F 50 24.77 33.96 -14.92
CA ILE F 50 26.21 33.60 -14.94
C ILE F 50 27.19 34.82 -14.97
N PHE F 51 28.22 34.82 -14.11
CA PHE F 51 29.22 35.88 -14.00
C PHE F 51 30.46 35.42 -14.78
N VAL F 52 30.65 36.03 -15.95
CA VAL F 52 31.80 35.73 -16.78
C VAL F 52 32.78 36.88 -16.59
N ASP F 53 34.04 36.55 -16.33
CA ASP F 53 35.04 37.59 -16.11
C ASP F 53 35.81 37.85 -17.39
N VAL F 54 35.70 39.07 -17.91
CA VAL F 54 36.39 39.45 -19.14
C VAL F 54 37.86 39.15 -18.97
N SER F 55 38.39 39.57 -17.82
CA SER F 55 39.78 39.39 -17.41
C SER F 55 40.84 39.34 -18.48
N ALA F 56 41.07 40.47 -19.17
CA ALA F 56 42.10 40.58 -20.23
C ALA F 56 42.30 39.36 -21.15
N VAL F 57 41.36 39.16 -22.06
CA VAL F 57 41.39 38.03 -22.98
C VAL F 57 41.90 38.45 -24.36
N GLU F 58 42.62 39.57 -24.38
CA GLU F 58 43.20 40.21 -25.57
C GLU F 58 42.07 40.71 -26.45
N VAL F 59 41.57 41.88 -26.06
CA VAL F 59 40.45 42.58 -26.68
C VAL F 59 40.55 42.54 -28.20
N GLY F 60 39.49 42.09 -28.86
CA GLY F 60 39.42 42.13 -30.31
C GLY F 60 39.18 40.81 -31.00
N THR F 61 39.34 39.67 -30.33
CA THR F 61 39.15 38.42 -31.04
C THR F 61 37.80 37.77 -30.75
N GLN F 62 37.56 37.33 -29.51
CA GLN F 62 36.26 36.80 -29.14
C GLN F 62 36.25 36.26 -27.71
N LEU F 63 35.06 35.93 -27.19
CA LEU F 63 34.92 35.22 -25.93
C LEU F 63 33.55 34.57 -25.90
N THR F 64 33.52 33.25 -25.69
CA THR F 64 32.29 32.48 -25.68
C THR F 64 32.15 31.75 -24.35
N VAL F 65 30.93 31.69 -23.82
CA VAL F 65 30.66 30.99 -22.58
C VAL F 65 29.30 30.31 -22.66
N LYS F 66 29.21 29.13 -22.05
CA LYS F 66 27.98 28.37 -22.04
C LYS F 66 27.03 28.89 -20.98
N TRP F 67 25.74 28.89 -21.31
CA TRP F 67 24.72 29.34 -20.37
C TRP F 67 23.34 29.03 -20.94
N ARG F 68 22.46 28.49 -20.09
CA ARG F 68 21.09 28.17 -20.50
C ARG F 68 21.07 27.14 -21.64
N GLY F 69 22.20 26.48 -21.83
CA GLY F 69 22.36 25.53 -22.92
C GLY F 69 22.76 26.15 -24.25
N LYS F 70 22.92 27.46 -24.32
CA LYS F 70 23.34 28.16 -25.51
C LYS F 70 24.55 29.02 -25.24
N PRO F 71 25.35 29.34 -26.26
CA PRO F 71 26.54 30.16 -26.04
C PRO F 71 26.20 31.65 -25.97
N VAL F 72 26.96 32.37 -25.15
CA VAL F 72 26.82 33.82 -25.01
C VAL F 72 28.12 34.47 -25.49
N PHE F 73 28.06 35.13 -26.64
CA PHE F 73 29.24 35.70 -27.29
C PHE F 73 29.59 37.02 -26.63
N ILE F 74 30.81 37.12 -26.11
CA ILE F 74 31.35 38.37 -25.59
C ILE F 74 32.61 38.68 -26.40
N ARG F 75 32.51 39.64 -27.33
CA ARG F 75 33.61 39.97 -28.22
C ARG F 75 33.94 41.45 -28.11
N ARG F 76 35.21 41.77 -27.93
CA ARG F 76 35.66 43.15 -27.99
C ARG F 76 35.54 43.66 -29.43
N ARG F 77 35.86 44.94 -29.62
CA ARG F 77 35.68 45.60 -30.91
C ARG F 77 37.01 45.94 -31.54
N ASP F 78 37.09 45.74 -32.84
CA ASP F 78 38.24 46.14 -33.67
C ASP F 78 37.84 47.34 -34.52
N GLU F 79 38.65 48.39 -34.47
CA GLU F 79 38.27 49.67 -35.06
C GLU F 79 37.64 49.50 -36.43
N LYS F 80 38.30 48.77 -37.33
CA LYS F 80 37.73 48.54 -38.65
C LYS F 80 36.33 47.94 -38.55
N ASP F 81 36.15 46.98 -37.64
CA ASP F 81 34.81 46.45 -37.39
C ASP F 81 33.88 47.55 -36.89
N ILE F 82 34.37 48.42 -36.03
CA ILE F 82 33.54 49.48 -35.47
C ILE F 82 33.07 50.43 -36.57
N GLU F 83 34.02 51.01 -37.31
CA GLU F 83 33.66 51.98 -38.34
C GLU F 83 32.68 51.40 -39.34
N LEU F 84 32.89 50.13 -39.73
CA LEU F 84 31.91 49.46 -40.58
C LEU F 84 30.54 49.44 -39.92
N ALA F 85 30.50 49.23 -38.61
CA ALA F 85 29.25 49.25 -37.87
C ALA F 85 28.61 50.63 -37.88
N ARG F 86 29.30 51.61 -37.30
CA ARG F 86 28.75 52.95 -37.17
C ARG F 86 28.39 53.59 -38.50
N SER F 87 28.87 53.04 -39.61
CA SER F 87 28.59 53.56 -40.94
C SER F 87 27.46 52.79 -41.63
N VAL F 88 26.51 52.28 -40.86
CA VAL F 88 25.38 51.55 -41.43
C VAL F 88 24.09 52.32 -41.16
N PRO F 89 23.54 53.01 -42.15
CA PRO F 89 22.25 53.67 -41.96
C PRO F 89 21.12 52.65 -41.80
N LEU F 90 20.11 53.04 -41.02
CA LEU F 90 18.99 52.13 -40.77
C LEU F 90 18.41 51.58 -42.07
N GLY F 91 18.46 52.37 -43.14
CA GLY F 91 18.00 51.87 -44.42
C GLY F 91 18.82 50.67 -44.87
N ALA F 92 18.15 49.75 -45.55
CA ALA F 92 18.77 48.51 -46.05
C ALA F 92 19.18 47.58 -44.90
N LEU F 93 18.55 47.74 -43.74
CA LEU F 93 18.81 46.91 -42.57
C LEU F 93 17.58 46.07 -42.32
N ARG F 94 17.71 44.75 -42.50
CA ARG F 94 16.56 43.85 -42.38
C ARG F 94 15.80 44.07 -41.09
N ASP F 95 16.48 43.89 -39.95
CA ASP F 95 15.86 44.05 -38.64
C ASP F 95 16.46 45.28 -37.96
N THR F 96 15.65 46.33 -37.85
CA THR F 96 16.06 47.58 -37.21
C THR F 96 15.46 47.75 -35.82
N SER F 97 15.36 46.66 -35.07
CA SER F 97 14.69 46.69 -33.76
C SER F 97 15.67 46.63 -32.58
N ALA F 98 16.94 46.32 -32.81
CA ALA F 98 17.91 46.25 -31.74
C ALA F 98 17.43 45.29 -30.65
N GLU F 99 17.28 44.02 -31.06
CA GLU F 99 16.76 42.87 -30.28
C GLU F 99 17.19 42.90 -28.81
N ASN F 100 18.28 43.60 -28.48
CA ASN F 100 18.80 43.70 -27.10
C ASN F 100 17.65 44.01 -26.13
N ALA F 101 17.44 43.14 -25.12
CA ALA F 101 16.35 43.25 -24.15
C ALA F 101 16.71 44.09 -22.95
N ASN F 102 17.95 44.60 -22.87
CA ASN F 102 18.32 45.50 -21.79
C ASN F 102 17.78 46.91 -21.96
N LYS F 103 17.04 47.16 -23.03
CA LYS F 103 16.50 48.48 -23.33
C LYS F 103 15.23 48.32 -24.16
N PRO F 104 14.53 49.42 -24.46
CA PRO F 104 13.29 49.31 -25.24
C PRO F 104 13.56 48.99 -26.71
N GLY F 105 12.52 49.04 -27.52
CA GLY F 105 12.61 48.72 -28.93
C GLY F 105 13.30 49.78 -29.75
N ALA F 106 14.14 50.58 -29.11
CA ALA F 106 14.86 51.64 -29.80
C ALA F 106 15.52 51.11 -31.07
N GLU F 107 15.71 52.00 -32.05
CA GLU F 107 16.28 51.63 -33.33
C GLU F 107 17.55 50.81 -33.15
N ALA F 108 17.78 49.88 -34.08
CA ALA F 108 18.95 49.02 -34.06
C ALA F 108 20.18 49.83 -34.48
N THR F 109 20.60 50.71 -33.58
CA THR F 109 21.74 51.58 -33.79
C THR F 109 22.91 51.11 -32.95
N ASP F 110 24.12 51.33 -33.48
CA ASP F 110 25.31 50.88 -32.78
C ASP F 110 25.48 51.59 -31.44
N GLU F 111 25.03 52.83 -31.35
CA GLU F 111 25.14 53.53 -30.07
C GLU F 111 24.33 52.80 -28.99
N ASN F 112 23.12 52.37 -29.33
CA ASN F 112 22.33 51.58 -28.40
C ASN F 112 22.69 50.11 -28.44
N ARG F 113 23.13 49.62 -29.61
CA ARG F 113 23.33 48.17 -29.86
C ARG F 113 24.67 47.59 -29.39
N THR F 114 25.67 48.41 -29.03
CA THR F 114 26.94 47.82 -28.64
C THR F 114 26.90 47.20 -27.25
N LEU F 115 26.84 48.04 -26.21
CA LEU F 115 26.60 47.57 -24.84
C LEU F 115 26.68 48.71 -23.83
N PRO F 116 26.30 48.46 -22.57
CA PRO F 116 26.60 49.41 -21.49
C PRO F 116 28.08 49.78 -21.45
N ALA F 117 28.44 50.78 -20.63
CA ALA F 117 29.73 51.43 -20.76
C ALA F 117 30.66 51.19 -19.58
N PHE F 118 30.78 49.94 -19.13
CA PHE F 118 31.72 49.53 -18.09
C PHE F 118 31.43 50.15 -16.73
N ASP F 119 30.27 50.77 -16.54
CA ASP F 119 29.97 51.68 -15.45
C ASP F 119 30.55 53.05 -15.76
N GLY F 120 31.19 53.22 -16.91
CA GLY F 120 31.72 54.49 -17.38
C GLY F 120 30.86 55.06 -18.50
N THR F 121 31.53 55.67 -19.48
CA THR F 121 30.84 56.31 -20.62
C THR F 121 31.59 55.96 -21.90
N ASN F 122 31.22 54.84 -22.52
CA ASN F 122 31.70 54.45 -23.83
C ASN F 122 30.97 53.18 -24.26
N THR F 123 30.75 53.06 -25.56
CA THR F 123 29.99 51.94 -26.10
C THR F 123 30.67 51.21 -27.26
N GLY F 124 31.56 51.84 -28.00
CA GLY F 124 32.15 51.22 -29.17
C GLY F 124 33.36 50.34 -28.89
N GLU F 125 33.27 49.50 -27.86
CA GLU F 125 34.38 48.64 -27.45
C GLU F 125 33.98 47.23 -27.03
N TRP F 126 32.72 46.96 -26.66
CA TRP F 126 32.29 45.62 -26.28
C TRP F 126 30.87 45.37 -26.76
N LEU F 127 30.58 44.10 -27.07
CA LEU F 127 29.26 43.72 -27.59
C LEU F 127 29.02 42.24 -27.26
N VAL F 128 28.13 41.98 -26.33
CA VAL F 128 27.78 40.61 -25.95
C VAL F 128 26.34 40.30 -26.34
N MET F 129 26.21 39.36 -27.27
CA MET F 129 24.93 38.92 -27.83
C MET F 129 24.76 37.41 -27.68
N LEU F 130 23.55 36.92 -27.95
CA LEU F 130 23.25 35.49 -27.86
C LEU F 130 23.65 34.85 -29.20
N GLY F 131 24.71 33.97 -29.24
CA GLY F 131 25.32 33.29 -30.36
C GLY F 131 24.41 32.21 -30.92
N VAL F 132 23.19 32.61 -31.29
CA VAL F 132 22.15 31.69 -31.72
C VAL F 132 21.46 32.32 -32.92
N CYS F 133 21.62 31.69 -34.09
CA CYS F 133 21.01 32.22 -35.32
C CYS F 133 19.50 32.20 -35.21
N THR F 134 18.86 33.34 -35.53
CA THR F 134 17.42 33.47 -35.41
C THR F 134 16.66 32.65 -36.44
N HIS F 135 17.33 32.13 -37.47
CA HIS F 135 16.65 31.29 -38.46
C HIS F 135 16.12 30.03 -37.79
N LEU F 136 17.01 29.17 -37.31
CA LEU F 136 16.62 27.93 -36.66
C LEU F 136 17.53 27.56 -35.49
N GLY F 137 18.42 28.45 -35.05
CA GLY F 137 19.18 28.25 -33.83
C GLY F 137 20.56 27.67 -33.98
N CYS F 138 21.20 27.80 -35.15
CA CYS F 138 22.57 27.34 -35.31
C CYS F 138 23.54 28.36 -34.71
N VAL F 139 24.81 27.96 -34.64
CA VAL F 139 25.87 28.78 -34.06
C VAL F 139 26.70 29.36 -35.21
N PRO F 140 26.60 30.66 -35.51
CA PRO F 140 27.43 31.22 -36.58
C PRO F 140 28.91 31.20 -36.24
N MET F 141 29.73 31.11 -37.28
CA MET F 141 31.19 31.13 -37.12
C MET F 141 31.65 32.58 -37.03
N GLY F 142 32.48 32.86 -36.03
CA GLY F 142 33.00 34.19 -35.79
C GLY F 142 34.41 34.37 -36.33
N ASP F 143 35.11 35.36 -35.77
CA ASP F 143 36.47 35.66 -36.20
C ASP F 143 36.56 36.29 -37.57
N LYS F 144 35.68 37.26 -37.85
CA LYS F 144 35.64 37.95 -39.15
C LYS F 144 35.39 36.93 -40.25
N SER F 145 34.12 36.73 -40.59
CA SER F 145 33.73 35.78 -41.62
C SER F 145 32.50 36.34 -42.36
N GLY F 146 32.23 35.75 -43.51
CA GLY F 146 31.11 36.17 -44.33
C GLY F 146 31.48 37.27 -45.30
N ASP F 147 30.45 37.86 -45.89
CA ASP F 147 30.58 38.92 -46.88
C ASP F 147 30.36 40.31 -46.28
N PHE F 148 30.39 40.43 -44.95
CA PHE F 148 30.19 41.72 -44.28
C PHE F 148 31.15 41.92 -43.11
N GLY F 149 32.19 41.09 -42.97
CA GLY F 149 33.14 41.25 -41.89
C GLY F 149 32.52 41.04 -40.52
N GLY F 150 31.77 39.95 -40.36
CA GLY F 150 31.12 39.65 -39.10
C GLY F 150 31.02 38.16 -38.82
N TRP F 151 29.80 37.64 -38.84
CA TRP F 151 29.52 36.24 -38.57
C TRP F 151 28.81 35.60 -39.75
N PHE F 152 29.04 34.30 -39.91
CA PHE F 152 28.47 33.51 -41.00
C PHE F 152 27.86 32.24 -40.44
N CYS F 153 26.59 31.99 -40.78
CA CYS F 153 25.89 30.79 -40.32
C CYS F 153 26.08 29.68 -41.35
N PRO F 154 26.69 28.54 -41.02
CA PRO F 154 26.90 27.50 -42.05
C PRO F 154 25.70 26.61 -42.30
N CYS F 155 24.62 26.74 -41.52
CA CYS F 155 23.48 25.84 -41.68
C CYS F 155 22.70 26.15 -42.94
N HIS F 156 22.53 27.44 -43.27
CA HIS F 156 21.82 27.84 -44.48
C HIS F 156 22.42 29.05 -45.18
N GLY F 157 23.45 29.68 -44.61
CA GLY F 157 24.10 30.80 -45.27
C GLY F 157 23.52 32.15 -44.90
N SER F 158 23.58 32.61 -43.65
CA SER F 158 23.01 33.88 -43.24
C SER F 158 24.19 34.76 -42.87
N HIS F 159 24.29 35.91 -43.49
CA HIS F 159 25.42 36.79 -43.20
C HIS F 159 25.06 37.85 -42.18
N TYR F 160 25.80 37.86 -41.08
CA TYR F 160 25.59 38.83 -40.02
C TYR F 160 26.60 39.95 -40.21
N ASP F 161 26.34 41.09 -39.60
CA ASP F 161 27.24 42.22 -39.74
C ASP F 161 28.11 42.37 -38.49
N SER F 162 28.81 43.49 -38.39
CA SER F 162 29.72 43.70 -37.27
C SER F 162 28.96 43.76 -35.94
N ALA F 163 27.87 44.53 -35.90
CA ALA F 163 27.08 44.67 -34.69
C ALA F 163 26.13 43.50 -34.47
N GLY F 164 26.07 42.55 -35.40
CA GLY F 164 25.22 41.38 -35.25
C GLY F 164 23.88 41.46 -35.96
N ARG F 165 23.59 42.54 -36.66
CA ARG F 165 22.32 42.66 -37.36
C ARG F 165 22.33 41.75 -38.58
N ILE F 166 21.20 41.06 -38.79
CA ILE F 166 21.15 40.06 -39.86
C ILE F 166 21.27 40.71 -41.23
N ARG F 167 21.89 39.99 -42.15
CA ARG F 167 22.06 40.45 -43.52
C ARG F 167 22.30 39.25 -44.42
N LYS F 168 21.79 39.34 -45.64
CA LYS F 168 22.12 38.39 -46.70
C LYS F 168 21.82 36.95 -46.29
N GLY F 169 20.53 36.69 -46.08
CA GLY F 169 20.09 35.34 -45.76
C GLY F 169 18.66 35.25 -45.30
N PRO F 170 18.23 34.03 -44.96
CA PRO F 170 16.84 33.85 -44.52
C PRO F 170 16.58 34.32 -43.10
N ALA F 171 17.62 34.30 -42.25
CA ALA F 171 17.48 34.74 -40.86
C ALA F 171 16.75 36.07 -40.80
N PRO F 172 15.59 36.13 -40.13
CA PRO F 172 14.77 37.35 -40.18
C PRO F 172 15.31 38.50 -39.36
N ARG F 173 15.83 38.21 -38.17
CA ARG F 173 16.24 39.26 -37.23
C ARG F 173 17.68 39.08 -36.85
N ASN F 174 18.24 40.11 -36.20
CA ASN F 174 19.64 40.13 -35.81
C ASN F 174 19.88 39.25 -34.59
N LEU F 175 21.10 39.28 -34.06
CA LEU F 175 21.43 38.52 -32.86
C LEU F 175 20.97 39.27 -31.61
N ASP F 176 20.05 38.66 -30.88
CA ASP F 176 19.52 39.28 -29.67
C ASP F 176 20.64 39.60 -28.68
N ILE F 177 20.31 40.44 -27.71
CA ILE F 177 21.25 40.82 -26.66
C ILE F 177 20.57 40.62 -25.30
N PRO F 178 21.02 39.66 -24.49
CA PRO F 178 20.38 39.42 -23.20
C PRO F 178 20.58 40.60 -22.26
N VAL F 179 19.91 40.53 -21.11
CA VAL F 179 20.03 41.55 -20.09
C VAL F 179 21.35 41.35 -19.34
N ALA F 180 22.23 42.35 -19.42
CA ALA F 180 23.54 42.25 -18.81
C ALA F 180 24.03 43.62 -18.38
N ALA F 181 24.67 43.67 -17.21
CA ALA F 181 25.29 44.88 -16.70
C ALA F 181 26.69 44.54 -16.20
N PHE F 182 27.49 45.57 -15.96
CA PHE F 182 28.88 45.34 -15.63
C PHE F 182 29.10 45.31 -14.12
N VAL F 183 30.25 44.78 -13.73
CA VAL F 183 30.60 44.52 -12.33
C VAL F 183 31.79 45.38 -11.95
N ASP F 184 31.83 46.62 -12.46
CA ASP F 184 32.94 47.53 -12.21
C ASP F 184 34.25 47.10 -12.87
N GLU F 185 34.23 47.05 -14.20
CA GLU F 185 35.37 47.08 -15.13
C GLU F 185 36.10 45.75 -15.28
N THR F 186 35.82 44.73 -14.46
CA THR F 186 36.28 43.40 -14.86
C THR F 186 35.24 42.37 -14.37
N THR F 187 34.18 42.21 -15.15
CA THR F 187 33.22 41.13 -14.98
C THR F 187 32.08 41.36 -15.96
N ILE F 188 31.25 40.34 -16.20
CA ILE F 188 29.99 40.50 -16.89
C ILE F 188 28.93 39.66 -16.18
N LYS F 189 27.73 40.22 -16.05
CA LYS F 189 26.61 39.57 -15.38
C LYS F 189 25.58 39.20 -16.43
N LEU F 190 25.36 37.89 -16.61
CA LEU F 190 24.44 37.37 -17.62
C LEU F 190 23.21 36.83 -16.92
N GLY F 191 22.17 37.66 -16.82
CA GLY F 191 20.95 37.26 -16.14
C GLY F 191 20.48 38.28 -15.14
N SER G 57 -49.93 -48.79 27.13
CA SER G 57 -50.98 -47.76 26.97
C SER G 57 -50.40 -46.41 27.28
N LYS G 58 -50.90 -45.78 28.36
CA LYS G 58 -50.43 -44.51 28.81
C LYS G 58 -50.45 -43.54 27.67
N ASP G 59 -51.46 -43.69 26.79
CA ASP G 59 -51.65 -42.88 25.62
C ASP G 59 -52.04 -41.49 26.03
N GLU G 60 -52.58 -41.33 27.26
CA GLU G 60 -53.03 -40.02 27.68
C GLU G 60 -51.88 -39.22 28.23
N TYR G 61 -51.89 -37.89 27.96
CA TYR G 61 -50.86 -37.00 28.43
C TYR G 61 -50.91 -36.91 29.93
N PHE G 62 -49.72 -36.83 30.56
CA PHE G 62 -49.64 -36.72 31.99
C PHE G 62 -49.80 -35.27 32.36
N ASP G 63 -51.04 -34.91 32.73
CA ASP G 63 -51.45 -33.58 33.13
C ASP G 63 -51.06 -33.27 34.55
N GLY G 64 -50.84 -34.30 35.35
CA GLY G 64 -50.53 -34.17 36.75
C GLY G 64 -49.57 -33.06 37.17
N VAL G 65 -48.34 -33.15 36.70
CA VAL G 65 -47.31 -32.22 37.05
C VAL G 65 -47.65 -30.85 36.56
N ILE G 66 -48.17 -30.74 35.32
CA ILE G 66 -48.53 -29.45 34.80
C ILE G 66 -49.55 -28.81 35.68
N ARG G 67 -50.53 -29.57 36.21
CA ARG G 67 -51.50 -28.98 37.08
C ARG G 67 -50.83 -28.42 38.30
N ALA G 68 -49.93 -29.20 38.94
CA ALA G 68 -49.34 -28.75 40.17
C ALA G 68 -48.55 -27.50 39.92
N GLY G 69 -47.71 -27.50 38.89
CA GLY G 69 -46.85 -26.40 38.58
C GLY G 69 -47.68 -25.19 38.24
N VAL G 70 -48.83 -25.35 37.56
CA VAL G 70 -49.59 -24.17 37.23
C VAL G 70 -50.10 -23.51 38.47
N ILE G 71 -50.71 -24.29 39.39
CA ILE G 71 -51.26 -23.67 40.57
C ILE G 71 -50.17 -23.01 41.35
N ALA G 72 -49.03 -23.69 41.51
CA ALA G 72 -47.94 -23.14 42.25
C ALA G 72 -47.44 -21.91 41.54
N THR G 73 -47.51 -21.87 40.20
CA THR G 73 -47.05 -20.71 39.48
C THR G 73 -47.85 -19.53 39.92
N THR G 74 -49.18 -19.67 40.06
CA THR G 74 -49.97 -18.56 40.47
C THR G 74 -49.60 -18.18 41.87
N PHE G 75 -49.41 -19.18 42.77
CA PHE G 75 -49.14 -18.92 44.15
C PHE G 75 -47.87 -18.14 44.31
N TRP G 76 -46.78 -18.60 43.68
CA TRP G 76 -45.50 -17.97 43.81
C TRP G 76 -45.57 -16.62 43.18
N GLY G 77 -46.38 -16.47 42.12
CA GLY G 77 -46.52 -15.18 41.52
C GLY G 77 -47.04 -14.25 42.57
N ILE G 78 -48.08 -14.64 43.33
CA ILE G 78 -48.60 -13.74 44.32
C ILE G 78 -47.55 -13.45 45.35
N VAL G 79 -46.85 -14.48 45.85
CA VAL G 79 -45.89 -14.27 46.90
C VAL G 79 -44.79 -13.34 46.44
N GLY G 80 -44.22 -13.59 45.26
CA GLY G 80 -43.10 -12.83 44.80
C GLY G 80 -43.45 -11.41 44.51
N PHE G 81 -44.57 -11.16 43.81
CA PHE G 81 -44.98 -9.83 43.46
C PHE G 81 -45.35 -9.11 44.74
N LEU G 82 -45.97 -9.82 45.73
CA LEU G 82 -46.30 -9.07 46.92
C LEU G 82 -45.04 -8.62 47.58
N VAL G 83 -43.98 -9.45 47.57
CA VAL G 83 -42.76 -9.02 48.20
C VAL G 83 -42.26 -7.83 47.47
N ALA G 84 -42.45 -7.82 46.14
CA ALA G 84 -42.00 -6.74 45.31
C ALA G 84 -42.67 -5.46 45.76
N VAL G 85 -44.00 -5.50 45.97
CA VAL G 85 -44.72 -4.31 46.36
C VAL G 85 -44.20 -3.87 47.69
N ILE G 86 -43.98 -4.82 48.62
CA ILE G 86 -43.62 -4.42 49.94
C ILE G 86 -42.29 -3.72 49.98
N ILE G 87 -41.27 -4.28 49.31
CA ILE G 87 -39.94 -3.74 49.30
C ILE G 87 -39.99 -2.39 48.63
N ALA G 88 -40.84 -2.23 47.59
CA ALA G 88 -40.96 -0.95 46.94
C ALA G 88 -41.44 0.05 47.92
N PHE G 89 -42.40 -0.35 48.78
CA PHE G 89 -42.95 0.55 49.75
C PHE G 89 -41.87 0.88 50.72
N GLN G 90 -40.98 -0.08 51.02
CA GLN G 90 -39.90 0.14 51.93
C GLN G 90 -39.03 1.22 51.37
N LEU G 91 -38.81 1.23 50.04
CA LEU G 91 -38.00 2.28 49.48
C LEU G 91 -38.71 3.60 49.69
N ALA G 92 -40.05 3.61 49.57
CA ALA G 92 -40.79 4.83 49.76
C ALA G 92 -40.78 5.25 51.20
N PHE G 93 -41.10 4.32 52.13
CA PHE G 93 -41.16 4.66 53.51
C PHE G 93 -40.40 3.58 54.24
N PRO G 94 -39.29 3.97 54.77
CA PRO G 94 -38.37 3.06 55.39
C PRO G 94 -38.88 2.42 56.65
N ALA G 95 -39.98 2.94 57.23
CA ALA G 95 -40.51 2.42 58.47
C ALA G 95 -40.87 0.98 58.25
N LEU G 96 -41.25 0.64 57.01
CA LEU G 96 -41.69 -0.67 56.66
C LEU G 96 -40.62 -1.68 56.92
N ASN G 97 -39.39 -1.09 57.15
CA ASN G 97 -38.24 -1.84 57.64
C ASN G 97 -38.30 -1.84 59.15
N LEU G 98 -37.98 -2.99 59.80
CA LEU G 98 -37.99 -2.96 61.26
C LEU G 98 -36.83 -2.10 61.73
N GLU G 99 -37.12 -1.08 62.58
CA GLU G 99 -36.12 -0.16 63.06
C GLU G 99 -35.17 -0.82 64.00
N PHE G 100 -35.70 -1.43 65.08
CA PHE G 100 -34.88 -2.12 66.03
C PHE G 100 -35.20 -3.55 65.80
N GLY G 101 -34.15 -4.37 65.55
CA GLY G 101 -34.33 -5.75 65.28
C GLY G 101 -34.33 -5.90 63.79
N ASN G 102 -33.53 -6.84 63.27
CA ASN G 102 -33.46 -7.10 61.86
C ASN G 102 -34.81 -7.61 61.46
N GLY G 103 -35.26 -8.69 62.16
CA GLY G 103 -36.58 -9.25 62.09
C GLY G 103 -36.91 -9.82 60.76
N MET G 104 -38.22 -9.79 60.50
CA MET G 104 -38.94 -10.16 59.32
C MET G 104 -38.83 -9.19 58.14
N LEU G 105 -38.87 -7.85 58.33
CA LEU G 105 -38.85 -7.00 57.15
C LEU G 105 -37.66 -6.06 57.19
N ASN G 106 -36.64 -6.32 56.32
CA ASN G 106 -35.50 -5.46 56.15
C ASN G 106 -35.14 -5.55 54.67
N PHE G 107 -34.92 -4.46 54.03
CA PHE G 107 -34.87 -4.37 52.59
C PHE G 107 -33.74 -5.20 52.05
N GLY G 108 -32.54 -5.09 52.65
CA GLY G 108 -31.38 -5.74 52.10
C GLY G 108 -31.59 -7.22 51.97
N ARG G 109 -32.22 -7.86 52.97
CA ARG G 109 -32.53 -9.27 52.96
C ARG G 109 -33.70 -9.66 52.10
N LEU G 110 -34.77 -8.85 52.12
CA LEU G 110 -35.97 -9.17 51.42
C LEU G 110 -35.77 -9.10 49.95
N ARG G 111 -34.91 -8.18 49.48
CA ARG G 111 -34.77 -7.92 48.08
C ARG G 111 -34.44 -9.19 47.32
N PRO G 112 -33.44 -9.96 47.69
CA PRO G 112 -33.11 -11.15 46.95
C PRO G 112 -34.23 -12.14 47.05
N LEU G 113 -35.05 -12.05 48.10
CA LEU G 113 -36.14 -12.98 48.22
C LEU G 113 -37.09 -12.66 47.11
N HIS G 114 -37.35 -11.36 46.88
CA HIS G 114 -38.23 -10.94 45.83
C HIS G 114 -37.67 -11.45 44.54
N THR G 115 -36.35 -11.26 44.33
CA THR G 115 -35.71 -11.64 43.11
C THR G 115 -35.91 -13.10 42.82
N SER G 116 -35.53 -13.97 43.78
CA SER G 116 -35.54 -15.41 43.57
C SER G 116 -36.94 -15.92 43.45
N ALA G 117 -37.83 -15.43 44.32
CA ALA G 117 -39.18 -15.91 44.28
C ALA G 117 -39.80 -15.56 42.97
N VAL G 118 -39.54 -14.34 42.49
CA VAL G 118 -40.17 -13.92 41.26
C VAL G 118 -39.61 -14.63 40.06
N ILE G 119 -38.26 -14.76 39.97
CA ILE G 119 -37.65 -15.39 38.83
C ILE G 119 -37.75 -16.90 38.84
N PHE G 120 -37.19 -17.55 39.88
CA PHE G 120 -37.10 -18.98 39.96
C PHE G 120 -38.40 -19.61 40.35
N ALA G 121 -39.07 -19.04 41.37
CA ALA G 121 -40.31 -19.62 41.78
C ALA G 121 -41.41 -19.35 40.79
N PHE G 122 -41.68 -18.06 40.52
CA PHE G 122 -42.76 -17.70 39.63
C PHE G 122 -42.44 -18.05 38.22
N GLY G 123 -41.34 -17.49 37.71
CA GLY G 123 -40.94 -17.71 36.35
C GLY G 123 -40.61 -19.15 36.20
N GLY G 124 -39.95 -19.74 37.20
CA GLY G 124 -39.53 -21.11 37.10
C GLY G 124 -40.71 -22.02 36.98
N ASN G 125 -41.73 -21.84 37.83
CA ASN G 125 -42.87 -22.73 37.83
C ASN G 125 -43.60 -22.55 36.54
N ALA G 126 -43.64 -21.30 36.04
CA ALA G 126 -44.31 -21.04 34.80
C ALA G 126 -43.64 -21.84 33.73
N LEU G 127 -42.29 -21.87 33.73
CA LEU G 127 -41.55 -22.60 32.75
C LEU G 127 -41.79 -24.07 32.84
N ILE G 128 -41.89 -24.61 34.07
CA ILE G 128 -42.10 -26.02 34.26
C ILE G 128 -43.44 -26.42 33.70
N ALA G 129 -44.50 -25.69 34.11
CA ALA G 129 -45.83 -26.02 33.69
C ALA G 129 -45.93 -25.91 32.20
N SER G 130 -45.40 -24.81 31.65
CA SER G 130 -45.52 -24.58 30.24
C SER G 130 -44.78 -25.62 29.46
N ALA G 131 -43.51 -25.91 29.84
CA ALA G 131 -42.71 -26.83 29.10
C ALA G 131 -43.30 -28.22 29.16
N PHE G 132 -43.77 -28.65 30.33
CA PHE G 132 -44.33 -29.97 30.42
C PHE G 132 -45.55 -30.07 29.56
N TYR G 133 -46.43 -29.06 29.57
CA TYR G 133 -47.62 -29.15 28.76
C TYR G 133 -47.26 -29.10 27.30
N VAL G 134 -46.48 -28.08 26.92
CA VAL G 134 -46.16 -27.77 25.55
C VAL G 134 -45.42 -28.89 24.88
N VAL G 135 -44.36 -29.42 25.50
CA VAL G 135 -43.57 -30.43 24.85
C VAL G 135 -44.41 -31.65 24.59
N GLN G 136 -45.23 -32.04 25.58
CA GLN G 136 -46.05 -33.23 25.49
C GLN G 136 -46.90 -33.13 24.26
N ARG G 137 -47.61 -31.99 24.12
CA ARG G 137 -48.53 -31.82 23.04
C ARG G 137 -47.81 -31.65 21.72
N THR G 138 -46.73 -30.84 21.72
CA THR G 138 -46.09 -30.48 20.48
C THR G 138 -45.50 -31.69 19.83
N SER G 139 -45.01 -32.65 20.64
CA SER G 139 -44.44 -33.91 20.23
C SER G 139 -45.42 -35.07 20.27
N ALA G 140 -46.58 -34.88 20.92
CA ALA G 140 -47.62 -35.88 21.05
C ALA G 140 -47.22 -37.18 21.73
N ALA G 141 -46.62 -37.10 22.94
CA ALA G 141 -46.36 -38.29 23.72
C ALA G 141 -46.46 -37.90 25.18
N ARG G 142 -46.65 -38.89 26.08
CA ARG G 142 -46.77 -38.64 27.50
C ARG G 142 -45.40 -38.41 28.03
N LEU G 143 -45.26 -37.54 29.07
CA LEU G 143 -43.98 -37.11 29.61
C LEU G 143 -43.15 -38.30 29.96
N PHE G 144 -41.86 -38.17 29.61
CA PHE G 144 -40.87 -39.18 29.78
C PHE G 144 -40.57 -39.46 31.22
N GLY G 145 -40.51 -38.52 32.13
CA GLY G 145 -40.16 -38.91 33.47
C GLY G 145 -41.32 -39.38 34.18
N GLY G 146 -42.50 -38.92 33.75
CA GLY G 146 -43.76 -39.28 34.30
C GLY G 146 -43.92 -38.62 35.61
N THR G 147 -44.82 -39.19 36.40
CA THR G 147 -45.02 -38.64 37.69
C THR G 147 -43.71 -38.80 38.37
N ALA G 148 -43.00 -39.91 38.15
CA ALA G 148 -41.87 -40.07 39.00
C ALA G 148 -40.82 -39.02 38.81
N LEU G 149 -40.25 -38.91 37.60
CA LEU G 149 -39.16 -37.99 37.44
C LEU G 149 -39.66 -36.58 37.50
N GLY G 150 -40.76 -36.33 36.77
CA GLY G 150 -41.33 -35.02 36.66
C GLY G 150 -41.87 -34.56 37.98
N TRP G 151 -42.57 -35.44 38.71
CA TRP G 151 -43.14 -34.97 39.95
C TRP G 151 -42.02 -34.69 40.89
N PHE G 152 -40.92 -35.45 40.78
CA PHE G 152 -39.78 -35.22 41.61
C PHE G 152 -39.32 -33.82 41.35
N VAL G 153 -39.29 -33.43 40.07
CA VAL G 153 -38.86 -32.09 39.75
C VAL G 153 -39.81 -31.13 40.40
N PHE G 154 -41.10 -31.49 40.50
CA PHE G 154 -42.01 -30.56 41.13
C PHE G 154 -41.71 -30.39 42.59
N TRP G 155 -41.64 -31.49 43.37
CA TRP G 155 -41.44 -31.35 44.79
C TRP G 155 -40.10 -30.73 44.99
N GLY G 156 -39.11 -31.17 44.21
CA GLY G 156 -37.78 -30.70 44.40
C GLY G 156 -37.75 -29.21 44.23
N TRP G 157 -38.45 -28.69 43.21
CA TRP G 157 -38.42 -27.28 42.94
C TRP G 157 -39.05 -26.56 44.08
N GLN G 158 -40.12 -27.14 44.63
CA GLN G 158 -40.87 -26.55 45.70
C GLN G 158 -39.97 -26.44 46.89
N LEU G 159 -39.16 -27.48 47.14
CA LEU G 159 -38.23 -27.47 48.23
C LEU G 159 -37.26 -26.37 48.03
N ILE G 160 -36.82 -26.16 46.77
CA ILE G 160 -35.85 -25.14 46.50
C ILE G 160 -36.41 -23.81 46.86
N ILE G 161 -37.66 -23.48 46.41
CA ILE G 161 -38.15 -22.18 46.75
C ILE G 161 -38.36 -22.03 48.22
N VAL G 162 -38.84 -23.08 48.91
CA VAL G 162 -39.09 -22.98 50.32
C VAL G 162 -37.80 -22.70 51.01
N THR G 163 -36.71 -23.35 50.58
CA THR G 163 -35.45 -23.15 51.25
C THR G 163 -35.02 -21.72 51.05
N ALA G 164 -35.31 -21.15 49.86
CA ALA G 164 -34.94 -19.79 49.61
C ALA G 164 -35.67 -18.90 50.57
N ALA G 165 -36.97 -19.17 50.77
CA ALA G 165 -37.78 -18.32 51.60
C ALA G 165 -37.24 -18.30 52.99
N THR G 166 -36.85 -19.48 53.54
CA THR G 166 -36.33 -19.49 54.87
C THR G 166 -34.96 -18.88 54.93
N SER G 167 -34.07 -19.29 54.01
CA SER G 167 -32.66 -18.95 54.05
C SER G 167 -32.35 -17.50 53.85
N TYR G 168 -33.01 -16.84 52.89
CA TYR G 168 -32.65 -15.48 52.56
C TYR G 168 -32.86 -14.50 53.67
N LEU G 169 -34.03 -14.54 54.34
CA LEU G 169 -34.32 -13.60 55.40
C LEU G 169 -33.38 -13.89 56.53
N LEU G 170 -33.03 -15.17 56.69
CA LEU G 170 -32.09 -15.62 57.70
C LEU G 170 -30.76 -15.01 57.45
N GLY G 171 -30.48 -14.59 56.20
CA GLY G 171 -29.26 -13.88 55.97
C GLY G 171 -28.25 -14.71 55.23
N GLY G 172 -28.60 -15.92 54.77
CA GLY G 172 -27.57 -16.63 54.08
C GLY G 172 -27.65 -16.39 52.61
N SER G 173 -26.72 -15.57 52.07
CA SER G 173 -26.74 -15.30 50.66
C SER G 173 -25.33 -15.13 50.17
N GLN G 174 -25.07 -15.62 48.97
CA GLN G 174 -23.74 -15.50 48.38
C GLN G 174 -23.45 -14.04 48.03
N GLY G 175 -24.51 -13.27 47.80
CA GLY G 175 -24.37 -11.87 47.47
C GLY G 175 -24.24 -11.73 45.98
N LYS G 176 -24.28 -12.85 45.28
CA LYS G 176 -24.20 -12.87 43.85
C LYS G 176 -25.61 -12.80 43.36
N GLU G 177 -25.88 -11.85 42.43
CA GLU G 177 -27.23 -11.64 41.99
C GLU G 177 -27.72 -12.80 41.20
N TYR G 178 -28.96 -13.23 41.55
CA TYR G 178 -29.71 -14.29 40.92
C TYR G 178 -29.09 -15.63 41.20
N ALA G 179 -27.92 -15.58 41.86
CA ALA G 179 -27.14 -16.62 42.44
C ALA G 179 -27.29 -16.79 43.91
N GLU G 180 -28.06 -15.97 44.62
CA GLU G 180 -27.92 -15.78 46.06
C GLU G 180 -27.93 -17.00 46.95
N LEU G 181 -28.65 -18.09 46.64
CA LEU G 181 -28.73 -19.20 47.56
C LEU G 181 -27.40 -19.86 47.78
N ASN G 182 -27.26 -20.45 49.00
CA ASN G 182 -26.10 -21.09 49.56
C ASN G 182 -25.84 -22.36 48.80
N TRP G 183 -24.63 -22.94 48.99
CA TRP G 183 -24.16 -24.08 48.23
C TRP G 183 -25.04 -25.30 48.37
N HIS G 184 -25.58 -25.62 49.56
CA HIS G 184 -26.37 -26.83 49.64
C HIS G 184 -27.54 -26.70 48.70
N LEU G 185 -28.16 -25.51 48.68
CA LEU G 185 -29.30 -25.29 47.83
C LEU G 185 -28.86 -25.42 46.41
N ASP G 186 -27.62 -24.98 46.10
CA ASP G 186 -27.12 -25.04 44.76
C ASP G 186 -27.04 -26.47 44.33
N ILE G 187 -26.60 -27.38 45.21
CA ILE G 187 -26.52 -28.76 44.82
C ILE G 187 -27.90 -29.28 44.57
N LEU G 188 -28.87 -28.90 45.41
CA LEU G 188 -30.22 -29.40 45.25
C LEU G 188 -30.75 -28.97 43.92
N VAL G 189 -30.55 -27.68 43.57
CA VAL G 189 -31.07 -27.19 42.33
C VAL G 189 -30.42 -27.90 41.18
N ALA G 190 -29.11 -28.17 41.26
CA ALA G 190 -28.46 -28.82 40.16
C ALA G 190 -29.10 -30.16 39.95
N ILE G 191 -29.40 -30.88 41.05
CA ILE G 191 -29.97 -32.20 40.95
C ILE G 191 -31.32 -32.13 40.31
N VAL G 192 -32.19 -31.20 40.79
CA VAL G 192 -33.52 -31.13 40.27
C VAL G 192 -33.48 -30.78 38.82
N TRP G 193 -32.56 -29.87 38.43
CA TRP G 193 -32.53 -29.45 37.07
C TRP G 193 -32.09 -30.59 36.20
N VAL G 194 -31.15 -31.42 36.71
CA VAL G 194 -30.68 -32.54 35.95
C VAL G 194 -31.85 -33.41 35.63
N ALA G 195 -32.70 -33.67 36.64
CA ALA G 195 -33.84 -34.52 36.47
C ALA G 195 -34.76 -33.91 35.47
N TYR G 196 -34.93 -32.59 35.52
CA TYR G 196 -35.80 -31.87 34.63
C TYR G 196 -35.32 -32.01 33.22
N LEU G 197 -33.99 -31.93 32.98
CA LEU G 197 -33.58 -32.06 31.61
C LEU G 197 -33.81 -33.45 31.14
N ILE G 198 -33.66 -34.48 32.02
CA ILE G 198 -33.84 -35.80 31.52
C ILE G 198 -35.27 -35.97 31.09
N ALA G 199 -36.24 -35.46 31.89
CA ALA G 199 -37.62 -35.61 31.56
C ALA G 199 -37.93 -34.93 30.25
N PHE G 200 -37.48 -33.70 30.07
CA PHE G 200 -37.78 -32.92 28.89
C PHE G 200 -37.15 -33.52 27.65
N LEU G 201 -35.82 -33.73 27.68
CA LEU G 201 -35.10 -34.22 26.53
C LEU G 201 -35.58 -35.60 26.23
N GLY G 202 -35.93 -36.36 27.26
CA GLY G 202 -36.41 -37.70 27.10
C GLY G 202 -37.71 -37.65 26.35
N THR G 203 -38.56 -36.67 26.69
CA THR G 203 -39.84 -36.47 26.07
C THR G 203 -39.62 -36.25 24.61
N ILE G 204 -38.61 -35.44 24.27
CA ILE G 204 -38.32 -35.19 22.89
C ILE G 204 -37.88 -36.46 22.22
N PHE G 205 -37.03 -37.26 22.90
CA PHE G 205 -36.45 -38.44 22.31
C PHE G 205 -37.53 -39.40 21.91
N LYS G 206 -38.59 -39.51 22.72
CA LYS G 206 -39.75 -40.37 22.60
C LYS G 206 -40.80 -39.85 21.64
N ARG G 207 -40.62 -38.66 21.03
CA ARG G 207 -41.62 -38.00 20.21
C ARG G 207 -42.12 -38.87 19.09
N LYS G 208 -43.36 -38.58 18.62
CA LYS G 208 -43.96 -39.21 17.47
C LYS G 208 -43.51 -38.63 16.14
N GLU G 209 -43.55 -37.28 15.98
CA GLU G 209 -43.30 -36.67 14.70
C GLU G 209 -41.81 -36.61 14.46
N PRO G 210 -41.42 -36.64 13.21
CA PRO G 210 -40.02 -36.55 12.93
C PRO G 210 -39.40 -35.22 13.25
N HIS G 211 -40.12 -34.09 13.06
CA HIS G 211 -39.54 -32.81 13.32
C HIS G 211 -39.78 -32.41 14.74
N ILE G 212 -38.94 -31.49 15.26
CA ILE G 212 -39.10 -30.98 16.59
C ILE G 212 -39.45 -29.52 16.46
N TYR G 213 -40.56 -29.13 17.11
CA TYR G 213 -41.09 -27.81 17.09
C TYR G 213 -40.07 -26.86 17.66
N VAL G 214 -39.99 -25.64 17.08
CA VAL G 214 -39.01 -24.64 17.42
C VAL G 214 -39.16 -24.25 18.85
N ALA G 215 -40.39 -24.35 19.38
CA ALA G 215 -40.63 -23.96 20.74
C ALA G 215 -39.71 -24.78 21.61
N ASN G 216 -39.54 -26.05 21.24
CA ASN G 216 -38.69 -26.98 21.94
C ASN G 216 -37.25 -26.64 21.74
N TRP G 217 -36.92 -25.98 20.61
CA TRP G 217 -35.55 -25.58 20.43
C TRP G 217 -35.24 -24.63 21.54
N PHE G 218 -36.14 -23.65 21.75
CA PHE G 218 -35.91 -22.65 22.76
C PHE G 218 -35.92 -23.25 24.12
N TYR G 219 -36.90 -24.14 24.42
CA TYR G 219 -36.96 -24.70 25.74
C TYR G 219 -35.72 -25.50 26.00
N LEU G 220 -35.33 -26.35 25.04
CA LEU G 220 -34.22 -27.25 25.20
C LEU G 220 -32.98 -26.45 25.44
N SER G 221 -32.76 -25.38 24.66
CA SER G 221 -31.58 -24.57 24.80
C SER G 221 -31.54 -24.01 26.19
N PHE G 222 -32.67 -23.42 26.62
CA PHE G 222 -32.80 -22.79 27.90
C PHE G 222 -32.41 -23.75 28.97
N ILE G 223 -32.86 -25.01 28.86
CA ILE G 223 -32.59 -25.99 29.88
C ILE G 223 -31.11 -26.20 30.01
N VAL G 224 -30.44 -26.49 28.88
CA VAL G 224 -29.06 -26.87 28.90
C VAL G 224 -28.21 -25.74 29.39
N THR G 225 -28.41 -24.55 28.81
CA THR G 225 -27.59 -23.41 29.10
C THR G 225 -27.77 -22.98 30.53
N ILE G 226 -29.01 -23.07 31.07
CA ILE G 226 -29.11 -22.64 32.42
C ILE G 226 -28.33 -23.57 33.29
N ALA G 227 -28.35 -24.89 32.97
CA ALA G 227 -27.64 -25.82 33.80
C ALA G 227 -26.19 -25.47 33.80
N MET G 228 -25.61 -25.17 32.63
CA MET G 228 -24.20 -24.90 32.55
C MET G 228 -23.91 -23.65 33.34
N LEU G 229 -24.76 -22.61 33.16
CA LEU G 229 -24.50 -21.36 33.79
C LEU G 229 -24.51 -21.52 35.28
N HIS G 230 -25.50 -22.27 35.79
CA HIS G 230 -25.68 -22.44 37.21
C HIS G 230 -24.49 -23.12 37.80
N ILE G 231 -24.01 -24.19 37.17
CA ILE G 231 -22.91 -24.94 37.74
C ILE G 231 -21.69 -24.07 37.82
N VAL G 232 -21.35 -23.37 36.71
CA VAL G 232 -20.13 -22.62 36.62
C VAL G 232 -20.11 -21.47 37.62
N ASN G 233 -21.18 -20.67 37.66
CA ASN G 233 -21.22 -19.47 38.47
C ASN G 233 -21.21 -19.78 39.94
N ASN G 234 -21.74 -20.96 40.30
CA ASN G 234 -21.86 -21.44 41.65
C ASN G 234 -20.66 -22.10 42.23
N LEU G 235 -19.57 -22.33 41.47
CA LEU G 235 -18.43 -22.98 42.08
C LEU G 235 -18.01 -22.18 43.28
N ALA G 236 -17.94 -22.83 44.46
CA ALA G 236 -17.54 -22.11 45.63
C ALA G 236 -17.11 -23.08 46.69
N VAL G 237 -16.12 -22.69 47.53
CA VAL G 237 -15.68 -23.57 48.57
C VAL G 237 -16.55 -23.34 49.78
N PRO G 238 -17.10 -24.41 50.31
CA PRO G 238 -17.93 -24.28 51.49
C PRO G 238 -17.14 -24.07 52.73
N VAL G 239 -17.40 -22.96 53.47
CA VAL G 239 -16.74 -22.77 54.73
C VAL G 239 -17.53 -23.42 55.82
N SER G 240 -18.87 -23.23 55.76
CA SER G 240 -19.76 -23.68 56.79
C SER G 240 -20.95 -24.25 56.11
N ILE G 241 -21.95 -24.64 56.91
CA ILE G 241 -23.13 -25.29 56.42
C ILE G 241 -23.94 -24.41 55.53
N PHE G 242 -24.20 -23.13 55.89
CA PHE G 242 -25.15 -22.51 55.01
C PHE G 242 -25.07 -21.04 54.87
N GLY G 243 -26.15 -20.52 54.29
CA GLY G 243 -26.14 -19.13 54.03
C GLY G 243 -25.06 -18.98 53.05
N THR G 244 -24.43 -17.81 52.97
CA THR G 244 -23.33 -17.92 52.10
C THR G 244 -22.24 -18.47 52.94
N LYS G 245 -22.37 -19.74 53.38
CA LYS G 245 -21.22 -20.06 54.11
C LYS G 245 -20.31 -20.72 53.16
N SER G 246 -20.14 -20.05 52.00
CA SER G 246 -19.24 -20.49 51.00
C SER G 246 -18.64 -19.26 50.40
N VAL G 247 -17.41 -19.38 49.86
CA VAL G 247 -16.82 -18.25 49.22
C VAL G 247 -16.70 -18.59 47.77
N GLN G 248 -16.91 -17.60 46.88
CA GLN G 248 -16.89 -17.89 45.48
C GLN G 248 -15.52 -18.25 45.03
N LEU G 249 -15.45 -19.10 44.00
CA LEU G 249 -14.23 -19.59 43.45
C LEU G 249 -13.45 -18.44 42.90
N MET G 250 -14.15 -17.46 42.28
CA MET G 250 -13.47 -16.37 41.66
C MET G 250 -13.53 -15.13 42.50
N ALA G 251 -12.77 -14.09 42.07
CA ALA G 251 -12.76 -12.85 42.79
C ALA G 251 -12.53 -11.73 41.81
N GLY G 252 -12.84 -10.49 42.24
CA GLY G 252 -12.56 -9.30 41.49
C GLY G 252 -13.24 -9.30 40.15
N VAL G 253 -12.51 -8.82 39.13
CA VAL G 253 -12.99 -8.65 37.81
C VAL G 253 -13.46 -9.97 37.25
N GLN G 254 -12.70 -11.04 37.52
CA GLN G 254 -13.05 -12.34 36.99
C GLN G 254 -14.37 -12.75 37.54
N ASP G 255 -14.56 -12.55 38.85
CA ASP G 255 -15.79 -12.93 39.49
C ASP G 255 -16.89 -12.13 38.88
N ALA G 256 -16.64 -10.85 38.58
CA ALA G 256 -17.67 -10.01 38.02
C ALA G 256 -18.07 -10.54 36.68
N MET G 257 -17.09 -10.98 35.85
CA MET G 257 -17.39 -11.48 34.54
C MET G 257 -18.19 -12.75 34.61
N THR G 258 -17.79 -13.69 35.48
CA THR G 258 -18.50 -14.94 35.55
C THR G 258 -19.89 -14.64 36.02
N GLN G 259 -20.00 -13.70 36.98
CA GLN G 259 -21.28 -13.35 37.55
C GLN G 259 -22.22 -12.82 36.51
N TRP G 260 -21.78 -11.89 35.66
CA TRP G 260 -22.65 -11.30 34.68
C TRP G 260 -22.88 -12.14 33.48
N TRP G 261 -21.92 -13.03 33.15
CA TRP G 261 -22.16 -13.96 32.11
C TRP G 261 -23.36 -14.74 32.54
N TYR G 262 -23.31 -15.22 33.80
CA TYR G 262 -24.36 -15.99 34.40
C TYR G 262 -25.59 -15.14 34.52
N GLY G 263 -25.44 -13.90 35.03
CA GLY G 263 -26.54 -13.04 35.32
C GLY G 263 -27.33 -12.67 34.10
N HIS G 264 -26.66 -12.32 32.97
CA HIS G 264 -27.42 -11.96 31.80
C HIS G 264 -28.06 -13.19 31.21
N ASN G 265 -27.22 -14.15 31.07
CA ASN G 265 -27.70 -15.32 30.40
C ASN G 265 -28.84 -15.89 31.17
N ALA G 266 -28.95 -15.54 32.46
CA ALA G 266 -30.08 -16.02 33.21
C ALA G 266 -31.34 -15.48 32.60
N VAL G 267 -31.41 -14.15 32.38
CA VAL G 267 -32.57 -13.54 31.80
C VAL G 267 -32.64 -13.94 30.37
N GLY G 268 -31.47 -14.14 29.75
CA GLY G 268 -31.38 -14.48 28.36
C GLY G 268 -31.98 -15.81 28.06
N PHE G 269 -31.66 -16.85 28.85
CA PHE G 269 -32.24 -18.13 28.61
C PHE G 269 -33.46 -18.43 29.43
N PHE G 270 -33.38 -18.14 30.74
CA PHE G 270 -34.44 -18.47 31.65
C PHE G 270 -35.63 -17.62 31.33
N LEU G 271 -35.41 -16.29 31.27
CA LEU G 271 -36.42 -15.32 31.00
C LEU G 271 -36.74 -15.11 29.54
N THR G 272 -35.73 -15.14 28.62
CA THR G 272 -36.10 -14.93 27.24
C THR G 272 -36.35 -16.20 26.45
N ALA G 273 -35.36 -17.12 26.38
CA ALA G 273 -35.45 -18.26 25.51
C ALA G 273 -36.57 -19.16 25.91
N GLY G 274 -36.64 -19.50 27.21
CA GLY G 274 -37.64 -20.42 27.68
C GLY G 274 -39.00 -19.84 27.42
N PHE G 275 -39.15 -18.53 27.64
CA PHE G 275 -40.39 -17.84 27.45
C PHE G 275 -40.71 -17.75 25.98
N LEU G 276 -39.69 -17.67 25.13
CA LEU G 276 -39.90 -17.64 23.71
C LEU G 276 -40.52 -18.95 23.35
N GLY G 277 -40.11 -20.04 24.02
CA GLY G 277 -40.70 -21.33 23.79
C GLY G 277 -42.17 -21.23 24.14
N MET G 278 -42.50 -20.58 25.27
CA MET G 278 -43.87 -20.46 25.66
C MET G 278 -44.63 -19.75 24.58
N MET G 279 -44.07 -18.64 24.07
CA MET G 279 -44.72 -17.82 23.09
C MET G 279 -44.97 -18.62 21.85
N TYR G 280 -43.98 -19.44 21.46
CA TYR G 280 -44.08 -20.22 20.25
C TYR G 280 -45.21 -21.21 20.34
N TYR G 281 -45.45 -21.81 21.52
CA TYR G 281 -46.59 -22.70 21.55
C TYR G 281 -47.91 -21.97 21.63
N PHE G 282 -48.03 -21.07 22.64
CA PHE G 282 -49.28 -20.43 22.99
C PHE G 282 -49.79 -19.41 22.01
N VAL G 283 -48.92 -18.56 21.45
CA VAL G 283 -49.43 -17.55 20.56
C VAL G 283 -50.13 -18.22 19.39
N PRO G 284 -49.52 -19.16 18.71
CA PRO G 284 -50.21 -19.77 17.62
C PRO G 284 -51.39 -20.58 18.07
N LYS G 285 -51.45 -21.07 19.33
CA LYS G 285 -52.65 -21.78 19.72
C LYS G 285 -53.82 -20.81 19.69
N GLN G 286 -54.73 -20.92 18.67
CA GLN G 286 -55.87 -20.06 18.46
C GLN G 286 -56.67 -20.74 17.38
N ALA G 287 -57.93 -20.27 17.16
CA ALA G 287 -58.86 -20.71 16.13
C ALA G 287 -58.41 -20.32 14.73
N GLU G 288 -57.81 -19.14 14.59
CA GLU G 288 -57.29 -18.70 13.30
C GLU G 288 -56.10 -19.61 12.93
N ARG G 289 -55.94 -19.87 11.64
CA ARG G 289 -54.89 -20.76 11.14
C ARG G 289 -53.45 -20.23 11.06
N PRO G 290 -52.83 -20.38 9.89
CA PRO G 290 -51.47 -20.00 9.61
C PRO G 290 -51.10 -18.62 9.14
N VAL G 291 -50.06 -18.05 9.78
CA VAL G 291 -49.26 -16.85 9.48
C VAL G 291 -48.07 -16.89 10.42
N TYR G 292 -46.81 -17.11 9.94
CA TYR G 292 -45.60 -17.20 10.77
C TYR G 292 -44.42 -17.13 9.83
N SER G 293 -43.16 -17.20 10.32
CA SER G 293 -42.10 -17.36 9.35
C SER G 293 -41.10 -18.36 9.82
N TYR G 294 -41.05 -19.56 9.18
CA TYR G 294 -40.28 -20.57 9.85
C TYR G 294 -38.83 -20.21 9.74
N LYS G 295 -38.41 -19.69 8.59
CA LYS G 295 -37.03 -19.39 8.37
C LYS G 295 -36.58 -18.40 9.40
N LEU G 296 -37.45 -17.44 9.79
CA LEU G 296 -37.06 -16.53 10.85
C LEU G 296 -36.80 -17.31 12.09
N SER G 297 -37.63 -18.34 12.35
CA SER G 297 -37.51 -19.07 13.57
C SER G 297 -36.11 -19.61 13.64
N ILE G 298 -35.61 -20.11 12.51
CA ILE G 298 -34.31 -20.71 12.48
C ILE G 298 -33.23 -19.66 12.71
N VAL G 299 -33.26 -18.53 11.97
CA VAL G 299 -32.22 -17.54 12.06
C VAL G 299 -32.19 -16.94 13.43
N HIS G 300 -33.36 -16.49 13.90
CA HIS G 300 -33.57 -15.85 15.15
C HIS G 300 -33.14 -16.73 16.28
N PHE G 301 -33.46 -18.04 16.21
CA PHE G 301 -33.10 -18.93 17.28
C PHE G 301 -31.61 -19.08 17.42
N TRP G 302 -30.91 -19.45 16.33
CA TRP G 302 -29.50 -19.72 16.42
C TRP G 302 -28.75 -18.47 16.77
N ALA G 303 -29.08 -17.36 16.08
CA ALA G 303 -28.38 -16.13 16.29
C ALA G 303 -28.54 -15.70 17.71
N LEU G 304 -29.76 -15.82 18.27
CA LEU G 304 -30.01 -15.39 19.62
C LEU G 304 -29.21 -16.25 20.56
N ILE G 305 -29.26 -17.57 20.34
CA ILE G 305 -28.70 -18.53 21.24
C ILE G 305 -27.20 -18.32 21.34
N PHE G 306 -26.55 -17.99 20.20
CA PHE G 306 -25.12 -17.78 20.13
C PHE G 306 -24.67 -16.46 20.68
N LEU G 307 -25.34 -15.38 20.22
CA LEU G 307 -25.00 -14.00 20.46
C LEU G 307 -25.21 -13.60 21.90
N TYR G 308 -26.30 -14.21 22.46
CA TYR G 308 -26.69 -13.78 23.79
C TYR G 308 -25.59 -14.04 24.87
N ILE G 309 -24.86 -15.14 24.75
CA ILE G 309 -23.82 -15.48 25.72
C ILE G 309 -22.68 -14.45 25.84
N TRP G 310 -22.52 -13.64 24.81
CA TRP G 310 -21.50 -12.63 24.72
C TRP G 310 -21.89 -11.37 25.45
N ALA G 311 -23.19 -11.17 25.66
CA ALA G 311 -23.78 -9.98 26.21
C ALA G 311 -23.32 -9.66 27.62
N GLY G 312 -22.61 -10.57 28.30
CA GLY G 312 -22.30 -10.39 29.71
C GLY G 312 -21.69 -9.05 30.05
N PRO G 313 -20.67 -8.58 29.38
CA PRO G 313 -19.97 -7.38 29.79
C PRO G 313 -20.77 -6.09 29.76
N HIS G 314 -21.98 -6.06 29.18
CA HIS G 314 -22.70 -4.82 29.13
C HIS G 314 -23.06 -4.37 30.52
N HIS G 315 -23.10 -5.31 31.48
CA HIS G 315 -23.36 -4.96 32.85
C HIS G 315 -22.22 -4.17 33.43
N LEU G 316 -21.00 -4.58 33.09
CA LEU G 316 -19.69 -4.16 33.52
C LEU G 316 -19.16 -2.90 32.87
N HIS G 317 -19.93 -2.13 32.10
CA HIS G 317 -19.33 -1.02 31.40
C HIS G 317 -18.71 0.01 32.31
N TYR G 318 -17.51 0.49 31.91
CA TYR G 318 -16.74 1.49 32.60
C TYR G 318 -16.41 1.05 33.99
N THR G 319 -16.19 -0.25 34.19
CA THR G 319 -15.82 -0.78 35.47
C THR G 319 -14.39 -1.23 35.35
N ALA G 320 -13.92 -1.99 36.36
CA ALA G 320 -12.60 -2.54 36.48
C ALA G 320 -12.34 -3.54 35.39
N LEU G 321 -13.43 -4.15 34.88
CA LEU G 321 -13.32 -5.12 33.82
C LEU G 321 -12.59 -4.47 32.67
N PRO G 322 -11.70 -5.21 32.06
CA PRO G 322 -10.88 -4.74 30.97
C PRO G 322 -11.72 -4.21 29.84
N ASP G 323 -11.18 -3.23 29.10
CA ASP G 323 -11.89 -2.53 28.07
C ASP G 323 -12.29 -3.48 26.97
N TRP G 324 -11.42 -4.45 26.62
CA TRP G 324 -11.71 -5.32 25.51
C TRP G 324 -12.97 -6.09 25.77
N ALA G 325 -13.11 -6.63 27.00
CA ALA G 325 -14.27 -7.43 27.30
C ALA G 325 -15.51 -6.59 27.23
N SER G 326 -15.45 -5.36 27.80
CA SER G 326 -16.61 -4.52 27.82
C SER G 326 -17.09 -4.29 26.43
N THR G 327 -16.14 -4.02 25.51
CA THR G 327 -16.46 -3.75 24.13
C THR G 327 -17.11 -4.95 23.51
N LEU G 328 -16.55 -6.16 23.72
CA LEU G 328 -17.13 -7.33 23.12
C LEU G 328 -18.55 -7.43 23.56
N GLY G 329 -18.83 -7.12 24.84
CA GLY G 329 -20.18 -7.20 25.34
C GLY G 329 -21.07 -6.23 24.63
N MET G 330 -20.61 -4.98 24.44
CA MET G 330 -21.38 -3.95 23.79
C MET G 330 -21.71 -4.33 22.37
N VAL G 331 -20.68 -4.76 21.60
CA VAL G 331 -20.89 -5.06 20.22
C VAL G 331 -21.86 -6.17 20.11
N MET G 332 -21.67 -7.25 20.87
CA MET G 332 -22.57 -8.36 20.70
C MET G 332 -23.94 -8.03 21.19
N SER G 333 -24.06 -7.19 22.23
CA SER G 333 -25.38 -6.82 22.71
C SER G 333 -26.11 -6.11 21.61
N VAL G 334 -25.40 -5.29 20.82
CA VAL G 334 -26.05 -4.57 19.75
C VAL G 334 -26.47 -5.53 18.66
N ILE G 335 -25.62 -6.52 18.31
CA ILE G 335 -26.00 -7.46 17.29
C ILE G 335 -27.23 -8.20 17.74
N LEU G 336 -27.36 -8.41 19.06
CA LEU G 336 -28.41 -9.16 19.70
C LEU G 336 -29.77 -8.59 19.37
N TRP G 337 -29.83 -7.29 19.04
CA TRP G 337 -31.09 -6.63 18.80
C TRP G 337 -31.85 -7.37 17.75
N MET G 338 -31.20 -7.74 16.64
CA MET G 338 -31.93 -8.35 15.58
C MET G 338 -32.59 -9.65 15.95
N PRO G 339 -31.91 -10.63 16.48
CA PRO G 339 -32.54 -11.91 16.72
C PRO G 339 -33.65 -11.76 17.70
N SER G 340 -33.44 -10.90 18.71
CA SER G 340 -34.43 -10.77 19.72
C SER G 340 -35.70 -10.26 19.09
N TRP G 341 -35.60 -9.27 18.18
CA TRP G 341 -36.78 -8.76 17.53
C TRP G 341 -37.36 -9.80 16.62
N GLY G 342 -36.51 -10.70 16.09
CA GLY G 342 -37.02 -11.73 15.21
C GLY G 342 -38.05 -12.47 15.98
N GLY G 343 -37.87 -12.62 17.30
CA GLY G 343 -38.83 -13.34 18.10
C GLY G 343 -40.16 -12.65 18.08
N MET G 344 -40.17 -11.33 18.34
CA MET G 344 -41.35 -10.51 18.40
C MET G 344 -42.04 -10.46 17.08
N ILE G 345 -41.26 -10.35 15.99
CA ILE G 345 -41.86 -10.30 14.68
C ILE G 345 -42.57 -11.59 14.41
N ASN G 346 -41.90 -12.71 14.72
CA ASN G 346 -42.43 -14.01 14.42
C ASN G 346 -43.71 -14.16 15.20
N GLY G 347 -43.75 -13.64 16.45
CA GLY G 347 -44.93 -13.75 17.26
C GLY G 347 -46.08 -12.92 16.74
N LEU G 348 -45.83 -11.63 16.43
CA LEU G 348 -46.84 -10.67 16.03
C LEU G 348 -47.40 -10.91 14.67
N MET G 349 -46.53 -11.20 13.70
CA MET G 349 -46.89 -11.34 12.32
C MET G 349 -47.82 -12.50 12.24
N THR G 350 -47.68 -13.43 13.19
CA THR G 350 -48.53 -14.59 13.24
C THR G 350 -49.96 -14.13 13.41
N LEU G 351 -50.18 -13.06 14.20
CA LEU G 351 -51.49 -12.53 14.48
C LEU G 351 -52.16 -11.93 13.27
N SER G 352 -51.37 -11.46 12.28
CA SER G 352 -51.90 -10.71 11.18
C SER G 352 -53.14 -11.33 10.58
N GLY G 353 -54.20 -10.50 10.49
CA GLY G 353 -55.49 -10.84 9.94
C GLY G 353 -56.43 -11.13 11.07
N ALA G 354 -55.87 -11.80 12.10
CA ALA G 354 -56.43 -12.27 13.33
C ALA G 354 -56.70 -11.17 14.32
N TRP G 355 -56.19 -9.95 14.08
CA TRP G 355 -56.20 -8.89 15.04
C TRP G 355 -57.57 -8.61 15.60
N ASP G 356 -58.63 -8.89 14.84
CA ASP G 356 -59.96 -8.62 15.34
C ASP G 356 -60.16 -9.36 16.63
N LYS G 357 -59.46 -10.49 16.81
CA LYS G 357 -59.55 -11.37 17.95
C LYS G 357 -59.16 -10.64 19.20
N LEU G 358 -58.30 -9.62 19.07
CA LEU G 358 -57.69 -8.96 20.19
C LEU G 358 -58.78 -8.36 21.04
N ARG G 359 -59.80 -7.75 20.44
CA ARG G 359 -60.87 -7.19 21.22
C ARG G 359 -61.63 -8.31 21.89
N THR G 360 -61.81 -9.44 21.16
CA THR G 360 -62.57 -10.56 21.63
C THR G 360 -61.90 -11.34 22.74
N ASP G 361 -60.61 -11.70 22.61
CA ASP G 361 -59.97 -12.62 23.52
C ASP G 361 -58.88 -11.95 24.30
N PRO G 362 -59.09 -11.81 25.59
CA PRO G 362 -58.10 -11.20 26.44
C PRO G 362 -56.86 -12.02 26.65
N VAL G 363 -56.94 -13.36 26.50
CA VAL G 363 -55.74 -14.14 26.68
C VAL G 363 -54.79 -13.77 25.58
N ILE G 364 -55.33 -13.60 24.36
CA ILE G 364 -54.58 -13.22 23.20
C ILE G 364 -54.01 -11.87 23.47
N ARG G 365 -54.82 -10.98 24.09
CA ARG G 365 -54.37 -9.64 24.39
C ARG G 365 -53.11 -9.76 25.17
N MET G 366 -53.11 -10.62 26.20
CA MET G 366 -51.98 -10.72 27.06
C MET G 366 -50.78 -11.14 26.28
N MET G 367 -50.91 -12.16 25.40
CA MET G 367 -49.77 -12.64 24.68
C MET G 367 -49.21 -11.56 23.78
N VAL G 368 -50.09 -10.82 23.06
CA VAL G 368 -49.66 -9.81 22.13
C VAL G 368 -48.94 -8.70 22.84
N VAL G 369 -49.56 -8.13 23.88
CA VAL G 369 -48.99 -7.02 24.59
C VAL G 369 -47.69 -7.49 25.15
N SER G 370 -47.64 -8.77 25.54
CA SER G 370 -46.45 -9.34 26.07
C SER G 370 -45.36 -9.15 25.07
N ILE G 371 -45.61 -9.47 23.79
CA ILE G 371 -44.55 -9.30 22.85
C ILE G 371 -44.20 -7.85 22.68
N GLY G 372 -45.18 -6.93 22.81
CA GLY G 372 -44.86 -5.54 22.64
C GLY G 372 -43.83 -5.12 23.64
N PHE G 373 -43.99 -5.51 24.92
CA PHE G 373 -43.05 -5.14 25.95
C PHE G 373 -41.76 -5.83 25.69
N TYR G 374 -41.80 -7.08 25.19
CA TYR G 374 -40.61 -7.83 24.94
C TYR G 374 -39.74 -7.10 23.95
N GLY G 375 -40.33 -6.63 22.83
CA GLY G 375 -39.58 -5.94 21.82
C GLY G 375 -39.00 -4.68 22.39
N MET G 376 -39.82 -3.97 23.20
CA MET G 376 -39.40 -2.70 23.74
C MET G 376 -38.16 -2.88 24.58
N SER G 377 -38.15 -3.92 25.43
CA SER G 377 -37.04 -4.12 26.34
C SER G 377 -35.85 -4.62 25.61
N THR G 378 -36.09 -5.43 24.56
CA THR G 378 -35.03 -5.97 23.79
C THR G 378 -34.42 -4.94 22.94
N PHE G 379 -35.12 -3.80 22.75
CA PHE G 379 -34.54 -2.64 22.13
C PHE G 379 -33.79 -1.81 23.13
N GLU G 380 -34.40 -1.58 24.31
CA GLU G 380 -33.81 -0.71 25.28
C GLU G 380 -32.55 -1.31 25.79
N GLY G 381 -32.49 -2.66 25.88
CA GLY G 381 -31.32 -3.31 26.38
C GLY G 381 -30.13 -3.02 25.53
N PRO G 382 -30.19 -3.18 24.22
CA PRO G 382 -29.05 -2.93 23.38
C PRO G 382 -28.61 -1.51 23.48
N MET G 383 -29.56 -0.57 23.63
CA MET G 383 -29.19 0.81 23.72
C MET G 383 -28.41 1.05 24.98
N MET G 384 -28.88 0.49 26.10
CA MET G 384 -28.23 0.71 27.36
C MET G 384 -26.90 0.02 27.37
N SER G 385 -26.73 -0.98 26.48
CA SER G 385 -25.51 -1.71 26.33
C SER G 385 -24.45 -0.86 25.67
N ILE G 386 -24.82 0.32 25.11
CA ILE G 386 -23.80 1.16 24.56
C ILE G 386 -23.16 1.87 25.69
N LYS G 387 -21.81 1.94 25.66
CA LYS G 387 -21.08 2.43 26.78
C LYS G 387 -21.52 3.82 27.15
N ALA G 388 -21.75 4.70 26.16
CA ALA G 388 -22.11 6.06 26.48
C ALA G 388 -23.40 6.09 27.22
N VAL G 389 -24.39 5.29 26.77
CA VAL G 389 -25.67 5.27 27.43
C VAL G 389 -25.55 4.70 28.82
N ASN G 390 -24.81 3.59 28.95
CA ASN G 390 -24.64 2.90 30.20
C ASN G 390 -24.01 3.86 31.15
N SER G 391 -23.21 4.80 30.62
CA SER G 391 -22.53 5.75 31.44
C SER G 391 -23.56 6.45 32.29
N LEU G 392 -24.73 6.82 31.70
CA LEU G 392 -25.81 7.42 32.46
C LEU G 392 -26.61 6.42 33.24
N SER G 393 -27.03 5.33 32.55
CA SER G 393 -28.01 4.39 33.05
C SER G 393 -27.55 3.61 34.26
N HIS G 394 -26.28 3.23 34.30
CA HIS G 394 -25.78 2.32 35.29
C HIS G 394 -25.98 2.90 36.67
N TYR G 395 -26.38 2.01 37.61
CA TYR G 395 -26.62 2.23 39.01
C TYR G 395 -27.83 3.06 39.27
N THR G 396 -28.61 3.39 38.22
CA THR G 396 -29.77 4.20 38.44
C THR G 396 -30.99 3.33 38.39
N ASP G 397 -32.16 3.90 38.69
CA ASP G 397 -33.42 3.20 38.69
C ASP G 397 -33.76 2.77 37.30
N TRP G 398 -33.10 3.36 36.28
CA TRP G 398 -33.38 3.00 34.92
C TRP G 398 -33.16 1.52 34.75
N THR G 399 -32.11 0.95 35.36
CA THR G 399 -31.84 -0.46 35.19
C THR G 399 -33.05 -1.22 35.65
N ILE G 400 -33.63 -0.77 36.76
CA ILE G 400 -34.82 -1.38 37.30
C ILE G 400 -35.99 -1.22 36.32
N GLY G 401 -36.08 -0.05 35.70
CA GLY G 401 -37.13 0.23 34.72
C GLY G 401 -37.06 -0.83 33.63
N HIS G 402 -35.86 -0.96 33.06
CA HIS G 402 -35.58 -1.97 32.06
C HIS G 402 -36.00 -3.31 32.62
N VAL G 403 -35.64 -3.67 33.89
CA VAL G 403 -35.89 -5.01 34.36
C VAL G 403 -37.35 -5.31 34.41
N HIS G 404 -38.17 -4.42 34.99
CA HIS G 404 -39.56 -4.68 35.13
C HIS G 404 -40.30 -4.52 33.84
N SER G 405 -39.79 -3.71 32.89
CA SER G 405 -40.46 -3.65 31.63
C SER G 405 -40.45 -5.05 31.10
N GLY G 406 -39.27 -5.70 31.06
CA GLY G 406 -39.18 -7.05 30.60
C GLY G 406 -39.90 -8.01 31.53
N ALA G 407 -39.77 -7.81 32.85
CA ALA G 407 -40.33 -8.74 33.80
C ALA G 407 -41.82 -8.76 33.84
N LEU G 408 -42.45 -7.59 34.06
CA LEU G 408 -43.89 -7.53 34.12
C LEU G 408 -44.46 -7.62 32.75
N GLY G 409 -43.92 -6.81 31.82
CA GLY G 409 -44.45 -6.69 30.49
C GLY G 409 -44.26 -7.92 29.64
N TRP G 410 -43.04 -8.49 29.58
CA TRP G 410 -42.85 -9.67 28.80
C TRP G 410 -43.12 -10.97 29.50
N ASN G 411 -42.28 -11.29 30.52
CA ASN G 411 -42.29 -12.57 31.17
C ASN G 411 -43.61 -12.81 31.84
N GLY G 412 -44.04 -11.87 32.69
CA GLY G 412 -45.24 -12.08 33.44
C GLY G 412 -46.41 -12.18 32.53
N MET G 413 -46.51 -11.27 31.54
CA MET G 413 -47.67 -11.26 30.70
C MET G 413 -47.75 -12.52 29.89
N ILE G 414 -46.64 -13.00 29.28
CA ILE G 414 -46.79 -14.18 28.46
C ILE G 414 -47.14 -15.36 29.31
N THR G 415 -46.55 -15.48 30.51
CA THR G 415 -46.79 -16.62 31.35
C THR G 415 -48.23 -16.61 31.80
N PHE G 416 -48.76 -15.41 32.08
CA PHE G 416 -50.11 -15.19 32.46
C PHE G 416 -51.01 -15.77 31.41
N GLY G 417 -50.82 -15.33 30.14
CA GLY G 417 -51.66 -15.74 29.05
C GLY G 417 -51.57 -17.22 28.88
N MET G 418 -50.35 -17.77 29.02
CA MET G 418 -50.06 -19.16 28.88
C MET G 418 -50.91 -19.93 29.84
N LEU G 419 -50.92 -19.49 31.12
CA LEU G 419 -51.66 -20.15 32.16
C LEU G 419 -53.14 -20.06 31.90
N TYR G 420 -53.64 -18.87 31.53
CA TYR G 420 -55.05 -18.74 31.30
C TYR G 420 -55.45 -19.70 30.24
N PHE G 421 -54.59 -19.93 29.23
CA PHE G 421 -54.91 -20.88 28.21
C PHE G 421 -54.93 -22.30 28.74
N LEU G 422 -53.82 -22.74 29.37
CA LEU G 422 -53.60 -24.11 29.74
C LEU G 422 -54.39 -24.60 30.93
N THR G 423 -54.55 -23.77 31.96
CA THR G 423 -55.12 -24.25 33.20
C THR G 423 -56.48 -24.85 32.99
N PRO G 424 -57.38 -24.32 32.20
CA PRO G 424 -58.65 -24.96 32.03
C PRO G 424 -58.46 -26.32 31.44
N ARG G 425 -57.60 -26.41 30.40
CA ARG G 425 -57.41 -27.66 29.70
C ARG G 425 -56.87 -28.69 30.62
N LEU G 426 -55.85 -28.32 31.43
CA LEU G 426 -55.24 -29.28 32.31
C LEU G 426 -56.22 -29.74 33.34
N TRP G 427 -57.09 -28.81 33.78
CA TRP G 427 -58.14 -28.99 34.74
C TRP G 427 -59.33 -29.70 34.19
N GLY G 428 -59.32 -30.10 32.90
CA GLY G 428 -60.47 -30.78 32.38
C GLY G 428 -61.59 -29.81 32.33
N ARG G 429 -61.31 -28.59 31.79
CA ARG G 429 -62.31 -27.56 31.71
C ARG G 429 -62.21 -26.95 30.34
N SER G 430 -63.36 -26.53 29.79
CA SER G 430 -63.43 -25.91 28.49
C SER G 430 -62.75 -24.57 28.53
N GLY G 431 -62.89 -23.80 29.63
CA GLY G 431 -62.29 -22.50 29.66
C GLY G 431 -62.24 -22.00 31.07
N LEU G 432 -61.74 -20.76 31.24
CA LEU G 432 -61.62 -20.14 32.53
C LEU G 432 -62.99 -19.82 33.04
N TYR G 433 -63.09 -19.57 34.36
CA TYR G 433 -64.35 -19.31 34.98
C TYR G 433 -64.93 -18.04 34.43
N SER G 434 -64.13 -16.95 34.38
CA SER G 434 -64.69 -15.73 33.86
C SER G 434 -63.68 -15.08 32.96
N LEU G 435 -64.10 -14.80 31.72
CA LEU G 435 -63.30 -14.12 30.74
C LEU G 435 -63.17 -12.69 31.15
N LYS G 436 -64.22 -12.13 31.76
CA LYS G 436 -64.20 -10.73 32.10
C LYS G 436 -63.06 -10.46 33.01
N LEU G 437 -62.80 -11.38 33.96
CA LEU G 437 -61.74 -11.20 34.90
C LEU G 437 -60.42 -11.23 34.18
N VAL G 438 -60.32 -12.01 33.08
CA VAL G 438 -59.05 -12.02 32.39
C VAL G 438 -58.83 -10.68 31.78
N SER G 439 -59.91 -10.02 31.31
CA SER G 439 -59.80 -8.71 30.73
C SER G 439 -59.38 -7.71 31.77
N TRP G 440 -60.04 -7.75 32.94
CA TRP G 440 -59.76 -6.81 33.99
C TRP G 440 -58.34 -7.00 34.43
N HIS G 441 -57.91 -8.27 34.49
CA HIS G 441 -56.58 -8.59 34.90
C HIS G 441 -55.64 -7.97 33.91
N PHE G 442 -55.99 -8.04 32.62
CA PHE G 442 -55.17 -7.52 31.56
C PHE G 442 -54.95 -6.06 31.76
N TRP G 443 -56.03 -5.31 32.03
CA TRP G 443 -55.90 -3.88 32.17
C TRP G 443 -55.06 -3.56 33.37
N LEU G 444 -55.32 -4.22 34.51
CA LEU G 444 -54.62 -3.88 35.71
C LEU G 444 -53.16 -4.09 35.49
N ALA G 445 -52.80 -5.21 34.86
CA ALA G 445 -51.42 -5.55 34.63
C ALA G 445 -50.78 -4.56 33.70
N THR G 446 -51.49 -4.12 32.65
CA THR G 446 -50.92 -3.20 31.72
C THR G 446 -50.71 -1.85 32.35
N ILE G 447 -51.70 -1.29 33.06
CA ILE G 447 -51.44 0.03 33.58
C ILE G 447 -50.34 -0.08 34.57
N GLY G 448 -50.33 -1.16 35.37
CA GLY G 448 -49.32 -1.27 36.38
C GLY G 448 -47.97 -1.27 35.74
N ILE G 449 -47.78 -2.05 34.65
CA ILE G 449 -46.46 -2.13 34.07
C ILE G 449 -46.05 -0.79 33.54
N VAL G 450 -46.94 -0.09 32.82
CA VAL G 450 -46.59 1.17 32.23
C VAL G 450 -46.22 2.15 33.29
N LEU G 451 -46.97 2.18 34.41
CA LEU G 451 -46.71 3.13 35.45
C LEU G 451 -45.35 2.87 36.01
N TYR G 452 -45.00 1.58 36.19
CA TYR G 452 -43.74 1.18 36.77
C TYR G 452 -42.65 1.69 35.89
N ALA G 453 -42.76 1.43 34.57
CA ALA G 453 -41.72 1.79 33.64
C ALA G 453 -41.53 3.27 33.61
N SER G 454 -42.65 4.05 33.59
CA SER G 454 -42.54 5.47 33.48
C SER G 454 -41.83 6.02 34.66
N SER G 455 -42.19 5.57 35.86
CA SER G 455 -41.62 6.12 37.06
C SER G 455 -40.15 5.86 37.08
N MET G 456 -39.73 4.65 36.65
CA MET G 456 -38.35 4.30 36.70
C MET G 456 -37.55 5.08 35.70
N TRP G 457 -38.13 5.38 34.52
CA TRP G 457 -37.40 6.15 33.56
C TRP G 457 -37.17 7.52 34.10
N VAL G 458 -38.21 8.15 34.69
CA VAL G 458 -38.02 9.47 35.18
C VAL G 458 -36.98 9.47 36.25
N SER G 459 -37.07 8.50 37.19
CA SER G 459 -36.14 8.42 38.28
C SER G 459 -34.74 8.20 37.77
N GLY G 460 -34.57 7.26 36.84
CA GLY G 460 -33.26 6.90 36.36
C GLY G 460 -32.58 8.04 35.67
N ILE G 461 -33.31 8.75 34.79
CA ILE G 461 -32.69 9.84 34.09
C ILE G 461 -32.33 10.90 35.07
N MET G 462 -33.24 11.16 36.04
CA MET G 462 -32.99 12.20 37.00
C MET G 462 -31.75 11.87 37.76
N GLU G 463 -31.61 10.59 38.17
CA GLU G 463 -30.47 10.20 38.96
C GLU G 463 -29.19 10.31 38.20
N GLY G 464 -29.14 9.77 36.96
CA GLY G 464 -27.89 9.80 36.24
C GLY G 464 -27.49 11.23 36.02
N LEU G 465 -28.46 12.08 35.62
CA LEU G 465 -28.15 13.44 35.32
C LEU G 465 -27.68 14.16 36.55
N MET G 466 -28.40 14.00 37.67
CA MET G 466 -28.10 14.72 38.88
C MET G 466 -26.74 14.34 39.36
N TRP G 467 -26.42 13.04 39.25
CA TRP G 467 -25.16 12.56 39.75
C TRP G 467 -24.04 13.18 38.99
N ARG G 468 -24.12 13.20 37.65
CA ARG G 468 -23.12 13.72 36.76
C ARG G 468 -23.09 15.22 36.70
N GLU G 469 -24.23 15.89 36.94
CA GLU G 469 -24.30 17.30 36.68
C GLU G 469 -23.28 18.13 37.41
N VAL G 470 -22.60 19.00 36.60
CA VAL G 470 -21.54 19.86 37.04
C VAL G 470 -21.98 21.29 36.86
N ASP G 471 -21.42 22.21 37.69
CA ASP G 471 -21.79 23.61 37.67
C ASP G 471 -20.85 24.35 36.76
N ALA G 472 -21.03 25.69 36.67
CA ALA G 472 -20.23 26.56 35.84
C ALA G 472 -18.83 26.54 36.35
N GLN G 473 -18.69 26.56 37.68
CA GLN G 473 -17.46 26.56 38.42
C GLN G 473 -16.81 25.21 38.36
N GLY G 474 -17.53 24.16 37.94
CA GLY G 474 -16.92 22.86 37.77
C GLY G 474 -17.30 21.97 38.92
N PHE G 475 -17.91 22.56 39.97
CA PHE G 475 -18.28 21.74 41.09
C PHE G 475 -19.49 20.90 40.79
N LEU G 476 -19.69 19.80 41.57
CA LEU G 476 -20.78 18.87 41.46
C LEU G 476 -22.04 19.59 41.87
N VAL G 477 -23.08 19.58 41.00
CA VAL G 477 -24.28 20.33 41.28
C VAL G 477 -25.12 19.74 42.39
N ASN G 478 -25.25 18.40 42.49
CA ASN G 478 -26.18 17.92 43.47
C ASN G 478 -25.53 16.95 44.40
N GLY G 479 -26.00 16.96 45.66
CA GLY G 479 -25.57 15.99 46.62
C GLY G 479 -26.30 14.75 46.28
N PHE G 480 -25.80 13.60 46.76
CA PHE G 480 -26.42 12.34 46.47
C PHE G 480 -27.78 12.34 47.10
N ALA G 481 -27.89 12.98 48.27
CA ALA G 481 -29.12 13.06 49.00
C ALA G 481 -30.15 13.77 48.18
N ASP G 482 -29.74 14.83 47.44
CA ASP G 482 -30.68 15.58 46.63
C ASP G 482 -31.28 14.67 45.60
N THR G 483 -30.45 13.81 44.98
CA THR G 483 -30.92 12.89 43.99
C THR G 483 -31.85 11.92 44.64
N VAL G 484 -31.52 11.50 45.87
CA VAL G 484 -32.32 10.55 46.59
C VAL G 484 -33.69 11.12 46.79
N GLY G 485 -33.76 12.39 47.21
CA GLY G 485 -35.02 13.04 47.48
C GLY G 485 -35.82 13.13 46.22
N ALA G 486 -35.14 13.42 45.09
CA ALA G 486 -35.82 13.60 43.84
C ALA G 486 -36.55 12.33 43.49
N LYS G 487 -35.95 11.18 43.85
CA LYS G 487 -36.42 9.87 43.52
C LYS G 487 -37.69 9.47 44.23
N PHE G 488 -38.04 10.12 45.36
CA PHE G 488 -39.13 9.66 46.17
C PHE G 488 -40.44 9.56 45.43
N PRO G 489 -40.86 10.53 44.67
CA PRO G 489 -42.14 10.39 44.02
C PRO G 489 -42.15 9.23 43.10
N MET G 490 -40.99 8.93 42.51
CA MET G 490 -40.82 7.84 41.60
C MET G 490 -41.04 6.57 42.38
N ASN G 491 -40.52 6.52 43.61
CA ASN G 491 -40.63 5.33 44.43
C ASN G 491 -42.08 5.06 44.70
N VAL G 492 -42.86 6.12 45.01
CA VAL G 492 -44.24 5.92 45.35
C VAL G 492 -45.04 5.47 44.16
N VAL G 493 -44.83 6.10 43.00
CA VAL G 493 -45.59 5.74 41.83
C VAL G 493 -45.31 4.32 41.49
N ARG G 494 -44.02 3.92 41.57
CA ARG G 494 -43.64 2.57 41.26
C ARG G 494 -44.34 1.66 42.21
N GLY G 495 -44.43 2.06 43.49
CA GLY G 495 -45.06 1.22 44.46
C GLY G 495 -46.48 0.99 44.02
N VAL G 496 -47.15 2.06 43.56
CA VAL G 496 -48.53 1.95 43.17
C VAL G 496 -48.67 1.06 41.97
N GLY G 497 -47.83 1.26 40.94
CA GLY G 497 -47.99 0.50 39.72
C GLY G 497 -47.84 -0.95 40.01
N GLY G 498 -46.81 -1.31 40.79
CA GLY G 498 -46.57 -2.69 41.11
C GLY G 498 -47.73 -3.21 41.90
N VAL G 499 -48.32 -2.36 42.77
CA VAL G 499 -49.44 -2.78 43.57
C VAL G 499 -50.57 -3.15 42.66
N LEU G 500 -50.84 -2.35 41.62
CA LEU G 500 -51.93 -2.63 40.73
C LEU G 500 -51.68 -3.93 40.01
N TYR G 501 -50.43 -4.17 39.57
CA TYR G 501 -50.15 -5.38 38.85
C TYR G 501 -50.45 -6.53 39.77
N LEU G 502 -50.06 -6.39 41.05
CA LEU G 502 -50.23 -7.41 42.04
C LEU G 502 -51.70 -7.66 42.22
N THR G 503 -52.53 -6.60 42.20
CA THR G 503 -53.94 -6.81 42.40
C THR G 503 -54.44 -7.65 41.27
N GLY G 504 -53.92 -7.42 40.06
CA GLY G 504 -54.34 -8.18 38.92
C GLY G 504 -54.02 -9.62 39.20
N GLY G 505 -52.87 -9.88 39.85
CA GLY G 505 -52.48 -11.23 40.14
C GLY G 505 -53.50 -11.84 41.06
N LEU G 506 -54.04 -11.04 42.00
CA LEU G 506 -55.02 -11.55 42.91
C LEU G 506 -56.24 -11.93 42.14
N ILE G 507 -56.63 -11.11 41.14
CA ILE G 507 -57.84 -11.42 40.41
C ILE G 507 -57.63 -12.73 39.72
N MET G 508 -56.40 -12.95 39.20
CA MET G 508 -56.07 -14.19 38.53
C MET G 508 -56.27 -15.31 39.50
N ALA G 509 -55.81 -15.13 40.75
CA ALA G 509 -55.88 -16.18 41.72
C ALA G 509 -57.31 -16.55 41.95
N TYR G 510 -58.19 -15.53 42.08
CA TYR G 510 -59.57 -15.78 42.35
C TYR G 510 -60.17 -16.52 41.21
N ASN G 511 -59.91 -16.07 39.97
CA ASN G 511 -60.54 -16.68 38.83
C ASN G 511 -60.09 -18.10 38.73
N LEU G 512 -58.78 -18.34 38.86
CA LEU G 512 -58.27 -19.66 38.67
C LEU G 512 -58.90 -20.55 39.69
N TRP G 513 -59.02 -20.06 40.93
CA TRP G 513 -59.54 -20.86 42.00
C TRP G 513 -60.93 -21.27 41.67
N ALA G 514 -61.74 -20.34 41.13
CA ALA G 514 -63.12 -20.64 40.87
C ALA G 514 -63.18 -21.78 39.89
N THR G 515 -62.34 -21.74 38.85
CA THR G 515 -62.32 -22.72 37.82
C THR G 515 -61.86 -24.04 38.37
N VAL G 516 -60.89 -24.00 39.28
CA VAL G 516 -60.28 -25.17 39.86
C VAL G 516 -61.31 -25.94 40.62
N ALA G 517 -62.31 -25.26 41.18
CA ALA G 517 -63.31 -25.87 42.01
C ALA G 517 -64.14 -26.88 41.26
N LYS G 518 -64.41 -26.64 39.96
CA LYS G 518 -65.41 -27.38 39.23
C LYS G 518 -65.28 -28.87 39.22
N GLN G 519 -64.13 -29.47 38.85
CA GLN G 519 -64.26 -30.90 38.77
C GLN G 519 -63.10 -31.61 39.35
N PRO G 520 -63.44 -32.63 40.08
CA PRO G 520 -62.46 -33.57 40.53
C PRO G 520 -62.37 -34.41 39.31
N LYS G 521 -61.38 -35.32 39.18
CA LYS G 521 -61.30 -36.14 38.01
C LYS G 521 -61.40 -35.29 36.77
N THR G 522 -60.30 -34.62 36.40
CA THR G 522 -60.37 -33.76 35.25
C THR G 522 -59.33 -34.18 34.24
N ALA G 523 -59.32 -35.47 33.91
CA ALA G 523 -58.43 -36.18 33.04
C ALA G 523 -58.60 -35.71 31.63
N ASN G 524 -59.65 -34.93 31.38
CA ASN G 524 -59.93 -34.40 30.04
C ASN G 524 -59.88 -35.47 28.96
N LEU G 525 -60.65 -36.53 29.15
CA LEU G 525 -60.72 -37.64 28.21
C LEU G 525 -59.34 -38.16 27.79
N ALA G 526 -59.18 -38.41 26.50
CA ALA G 526 -57.93 -38.90 25.96
C ALA G 526 -56.76 -37.99 26.28
N VAL G 527 -56.97 -36.68 26.12
CA VAL G 527 -55.93 -35.71 26.39
C VAL G 527 -55.89 -35.33 27.86
N VAL H 9 -30.59 -30.05 7.94
CA VAL H 9 -31.80 -30.29 8.76
C VAL H 9 -31.44 -30.22 10.20
N LEU H 10 -31.14 -31.39 10.80
CA LEU H 10 -30.79 -31.51 12.19
C LEU H 10 -31.99 -31.27 13.02
N GLU H 11 -33.15 -31.06 12.35
CA GLU H 11 -34.38 -30.82 13.06
C GLU H 11 -34.77 -32.06 13.79
N LYS H 12 -34.63 -33.19 13.08
CA LYS H 12 -35.00 -34.52 13.46
C LYS H 12 -34.09 -35.09 14.51
N ASN H 13 -32.80 -34.73 14.47
CA ASN H 13 -31.80 -35.38 15.30
C ASN H 13 -31.69 -34.70 16.63
N ALA H 14 -32.08 -35.42 17.70
CA ALA H 14 -32.07 -34.89 19.04
C ALA H 14 -30.67 -34.64 19.51
N THR H 15 -29.75 -35.61 19.26
CA THR H 15 -28.41 -35.50 19.72
C THR H 15 -27.71 -34.37 19.03
N LEU H 16 -27.90 -34.25 17.71
CA LEU H 16 -27.22 -33.22 16.97
C LEU H 16 -27.66 -31.88 17.45
N LEU H 17 -28.97 -31.70 17.64
CA LEU H 17 -29.45 -30.41 18.03
C LEU H 17 -28.88 -30.07 19.38
N LEU H 18 -28.87 -31.06 20.30
CA LEU H 18 -28.38 -30.83 21.63
C LEU H 18 -26.93 -30.43 21.57
N ILE H 19 -26.13 -31.18 20.78
CA ILE H 19 -24.71 -30.93 20.74
C ILE H 19 -24.43 -29.57 20.20
N PHE H 20 -25.11 -29.18 19.10
CA PHE H 20 -24.86 -27.90 18.50
C PHE H 20 -25.24 -26.82 19.45
N ALA H 21 -26.34 -27.02 20.22
CA ALA H 21 -26.74 -26.01 21.15
C ALA H 21 -25.68 -25.81 22.18
N PHE H 22 -25.14 -26.92 22.74
CA PHE H 22 -24.15 -26.82 23.76
C PHE H 22 -22.96 -26.13 23.20
N LEU H 23 -22.59 -26.45 21.94
CA LEU H 23 -21.45 -25.84 21.32
C LEU H 23 -21.66 -24.37 21.09
N VAL H 24 -22.84 -23.99 20.55
CA VAL H 24 -23.15 -22.64 20.18
C VAL H 24 -23.12 -21.75 21.38
N VAL H 25 -23.66 -22.25 22.50
CA VAL H 25 -23.82 -21.51 23.72
C VAL H 25 -22.50 -21.27 24.42
N THR H 26 -21.51 -22.17 24.22
CA THR H 26 -20.25 -22.14 24.92
C THR H 26 -19.28 -21.06 24.50
N ILE H 27 -19.30 -20.65 23.22
CA ILE H 27 -18.23 -19.83 22.69
C ILE H 27 -18.04 -18.56 23.47
N GLY H 28 -19.12 -17.84 23.83
CA GLY H 28 -18.99 -16.58 24.51
C GLY H 28 -18.33 -16.78 25.85
N GLY H 29 -18.71 -17.85 26.58
CA GLY H 29 -18.16 -18.07 27.88
C GLY H 29 -16.69 -18.33 27.78
N ILE H 30 -16.28 -19.17 26.80
CA ILE H 30 -14.89 -19.51 26.69
C ILE H 30 -14.11 -18.29 26.33
N VAL H 31 -14.66 -17.45 25.42
CA VAL H 31 -13.98 -16.30 24.92
C VAL H 31 -13.82 -15.20 25.94
N GLU H 32 -14.87 -14.96 26.76
CA GLU H 32 -14.80 -13.91 27.73
C GLU H 32 -14.20 -14.26 29.06
N ILE H 33 -14.64 -15.39 29.66
CA ILE H 33 -14.23 -15.76 30.99
C ILE H 33 -12.83 -16.31 31.06
N ALA H 34 -12.50 -17.25 30.17
CA ALA H 34 -11.28 -18.00 30.27
C ALA H 34 -10.05 -17.14 30.21
N PRO H 35 -9.97 -16.20 29.31
CA PRO H 35 -8.77 -15.42 29.17
C PRO H 35 -8.48 -14.55 30.36
N LEU H 36 -9.52 -14.22 31.16
CA LEU H 36 -9.39 -13.40 32.32
C LEU H 36 -8.59 -14.11 33.38
N PHE H 37 -8.68 -15.44 33.43
CA PHE H 37 -7.95 -16.16 34.43
C PHE H 37 -6.50 -15.88 34.22
N TYR H 38 -6.07 -15.86 32.96
CA TYR H 38 -4.73 -15.64 32.51
C TYR H 38 -4.26 -14.21 32.59
N LEU H 39 -5.12 -13.21 32.36
CA LEU H 39 -4.63 -11.85 32.30
C LEU H 39 -4.19 -11.35 33.65
N GLU H 40 -3.00 -10.71 33.69
CA GLU H 40 -2.40 -10.27 34.91
C GLU H 40 -3.08 -9.06 35.50
N ASN H 41 -3.56 -8.12 34.67
CA ASN H 41 -4.06 -6.88 35.19
C ASN H 41 -5.15 -7.11 36.19
N THR H 42 -6.07 -8.04 35.89
CA THR H 42 -7.19 -8.37 36.73
C THR H 42 -6.79 -9.23 37.90
N ILE H 43 -5.68 -9.97 37.78
CA ILE H 43 -5.15 -10.84 38.81
C ILE H 43 -4.31 -10.13 39.84
N GLU H 44 -3.55 -9.10 39.45
CA GLU H 44 -2.58 -8.50 40.34
C GLU H 44 -3.24 -7.62 41.35
N LYS H 45 -2.85 -7.76 42.62
CA LYS H 45 -3.39 -6.95 43.66
C LYS H 45 -2.64 -5.66 43.65
N VAL H 46 -3.18 -4.62 44.29
CA VAL H 46 -2.41 -3.41 44.37
C VAL H 46 -1.24 -3.80 45.23
N GLU H 47 -0.07 -3.21 44.97
CA GLU H 47 1.14 -3.67 45.59
C GLU H 47 1.07 -3.61 47.09
N GLY H 48 0.56 -2.49 47.63
CA GLY H 48 0.52 -2.29 49.05
C GLY H 48 -0.43 -3.25 49.72
N MET H 49 -1.52 -3.61 49.02
CA MET H 49 -2.65 -4.31 49.59
C MET H 49 -2.33 -5.62 50.24
N ARG H 50 -3.09 -5.87 51.34
CA ARG H 50 -3.03 -7.06 52.12
C ARG H 50 -4.44 -7.57 52.20
N PRO H 51 -4.61 -8.78 52.64
CA PRO H 51 -5.93 -9.35 52.76
C PRO H 51 -6.68 -8.73 53.89
N TYR H 52 -8.02 -8.93 53.92
CA TYR H 52 -8.83 -8.35 54.95
C TYR H 52 -8.44 -8.97 56.26
N THR H 53 -8.35 -8.14 57.33
CA THR H 53 -8.07 -8.55 58.66
C THR H 53 -9.24 -9.36 59.14
N PRO H 54 -9.05 -10.20 60.14
CA PRO H 54 -10.13 -11.06 60.52
C PRO H 54 -11.38 -10.33 60.91
N LEU H 55 -11.26 -9.21 61.65
CA LEU H 55 -12.45 -8.46 61.93
C LEU H 55 -13.02 -7.91 60.66
N GLU H 56 -12.18 -7.41 59.76
CA GLU H 56 -12.76 -6.82 58.59
C GLU H 56 -13.38 -7.90 57.74
N LEU H 57 -12.78 -9.10 57.69
CA LEU H 57 -13.34 -10.16 56.91
C LEU H 57 -14.68 -10.52 57.49
N THR H 58 -14.78 -10.60 58.84
CA THR H 58 -16.05 -10.96 59.39
C THR H 58 -17.06 -9.91 59.04
N GLY H 59 -16.68 -8.62 59.10
CA GLY H 59 -17.58 -7.53 58.83
C GLY H 59 -18.05 -7.58 57.41
N ARG H 60 -17.16 -7.98 56.48
CA ARG H 60 -17.51 -8.04 55.10
C ARG H 60 -18.60 -9.06 54.96
N ASP H 61 -18.49 -10.19 55.68
CA ASP H 61 -19.51 -11.19 55.60
C ASP H 61 -20.79 -10.60 56.12
N ILE H 62 -20.74 -9.75 57.16
CA ILE H 62 -21.96 -9.16 57.65
C ILE H 62 -22.59 -8.29 56.61
N TYR H 63 -21.76 -7.51 55.88
CA TYR H 63 -22.17 -6.61 54.84
C TYR H 63 -22.87 -7.46 53.82
N ILE H 64 -22.35 -8.68 53.54
CA ILE H 64 -23.01 -9.58 52.62
C ILE H 64 -24.32 -10.07 53.15
N ARG H 65 -24.38 -10.47 54.44
CA ARG H 65 -25.57 -11.06 55.00
C ARG H 65 -26.70 -10.09 54.98
N GLU H 66 -26.42 -8.86 55.42
CA GLU H 66 -27.44 -7.82 55.53
C GLU H 66 -28.07 -7.49 54.19
N GLY H 67 -27.24 -7.37 53.16
CA GLY H 67 -27.72 -7.05 51.84
C GLY H 67 -27.36 -5.62 51.49
N CYS H 68 -26.33 -5.09 52.12
CA CYS H 68 -25.86 -3.74 51.84
C CYS H 68 -25.64 -3.52 50.34
N TYR H 69 -25.06 -4.53 49.69
CA TYR H 69 -24.81 -4.51 48.22
C TYR H 69 -26.03 -4.10 47.41
N VAL H 70 -27.20 -4.49 47.89
CA VAL H 70 -28.43 -4.16 47.20
C VAL H 70 -28.74 -2.69 47.09
N CYS H 71 -28.04 -1.86 47.86
CA CYS H 71 -28.23 -0.42 47.76
C CYS H 71 -26.92 0.33 47.46
N HIS H 72 -25.79 -0.36 47.59
CA HIS H 72 -24.49 0.29 47.56
C HIS H 72 -23.49 -0.40 46.61
N SER H 73 -22.99 0.35 45.72
CA SER H 73 -22.01 -0.06 44.75
C SER H 73 -20.64 0.07 45.34
N GLN H 74 -19.68 -0.72 44.84
CA GLN H 74 -18.32 -0.59 45.29
C GLN H 74 -17.49 -0.60 44.04
N MET H 75 -17.77 0.33 43.14
CA MET H 75 -17.05 0.41 41.89
C MET H 75 -17.15 1.82 41.35
N ILE H 76 -16.02 2.53 41.32
CA ILE H 76 -16.05 3.89 40.85
C ILE H 76 -15.70 3.91 39.39
N ARG H 77 -16.59 4.49 38.56
CA ARG H 77 -16.40 4.55 37.14
C ARG H 77 -15.49 5.71 36.85
N PRO H 78 -14.83 5.57 35.74
CA PRO H 78 -13.82 6.49 35.29
C PRO H 78 -14.32 7.81 34.77
N MET H 79 -15.41 8.37 35.30
CA MET H 79 -15.88 9.67 34.85
C MET H 79 -15.45 10.73 35.82
N ARG H 80 -15.34 11.99 35.33
CA ARG H 80 -14.89 13.09 36.13
C ARG H 80 -15.81 13.33 37.28
N ASP H 81 -17.13 13.30 37.04
CA ASP H 81 -18.01 13.61 38.13
C ASP H 81 -17.96 12.54 39.18
N GLU H 82 -17.86 11.25 38.80
CA GLU H 82 -17.80 10.28 39.85
C GLU H 82 -16.48 10.31 40.55
N VAL H 83 -15.40 10.66 39.83
CA VAL H 83 -14.12 10.78 40.47
C VAL H 83 -14.25 11.86 41.50
N GLU H 84 -14.93 12.96 41.14
CA GLU H 84 -15.07 14.09 42.01
C GLU H 84 -15.87 13.67 43.21
N ARG H 85 -16.99 12.94 42.99
CA ARG H 85 -17.81 12.58 44.11
C ARG H 85 -17.18 11.55 45.01
N TYR H 86 -16.76 10.41 44.43
CA TYR H 86 -16.22 9.27 45.15
C TYR H 86 -14.74 9.24 45.42
N GLY H 87 -13.92 9.63 44.42
CA GLY H 87 -12.50 9.51 44.58
C GLY H 87 -11.94 8.84 43.36
N HIS H 88 -10.75 8.22 43.50
CA HIS H 88 -10.10 7.60 42.38
C HIS H 88 -10.95 6.48 41.88
N TYR H 89 -11.05 6.32 40.55
CA TYR H 89 -11.87 5.30 39.97
C TYR H 89 -11.28 3.97 40.33
N SER H 90 -12.16 3.00 40.67
CA SER H 90 -11.76 1.69 41.12
C SER H 90 -10.86 1.02 40.13
N LEU H 91 -9.96 0.17 40.65
CA LEU H 91 -8.98 -0.54 39.86
C LEU H 91 -9.20 -2.01 40.10
N ALA H 92 -8.93 -2.85 39.09
CA ALA H 92 -9.17 -4.27 39.17
C ALA H 92 -8.41 -4.84 40.34
N ALA H 93 -7.19 -4.33 40.58
CA ALA H 93 -6.29 -4.82 41.58
C ALA H 93 -6.90 -4.74 42.94
N GLU H 94 -7.80 -3.77 43.16
CA GLU H 94 -8.40 -3.57 44.46
C GLU H 94 -9.27 -4.74 44.86
N SER H 95 -10.01 -5.32 43.89
CA SER H 95 -10.96 -6.38 44.11
C SER H 95 -10.37 -7.78 44.03
N MET H 96 -9.03 -7.91 43.91
CA MET H 96 -8.41 -9.20 43.63
C MET H 96 -8.76 -10.24 44.67
N TYR H 97 -8.82 -9.85 45.96
CA TYR H 97 -9.11 -10.65 47.12
C TYR H 97 -10.57 -10.96 47.33
N ASP H 98 -11.48 -10.22 46.68
CA ASP H 98 -12.88 -10.26 47.00
C ASP H 98 -13.61 -11.48 46.51
N HIS H 99 -13.83 -12.45 47.43
CA HIS H 99 -14.64 -13.59 47.12
C HIS H 99 -15.87 -13.47 47.98
N PRO H 100 -17.03 -13.17 47.44
CA PRO H 100 -17.23 -12.84 46.05
C PRO H 100 -17.14 -11.35 45.87
N PHE H 101 -17.08 -10.85 44.59
CA PHE H 101 -16.92 -9.44 44.36
C PHE H 101 -18.20 -8.72 44.72
N GLN H 102 -18.00 -7.56 45.38
CA GLN H 102 -18.88 -6.56 45.92
C GLN H 102 -19.27 -5.45 44.98
N TRP H 103 -18.76 -5.39 43.74
CA TRP H 103 -19.13 -4.30 42.86
C TRP H 103 -20.61 -4.21 42.87
N GLY H 104 -21.17 -2.99 42.77
CA GLY H 104 -22.60 -2.91 42.86
C GLY H 104 -23.18 -3.08 41.50
N SER H 105 -24.51 -2.84 41.43
CA SER H 105 -25.27 -2.84 40.23
C SER H 105 -26.27 -1.73 40.43
N LYS H 106 -26.45 -1.29 41.70
CA LYS H 106 -27.43 -0.29 41.99
C LYS H 106 -26.90 0.64 43.04
N ARG H 107 -27.26 1.95 42.93
CA ARG H 107 -26.86 2.90 43.94
C ARG H 107 -28.08 3.57 44.50
N THR H 108 -28.82 2.86 45.39
CA THR H 108 -29.90 3.50 46.09
C THR H 108 -29.25 4.46 47.01
N GLY H 109 -28.16 3.98 47.67
CA GLY H 109 -27.32 4.80 48.49
C GLY H 109 -26.08 5.07 47.68
N PRO H 110 -25.17 5.85 48.20
CA PRO H 110 -23.97 6.22 47.47
C PRO H 110 -22.98 5.10 47.37
N ASP H 111 -21.96 5.26 46.50
CA ASP H 111 -20.95 4.25 46.30
C ASP H 111 -20.04 4.24 47.50
N LEU H 112 -19.79 3.03 48.03
CA LEU H 112 -18.96 2.67 49.15
C LEU H 112 -17.52 2.36 48.86
N ALA H 113 -17.10 2.28 47.58
CA ALA H 113 -15.79 1.76 47.28
C ALA H 113 -14.73 2.48 48.05
N ARG H 114 -14.70 3.81 48.10
CA ARG H 114 -13.56 4.45 48.68
C ARG H 114 -13.96 5.22 49.90
N VAL H 115 -14.39 4.49 50.95
CA VAL H 115 -14.63 5.18 52.20
C VAL H 115 -13.46 4.81 53.07
N GLY H 116 -12.27 5.09 52.54
CA GLY H 116 -11.02 4.79 53.22
C GLY H 116 -10.61 5.78 54.29
N GLY H 117 -11.60 6.24 55.06
CA GLY H 117 -11.40 7.17 56.13
C GLY H 117 -12.40 8.28 56.16
N ARG H 118 -13.28 8.39 55.14
CA ARG H 118 -14.12 9.54 54.95
C ARG H 118 -14.96 9.84 56.15
N TYR H 119 -15.39 8.83 56.92
CA TYR H 119 -16.21 9.12 58.07
C TYR H 119 -15.59 8.45 59.27
N SER H 120 -15.93 8.97 60.47
CA SER H 120 -15.43 8.44 61.71
C SER H 120 -16.23 7.20 62.04
N ASP H 121 -15.66 6.34 62.92
CA ASP H 121 -16.29 5.12 63.34
C ASP H 121 -17.55 5.48 64.06
N ALA H 122 -17.49 6.56 64.86
CA ALA H 122 -18.61 6.97 65.64
C ALA H 122 -19.74 7.28 64.73
N TRP H 123 -19.46 7.97 63.61
CA TRP H 123 -20.49 8.35 62.70
C TRP H 123 -21.12 7.10 62.14
N HIS H 124 -20.27 6.13 61.76
CA HIS H 124 -20.75 4.92 61.16
C HIS H 124 -21.66 4.21 62.09
N VAL H 125 -21.34 4.20 63.39
CA VAL H 125 -22.14 3.51 64.36
C VAL H 125 -23.50 4.14 64.44
N GLU H 126 -23.55 5.49 64.54
CA GLU H 126 -24.79 6.17 64.73
C GLU H 126 -25.66 5.95 63.54
N HIS H 127 -25.06 6.07 62.34
CA HIS H 127 -25.75 5.98 61.10
C HIS H 127 -26.33 4.62 60.88
N LEU H 128 -25.53 3.56 61.14
CA LEU H 128 -26.00 2.21 60.94
C LEU H 128 -27.10 1.95 61.93
N SER H 129 -26.95 2.49 63.15
CA SER H 129 -27.93 2.30 64.18
C SER H 129 -29.22 2.91 63.75
N ASN H 130 -29.20 4.11 63.13
CA ASN H 130 -30.40 4.70 62.60
C ASN H 130 -29.97 5.72 61.59
N PRO H 131 -30.09 5.42 60.33
CA PRO H 131 -29.64 6.33 59.31
C PRO H 131 -30.40 7.62 59.34
N GLN H 132 -31.70 7.57 59.68
CA GLN H 132 -32.52 8.75 59.65
C GLN H 132 -32.00 9.72 60.65
N SER H 133 -31.47 9.22 61.78
CA SER H 133 -31.02 10.07 62.83
C SER H 133 -29.97 11.02 62.34
N VAL H 134 -28.93 10.50 61.65
CA VAL H 134 -27.89 11.34 61.13
C VAL H 134 -28.31 12.01 59.87
N VAL H 135 -28.95 11.24 58.95
CA VAL H 135 -29.36 11.76 57.67
C VAL H 135 -30.86 11.59 57.59
N PRO H 136 -31.56 12.62 57.95
CA PRO H 136 -32.99 12.58 58.09
C PRO H 136 -33.73 12.02 56.90
N GLU H 137 -33.29 12.38 55.68
CA GLU H 137 -33.87 12.01 54.41
C GLU H 137 -33.55 10.61 53.97
N SER H 138 -32.67 9.88 54.69
CA SER H 138 -32.21 8.58 54.24
C SER H 138 -33.33 7.57 54.10
N VAL H 139 -33.19 6.73 53.06
CA VAL H 139 -34.01 5.59 52.73
C VAL H 139 -33.51 4.35 53.40
N MET H 140 -32.25 4.37 53.88
CA MET H 140 -31.56 3.23 54.44
C MET H 140 -32.24 2.68 55.66
N PRO H 141 -32.26 1.36 55.75
CA PRO H 141 -32.86 0.69 56.89
C PRO H 141 -32.00 0.82 58.11
N SER H 142 -32.63 0.69 59.29
CA SER H 142 -31.95 0.79 60.54
C SER H 142 -31.43 -0.59 60.90
N TYR H 143 -30.18 -0.63 61.35
CA TYR H 143 -29.53 -1.89 61.68
C TYR H 143 -29.05 -2.03 63.13
N SER H 144 -29.83 -1.51 64.07
CA SER H 144 -29.49 -1.62 65.48
C SER H 144 -29.06 -2.98 65.97
N TYR H 145 -29.48 -4.11 65.36
CA TYR H 145 -29.13 -5.42 65.89
C TYR H 145 -27.64 -5.59 65.91
N LEU H 146 -26.92 -4.92 64.98
CA LEU H 146 -25.49 -5.05 64.85
C LEU H 146 -24.85 -4.82 66.19
N ALA H 147 -25.39 -3.87 66.97
CA ALA H 147 -24.90 -3.58 68.28
C ALA H 147 -25.17 -4.72 69.23
N ASN H 148 -26.34 -5.36 69.07
CA ASN H 148 -26.82 -6.39 69.94
C ASN H 148 -26.02 -7.67 69.85
N VAL H 149 -25.44 -8.01 68.68
CA VAL H 149 -24.85 -9.31 68.55
C VAL H 149 -23.33 -9.30 68.58
N PRO H 150 -22.78 -10.20 69.36
CA PRO H 150 -21.34 -10.40 69.45
C PRO H 150 -20.78 -11.44 68.51
N LEU H 151 -19.48 -11.32 68.15
CA LEU H 151 -18.86 -12.26 67.26
C LEU H 151 -18.04 -13.20 68.08
N ASP H 152 -18.23 -14.52 67.87
CA ASP H 152 -17.56 -15.67 68.43
C ASP H 152 -16.25 -15.98 67.76
N SER H 153 -16.08 -15.59 66.49
CA SER H 153 -14.90 -15.82 65.69
C SER H 153 -14.49 -17.25 65.71
N THR H 154 -15.46 -18.16 65.89
CA THR H 154 -15.06 -19.52 65.86
C THR H 154 -14.63 -19.84 64.46
N TRP H 155 -15.46 -19.40 63.49
CA TRP H 155 -15.42 -19.68 62.07
C TRP H 155 -14.34 -18.93 61.33
N ILE H 156 -13.86 -17.80 61.88
CA ILE H 156 -12.95 -16.93 61.17
C ILE H 156 -11.75 -17.68 60.70
N GLU H 157 -11.21 -18.60 61.51
CA GLU H 157 -10.06 -19.33 61.07
C GLU H 157 -10.40 -20.11 59.84
N ASP H 158 -11.58 -20.77 59.82
CA ASP H 158 -11.94 -21.60 58.71
C ASP H 158 -12.06 -20.74 57.49
N ARG H 159 -12.67 -19.55 57.65
CA ARG H 159 -12.91 -18.69 56.54
C ARG H 159 -11.62 -18.28 55.91
N VAL H 160 -10.64 -17.88 56.74
CA VAL H 160 -9.38 -17.43 56.19
C VAL H 160 -8.70 -18.57 55.52
N SER H 161 -8.80 -19.79 56.10
CA SER H 161 -8.13 -20.92 55.51
C SER H 161 -8.69 -21.16 54.15
N THR H 162 -10.03 -21.04 54.00
CA THR H 162 -10.64 -21.31 52.74
C THR H 162 -10.18 -20.29 51.73
N ASP H 163 -10.10 -19.01 52.14
CA ASP H 163 -9.69 -17.94 51.28
C ASP H 163 -8.28 -18.17 50.85
N ALA H 164 -7.43 -18.70 51.74
CA ALA H 164 -6.07 -18.93 51.37
C ALA H 164 -6.05 -19.94 50.27
N LEU H 165 -6.91 -20.97 50.38
CA LEU H 165 -6.97 -22.01 49.40
C LEU H 165 -7.33 -21.34 48.10
N VAL H 166 -8.22 -20.33 48.18
CA VAL H 166 -8.67 -19.60 47.04
C VAL H 166 -7.62 -18.68 46.50
N GLY H 167 -6.50 -18.49 47.24
CA GLY H 167 -5.44 -17.68 46.71
C GLY H 167 -5.12 -16.51 47.59
N VAL H 168 -5.98 -16.16 48.56
CA VAL H 168 -5.67 -15.04 49.39
C VAL H 168 -4.52 -15.40 50.29
N PRO H 169 -3.58 -14.51 50.36
CA PRO H 169 -2.30 -14.67 51.02
C PRO H 169 -2.28 -14.68 52.52
N TYR H 170 -3.33 -15.15 53.20
CA TYR H 170 -3.30 -15.18 54.65
C TYR H 170 -2.15 -16.02 55.14
N SER H 171 -1.45 -15.54 56.19
CA SER H 171 -0.37 -16.28 56.77
C SER H 171 -0.97 -17.25 57.75
N ALA H 172 -0.24 -18.32 58.12
CA ALA H 172 -0.71 -19.28 59.09
C ALA H 172 -0.88 -18.51 60.32
N GLU H 173 0.08 -17.58 60.47
CA GLU H 173 0.13 -16.71 61.58
C GLU H 173 -1.12 -15.88 61.62
N MET H 174 -1.64 -15.40 60.47
CA MET H 174 -2.82 -14.55 60.41
C MET H 174 -4.02 -15.30 60.92
N ILE H 175 -4.16 -16.58 60.53
CA ILE H 175 -5.31 -17.35 60.93
C ILE H 175 -5.31 -17.54 62.40
N ALA H 176 -4.12 -17.88 62.91
CA ALA H 176 -4.07 -18.19 64.29
C ALA H 176 -4.46 -17.00 65.07
N ALA H 177 -3.97 -15.83 64.68
CA ALA H 177 -4.17 -14.60 65.38
C ALA H 177 -5.62 -14.24 65.40
N ALA H 178 -6.36 -14.51 64.31
CA ALA H 178 -7.74 -14.09 64.27
C ALA H 178 -8.54 -14.75 65.29
N THR H 215 -18.50 -6.66 68.55
CA THR H 215 -19.87 -6.77 68.16
C THR H 215 -19.90 -6.74 66.67
N GLU H 216 -21.04 -7.14 66.09
CA GLU H 216 -21.10 -7.15 64.66
C GLU H 216 -20.95 -5.75 64.15
N MET H 217 -21.46 -4.75 64.90
CA MET H 217 -21.38 -3.39 64.48
C MET H 217 -19.92 -3.03 64.35
N ASP H 218 -19.10 -3.52 65.30
CA ASP H 218 -17.69 -3.23 65.25
C ASP H 218 -17.10 -3.77 64.00
N ALA H 219 -17.49 -5.00 63.62
CA ALA H 219 -16.94 -5.62 62.44
C ALA H 219 -17.35 -4.86 61.21
N LEU H 220 -18.63 -4.44 61.14
CA LEU H 220 -19.06 -3.75 59.96
C LEU H 220 -18.29 -2.47 59.81
N VAL H 221 -18.09 -1.73 60.91
CA VAL H 221 -17.38 -0.49 60.78
C VAL H 221 -15.98 -0.77 60.35
N ALA H 222 -15.37 -1.84 60.88
CA ALA H 222 -14.00 -2.15 60.55
C ALA H 222 -13.89 -2.38 59.07
N TYR H 223 -14.87 -3.10 58.49
CA TYR H 223 -14.86 -3.41 57.09
C TYR H 223 -14.98 -2.15 56.28
N LEU H 224 -15.92 -1.28 56.65
CA LEU H 224 -16.23 -0.10 55.89
C LEU H 224 -15.03 0.80 55.85
N GLN H 225 -14.26 0.83 56.94
CA GLN H 225 -13.13 1.71 57.07
C GLN H 225 -11.99 1.34 56.16
N VAL H 226 -11.85 0.06 55.78
CA VAL H 226 -10.79 -0.40 54.91
C VAL H 226 -11.03 -0.10 53.46
N LEU H 227 -12.30 0.01 53.04
CA LEU H 227 -12.63 0.09 51.65
C LEU H 227 -11.95 1.21 50.92
N GLY H 228 -11.17 0.85 49.87
CA GLY H 228 -10.57 1.79 48.97
C GLY H 228 -9.30 2.37 49.53
N THR H 229 -8.96 2.01 50.78
CA THR H 229 -7.80 2.52 51.45
C THR H 229 -6.55 2.00 50.79
N MET H 230 -6.61 0.77 50.27
CA MET H 230 -5.44 0.11 49.77
C MET H 230 -4.78 0.91 48.69
N VAL H 231 -5.57 1.48 47.76
CA VAL H 231 -4.99 2.23 46.67
C VAL H 231 -4.38 3.52 47.16
N ASP H 232 -5.10 4.26 48.01
CA ASP H 232 -4.68 5.60 48.37
C ASP H 232 -3.33 5.60 49.04
N PHE H 233 -3.10 4.69 50.01
CA PHE H 233 -1.85 4.71 50.71
C PHE H 233 -0.74 4.20 49.85
N SER H 234 -0.99 3.15 49.06
CA SER H 234 0.07 2.56 48.30
C SER H 234 0.68 3.63 47.39
N THR I 13 -47.57 -22.95 3.52
CA THR I 13 -47.43 -23.53 4.82
C THR I 13 -46.66 -24.80 4.66
N THR I 14 -46.07 -25.30 5.76
CA THR I 14 -45.33 -26.51 5.68
C THR I 14 -46.22 -27.64 6.11
N GLY I 15 -45.83 -28.85 5.68
CA GLY I 15 -46.52 -30.10 5.80
C GLY I 15 -46.74 -30.60 7.20
N HIS I 16 -45.90 -30.24 8.18
CA HIS I 16 -46.06 -30.92 9.43
C HIS I 16 -46.75 -30.05 10.42
N SER I 17 -47.66 -30.67 11.21
CA SER I 17 -48.38 -29.96 12.20
C SER I 17 -47.90 -30.42 13.53
N TRP I 18 -47.81 -29.47 14.47
CA TRP I 18 -47.45 -29.84 15.79
C TRP I 18 -48.65 -29.40 16.54
N ASP I 19 -49.52 -30.36 16.94
CA ASP I 19 -50.72 -30.13 17.69
C ASP I 19 -51.35 -28.84 17.33
N GLY I 20 -52.01 -28.67 16.19
CA GLY I 20 -52.67 -27.42 16.00
C GLY I 20 -51.78 -26.49 15.23
N ILE I 21 -50.50 -26.42 15.61
CA ILE I 21 -49.60 -25.43 15.07
C ILE I 21 -48.99 -25.90 13.79
N GLU I 22 -48.97 -24.99 12.80
CA GLU I 22 -48.37 -25.20 11.51
C GLU I 22 -47.62 -23.94 11.21
N GLU I 23 -46.60 -24.00 10.32
CA GLU I 23 -45.85 -22.80 10.11
C GLU I 23 -45.69 -22.46 8.65
N LEU I 24 -45.81 -21.15 8.34
CA LEU I 24 -45.71 -20.68 6.99
C LEU I 24 -44.27 -20.57 6.61
N ASN I 25 -43.93 -20.90 5.35
CA ASN I 25 -42.58 -20.67 4.97
C ASN I 25 -42.54 -19.29 4.43
N THR I 26 -42.08 -18.32 5.24
CA THR I 26 -42.07 -17.00 4.70
C THR I 26 -40.69 -16.46 4.79
N PRO I 27 -40.45 -15.43 4.04
CA PRO I 27 -39.20 -14.76 3.96
C PRO I 27 -38.92 -13.89 5.13
N LEU I 28 -37.63 -13.70 5.41
CA LEU I 28 -37.23 -12.83 6.48
C LEU I 28 -37.59 -11.44 6.03
N PRO I 29 -38.04 -10.61 6.93
CA PRO I 29 -38.42 -9.29 6.53
C PRO I 29 -37.22 -8.52 6.10
N ARG I 30 -37.33 -7.78 4.99
CA ARG I 30 -36.20 -7.10 4.41
C ARG I 30 -35.61 -6.16 5.41
N TRP I 31 -36.45 -5.39 6.12
CA TRP I 31 -35.94 -4.43 7.06
C TRP I 31 -35.20 -5.14 8.14
N TRP I 32 -35.75 -6.28 8.60
CA TRP I 32 -35.19 -7.06 9.66
C TRP I 32 -33.83 -7.49 9.20
N LEU I 33 -33.73 -7.96 7.94
CA LEU I 33 -32.45 -8.40 7.45
C LEU I 33 -31.49 -7.26 7.53
N TRP I 34 -31.91 -6.09 7.04
CA TRP I 34 -31.01 -4.97 6.95
C TRP I 34 -30.52 -4.60 8.30
N THR I 35 -31.42 -4.55 9.30
CA THR I 35 -30.99 -4.13 10.59
C THR I 35 -30.00 -5.10 11.14
N PHE I 36 -30.22 -6.42 10.93
CA PHE I 36 -29.35 -7.42 11.46
C PHE I 36 -27.98 -7.18 10.90
N TYR I 37 -27.88 -7.04 9.57
CA TYR I 37 -26.62 -6.89 8.90
C TYR I 37 -25.96 -5.63 9.35
N ALA I 38 -26.75 -4.56 9.50
CA ALA I 38 -26.20 -3.28 9.88
C ALA I 38 -25.56 -3.40 11.22
N THR I 39 -26.21 -4.14 12.15
CA THR I 39 -25.66 -4.23 13.47
C THR I 39 -24.33 -4.91 13.39
N ILE I 40 -24.22 -5.97 12.58
CA ILE I 40 -23.00 -6.70 12.42
C ILE I 40 -21.94 -5.76 11.91
N VAL I 41 -22.26 -4.97 10.87
CA VAL I 41 -21.29 -4.09 10.28
C VAL I 41 -20.84 -3.12 11.31
N TRP I 42 -21.79 -2.62 12.13
CA TRP I 42 -21.44 -1.65 13.12
C TRP I 42 -20.47 -2.29 14.05
N GLY I 43 -20.70 -3.57 14.38
CA GLY I 43 -19.85 -4.25 15.33
C GLY I 43 -18.45 -4.32 14.81
N VAL I 44 -18.27 -4.65 13.52
CA VAL I 44 -16.93 -4.78 12.99
C VAL I 44 -16.28 -3.44 13.04
N ALA I 45 -17.04 -2.38 12.70
CA ALA I 45 -16.50 -1.05 12.67
C ALA I 45 -16.07 -0.67 14.04
N TYR I 46 -16.87 -1.03 15.06
CA TYR I 46 -16.62 -0.68 16.43
C TYR I 46 -15.34 -1.33 16.85
N SER I 47 -15.16 -2.62 16.48
CA SER I 47 -13.99 -3.35 16.93
C SER I 47 -12.75 -2.77 16.31
N ILE I 48 -12.81 -2.38 15.02
CA ILE I 48 -11.64 -1.82 14.40
C ILE I 48 -11.33 -0.52 15.07
N ALA I 49 -12.38 0.26 15.34
CA ALA I 49 -12.28 1.56 15.96
C ALA I 49 -11.82 1.49 17.38
N MET I 50 -12.23 0.44 18.09
CA MET I 50 -11.85 0.27 19.49
C MET I 50 -10.65 -0.65 19.64
N PRO I 51 -10.49 -1.25 20.83
CA PRO I 51 -9.38 -2.16 21.11
C PRO I 51 -9.44 -3.42 20.24
N ALA I 52 -8.27 -3.89 19.79
CA ALA I 52 -8.21 -5.08 18.95
C ALA I 52 -6.87 -5.79 19.12
N ALA I 60 -6.77 2.49 14.38
CA ALA I 60 -7.87 2.48 15.31
C ALA I 60 -8.42 3.86 15.23
N THR I 61 -9.18 4.32 16.26
CA THR I 61 -9.75 5.65 16.22
C THR I 61 -8.69 6.69 16.35
N PRO I 62 -8.96 7.72 15.65
CA PRO I 62 -8.09 8.85 15.78
C PRO I 62 -8.51 9.73 16.92
N GLY I 63 -7.61 10.59 17.39
CA GLY I 63 -7.93 11.51 18.43
C GLY I 63 -7.29 11.05 19.70
N ILE I 64 -7.09 9.72 19.85
CA ILE I 64 -6.43 9.31 21.06
C ILE I 64 -5.19 8.60 20.64
N LEU I 65 -4.03 9.07 21.13
CA LEU I 65 -2.79 8.47 20.71
C LEU I 65 -2.56 7.21 21.48
N GLY I 66 -2.04 6.21 20.77
CA GLY I 66 -1.76 4.91 21.31
C GLY I 66 -2.90 3.96 20.99
N SER I 67 -3.92 4.01 21.82
CA SER I 67 -5.13 3.22 21.69
C SER I 67 -6.11 3.82 22.68
N SER I 68 -7.40 3.87 22.36
CA SER I 68 -8.30 4.46 23.29
C SER I 68 -8.57 3.53 24.42
N THR I 69 -8.94 4.10 25.55
CA THR I 69 -9.28 3.22 26.62
C THR I 69 -10.11 4.04 27.52
N ARG I 70 -10.15 3.61 28.78
CA ARG I 70 -10.82 4.33 29.81
C ARG I 70 -10.06 5.65 29.96
N ALA I 71 -8.87 5.82 29.27
CA ALA I 71 -7.86 6.87 29.22
C ALA I 71 -8.56 8.15 28.97
N ASP I 72 -9.78 8.05 28.41
CA ASP I 72 -10.59 9.19 28.19
C ASP I 72 -10.72 9.92 29.49
N VAL I 73 -10.60 9.21 30.63
CA VAL I 73 -10.74 9.86 31.91
C VAL I 73 -9.77 10.99 31.98
N GLU I 74 -8.51 10.73 31.57
CA GLU I 74 -7.50 11.74 31.71
C GLU I 74 -7.91 12.93 30.91
N LYS I 75 -8.46 12.70 29.70
CA LYS I 75 -8.83 13.80 28.87
C LYS I 75 -9.91 14.60 29.54
N ASP I 76 -10.90 13.92 30.15
CA ASP I 76 -12.00 14.63 30.73
C ASP I 76 -11.50 15.53 31.81
N ILE I 77 -10.62 14.99 32.66
CA ILE I 77 -10.10 15.74 33.76
C ILE I 77 -9.30 16.88 33.21
N ALA I 78 -8.47 16.59 32.19
CA ALA I 78 -7.59 17.59 31.65
C ALA I 78 -8.37 18.72 31.08
N LYS I 79 -9.44 18.46 30.31
CA LYS I 79 -10.12 19.61 29.76
C LYS I 79 -10.76 20.35 30.88
N PHE I 80 -11.26 19.62 31.90
CA PHE I 80 -11.91 20.29 32.99
C PHE I 80 -10.91 21.18 33.65
N ALA I 81 -9.68 20.67 33.83
CA ALA I 81 -8.65 21.43 34.48
C ALA I 81 -8.38 22.65 33.67
N GLU I 82 -8.31 22.54 32.34
CA GLU I 82 -7.99 23.72 31.59
C GLU I 82 -9.08 24.73 31.80
N MET I 83 -10.34 24.28 31.75
CA MET I 83 -11.46 25.16 31.86
C MET I 83 -11.57 25.82 33.20
N ASN I 84 -11.38 25.07 34.30
CA ASN I 84 -11.64 25.69 35.58
C ASN I 84 -10.39 25.84 36.39
N LYS I 85 -9.21 25.60 35.81
CA LYS I 85 -8.01 25.72 36.58
C LYS I 85 -7.82 27.13 37.00
N ALA I 86 -8.13 28.10 36.12
CA ALA I 86 -7.88 29.48 36.41
C ALA I 86 -8.66 29.91 37.62
N VAL I 87 -9.94 29.50 37.72
CA VAL I 87 -10.73 29.97 38.82
C VAL I 87 -10.12 29.50 40.10
N GLU I 88 -9.69 28.23 40.16
CA GLU I 88 -9.13 27.76 41.38
C GLU I 88 -7.80 28.42 41.61
N ASP I 89 -7.00 28.59 40.55
CA ASP I 89 -5.68 29.15 40.74
C ASP I 89 -5.77 30.56 41.22
N LYS I 90 -6.77 31.32 40.74
CA LYS I 90 -6.83 32.69 41.16
C LYS I 90 -7.07 32.71 42.64
N LEU I 91 -7.98 31.84 43.10
CA LEU I 91 -8.41 31.79 44.48
C LEU I 91 -7.27 31.42 45.37
N VAL I 92 -6.39 30.51 44.91
CA VAL I 92 -5.36 30.00 45.77
C VAL I 92 -4.45 31.10 46.20
N ALA I 93 -4.10 32.04 45.30
CA ALA I 93 -3.17 33.07 45.66
C ALA I 93 -3.75 33.89 46.78
N THR I 94 -5.07 34.15 46.72
CA THR I 94 -5.74 34.99 47.67
C THR I 94 -5.79 34.34 49.01
N ASP I 95 -5.77 35.16 50.09
CA ASP I 95 -5.82 34.57 51.40
C ASP I 95 -7.23 34.17 51.67
N LEU I 96 -7.41 33.28 52.64
CA LEU I 96 -8.67 32.65 52.91
C LEU I 96 -9.64 33.72 53.29
N THR I 97 -9.18 34.68 54.10
CA THR I 97 -10.03 35.76 54.52
C THR I 97 -10.44 36.52 53.30
N ALA I 98 -9.52 36.77 52.36
CA ALA I 98 -9.93 37.51 51.20
C ALA I 98 -10.90 36.71 50.39
N ILE I 99 -10.67 35.39 50.25
CA ILE I 99 -11.56 34.58 49.46
C ILE I 99 -12.91 34.45 50.05
N ALA I 100 -13.15 34.71 51.35
CA ALA I 100 -14.49 34.77 51.88
C ALA I 100 -15.22 36.05 51.60
N ALA I 101 -14.50 37.21 51.58
CA ALA I 101 -15.12 38.51 51.47
C ALA I 101 -15.70 38.86 50.13
N ASP I 102 -14.86 38.71 49.10
CA ASP I 102 -15.04 39.07 47.71
C ASP I 102 -16.17 38.41 46.99
N PRO I 103 -17.31 38.93 46.70
CA PRO I 103 -18.28 38.09 46.06
C PRO I 103 -17.85 37.52 44.73
N GLU I 104 -16.81 38.10 44.06
CA GLU I 104 -16.47 37.42 42.84
C GLU I 104 -15.98 36.03 43.24
N LEU I 105 -14.80 35.87 43.88
CA LEU I 105 -14.21 34.62 44.31
C LEU I 105 -14.84 34.13 45.50
N VAL I 106 -14.98 35.16 46.32
CA VAL I 106 -15.55 35.13 47.63
C VAL I 106 -17.02 34.83 47.55
N THR I 107 -17.75 35.36 46.53
CA THR I 107 -19.13 34.97 46.58
C THR I 107 -19.29 33.67 45.90
N TYR I 108 -18.51 33.47 44.84
CA TYR I 108 -18.54 32.21 44.11
C TYR I 108 -17.98 31.12 45.04
N THR I 109 -17.18 31.55 46.01
CA THR I 109 -16.59 30.65 46.98
C THR I 109 -17.64 30.23 48.00
N ARG I 110 -18.64 31.08 48.24
CA ARG I 110 -19.65 30.68 49.20
C ARG I 110 -20.64 29.80 48.53
N ASN I 111 -21.07 30.16 47.30
CA ASN I 111 -22.08 29.31 46.70
C ASN I 111 -21.50 27.92 46.39
N ALA I 112 -20.33 27.82 45.66
CA ALA I 112 -19.56 26.60 45.28
C ALA I 112 -18.80 26.01 46.40
N GLY I 113 -18.19 26.90 47.20
CA GLY I 113 -17.54 26.43 48.37
C GLY I 113 -18.72 25.82 49.06
N ALA I 114 -19.86 26.47 48.92
CA ALA I 114 -21.11 26.00 49.49
C ALA I 114 -21.57 24.80 48.68
N ALA I 115 -21.11 24.73 47.43
CA ALA I 115 -21.47 23.63 46.58
C ALA I 115 -20.71 22.42 47.03
N VAL I 116 -19.41 22.64 47.33
CA VAL I 116 -18.45 21.67 47.71
C VAL I 116 -18.87 21.19 49.06
N PHE I 117 -19.38 22.14 49.88
CA PHE I 117 -19.79 21.88 51.23
C PHE I 117 -20.87 20.82 51.23
N ARG I 118 -21.89 20.97 50.36
CA ARG I 118 -23.02 20.06 50.37
C ARG I 118 -22.58 18.67 50.02
N THR I 119 -21.71 18.52 49.01
CA THR I 119 -21.32 17.22 48.58
C THR I 119 -20.50 16.51 49.63
N TRP I 120 -19.42 17.16 50.12
CA TRP I 120 -18.49 16.60 51.06
C TRP I 120 -18.86 16.67 52.52
N CYS I 121 -19.34 17.78 53.17
CA CYS I 121 -19.40 18.12 54.59
C CYS I 121 -20.77 17.99 55.18
N ALA I 122 -21.79 17.96 54.33
CA ALA I 122 -23.16 18.20 54.80
C ALA I 122 -23.65 17.03 55.59
N GLN I 123 -23.06 15.88 55.34
CA GLN I 123 -23.53 14.67 55.93
C GLN I 123 -23.20 14.61 57.43
N CYS I 124 -22.16 15.32 57.86
CA CYS I 124 -21.78 15.36 59.27
C CYS I 124 -22.25 16.68 59.87
N HIS I 125 -21.97 17.79 59.20
CA HIS I 125 -22.26 19.09 59.75
C HIS I 125 -23.63 19.63 59.33
N GLY I 126 -24.56 18.93 58.57
CA GLY I 126 -25.92 19.32 58.28
C GLY I 126 -25.89 20.07 56.99
N ALA I 127 -27.02 20.07 56.27
CA ALA I 127 -27.13 20.75 55.02
C ALA I 127 -26.96 22.22 55.29
N GLY I 128 -27.53 22.66 56.43
CA GLY I 128 -27.53 23.99 56.95
C GLY I 128 -26.16 24.37 57.43
N ALA I 129 -25.33 23.37 57.78
CA ALA I 129 -24.03 23.54 58.37
C ALA I 129 -24.20 23.90 59.82
N GLY I 130 -25.44 23.77 60.33
CA GLY I 130 -25.86 23.98 61.69
C GLY I 130 -25.37 22.88 62.61
N GLY I 131 -25.22 21.66 62.09
CA GLY I 131 -24.71 20.58 62.90
C GLY I 131 -25.81 19.85 63.63
N ASN I 132 -25.40 18.85 64.43
CA ASN I 132 -26.30 18.05 65.23
C ASN I 132 -25.52 17.52 66.39
N THR I 133 -26.15 16.64 67.20
CA THR I 133 -25.45 16.11 68.35
C THR I 133 -24.28 15.34 67.87
N GLY I 134 -23.07 15.70 68.34
CA GLY I 134 -21.89 15.01 67.92
C GLY I 134 -21.21 15.76 66.83
N PHE I 135 -21.86 16.77 66.22
CA PHE I 135 -21.16 17.51 65.20
C PHE I 135 -21.36 19.00 65.39
N PRO I 136 -20.29 19.75 65.24
CA PRO I 136 -20.32 21.19 65.47
C PRO I 136 -21.16 21.99 64.52
N SER I 137 -21.71 23.09 65.00
CA SER I 137 -22.47 24.00 64.17
C SER I 137 -21.46 24.98 63.65
N LEU I 138 -21.20 24.91 62.33
CA LEU I 138 -20.24 25.74 61.63
C LEU I 138 -20.74 27.15 61.43
N LEU I 139 -22.08 27.33 61.37
CA LEU I 139 -22.66 28.63 61.14
C LEU I 139 -22.41 29.57 62.27
N ASP I 140 -22.48 29.09 63.52
CA ASP I 140 -22.45 29.97 64.65
C ASP I 140 -21.09 30.55 64.87
N GLY I 141 -21.03 31.42 65.91
CA GLY I 141 -19.90 32.14 66.41
C GLY I 141 -18.93 31.28 67.15
N ASP I 142 -19.39 30.15 67.73
CA ASP I 142 -18.53 29.42 68.62
C ASP I 142 -17.64 28.43 67.90
N TRP I 143 -16.32 28.48 68.21
CA TRP I 143 -15.36 27.61 67.57
C TRP I 143 -14.52 26.92 68.63
N LEU I 144 -14.45 25.57 68.59
CA LEU I 144 -13.65 24.78 69.46
C LEU I 144 -12.18 24.88 69.18
N HIS I 145 -11.77 24.75 67.90
CA HIS I 145 -10.41 24.87 67.42
C HIS I 145 -9.98 26.27 67.12
N GLY I 146 -10.91 27.24 67.10
CA GLY I 146 -10.53 28.59 66.75
C GLY I 146 -11.19 28.89 65.42
N GLY I 147 -11.80 30.09 65.36
CA GLY I 147 -12.54 30.72 64.30
C GLY I 147 -11.72 31.38 63.23
N SER I 148 -10.44 31.68 63.48
CA SER I 148 -9.63 32.38 62.53
C SER I 148 -9.56 31.56 61.28
N ILE I 149 -9.16 32.22 60.18
CA ILE I 149 -9.15 31.60 58.89
C ILE I 149 -8.17 30.46 58.92
N GLU I 150 -6.97 30.68 59.50
CA GLU I 150 -5.91 29.70 59.51
C GLU I 150 -6.37 28.51 60.26
N THR I 151 -7.05 28.72 61.40
CA THR I 151 -7.49 27.63 62.20
C THR I 151 -8.48 26.78 61.46
N ILE I 152 -9.47 27.42 60.81
CA ILE I 152 -10.52 26.70 60.13
C ILE I 152 -9.94 25.88 59.03
N TYR I 153 -9.02 26.48 58.26
CA TYR I 153 -8.36 25.88 57.15
C TYR I 153 -7.66 24.67 57.66
N THR I 154 -6.94 24.80 58.79
CA THR I 154 -6.17 23.71 59.34
C THR I 154 -7.09 22.60 59.71
N ASN I 155 -8.27 22.93 60.28
CA ASN I 155 -9.20 21.93 60.72
C ASN I 155 -9.58 21.08 59.55
N ILE I 156 -9.92 21.73 58.43
CA ILE I 156 -10.35 21.17 57.19
C ILE I 156 -9.21 20.34 56.61
N LYS I 157 -8.01 20.95 56.48
CA LYS I 157 -6.96 20.30 55.76
C LYS I 157 -6.38 19.11 56.47
N HIS I 158 -6.05 19.26 57.78
CA HIS I 158 -5.34 18.20 58.44
C HIS I 158 -6.24 17.46 59.37
N GLY I 159 -7.51 17.87 59.45
CA GLY I 159 -8.43 17.16 60.27
C GLY I 159 -8.19 17.51 61.70
N ILE I 160 -8.90 16.87 62.67
CA ILE I 160 -9.05 17.00 64.11
C ILE I 160 -7.83 16.85 64.99
N MET I 174 -10.60 14.22 75.23
CA MET I 174 -11.35 14.41 76.45
C MET I 174 -11.11 13.11 77.11
N PRO I 175 -10.41 13.18 78.27
CA PRO I 175 -10.00 12.14 79.21
C PRO I 175 -11.09 11.64 80.16
N ALA I 176 -11.28 10.34 80.09
CA ALA I 176 -12.15 9.50 80.85
C ALA I 176 -12.10 9.51 82.36
N HIS I 177 -12.57 10.56 83.03
CA HIS I 177 -12.48 10.69 84.45
C HIS I 177 -13.16 9.65 85.26
N LEU I 178 -14.12 8.88 84.70
CA LEU I 178 -14.81 7.93 85.50
C LEU I 178 -13.76 7.04 86.13
N THR I 179 -12.78 6.54 85.37
CA THR I 179 -11.78 5.67 85.90
C THR I 179 -10.84 6.34 86.87
N ASP I 180 -10.36 7.57 86.59
CA ASP I 180 -9.30 8.08 87.43
C ASP I 180 -9.70 8.16 88.86
N GLU I 181 -9.18 7.17 89.62
CA GLU I 181 -9.54 6.95 91.00
C GLU I 181 -9.38 8.22 91.73
N LEU I 182 -10.55 8.80 92.08
CA LEU I 182 -10.69 10.03 92.78
C LEU I 182 -11.92 10.57 92.16
N LEU I 183 -11.97 10.56 90.84
CA LEU I 183 -13.14 11.03 90.14
C LEU I 183 -14.34 10.16 90.54
N GLU I 184 -14.26 8.88 90.17
CA GLU I 184 -15.29 7.88 90.47
C GLU I 184 -16.74 8.17 90.08
N PRO I 185 -17.68 7.42 90.68
CA PRO I 185 -19.13 7.55 90.47
C PRO I 185 -19.67 8.88 91.00
N ALA I 186 -19.17 9.32 92.15
CA ALA I 186 -19.62 10.56 92.78
C ALA I 186 -18.93 11.81 92.24
N GLN I 187 -17.62 11.74 92.05
CA GLN I 187 -16.88 12.85 91.56
C GLN I 187 -17.42 13.25 90.24
N ILE I 188 -17.81 12.30 89.38
CA ILE I 188 -18.31 12.69 88.09
C ILE I 188 -19.58 13.46 88.23
N ASP I 189 -20.49 13.04 89.12
CA ASP I 189 -21.75 13.73 89.25
C ASP I 189 -21.52 15.15 89.65
N ASP I 190 -20.59 15.33 90.60
CA ASP I 190 -20.34 16.65 91.12
C ASP I 190 -19.81 17.56 90.05
N VAL I 191 -18.84 17.08 89.25
CA VAL I 191 -18.23 17.91 88.26
C VAL I 191 -19.26 18.31 87.24
N VAL I 192 -20.17 17.41 86.87
CA VAL I 192 -21.22 17.65 85.90
C VAL I 192 -22.10 18.77 86.37
N GLN I 193 -22.50 18.73 87.65
CA GLN I 193 -23.39 19.74 88.15
C GLN I 193 -22.72 21.09 88.11
N TYR I 194 -21.43 21.13 88.49
CA TYR I 194 -20.69 22.36 88.57
C TYR I 194 -20.60 22.97 87.20
N VAL I 195 -20.35 22.16 86.16
CA VAL I 195 -20.23 22.66 84.82
C VAL I 195 -21.53 23.21 84.32
N LEU I 196 -22.64 22.59 84.72
CA LEU I 196 -23.93 23.09 84.31
C LEU I 196 -24.07 24.50 84.91
N LYS I 197 -23.55 24.77 86.15
CA LYS I 197 -23.55 26.09 86.80
C LYS I 197 -22.66 27.05 86.01
N ILE I 198 -21.50 26.57 85.49
CA ILE I 198 -20.64 27.44 84.75
C ILE I 198 -21.42 27.87 83.55
N SER I 199 -22.18 26.91 82.94
CA SER I 199 -23.01 27.20 81.80
C SER I 199 -24.26 27.93 82.23
N GLY I 200 -24.79 27.70 83.42
CA GLY I 200 -26.04 28.38 83.78
C GLY I 200 -26.38 28.09 85.20
N GLN I 201 -27.67 28.04 85.60
CA GLN I 201 -27.80 27.73 87.01
C GLN I 201 -28.88 26.68 87.31
N PRO I 202 -28.48 25.46 87.60
CA PRO I 202 -29.38 24.48 88.16
C PRO I 202 -29.17 24.49 89.64
N ALA I 203 -29.95 23.71 90.37
CA ALA I 203 -29.87 23.65 91.83
C ALA I 203 -29.65 22.25 92.39
N ASP I 204 -28.43 22.03 92.89
CA ASP I 204 -28.00 20.79 93.50
C ASP I 204 -26.81 21.28 94.31
N GLU I 205 -26.89 21.21 95.63
CA GLU I 205 -25.79 21.78 96.39
C GLU I 205 -24.57 20.88 96.52
N ALA I 206 -24.74 19.56 96.56
CA ALA I 206 -23.63 18.65 96.74
C ALA I 206 -22.94 18.53 95.41
N ARG I 207 -23.75 18.46 94.38
CA ARG I 207 -23.24 18.39 93.04
C ARG I 207 -22.55 19.70 92.72
N ALA I 208 -22.50 20.66 93.66
CA ALA I 208 -21.82 21.88 93.25
C ALA I 208 -20.55 22.06 93.95
N THR I 209 -20.56 21.81 95.26
CA THR I 209 -19.34 22.07 95.93
C THR I 209 -18.22 21.21 95.46
N ALA I 210 -18.56 19.93 95.39
CA ALA I 210 -17.57 18.98 95.07
C ALA I 210 -16.99 19.21 93.73
N GLY I 211 -17.86 19.55 92.78
CA GLY I 211 -17.57 19.76 91.40
C GLY I 211 -16.68 20.91 91.20
N GLN I 212 -16.88 21.99 91.99
CA GLN I 212 -16.04 23.14 91.81
C GLN I 212 -14.67 22.75 92.15
N GLN I 213 -14.55 21.98 93.24
CA GLN I 213 -13.24 21.63 93.67
C GLN I 213 -12.54 20.80 92.61
N VAL I 214 -13.24 19.80 92.02
CA VAL I 214 -12.66 18.90 91.05
C VAL I 214 -12.25 19.63 89.80
N PHE I 215 -13.10 20.58 89.33
CA PHE I 215 -12.85 21.28 88.09
C PHE I 215 -11.60 22.05 88.21
N ALA I 216 -11.44 22.72 89.35
CA ALA I 216 -10.26 23.50 89.49
C ALA I 216 -9.10 22.56 89.42
N ASP I 217 -9.20 21.38 90.04
CA ASP I 217 -8.06 20.52 90.01
C ASP I 217 -7.74 20.05 88.61
N ASN I 218 -8.66 19.31 88.00
CA ASN I 218 -8.44 18.70 86.68
C ASN I 218 -8.92 19.42 85.42
N CYS I 219 -10.24 19.52 85.24
CA CYS I 219 -10.84 20.14 84.07
C CYS I 219 -10.22 21.47 83.70
N VAL I 220 -9.88 22.27 84.69
CA VAL I 220 -9.54 23.63 84.40
C VAL I 220 -8.33 23.70 83.50
N SER I 221 -7.49 22.67 83.55
CA SER I 221 -6.24 22.68 82.84
C SER I 221 -6.47 22.81 81.36
N CYS I 222 -7.48 22.12 80.83
CA CYS I 222 -7.79 22.20 79.43
C CYS I 222 -8.90 23.20 79.17
N HIS I 223 -9.93 23.23 80.01
CA HIS I 223 -11.10 24.07 79.73
C HIS I 223 -11.02 25.47 80.33
N GLY I 224 -9.98 25.63 81.15
CA GLY I 224 -9.67 26.83 81.89
C GLY I 224 -10.55 26.99 83.11
N GLU I 225 -10.26 28.01 83.91
CA GLU I 225 -11.16 28.26 85.00
C GLU I 225 -12.19 29.15 84.41
N ASP I 226 -13.45 29.00 84.87
CA ASP I 226 -14.62 29.69 84.41
C ASP I 226 -14.91 29.29 83.00
N ALA I 227 -14.28 28.19 82.58
CA ALA I 227 -14.55 27.52 81.34
C ALA I 227 -14.46 28.36 80.11
N LYS I 228 -13.42 29.19 79.94
CA LYS I 228 -13.25 29.92 78.71
C LYS I 228 -12.97 28.93 77.61
N GLY I 229 -12.21 27.86 77.94
CA GLY I 229 -11.86 26.79 77.04
C GLY I 229 -10.58 27.16 76.34
N MET I 230 -9.89 26.16 75.75
CA MET I 230 -8.67 26.45 75.05
C MET I 230 -8.78 25.88 73.67
N VAL I 231 -8.67 26.78 72.68
CA VAL I 231 -8.76 26.57 71.27
C VAL I 231 -7.63 25.68 70.83
N GLU I 232 -6.46 25.79 71.49
CA GLU I 232 -5.32 25.02 71.06
C GLU I 232 -5.64 23.56 71.12
N MET I 233 -6.22 23.14 72.26
CA MET I 233 -6.59 21.77 72.54
C MET I 233 -7.83 21.33 71.81
N GLY I 234 -8.73 22.28 71.48
CA GLY I 234 -9.99 21.97 70.88
C GLY I 234 -10.93 21.72 72.02
N ALA I 235 -10.51 22.11 73.24
CA ALA I 235 -11.33 22.04 74.41
C ALA I 235 -12.31 23.19 74.33
N PRO I 236 -13.59 22.87 74.27
CA PRO I 236 -14.64 23.85 74.13
C PRO I 236 -14.90 24.59 75.40
N ASN I 237 -15.46 25.81 75.31
CA ASN I 237 -15.72 26.58 76.51
C ASN I 237 -16.93 26.02 77.20
N LEU I 238 -16.83 25.84 78.53
CA LEU I 238 -17.90 25.34 79.34
C LEU I 238 -18.92 26.37 79.61
N THR I 239 -18.55 27.67 79.43
CA THR I 239 -19.45 28.75 79.70
C THR I 239 -20.16 29.11 78.44
N ASP I 240 -21.09 28.23 78.04
CA ASP I 240 -21.69 28.46 76.76
C ASP I 240 -23.15 28.63 76.99
N GLY I 241 -23.85 29.01 75.91
CA GLY I 241 -25.28 29.15 75.91
C GLY I 241 -25.83 27.83 75.46
N ILE I 242 -27.15 27.75 75.22
CA ILE I 242 -27.74 26.51 74.83
C ILE I 242 -27.32 26.19 73.43
N TRP I 243 -26.58 25.10 73.31
CA TRP I 243 -26.11 24.63 72.02
C TRP I 243 -26.73 23.27 71.75
N LEU I 244 -26.26 22.62 70.70
CA LEU I 244 -26.75 21.31 70.32
C LEU I 244 -26.09 20.22 71.16
N TYR I 245 -24.96 20.56 71.79
CA TYR I 245 -24.26 19.60 72.63
C TYR I 245 -25.13 19.23 73.83
N GLY I 246 -25.05 17.97 74.24
CA GLY I 246 -25.83 17.47 75.36
C GLY I 246 -25.69 18.20 76.67
N GLY I 247 -26.31 19.38 76.79
CA GLY I 247 -26.27 20.11 78.01
C GLY I 247 -26.74 19.41 79.25
N ASP I 248 -27.63 18.41 79.12
CA ASP I 248 -28.29 17.84 80.28
C ASP I 248 -27.28 17.30 81.24
N ALA I 249 -27.67 17.19 82.52
CA ALA I 249 -26.79 16.75 83.57
C ALA I 249 -26.30 15.38 83.22
N ASN I 250 -27.20 14.50 82.77
CA ASN I 250 -26.81 13.15 82.48
C ASN I 250 -25.81 13.10 81.37
N THR I 251 -26.03 13.86 80.28
CA THR I 251 -25.15 13.82 79.15
C THR I 251 -23.80 14.29 79.56
N ILE I 252 -23.75 15.34 80.40
CA ILE I 252 -22.48 15.82 80.87
C ILE I 252 -21.83 14.75 81.68
N THR I 253 -22.61 14.00 82.48
CA THR I 253 -22.02 12.96 83.26
C THR I 253 -21.34 11.97 82.33
N THR I 254 -22.00 11.60 81.22
CA THR I 254 -21.43 10.62 80.32
C THR I 254 -20.18 11.15 79.68
N THR I 255 -20.17 12.42 79.21
CA THR I 255 -18.95 12.84 78.58
C THR I 255 -17.82 12.90 79.56
N ILE I 256 -18.08 13.35 80.81
CA ILE I 256 -17.05 13.35 81.83
C ILE I 256 -16.65 11.94 82.17
N GLN I 257 -17.61 10.99 82.20
CA GLN I 257 -17.24 9.70 82.69
C GLN I 257 -16.27 9.06 81.76
N LEU I 258 -16.79 8.84 80.52
CA LEU I 258 -16.16 8.15 79.43
C LEU I 258 -15.21 8.96 78.61
N GLY I 259 -15.41 10.28 78.60
CA GLY I 259 -14.58 11.18 77.83
C GLY I 259 -15.17 11.38 76.44
N ARG I 260 -14.58 12.29 75.67
CA ARG I 260 -15.05 12.56 74.32
C ARG I 260 -14.36 11.65 73.32
N GLY I 261 -13.80 12.24 72.27
CA GLY I 261 -13.11 11.47 71.25
C GLY I 261 -13.61 11.66 69.84
N GLY I 262 -13.94 12.90 69.49
CA GLY I 262 -14.51 13.16 68.19
C GLY I 262 -13.56 13.50 67.07
N VAL I 263 -13.82 12.97 65.88
CA VAL I 263 -12.95 13.27 64.80
C VAL I 263 -13.62 14.01 63.68
N MET I 264 -12.80 14.84 63.03
CA MET I 264 -13.00 15.72 61.91
C MET I 264 -12.02 15.13 60.94
N PRO I 265 -12.46 14.42 59.95
CA PRO I 265 -11.52 13.76 59.08
C PRO I 265 -10.78 14.73 58.19
N SER I 266 -9.54 14.39 57.78
CA SER I 266 -8.74 15.28 56.98
C SER I 266 -9.19 15.23 55.55
N TRP I 267 -9.34 16.40 54.95
CA TRP I 267 -9.77 16.50 53.57
C TRP I 267 -8.54 16.68 52.66
N SER I 268 -7.34 16.64 53.24
CA SER I 268 -6.18 16.79 52.40
C SER I 268 -6.06 15.64 51.44
N TRP I 269 -6.36 14.41 51.87
CA TRP I 269 -6.28 13.38 50.86
C TRP I 269 -7.44 13.47 49.89
N ALA I 270 -8.68 13.52 50.41
CA ALA I 270 -9.89 13.42 49.62
C ALA I 270 -10.12 14.58 48.71
N ALA I 271 -9.90 15.79 49.24
CA ALA I 271 -10.06 17.05 48.58
C ALA I 271 -9.07 17.03 47.48
N ALA I 281 -6.87 22.99 46.82
CA ALA I 281 -7.77 23.92 46.22
C ALA I 281 -9.15 23.85 46.80
N GLN I 282 -9.79 22.67 46.83
CA GLN I 282 -11.14 22.63 47.34
C GLN I 282 -11.15 22.95 48.78
N ILE I 283 -10.14 22.46 49.52
CA ILE I 283 -10.11 22.70 50.93
C ILE I 283 -10.08 24.18 51.17
N ARG I 284 -9.32 24.94 50.35
CA ARG I 284 -9.20 26.35 50.53
C ARG I 284 -10.54 27.03 50.34
N ALA I 285 -11.29 26.69 49.27
CA ALA I 285 -12.55 27.34 49.01
C ALA I 285 -13.49 27.04 50.14
N VAL I 286 -13.44 25.81 50.67
CA VAL I 286 -14.32 25.40 51.73
C VAL I 286 -14.02 26.17 52.98
N ALA I 287 -12.73 26.43 53.24
CA ALA I 287 -12.38 27.21 54.39
C ALA I 287 -12.97 28.58 54.23
N SER I 288 -12.93 29.12 52.99
CA SER I 288 -13.45 30.44 52.74
C SER I 288 -14.93 30.45 52.95
N TYR I 289 -15.64 29.39 52.49
CA TYR I 289 -17.06 29.31 52.68
C TYR I 289 -17.41 29.25 54.16
N VAL I 290 -16.77 28.36 54.94
CA VAL I 290 -17.10 28.16 56.35
C VAL I 290 -16.86 29.44 57.08
N HIS I 291 -15.79 30.16 56.73
CA HIS I 291 -15.47 31.40 57.36
C HIS I 291 -16.55 32.39 57.06
N SER I 292 -17.04 32.41 55.80
CA SER I 292 -18.02 33.39 55.40
C SER I 292 -19.31 33.17 56.13
N LEU I 293 -19.55 31.92 56.56
CA LEU I 293 -20.78 31.49 57.12
C LEU I 293 -21.14 32.34 58.32
N GLY I 294 -20.14 32.70 59.17
CA GLY I 294 -20.49 33.44 60.35
C GLY I 294 -20.19 34.89 60.15
N GLY I 295 -21.11 35.61 59.47
CA GLY I 295 -20.93 37.01 59.24
C GLY I 295 -20.87 37.21 57.74
FE1 FES J . 21.41 -18.88 0.09
FE2 FES J . 18.58 -19.86 -0.67
S1 FES J . 19.98 -20.33 0.95
S2 FES J . 20.03 -18.47 -1.56
FE HEC K . 7.07 -1.69 -16.30
CHA HEC K . 9.14 -0.83 -13.64
CHB HEC K . 5.82 -4.29 -14.39
CHC HEC K . 4.89 -2.44 -18.79
CHD HEC K . 8.52 0.71 -18.18
NA HEC K . 7.47 -2.47 -14.39
C1A HEC K . 8.25 -1.86 -13.43
C2A HEC K . 7.98 -2.50 -12.16
C3A HEC K . 7.06 -3.45 -12.36
C4A HEC K . 6.72 -3.45 -13.78
CMA HEC K . 6.46 -4.38 -11.29
CAA HEC K . 8.63 -2.11 -10.82
CBA HEC K . 7.93 -0.86 -10.29
CGA HEC K . 8.78 -0.19 -9.23
O1A HEC K . 8.61 1.04 -9.02
O2A HEC K . 9.62 -0.89 -8.61
NB HEC K . 5.59 -3.08 -16.52
C1B HEC K . 5.29 -4.12 -15.66
C2B HEC K . 4.33 -4.99 -16.31
C3B HEC K . 4.07 -4.46 -17.53
C4B HEC K . 4.87 -3.27 -17.68
CMB HEC K . 3.75 -6.26 -15.64
CAB HEC K . 3.14 -4.98 -18.66
CBB HEC K . 2.77 -6.25 -18.76
NC HEC K . 6.70 -0.96 -18.12
C1C HEC K . 5.85 -1.49 -19.06
C2C HEC K . 6.13 -0.87 -20.34
C3C HEC K . 7.15 -0.02 -20.14
C4C HEC K . 7.52 -0.04 -18.75
CMC HEC K . 5.39 -1.18 -21.66
CAC HEC K . 7.88 0.93 -21.11
CBC HEC K . 7.27 1.48 -22.15
ND HEC K . 8.57 -0.33 -15.97
C1D HEC K . 8.97 0.60 -16.89
C2D HEC K . 9.97 1.46 -16.28
C3D HEC K . 10.14 1.04 -15.02
C4D HEC K . 9.27 -0.10 -14.80
CMD HEC K . 10.68 2.64 -16.98
CAD HEC K . 11.10 1.64 -13.98
CBD HEC K . 10.42 2.83 -13.32
CGD HEC K . 9.49 2.39 -12.23
O1D HEC K . 8.36 2.93 -12.15
O2D HEC K . 9.86 1.49 -11.43
FE HEC L . -8.82 -14.44 -20.97
CHA HEC L . -12.01 -15.09 -21.76
CHB HEC L . -9.20 -11.15 -22.02
CHC HEC L . -5.65 -13.56 -19.76
CHD HEC L . -8.16 -17.67 -20.25
NA HEC L . -10.32 -13.32 -21.76
C1A HEC L . -11.60 -13.79 -21.97
C2A HEC L . -12.42 -12.68 -22.42
C3A HEC L . -11.64 -11.60 -22.50
C4A HEC L . -10.30 -11.98 -22.08
CMA HEC L . -12.06 -10.17 -22.94
CAA HEC L . -13.93 -12.74 -22.77
CBA HEC L . -14.79 -13.24 -21.60
CGA HEC L . -14.26 -12.76 -20.28
O1A HEC L . -14.15 -11.53 -20.10
O2A HEC L . -13.97 -13.62 -19.41
NB HEC L . -7.65 -12.66 -20.87
C1B HEC L . -7.97 -11.45 -21.45
C2B HEC L . -6.82 -10.57 -21.37
C3B HEC L . -5.83 -11.24 -20.73
C4B HEC L . -6.34 -12.56 -20.41
CMB HEC L . -6.80 -9.13 -21.93
CAB HEC L . -4.40 -10.79 -20.37
CBB HEC L . -3.92 -9.55 -20.49
NC HEC L . -7.17 -15.43 -20.18
C1C HEC L . -6.02 -14.88 -19.66
C2C HEC L . -5.29 -15.93 -18.98
C3C HEC L . -5.98 -17.08 -19.10
C4C HEC L . -7.17 -16.78 -19.89
CMC HEC L . -3.95 -15.68 -18.24
CAC HEC L . -5.67 -18.50 -18.59
CBC HEC L . -4.46 -18.90 -18.19
ND HEC L . -9.87 -16.08 -21.03
C1D HEC L . -9.44 -17.34 -20.66
C2D HEC L . -10.58 -18.23 -20.77
C3D HEC L . -11.63 -17.51 -21.18
C4D HEC L . -11.21 -16.15 -21.35
CMD HEC L . -10.54 -19.74 -20.46
CAD HEC L . -13.07 -17.98 -21.46
CBD HEC L . -13.32 -18.00 -22.96
CGD HEC L . -14.72 -18.43 -23.26
O1D HEC L . -15.57 -18.39 -22.33
O2D HEC L . -14.98 -18.83 -24.43
FE HEC M . 21.93 9.62 12.50
CHA HEC M . 21.65 6.27 11.75
CHB HEC M . 18.52 9.93 12.26
CHC HEC M . 22.16 12.83 13.64
CHD HEC M . 25.36 9.29 12.76
NA HEC M . 20.37 8.33 12.15
C1A HEC M . 20.50 7.02 11.74
C2A HEC M . 19.21 6.56 11.27
C3A HEC M . 18.35 7.57 11.42
C4A HEC M . 19.06 8.70 11.97
CMA HEC M . 16.84 7.58 11.06
CAA HEC M . 18.93 5.15 10.72
CBA HEC M . 18.54 4.19 11.83
CGA HEC M . 18.27 2.84 11.25
O1A HEC M . 19.07 2.38 10.38
O2A HEC M . 17.25 2.21 11.64
NB HEC M . 20.58 11.09 12.93
C1B HEC M . 19.23 11.04 12.65
C2B HEC M . 18.69 12.38 12.85
C3B HEC M . 19.69 13.18 13.24
C4B HEC M . 20.91 12.38 13.29
CMB HEC M . 17.22 12.79 12.64
CAB HEC M . 19.59 14.69 13.55
CBB HEC M . 18.56 14.98 14.67
NC HEC M . 23.47 10.84 13.06
C1C HEC M . 23.34 12.13 13.54
C2C HEC M . 24.67 12.64 13.83
C3C HEC M . 25.53 11.61 13.74
C4C HEC M . 24.81 10.49 13.15
CMC HEC M . 24.91 14.00 14.55
CAC HEC M . 27.07 11.58 13.94
CBC HEC M . 27.57 12.35 15.18
ND HEC M . 23.30 8.03 12.29
C1D HEC M . 24.67 8.14 12.47
C2D HEC M . 25.27 6.84 12.27
C3D HEC M . 24.12 5.89 11.95
C4D HEC M . 22.92 6.72 11.99
CMD HEC M . 26.76 6.47 12.36
CAD HEC M . 24.18 4.38 11.68
CBD HEC M . 23.73 3.65 12.93
CGD HEC M . 23.93 2.16 12.80
O1D HEC M . 24.09 1.68 11.65
O2D HEC M . 23.92 1.46 13.84
FE HEC N . 17.31 2.62 -34.85
CHA HEC N . 20.18 4.46 -34.15
CHB HEC N . 16.99 4.37 -37.82
CHC HEC N . 14.62 0.72 -35.68
CHD HEC N . 17.53 1.14 -31.83
NA HEC N . 18.35 4.19 -35.78
C1A HEC N . 19.57 4.68 -35.37
C2A HEC N . 20.13 5.46 -36.45
C3A HEC N . 19.26 5.44 -37.47
C4A HEC N . 18.11 4.64 -37.07
CMA HEC N . 19.43 6.15 -38.84
CAA HEC N . 21.49 6.19 -36.42
CBA HEC N . 22.57 5.14 -36.69
CGA HEC N . 23.93 5.66 -36.26
O1A HEC N . 24.83 4.84 -35.97
O2A HEC N . 24.09 6.91 -36.19
NB HEC N . 16.07 2.54 -36.48
C1B HEC N . 16.05 3.40 -37.57
C2B HEC N . 14.87 3.10 -38.36
C3B HEC N . 14.22 2.09 -37.76
C4B HEC N . 14.96 1.73 -36.57
CMB HEC N . 14.51 3.87 -39.65
CAB HEC N . 12.90 1.38 -38.15
CBB HEC N . 11.99 1.95 -38.93
NC HEC N . 16.30 1.15 -33.97
C1C HEC N . 15.12 0.58 -34.41
C2C HEC N . 14.56 -0.21 -33.32
C3C HEC N . 15.37 -0.06 -32.26
C4C HEC N . 16.49 0.78 -32.66
CMC HEC N . 13.24 -1.01 -33.39
CAC HEC N . 15.31 -0.64 -30.85
CBC HEC N . 14.77 -1.82 -30.59
ND HEC N . 18.61 2.80 -33.28
C1D HEC N . 18.52 2.04 -32.14
C2D HEC N . 19.67 2.34 -31.30
C3D HEC N . 20.41 3.26 -31.94
C4D HEC N . 19.75 3.56 -33.19
CMD HEC N . 19.95 1.70 -29.92
CAD HEC N . 21.72 3.89 -31.44
CBD HEC N . 22.87 2.95 -31.78
CGD HEC N . 23.31 3.14 -33.20
O1D HEC N . 23.55 2.11 -33.88
O2D HEC N . 23.41 4.30 -33.67
FE HEC O . 3.61 -0.72 -50.28
CHA HEC O . 2.15 -2.59 -52.65
CHB HEC O . 4.78 -3.57 -48.69
CHC HEC O . 5.53 1.18 -48.03
CHD HEC O . 2.24 2.14 -51.48
NA HEC O . 3.48 -2.72 -50.60
C1A HEC O . 2.85 -3.29 -51.69
C2A HEC O . 3.08 -4.72 -51.64
C3A HEC O . 3.80 -4.99 -50.54
C4A HEC O . 4.07 -3.73 -49.86
CMA HEC O . 4.28 -6.37 -50.07
CAA HEC O . 2.56 -5.77 -52.68
CBA HEC O . 3.03 -5.47 -54.09
CGA HEC O . 4.43 -4.91 -54.11
O1A HEC O . 5.35 -5.58 -53.59
O2A HEC O . 4.61 -3.79 -54.66
NB HEC O . 4.95 -1.12 -48.68
C1B HEC O . 5.20 -2.37 -48.15
C2B HEC O . 5.97 -2.21 -46.92
C3B HEC O . 6.17 -0.89 -46.74
C4B HEC O . 5.54 -0.19 -47.84
CMB HEC O . 6.44 -3.39 -46.03
CAB HEC O . 6.95 -0.14 -45.61
CBB HEC O . 7.68 -0.73 -44.67
NC HEC O . 3.82 1.31 -49.80
C1C HEC O . 4.72 1.87 -48.92
C2C HEC O . 4.71 3.30 -49.12
C3C HEC O . 3.81 3.57 -50.09
C4C HEC O . 3.22 2.32 -50.51
CMC HEC O . 5.63 4.28 -48.33
CAC HEC O . 3.36 4.94 -50.68
CBC HEC O . 3.59 6.12 -50.10
ND HEC O . 2.40 -0.31 -51.75
C1D HEC O . 1.97 0.96 -52.13
C2D HEC O . 1.17 0.80 -53.34
C3D HEC O . 1.15 -0.51 -53.65
C4D HEC O . 1.92 -1.22 -52.67
CMD HEC O . 0.48 1.96 -54.08
CAD HEC O . 0.44 -1.20 -54.84
CBD HEC O . -0.76 -1.96 -54.31
CGD HEC O . -1.45 -2.68 -55.44
O1D HEC O . -0.83 -2.84 -56.52
O2D HEC O . -2.63 -3.08 -55.25
FE HEC P . 48.67 16.47 -32.13
CHA HEC P . 45.96 18.20 -33.38
CHB HEC P . 48.21 14.07 -34.55
CHC HEC P . 51.57 14.96 -31.16
CHD HEC P . 49.14 18.89 -29.73
NA HEC P . 47.39 16.22 -33.72
C1A HEC P . 46.27 16.99 -33.96
C2A HEC P . 45.44 16.31 -34.93
C3A HEC P . 46.07 15.17 -35.26
C4A HEC P . 47.29 15.09 -34.49
CMA HEC P . 45.59 14.09 -36.26
CAA HEC P . 44.09 16.84 -35.46
CBA HEC P . 44.31 17.71 -36.70
CGA HEC P . 42.97 18.19 -37.18
O1A HEC P . 42.13 18.61 -36.35
O2A HEC P . 42.75 18.15 -38.43
NB HEC P . 49.73 14.85 -32.78
C1B HEC P . 49.30 13.92 -33.72
C2B HEC P . 50.21 12.80 -33.69
C3B HEC P . 51.14 13.04 -32.75
C4B HEC P . 50.85 14.34 -32.17
CMB HEC P . 50.11 11.52 -34.55
CAB HEC P . 52.31 12.11 -32.36
CBB HEC P . 53.21 11.77 -33.56
NC HEC P . 50.07 16.84 -30.69
C1C HEC P . 51.23 16.12 -30.49
C2C HEC P . 51.95 16.70 -29.39
C3C HEC P . 51.35 17.88 -29.09
C4C HEC P . 50.12 17.93 -29.84
CMC HEC P . 53.37 16.25 -28.98
CAC HEC P . 51.71 18.92 -28.01
CBC HEC P . 53.21 19.25 -27.89
ND HEC P . 47.70 18.27 -31.63
C1D HEC P . 48.10 19.11 -30.59
C2D HEC P . 47.22 20.26 -30.57
C3D HEC P . 46.22 20.04 -31.72
C4D HEC P . 46.61 18.78 -32.31
CMD HEC P . 47.27 21.46 -29.61
CAD HEC P . 45.08 20.97 -32.16
CBD HEC P . 45.53 21.72 -33.40
CGD HEC P . 44.53 22.77 -33.80
O1D HEC P . 43.36 22.70 -33.32
O2D HEC P . 44.90 23.69 -34.59
FE1 FES Q . 21.26 29.88 -38.86
FE2 FES Q . 19.67 28.47 -41.07
S1 FES Q . 20.82 30.32 -40.97
S2 FES Q . 20.05 28.05 -38.96
FE HEC R . -31.69 -6.51 30.29
CHA HEC R . -30.15 -4.94 32.98
CHB HEC R . -29.20 -5.29 28.25
CHC HEC R . -33.23 -7.86 27.55
CHD HEC R . -33.77 -8.21 32.34
NA HEC R . -29.96 -5.39 30.57
C1A HEC R . -29.63 -4.69 31.73
C2A HEC R . -28.65 -3.68 31.38
C3A HEC R . -28.40 -3.79 30.07
C4A HEC R . -29.20 -4.87 29.55
CMA HEC R . -27.43 -2.92 29.23
CAA HEC R . -28.01 -2.65 32.33
CBA HEC R . -26.90 -3.30 33.13
CGA HEC R . -26.35 -2.27 34.08
O1A HEC R . -26.13 -1.14 33.58
O2A HEC R . -26.13 -2.59 35.30
NB HEC R . -31.33 -6.50 28.26
C1B HEC R . -30.17 -6.09 27.67
C2B HEC R . -30.10 -6.63 26.32
C3B HEC R . -31.21 -7.36 26.13
C4B HEC R . -32.00 -7.27 27.34
CMB HEC R . -28.89 -6.38 25.38
CAB HEC R . -31.71 -8.13 24.88
CBB HEC R . -31.19 -7.97 23.66
NC HEC R . -33.16 -7.88 30.01
C1C HEC R . -33.77 -8.12 28.79
C2C HEC R . -35.06 -8.70 29.04
C3C HEC R . -35.23 -8.82 30.35
C4C HEC R . -34.03 -8.30 30.99
CMC HEC R . -36.10 -9.12 27.96
CAC HEC R . -36.52 -9.39 30.99
CBC HEC R . -36.55 -9.78 32.27
ND HEC R . -31.99 -6.49 32.34
C1D HEC R . -32.78 -7.46 32.94
C2D HEC R . -32.41 -7.56 34.34
C3D HEC R . -31.28 -6.55 34.54
C4D HEC R . -31.08 -5.93 33.25
CMD HEC R . -33.04 -8.50 35.39
CAD HEC R . -30.56 -6.23 35.86
CBD HEC R . -29.24 -6.97 36.07
CGD HEC R . -28.65 -6.38 37.34
O1D HEC R . -29.18 -6.70 38.42
O2D HEC R . -27.62 -5.67 37.24
FE HEC S . -39.27 -6.73 40.96
CHA HEC S . -36.13 -5.70 41.88
CHB HEC S . -40.63 -4.25 42.83
CHC HEC S . -42.46 -7.73 40.04
CHD HEC S . -37.98 -9.06 38.82
NA HEC S . -38.52 -5.28 42.13
C1A HEC S . -37.20 -5.01 42.40
C2A HEC S . -37.13 -3.88 43.33
C3A HEC S . -38.37 -3.51 43.59
C4A HEC S . -39.26 -4.35 42.83
CMA HEC S . -38.81 -2.35 44.50
CAA HEC S . -35.87 -3.22 43.94
CBA HEC S . -35.67 -1.87 43.22
CGA HEC S . -34.39 -1.18 43.58
O1A HEC S . -34.26 0.00 43.13
O2A HEC S . -33.54 -1.77 44.29
NB HEC S . -41.19 -6.13 41.36
C1B HEC S . -41.50 -5.02 42.11
C2B HEC S . -42.93 -4.84 42.10
C3B HEC S . -43.46 -5.80 41.36
C4B HEC S . -42.37 -6.64 40.86
CMB HEC S . -43.71 -3.73 42.85
CAB HEC S . -44.97 -5.93 41.09
CBB HEC S . -45.51 -6.91 40.37
NC HEC S . -40.07 -8.13 39.65
C1C HEC S . -41.41 -8.42 39.46
C2C HEC S . -41.51 -9.53 38.53
C3C HEC S . -40.28 -9.89 38.19
C4C HEC S . -39.35 -9.03 38.89
CMC HEC S . -42.79 -10.21 38.00
CAC HEC S . -40.03 -11.07 37.22
CBC HEC S . -38.80 -11.43 36.83
ND HEC S . -37.38 -7.30 40.47
C1D HEC S . -37.08 -8.27 39.51
C2D HEC S . -35.64 -8.33 39.34
C3D HEC S . -35.07 -7.28 40.28
C4D HEC S . -36.21 -6.70 40.94
CMD HEC S . -34.85 -9.25 38.39
CAD HEC S . -33.58 -6.93 40.48
CBD HEC S . -33.21 -5.73 39.63
CGD HEC S . -31.72 -5.47 39.71
O1D HEC S . -31.26 -4.50 39.05
O2D HEC S . -31.01 -6.24 40.43
CU CU T . -27.46 -8.43 30.63
FE HEC U . -26.59 2.47 53.15
CHA HEC U . -25.78 5.66 53.02
CHB HEC U . -23.56 1.77 54.68
CHC HEC U . -27.40 -0.69 53.51
CHD HEC U . -29.49 3.02 51.40
NA HEC U . -25.00 3.48 53.77
C1A HEC U . -24.83 4.82 53.52
C2A HEC U . -23.47 5.20 53.91
C3A HEC U . -22.86 4.12 54.36
C4A HEC U . -23.81 3.04 54.29
CMA HEC U . -21.41 4.04 54.89
CAA HEC U . -22.85 6.59 53.82
CBA HEC U . -22.25 6.67 52.43
CGA HEC U . -21.67 8.04 52.18
O1A HEC U . -20.48 8.06 51.71
O2A HEC U . -22.39 9.07 52.46
NB HEC U . -25.64 0.88 53.95
C1B HEC U . -24.44 0.76 54.58
C2B HEC U . -24.31 -0.56 55.18
C3B HEC U . -25.38 -1.24 54.81
C4B HEC U . -26.23 -0.33 54.07
CMB HEC U . -23.06 -1.07 55.95
CAB HEC U . -25.75 -2.70 55.14
CBB HEC U . -25.99 -2.71 56.66
NC HEC U . -28.15 1.43 52.57
C1C HEC U . -28.25 0.08 52.78
C2C HEC U . -29.57 -0.35 52.40
C3C HEC U . -30.03 0.56 51.61
C4C HEC U . -29.24 1.75 51.82
CMC HEC U . -29.93 -1.84 52.15
CAC HEC U . -31.31 0.31 50.74
CBC HEC U . -32.49 1.20 51.15
ND HEC U . -27.47 4.06 52.37
C1D HEC U . -28.69 4.09 51.70
C2D HEC U . -29.01 5.45 51.33
C3D HEC U . -27.86 6.29 51.83
C4D HEC U . -26.96 5.33 52.45
CMD HEC U . -30.24 6.00 50.61
CAD HEC U . -27.79 7.81 51.68
CBD HEC U . -28.37 8.51 52.92
CGD HEC U . -27.46 8.29 54.12
O1D HEC U . -27.95 7.74 55.14
O2D HEC U . -26.24 8.66 54.06
FE HEC V . -13.18 18.23 78.58
CHA HEC V . -15.10 18.20 75.75
CHB HEC V . -15.93 18.52 80.46
CHC HEC V . -11.38 17.82 81.46
CHD HEC V . -10.34 18.40 76.79
NA HEC V . -15.06 18.31 78.18
C1A HEC V . -15.71 18.30 76.95
C2A HEC V . -17.15 18.42 77.13
C3A HEC V . -17.37 18.50 78.44
C4A HEC V . -16.08 18.46 79.11
CMA HEC V . -18.72 18.63 79.17
CAA HEC V . -18.19 18.38 76.01
CBA HEC V . -18.50 19.70 75.37
CGA HEC V . -19.61 19.37 74.41
O1A HEC V . -19.42 19.56 73.18
O2A HEC V . -20.69 18.87 74.89
NB HEC V . -13.57 18.16 80.56
C1B HEC V . -14.79 18.28 81.14
C2B HEC V . -14.72 18.08 82.57
C3B HEC V . -13.44 17.91 82.85
C4B HEC V . -12.73 17.94 81.61
CMB HEC V . -15.92 18.19 83.53
CAB HEC V . -12.80 17.64 84.21
CBB HEC V . -13.31 16.32 84.81
NC HEC V . -11.25 18.16 79.00
C1C HEC V . -10.71 17.94 80.27
C2C HEC V . -9.31 17.61 80.14
C3C HEC V . -8.93 17.93 78.89
C4C HEC V . -10.18 18.17 78.12
CMC HEC V . -8.36 17.56 81.37
CAC HEC V . -7.43 17.89 78.48
CBC HEC V . -7.17 17.48 77.01
ND HEC V . -12.81 18.30 76.61
C1D HEC V . -11.53 18.38 76.08
C2D HEC V . -11.65 18.43 74.62
C3D HEC V . -13.14 18.36 74.31
C4D HEC V . -13.77 18.28 75.59
CMD HEC V . -10.54 18.52 73.56
CAD HEC V . -13.84 18.35 72.95
CBD HEC V . -14.18 16.88 72.74
CGD HEC V . -14.76 16.66 71.37
O1D HEC V . -15.19 17.70 70.75
O2D HEC V . -14.78 15.47 70.94
FE HEC W . -15.93 18.77 60.30
CHA HEC W . -15.03 19.99 63.32
CHB HEC W . -15.13 21.62 58.80
CHC HEC W . -16.56 17.40 57.25
CHD HEC W . -17.11 15.93 61.75
NA HEC W . -15.25 20.43 60.92
C1A HEC W . -14.89 20.77 62.20
C2A HEC W . -14.33 22.11 62.20
C3A HEC W . -14.35 22.57 60.96
C4A HEC W . -14.93 21.52 60.15
CMA HEC W . -13.87 23.94 60.44
CAA HEC W . -13.81 22.83 63.44
CBA HEC W . -14.95 23.58 64.06
CGA HEC W . -14.39 24.32 65.21
O1A HEC W . -15.16 24.45 66.19
O2A HEC W . -13.21 24.77 65.14
NB HEC W . -15.85 19.38 58.41
C1B HEC W . -15.52 20.62 57.97
C2B HEC W . -15.59 20.69 56.53
C3B HEC W . -16.01 19.50 56.11
C4B HEC W . -16.16 18.68 57.28
CMB HEC W . -15.33 21.96 55.70
CAB HEC W . -16.28 19.03 54.66
CBB HEC W . -14.99 19.03 53.81
NC HEC W . -16.72 17.04 59.67
C1C HEC W . -16.82 16.61 58.36
C2C HEC W . -16.91 15.14 58.32
C3C HEC W . -17.36 14.83 59.52
C4C HEC W . -17.08 15.96 60.40
CMC HEC W . -17.44 14.40 57.07
CAC HEC W . -17.89 13.43 59.92
CBC HEC W . -16.82 12.39 59.74
ND HEC W . -16.03 18.09 62.20
C1D HEC W . -16.57 16.88 62.57
C2D HEC W . -16.55 16.73 64.03
C3D HEC W . -15.91 17.99 64.54
C4D HEC W . -15.63 18.77 63.34
CMD HEC W . -17.07 15.58 64.88
CAD HEC W . -15.66 18.30 66.02
CBD HEC W . -14.34 17.64 66.35
CGD HEC W . -14.05 17.89 67.79
O1D HEC W . -14.62 17.10 68.59
O2D HEC W . -13.30 18.85 68.14
#